data_2YRB
#
_entry.id   2YRB
#
_entity_poly.entity_id   1
_entity_poly.type   'polypeptide(L)'
_entity_poly.pdbx_seq_one_letter_code
;GSSGSSGDETIHLERGENLFEIHINKVTFSSEVLQASGDKEPVTFCTYAFYDFELQTTPVVRGLHPEYNFTSQYLVHVND
LFLQYIQKNTITLEVHQAYSTEYETIAACQLKFHEILEKSGRIFCTASLIGTKGDIPNFGTVEYWFRLRVSGPSSG
;
_entity_poly.pdbx_strand_id   A
#
# COMPACT_ATOMS: atom_id res chain seq x y z
N GLY A 1 17.47 -15.80 19.01
CA GLY A 1 17.34 -14.36 19.16
C GLY A 1 16.05 -13.96 19.85
N SER A 2 15.59 -12.74 19.60
CA SER A 2 14.36 -12.25 20.20
C SER A 2 13.73 -11.16 19.33
N SER A 3 12.44 -10.91 19.56
CA SER A 3 11.72 -9.90 18.79
C SER A 3 10.58 -9.30 19.63
N GLY A 4 10.13 -8.12 19.23
CA GLY A 4 9.04 -7.47 19.94
C GLY A 4 9.06 -5.96 19.75
N SER A 5 8.31 -5.25 20.59
CA SER A 5 8.23 -3.80 20.52
C SER A 5 9.63 -3.18 20.52
N SER A 6 9.96 -2.49 19.43
CA SER A 6 11.26 -1.86 19.30
C SER A 6 11.22 -0.72 18.27
N GLY A 7 12.32 0.00 18.15
CA GLY A 7 12.38 1.09 17.20
C GLY A 7 13.74 1.20 16.51
N ASP A 8 13.77 1.88 15.38
CA ASP A 8 15.02 2.05 14.63
C ASP A 8 15.07 3.43 13.98
N GLU A 9 16.23 4.07 14.07
CA GLU A 9 16.41 5.40 13.50
C GLU A 9 17.71 5.47 12.71
N THR A 10 17.60 5.65 11.39
CA THR A 10 18.76 5.73 10.52
C THR A 10 18.43 6.42 9.21
N ILE A 11 19.44 7.01 8.57
CA ILE A 11 19.25 7.71 7.31
C ILE A 11 19.52 6.79 6.14
N HIS A 12 20.76 6.34 6.00
CA HIS A 12 21.14 5.44 4.91
C HIS A 12 21.50 4.06 5.44
N LEU A 13 20.87 3.03 4.87
CA LEU A 13 21.13 1.65 5.29
C LEU A 13 22.52 1.20 4.86
N GLU A 14 23.01 0.14 5.50
CA GLU A 14 24.33 -0.39 5.17
C GLU A 14 24.36 -0.92 3.73
N ARG A 15 25.56 -1.28 3.28
CA ARG A 15 25.73 -1.80 1.93
C ARG A 15 25.24 -3.24 1.83
N GLY A 16 24.04 -3.42 1.28
CA GLY A 16 23.47 -4.74 1.13
C GLY A 16 22.16 -4.74 0.39
N GLU A 17 21.58 -5.92 0.21
CA GLU A 17 20.31 -6.05 -0.51
C GLU A 17 19.16 -5.51 0.34
N ASN A 18 18.18 -4.92 -0.33
CA ASN A 18 17.02 -4.36 0.36
C ASN A 18 15.73 -5.02 -0.12
N LEU A 19 14.89 -5.44 0.83
CA LEU A 19 13.63 -6.09 0.50
C LEU A 19 12.45 -5.19 0.86
N PHE A 20 11.66 -4.83 -0.15
CA PHE A 20 10.50 -3.97 0.05
C PHE A 20 9.21 -4.80 0.12
N GLU A 21 8.66 -4.90 1.32
CA GLU A 21 7.43 -5.67 1.53
C GLU A 21 6.25 -4.74 1.83
N ILE A 22 5.07 -5.14 1.40
CA ILE A 22 3.86 -4.36 1.62
C ILE A 22 2.67 -5.24 1.99
N HIS A 23 2.26 -5.16 3.25
CA HIS A 23 1.14 -5.96 3.73
C HIS A 23 -0.08 -5.08 3.98
N ILE A 24 -1.16 -5.37 3.26
CA ILE A 24 -2.39 -4.60 3.41
C ILE A 24 -3.38 -5.31 4.33
N ASN A 25 -3.66 -4.69 5.47
CA ASN A 25 -4.59 -5.25 6.43
C ASN A 25 -5.99 -5.37 5.85
N LYS A 26 -6.62 -4.23 5.60
CA LYS A 26 -7.97 -4.21 5.03
C LYS A 26 -8.36 -2.79 4.62
N VAL A 27 -9.56 -2.65 4.06
CA VAL A 27 -10.04 -1.34 3.63
C VAL A 27 -11.39 -1.02 4.28
N THR A 28 -11.41 0.06 5.06
CA THR A 28 -12.64 0.47 5.74
C THR A 28 -13.43 1.45 4.89
N PHE A 29 -14.72 1.57 5.18
CA PHE A 29 -15.59 2.49 4.44
C PHE A 29 -16.33 3.43 5.39
N SER A 30 -16.92 4.48 4.83
CA SER A 30 -17.66 5.45 5.63
C SER A 30 -19.16 5.20 5.55
N SER A 31 -19.89 5.69 6.54
CA SER A 31 -21.34 5.52 6.58
C SER A 31 -21.96 5.76 5.20
N GLU A 32 -21.30 6.60 4.41
CA GLU A 32 -21.79 6.91 3.06
C GLU A 32 -21.59 5.72 2.13
N VAL A 33 -20.38 5.19 2.11
CA VAL A 33 -20.05 4.05 1.26
C VAL A 33 -20.77 2.79 1.72
N LEU A 34 -20.91 2.65 3.04
CA LEU A 34 -21.58 1.49 3.62
C LEU A 34 -22.99 1.35 3.07
N GLN A 35 -23.73 2.46 3.05
CA GLN A 35 -25.10 2.45 2.54
C GLN A 35 -25.12 2.49 1.01
N ALA A 36 -24.35 3.41 0.44
CA ALA A 36 -24.26 3.54 -1.01
C ALA A 36 -24.06 2.19 -1.68
N SER A 37 -23.38 1.29 -0.98
CA SER A 37 -23.12 -0.04 -1.51
C SER A 37 -24.35 -0.61 -2.21
N GLY A 38 -25.36 -0.97 -1.42
CA GLY A 38 -26.58 -1.52 -1.98
C GLY A 38 -27.09 -2.71 -1.19
N ASP A 39 -26.82 -2.72 0.11
CA ASP A 39 -27.25 -3.80 0.98
C ASP A 39 -26.80 -5.15 0.43
N LYS A 40 -25.68 -5.15 -0.27
CA LYS A 40 -25.13 -6.37 -0.85
C LYS A 40 -23.62 -6.40 -0.75
N GLU A 41 -23.08 -7.47 -0.15
CA GLU A 41 -21.64 -7.60 0.01
C GLU A 41 -20.90 -7.08 -1.22
N PRO A 42 -20.39 -5.85 -1.12
CA PRO A 42 -19.65 -5.21 -2.21
C PRO A 42 -18.29 -5.87 -2.46
N VAL A 43 -18.01 -6.16 -3.73
CA VAL A 43 -16.74 -6.78 -4.10
C VAL A 43 -15.85 -5.80 -4.86
N THR A 44 -14.67 -5.55 -4.30
CA THR A 44 -13.72 -4.64 -4.92
C THR A 44 -12.29 -5.18 -4.82
N PHE A 45 -11.38 -4.56 -5.57
CA PHE A 45 -9.98 -4.98 -5.56
C PHE A 45 -9.06 -3.81 -5.91
N CYS A 46 -7.89 -3.80 -5.29
CA CYS A 46 -6.92 -2.73 -5.54
C CYS A 46 -5.72 -3.25 -6.32
N THR A 47 -4.94 -2.33 -6.89
CA THR A 47 -3.77 -2.70 -7.67
C THR A 47 -2.68 -1.64 -7.57
N TYR A 48 -1.44 -2.05 -7.75
CA TYR A 48 -0.30 -1.13 -7.68
C TYR A 48 0.96 -1.78 -8.25
N ALA A 49 1.97 -0.95 -8.50
CA ALA A 49 3.24 -1.44 -9.04
C ALA A 49 4.42 -0.66 -8.45
N PHE A 50 5.44 -1.40 -8.04
CA PHE A 50 6.63 -0.78 -7.46
C PHE A 50 7.83 -0.92 -8.40
N TYR A 51 8.73 0.06 -8.35
CA TYR A 51 9.92 0.05 -9.20
C TYR A 51 9.54 -0.28 -10.64
N ASP A 52 8.37 0.16 -11.06
CA ASP A 52 7.91 -0.08 -12.42
C ASP A 52 7.97 -1.56 -12.77
N PHE A 53 7.58 -2.40 -11.81
CA PHE A 53 7.60 -3.84 -11.99
C PHE A 53 6.22 -4.34 -12.43
N GLU A 54 6.09 -5.66 -12.54
CA GLU A 54 4.83 -6.28 -12.94
C GLU A 54 3.72 -5.95 -11.94
N LEU A 55 2.61 -5.41 -12.46
CA LEU A 55 1.47 -5.05 -11.62
C LEU A 55 0.86 -6.29 -10.98
N GLN A 56 0.43 -6.16 -9.72
CA GLN A 56 -0.18 -7.26 -9.00
C GLN A 56 -1.65 -6.97 -8.69
N THR A 57 -2.51 -7.94 -8.96
CA THR A 57 -3.93 -7.78 -8.72
C THR A 57 -4.33 -8.35 -7.36
N THR A 58 -4.83 -7.49 -6.48
CA THR A 58 -5.24 -7.93 -5.15
C THR A 58 -6.31 -9.01 -5.23
N PRO A 59 -6.37 -9.85 -4.18
CA PRO A 59 -7.33 -10.96 -4.10
C PRO A 59 -8.76 -10.47 -3.91
N VAL A 60 -9.64 -10.82 -4.84
CA VAL A 60 -11.04 -10.41 -4.77
C VAL A 60 -11.75 -11.11 -3.62
N VAL A 61 -12.52 -10.33 -2.86
CA VAL A 61 -13.26 -10.87 -1.73
C VAL A 61 -14.56 -10.11 -1.51
N ARG A 62 -15.62 -10.84 -1.16
CA ARG A 62 -16.92 -10.22 -0.91
C ARG A 62 -17.08 -9.83 0.55
N GLY A 63 -17.81 -8.74 0.80
CA GLY A 63 -18.03 -8.28 2.15
C GLY A 63 -17.86 -6.78 2.28
N LEU A 64 -17.97 -6.28 3.50
CA LEU A 64 -17.84 -4.85 3.76
C LEU A 64 -16.41 -4.51 4.17
N HIS A 65 -15.86 -5.28 5.10
CA HIS A 65 -14.50 -5.06 5.58
C HIS A 65 -13.69 -6.35 5.53
N PRO A 66 -13.37 -6.80 4.31
CA PRO A 66 -12.60 -8.03 4.10
C PRO A 66 -11.14 -7.88 4.52
N GLU A 67 -10.45 -9.01 4.66
CA GLU A 67 -9.05 -8.99 5.06
C GLU A 67 -8.15 -9.56 3.96
N TYR A 68 -7.85 -8.74 2.96
CA TYR A 68 -7.02 -9.16 1.85
C TYR A 68 -5.86 -10.02 2.33
N ASN A 69 -5.30 -9.66 3.48
CA ASN A 69 -4.19 -10.40 4.06
C ASN A 69 -3.15 -10.73 3.00
N PHE A 70 -2.91 -9.77 2.09
CA PHE A 70 -1.94 -9.95 1.02
C PHE A 70 -0.60 -9.34 1.40
N THR A 71 0.47 -10.11 1.24
CA THR A 71 1.81 -9.64 1.56
C THR A 71 2.76 -9.82 0.38
N SER A 72 3.12 -8.71 -0.27
CA SER A 72 4.02 -8.76 -1.42
C SER A 72 5.39 -8.23 -1.04
N GLN A 73 6.43 -8.92 -1.51
CA GLN A 73 7.80 -8.52 -1.22
C GLN A 73 8.72 -8.85 -2.40
N TYR A 74 9.72 -8.00 -2.62
CA TYR A 74 10.66 -8.21 -3.71
C TYR A 74 12.04 -7.65 -3.36
N LEU A 75 13.06 -8.48 -3.52
CA LEU A 75 14.43 -8.07 -3.21
C LEU A 75 14.95 -7.10 -4.27
N VAL A 76 14.91 -5.81 -3.95
CA VAL A 76 15.38 -4.79 -4.88
C VAL A 76 16.59 -4.05 -4.31
N HIS A 77 17.63 -3.91 -5.12
CA HIS A 77 18.84 -3.21 -4.69
C HIS A 77 18.87 -1.78 -5.24
N VAL A 78 18.66 -0.81 -4.36
CA VAL A 78 18.66 0.59 -4.75
C VAL A 78 18.52 1.50 -3.53
N ASN A 79 19.32 2.56 -3.49
CA ASN A 79 19.28 3.51 -2.39
C ASN A 79 19.03 4.92 -2.89
N ASP A 80 20.02 5.48 -3.59
CA ASP A 80 19.90 6.83 -4.13
C ASP A 80 18.68 6.96 -5.03
N LEU A 81 18.62 6.11 -6.05
CA LEU A 81 17.50 6.13 -6.99
C LEU A 81 16.19 5.79 -6.29
N PHE A 82 16.30 5.20 -5.10
CA PHE A 82 15.13 4.83 -4.32
C PHE A 82 14.42 6.07 -3.76
N LEU A 83 15.12 6.81 -2.91
CA LEU A 83 14.57 8.02 -2.30
C LEU A 83 14.06 8.97 -3.38
N GLN A 84 14.91 9.25 -4.38
CA GLN A 84 14.55 10.15 -5.46
C GLN A 84 13.22 9.73 -6.08
N TYR A 85 13.03 8.44 -6.27
CA TYR A 85 11.81 7.92 -6.86
C TYR A 85 10.59 8.28 -6.01
N ILE A 86 10.70 8.05 -4.71
CA ILE A 86 9.62 8.36 -3.78
C ILE A 86 9.08 9.77 -4.01
N GLN A 87 9.98 10.67 -4.41
CA GLN A 87 9.59 12.05 -4.66
C GLN A 87 9.19 12.26 -6.11
N LYS A 88 10.14 12.03 -7.02
CA LYS A 88 9.88 12.18 -8.45
C LYS A 88 8.49 11.68 -8.81
N ASN A 89 8.15 10.49 -8.34
CA ASN A 89 6.85 9.90 -8.60
C ASN A 89 6.39 9.02 -7.44
N THR A 90 5.09 9.00 -7.20
CA THR A 90 4.53 8.20 -6.11
C THR A 90 3.70 7.05 -6.65
N ILE A 91 3.22 6.20 -5.75
CA ILE A 91 2.40 5.05 -6.14
C ILE A 91 0.93 5.42 -6.22
N THR A 92 0.27 5.02 -7.30
CA THR A 92 -1.14 5.30 -7.50
C THR A 92 -1.99 4.05 -7.34
N LEU A 93 -2.73 3.97 -6.23
CA LEU A 93 -3.58 2.82 -5.96
C LEU A 93 -5.05 3.22 -5.97
N GLU A 94 -5.74 2.92 -7.06
CA GLU A 94 -7.15 3.26 -7.19
C GLU A 94 -8.03 2.06 -6.82
N VAL A 95 -9.20 2.35 -6.24
CA VAL A 95 -10.12 1.30 -5.84
C VAL A 95 -11.35 1.27 -6.74
N HIS A 96 -11.42 0.27 -7.62
CA HIS A 96 -12.54 0.12 -8.54
C HIS A 96 -13.47 -1.00 -8.09
N GLN A 97 -14.76 -0.83 -8.35
CA GLN A 97 -15.76 -1.83 -7.98
C GLN A 97 -15.89 -2.90 -9.06
N ALA A 98 -15.69 -4.16 -8.67
CA ALA A 98 -15.80 -5.27 -9.60
C ALA A 98 -17.18 -5.90 -9.56
N TYR A 99 -17.99 -5.62 -10.57
CA TYR A 99 -19.34 -6.17 -10.65
C TYR A 99 -19.35 -7.51 -11.37
N SER A 100 -20.45 -8.25 -11.21
CA SER A 100 -20.59 -9.55 -11.85
C SER A 100 -20.92 -9.41 -13.32
N THR A 101 -20.90 -8.17 -13.81
CA THR A 101 -21.21 -7.90 -15.21
C THR A 101 -20.15 -6.98 -15.83
N GLU A 102 -19.93 -5.83 -15.19
CA GLU A 102 -18.95 -4.87 -15.68
C GLU A 102 -18.02 -4.43 -14.56
N TYR A 103 -17.06 -3.58 -14.89
CA TYR A 103 -16.09 -3.08 -13.92
C TYR A 103 -15.77 -1.60 -14.16
N GLU A 104 -15.96 -0.79 -13.13
CA GLU A 104 -15.70 0.63 -13.23
C GLU A 104 -15.07 1.17 -11.94
N THR A 105 -14.33 2.27 -12.06
CA THR A 105 -13.67 2.87 -10.91
C THR A 105 -14.58 3.91 -10.24
N ILE A 106 -14.51 3.96 -8.91
CA ILE A 106 -15.33 4.90 -8.15
C ILE A 106 -14.49 5.64 -7.11
N ALA A 107 -13.21 5.30 -7.05
CA ALA A 107 -12.30 5.94 -6.10
C ALA A 107 -10.87 5.90 -6.61
N ALA A 108 -10.07 6.89 -6.20
CA ALA A 108 -8.68 6.97 -6.61
C ALA A 108 -7.87 7.86 -5.67
N CYS A 109 -6.78 7.31 -5.14
CA CYS A 109 -5.92 8.05 -4.22
C CYS A 109 -4.45 7.93 -4.62
N GLN A 110 -3.60 8.70 -3.97
CA GLN A 110 -2.17 8.68 -4.25
C GLN A 110 -1.40 8.11 -3.08
N LEU A 111 -0.82 6.92 -3.28
CA LEU A 111 -0.05 6.26 -2.23
C LEU A 111 1.40 6.75 -2.24
N LYS A 112 1.78 7.44 -1.17
CA LYS A 112 3.14 7.96 -1.06
C LYS A 112 3.60 7.95 0.41
N PHE A 113 4.88 7.68 0.61
CA PHE A 113 5.44 7.64 1.96
C PHE A 113 6.41 8.80 2.19
N HIS A 114 6.14 9.58 3.23
CA HIS A 114 6.98 10.74 3.56
C HIS A 114 8.13 10.32 4.47
N GLU A 115 7.80 9.64 5.56
CA GLU A 115 8.79 9.19 6.52
C GLU A 115 9.94 8.47 5.81
N ILE A 116 9.59 7.61 4.86
CA ILE A 116 10.58 6.85 4.11
C ILE A 116 11.71 7.76 3.61
N LEU A 117 11.37 9.04 3.41
CA LEU A 117 12.35 10.01 2.94
C LEU A 117 13.45 10.22 3.96
N GLU A 118 13.08 10.18 5.24
CA GLU A 118 14.04 10.36 6.32
C GLU A 118 14.33 9.04 7.04
N LYS A 119 13.27 8.45 7.58
CA LYS A 119 13.41 7.18 8.29
C LYS A 119 13.28 6.00 7.33
N SER A 120 13.40 4.78 7.86
CA SER A 120 13.31 3.58 7.05
C SER A 120 12.97 2.37 7.92
N GLY A 121 11.80 1.79 7.67
CA GLY A 121 11.37 0.63 8.43
C GLY A 121 9.88 0.62 8.69
N ARG A 122 9.48 0.04 9.82
CA ARG A 122 8.07 -0.03 10.18
C ARG A 122 7.53 1.35 10.56
N ILE A 123 7.12 2.11 9.54
CA ILE A 123 6.58 3.45 9.76
C ILE A 123 5.07 3.48 9.54
N PHE A 124 4.32 3.37 10.63
CA PHE A 124 2.86 3.38 10.55
C PHE A 124 2.37 4.60 9.77
N CYS A 125 1.44 4.37 8.85
CA CYS A 125 0.89 5.45 8.04
C CYS A 125 -0.45 5.05 7.45
N THR A 126 -1.18 6.03 6.91
CA THR A 126 -2.48 5.78 6.32
C THR A 126 -2.72 6.69 5.12
N ALA A 127 -3.75 6.38 4.33
CA ALA A 127 -4.08 7.17 3.16
C ALA A 127 -5.60 7.36 3.04
N SER A 128 -6.00 8.52 2.54
CA SER A 128 -7.42 8.84 2.37
C SER A 128 -7.89 8.48 0.98
N LEU A 129 -9.19 8.22 0.85
CA LEU A 129 -9.77 7.86 -0.43
C LEU A 129 -10.85 8.86 -0.83
N ILE A 130 -10.83 9.29 -2.10
CA ILE A 130 -11.80 10.23 -2.61
C ILE A 130 -12.56 9.67 -3.80
N GLY A 131 -13.85 9.95 -3.87
CA GLY A 131 -14.67 9.46 -4.97
C GLY A 131 -14.45 10.23 -6.24
N THR A 132 -14.30 9.51 -7.35
CA THR A 132 -14.08 10.14 -8.65
C THR A 132 -15.32 10.89 -9.12
N LYS A 133 -16.42 10.17 -9.25
CA LYS A 133 -17.68 10.76 -9.69
C LYS A 133 -18.48 11.30 -8.49
N GLY A 134 -18.93 10.39 -7.64
CA GLY A 134 -19.69 10.79 -6.47
C GLY A 134 -19.07 11.96 -5.74
N ASP A 135 -17.77 12.15 -5.92
CA ASP A 135 -17.05 13.24 -5.27
C ASP A 135 -17.20 13.16 -3.76
N ILE A 136 -16.98 11.96 -3.21
CA ILE A 136 -17.08 11.76 -1.77
C ILE A 136 -15.71 11.81 -1.11
N PRO A 137 -15.43 12.90 -0.39
CA PRO A 137 -14.16 13.09 0.31
C PRO A 137 -14.00 12.14 1.50
N ASN A 138 -15.12 11.56 1.94
CA ASN A 138 -15.10 10.64 3.06
C ASN A 138 -15.42 9.21 2.61
N PHE A 139 -14.83 8.80 1.51
CA PHE A 139 -15.05 7.46 0.97
C PHE A 139 -14.60 6.39 1.95
N GLY A 140 -13.35 6.50 2.41
CA GLY A 140 -12.82 5.54 3.35
C GLY A 140 -11.32 5.66 3.52
N THR A 141 -10.79 5.00 4.54
CA THR A 141 -9.35 5.04 4.81
C THR A 141 -8.72 3.66 4.61
N VAL A 142 -7.48 3.65 4.15
CA VAL A 142 -6.76 2.39 3.93
C VAL A 142 -5.69 2.17 4.99
N GLU A 143 -5.59 0.93 5.47
CA GLU A 143 -4.61 0.59 6.50
C GLU A 143 -3.48 -0.24 5.90
N TYR A 144 -2.30 0.37 5.78
CA TYR A 144 -1.15 -0.31 5.23
C TYR A 144 0.13 0.14 5.93
N TRP A 145 1.23 -0.56 5.65
CA TRP A 145 2.51 -0.24 6.25
C TRP A 145 3.67 -0.66 5.34
N PHE A 146 4.69 0.18 5.27
CA PHE A 146 5.85 -0.10 4.43
C PHE A 146 7.10 -0.32 5.28
N ARG A 147 8.11 -0.95 4.70
CA ARG A 147 9.36 -1.22 5.41
C ARG A 147 10.52 -1.37 4.42
N LEU A 148 11.64 -0.75 4.76
CA LEU A 148 12.83 -0.79 3.91
C LEU A 148 14.10 -0.99 4.74
N ARG A 149 14.64 -2.20 4.72
CA ARG A 149 15.85 -2.51 5.48
C ARG A 149 16.71 -3.52 4.73
N VAL A 150 17.96 -3.66 5.17
CA VAL A 150 18.88 -4.60 4.55
C VAL A 150 18.43 -6.04 4.72
N SER A 151 17.96 -6.64 3.63
CA SER A 151 17.48 -8.01 3.66
C SER A 151 18.63 -8.99 3.42
N GLY A 152 19.83 -8.60 3.80
CA GLY A 152 20.99 -9.45 3.61
C GLY A 152 20.94 -10.69 4.48
N PRO A 153 21.47 -11.80 3.95
CA PRO A 153 21.49 -13.09 4.66
C PRO A 153 22.46 -13.07 5.84
N SER A 154 22.07 -13.75 6.92
CA SER A 154 22.90 -13.81 8.12
C SER A 154 23.21 -15.26 8.48
N SER A 155 24.19 -15.44 9.38
CA SER A 155 24.59 -16.77 9.80
C SER A 155 23.79 -17.21 11.02
N GLY A 156 22.62 -17.81 10.79
CA GLY A 156 21.78 -18.26 11.87
C GLY A 156 20.32 -18.35 11.48
N GLY A 1 11.21 -19.04 22.25
CA GLY A 1 12.27 -18.60 21.36
C GLY A 1 13.10 -17.50 21.97
N SER A 2 14.39 -17.49 21.66
CA SER A 2 15.31 -16.49 22.19
C SER A 2 15.23 -16.41 23.70
N SER A 3 15.16 -17.57 24.34
CA SER A 3 15.06 -17.64 25.80
C SER A 3 16.45 -17.60 26.43
N GLY A 4 16.88 -16.41 26.85
CA GLY A 4 18.18 -16.25 27.47
C GLY A 4 19.05 -15.26 26.73
N SER A 5 19.66 -14.33 27.48
CA SER A 5 20.52 -13.31 26.89
C SER A 5 21.96 -13.47 27.37
N SER A 6 22.89 -12.94 26.60
CA SER A 6 24.30 -13.02 26.95
C SER A 6 24.83 -11.67 27.42
N GLY A 7 24.78 -10.68 26.53
CA GLY A 7 25.26 -9.35 26.89
C GLY A 7 26.17 -8.78 25.82
N ASP A 8 25.59 -8.38 24.70
CA ASP A 8 26.35 -7.79 23.60
C ASP A 8 25.46 -6.91 22.73
N GLU A 9 25.82 -5.63 22.65
CA GLU A 9 25.06 -4.68 21.84
C GLU A 9 25.63 -4.57 20.44
N THR A 10 25.14 -5.40 19.53
CA THR A 10 25.61 -5.40 18.15
C THR A 10 24.44 -5.30 17.18
N ILE A 11 24.50 -4.32 16.29
CA ILE A 11 23.44 -4.12 15.31
C ILE A 11 23.73 -4.89 14.03
N HIS A 12 22.84 -5.81 13.68
CA HIS A 12 22.99 -6.63 12.49
C HIS A 12 23.37 -5.76 11.29
N LEU A 13 24.62 -5.85 10.85
CA LEU A 13 25.10 -5.07 9.72
C LEU A 13 24.38 -5.47 8.44
N GLU A 14 24.22 -4.52 7.53
CA GLU A 14 23.55 -4.77 6.26
C GLU A 14 24.56 -5.05 5.16
N ARG A 15 24.08 -5.67 4.08
CA ARG A 15 24.95 -6.00 2.95
C ARG A 15 24.83 -4.96 1.84
N GLY A 16 23.58 -4.67 1.45
CA GLY A 16 23.35 -3.69 0.40
C GLY A 16 21.95 -3.77 -0.15
N GLU A 17 21.61 -4.91 -0.74
CA GLU A 17 20.29 -5.12 -1.33
C GLU A 17 19.20 -4.91 -0.28
N ASN A 18 18.03 -4.44 -0.73
CA ASN A 18 16.91 -4.21 0.17
C ASN A 18 15.65 -4.92 -0.33
N LEU A 19 14.74 -5.20 0.59
CA LEU A 19 13.50 -5.88 0.24
C LEU A 19 12.30 -5.12 0.80
N PHE A 20 11.54 -4.47 -0.10
CA PHE A 20 10.37 -3.72 0.30
C PHE A 20 9.13 -4.61 0.33
N GLU A 21 8.69 -4.94 1.54
CA GLU A 21 7.51 -5.79 1.71
C GLU A 21 6.26 -4.95 1.95
N ILE A 22 5.30 -5.06 1.04
CA ILE A 22 4.05 -4.31 1.15
C ILE A 22 2.88 -5.23 1.42
N HIS A 23 2.33 -5.17 2.63
CA HIS A 23 1.20 -6.00 3.01
C HIS A 23 0.01 -5.14 3.43
N ILE A 24 -1.15 -5.44 2.85
CA ILE A 24 -2.37 -4.70 3.15
C ILE A 24 -3.11 -5.32 4.32
N ASN A 25 -3.43 -4.49 5.32
CA ASN A 25 -4.14 -4.96 6.50
C ASN A 25 -5.63 -5.09 6.22
N LYS A 26 -6.30 -3.97 5.97
CA LYS A 26 -7.73 -3.97 5.68
C LYS A 26 -8.13 -2.67 4.98
N VAL A 27 -9.41 -2.57 4.65
CA VAL A 27 -9.93 -1.37 3.98
C VAL A 27 -11.23 -0.90 4.63
N THR A 28 -11.23 0.36 5.07
CA THR A 28 -12.40 0.93 5.72
C THR A 28 -13.22 1.76 4.74
N PHE A 29 -14.50 1.94 5.06
CA PHE A 29 -15.40 2.70 4.19
C PHE A 29 -16.21 3.70 5.02
N SER A 30 -16.76 4.70 4.34
CA SER A 30 -17.56 5.72 4.99
C SER A 30 -19.05 5.56 4.66
N SER A 31 -19.90 6.03 5.56
CA SER A 31 -21.34 5.93 5.35
C SER A 31 -21.71 6.07 3.88
N GLU A 32 -21.39 7.22 3.31
CA GLU A 32 -21.67 7.49 1.90
C GLU A 32 -21.43 6.24 1.06
N VAL A 33 -20.30 5.59 1.31
CA VAL A 33 -19.94 4.38 0.57
C VAL A 33 -20.74 3.18 1.06
N LEU A 34 -20.88 3.06 2.37
CA LEU A 34 -21.63 1.96 2.96
C LEU A 34 -23.04 1.87 2.38
N GLN A 35 -23.73 3.00 2.37
CA GLN A 35 -25.09 3.06 1.83
C GLN A 35 -25.09 2.89 0.32
N ALA A 36 -24.14 3.56 -0.34
CA ALA A 36 -24.03 3.47 -1.79
C ALA A 36 -24.18 2.04 -2.29
N SER A 37 -23.50 1.12 -1.61
CA SER A 37 -23.55 -0.30 -1.99
C SER A 37 -25.00 -0.80 -1.97
N GLY A 38 -25.65 -0.69 -0.81
CA GLY A 38 -27.01 -1.15 -0.68
C GLY A 38 -27.12 -2.44 0.08
N ASP A 39 -28.08 -3.28 -0.31
CA ASP A 39 -28.29 -4.57 0.34
C ASP A 39 -27.47 -5.67 -0.34
N LYS A 40 -26.24 -5.34 -0.71
CA LYS A 40 -25.35 -6.29 -1.37
C LYS A 40 -23.90 -6.09 -0.95
N GLU A 41 -23.22 -7.19 -0.64
CA GLU A 41 -21.83 -7.12 -0.22
C GLU A 41 -20.94 -6.56 -1.33
N PRO A 42 -20.28 -5.42 -1.03
CA PRO A 42 -19.40 -4.76 -1.98
C PRO A 42 -18.12 -5.55 -2.25
N VAL A 43 -17.86 -5.81 -3.53
CA VAL A 43 -16.67 -6.57 -3.92
C VAL A 43 -15.74 -5.72 -4.79
N THR A 44 -14.58 -5.38 -4.24
CA THR A 44 -13.60 -4.57 -4.95
C THR A 44 -12.18 -5.03 -4.66
N PHE A 45 -11.24 -4.60 -5.49
CA PHE A 45 -9.83 -4.97 -5.31
C PHE A 45 -8.93 -3.75 -5.43
N CYS A 46 -7.67 -3.91 -5.04
CA CYS A 46 -6.70 -2.83 -5.10
C CYS A 46 -5.59 -3.14 -6.09
N THR A 47 -5.31 -2.19 -6.98
CA THR A 47 -4.27 -2.37 -7.99
C THR A 47 -3.23 -1.26 -7.90
N TYR A 48 -1.96 -1.65 -8.00
CA TYR A 48 -0.86 -0.69 -7.93
C TYR A 48 0.46 -1.33 -8.33
N ALA A 49 1.34 -0.54 -8.93
CA ALA A 49 2.64 -1.04 -9.37
C ALA A 49 3.75 -0.55 -8.44
N PHE A 50 4.89 -1.23 -8.47
CA PHE A 50 6.02 -0.86 -7.63
C PHE A 50 7.12 -0.20 -8.46
N TYR A 51 7.96 0.59 -7.81
CA TYR A 51 9.05 1.28 -8.48
C TYR A 51 9.61 0.43 -9.61
N ASP A 52 9.20 0.74 -10.85
CA ASP A 52 9.66 0.00 -12.01
C ASP A 52 9.28 -1.48 -11.92
N PHE A 53 8.00 -1.74 -11.71
CA PHE A 53 7.51 -3.11 -11.59
C PHE A 53 6.13 -3.25 -12.23
N GLU A 54 5.84 -4.44 -12.75
CA GLU A 54 4.55 -4.70 -13.37
C GLU A 54 3.42 -4.60 -12.36
N LEU A 55 2.24 -4.21 -12.84
CA LEU A 55 1.07 -4.07 -11.97
C LEU A 55 0.73 -5.40 -11.31
N GLN A 56 0.43 -5.34 -10.01
CA GLN A 56 0.08 -6.55 -9.26
C GLN A 56 -1.35 -6.47 -8.75
N THR A 57 -2.15 -7.49 -9.07
CA THR A 57 -3.54 -7.55 -8.66
C THR A 57 -3.67 -8.14 -7.25
N THR A 58 -4.48 -7.50 -6.42
CA THR A 58 -4.68 -7.95 -5.05
C THR A 58 -5.88 -8.89 -4.96
N PRO A 59 -5.87 -9.78 -3.96
CA PRO A 59 -6.95 -10.75 -3.74
C PRO A 59 -8.23 -10.09 -3.27
N VAL A 60 -9.23 -10.05 -4.14
CA VAL A 60 -10.51 -9.44 -3.80
C VAL A 60 -11.26 -10.27 -2.76
N VAL A 61 -12.07 -9.60 -1.95
CA VAL A 61 -12.84 -10.28 -0.91
C VAL A 61 -14.24 -9.67 -0.77
N ARG A 62 -15.23 -10.52 -0.53
CA ARG A 62 -16.60 -10.05 -0.38
C ARG A 62 -16.87 -9.61 1.06
N GLY A 63 -17.42 -8.42 1.21
CA GLY A 63 -17.72 -7.89 2.53
C GLY A 63 -17.38 -6.42 2.67
N LEU A 64 -17.94 -5.78 3.69
CA LEU A 64 -17.69 -4.36 3.93
C LEU A 64 -16.25 -4.12 4.35
N HIS A 65 -15.90 -4.61 5.54
CA HIS A 65 -14.54 -4.45 6.06
C HIS A 65 -13.84 -5.80 6.15
N PRO A 66 -13.61 -6.43 4.99
CA PRO A 66 -12.93 -7.74 4.92
C PRO A 66 -11.45 -7.65 5.29
N GLU A 67 -10.78 -8.79 5.28
CA GLU A 67 -9.37 -8.84 5.61
C GLU A 67 -8.55 -9.41 4.45
N TYR A 68 -7.78 -8.55 3.79
CA TYR A 68 -6.96 -8.96 2.67
C TYR A 68 -5.72 -9.73 3.14
N ASN A 69 -5.03 -9.17 4.12
CA ASN A 69 -3.83 -9.80 4.67
C ASN A 69 -2.98 -10.37 3.55
N PHE A 70 -2.89 -9.66 2.43
CA PHE A 70 -2.11 -10.10 1.29
C PHE A 70 -0.67 -9.58 1.38
N THR A 71 0.29 -10.45 1.10
CA THR A 71 1.70 -10.07 1.15
C THR A 71 2.30 -10.02 -0.24
N SER A 72 3.09 -8.97 -0.49
CA SER A 72 3.74 -8.79 -1.80
C SER A 72 5.05 -8.04 -1.66
N GLN A 73 6.15 -8.73 -1.96
CA GLN A 73 7.47 -8.12 -1.87
C GLN A 73 8.34 -8.51 -3.07
N TYR A 74 9.44 -7.78 -3.26
CA TYR A 74 10.34 -8.05 -4.36
C TYR A 74 11.75 -7.57 -4.05
N LEU A 75 12.74 -8.22 -4.63
CA LEU A 75 14.14 -7.86 -4.42
C LEU A 75 14.48 -6.57 -5.15
N VAL A 76 14.65 -5.49 -4.38
CA VAL A 76 14.98 -4.19 -4.96
C VAL A 76 16.25 -3.62 -4.32
N HIS A 77 17.29 -3.46 -5.14
CA HIS A 77 18.56 -2.92 -4.66
C HIS A 77 18.72 -1.46 -5.07
N VAL A 78 18.54 -0.55 -4.11
CA VAL A 78 18.66 0.88 -4.38
C VAL A 78 18.75 1.67 -3.08
N ASN A 79 19.56 2.73 -3.10
CA ASN A 79 19.74 3.57 -1.92
C ASN A 79 19.15 4.97 -2.16
N ASP A 80 19.78 5.71 -3.07
CA ASP A 80 19.33 7.06 -3.38
C ASP A 80 18.08 7.02 -4.25
N LEU A 81 18.17 6.34 -5.39
CA LEU A 81 17.05 6.23 -6.31
C LEU A 81 15.79 5.77 -5.59
N PHE A 82 15.98 5.02 -4.50
CA PHE A 82 14.85 4.51 -3.72
C PHE A 82 14.02 5.68 -3.17
N LEU A 83 14.61 6.44 -2.26
CA LEU A 83 13.92 7.58 -1.66
C LEU A 83 13.54 8.61 -2.72
N GLN A 84 14.50 8.94 -3.58
CA GLN A 84 14.26 9.92 -4.64
C GLN A 84 12.96 9.61 -5.38
N TYR A 85 12.79 8.36 -5.78
CA TYR A 85 11.59 7.94 -6.50
C TYR A 85 10.34 8.21 -5.67
N ILE A 86 10.49 8.17 -4.35
CA ILE A 86 9.37 8.41 -3.44
C ILE A 86 9.06 9.90 -3.35
N GLN A 87 10.07 10.69 -2.96
CA GLN A 87 9.90 12.12 -2.83
C GLN A 87 9.52 12.76 -4.17
N LYS A 88 10.07 12.21 -5.25
CA LYS A 88 9.79 12.72 -6.59
C LYS A 88 8.43 12.25 -7.07
N ASN A 89 8.30 10.94 -7.30
CA ASN A 89 7.04 10.36 -7.77
C ASN A 89 6.37 9.55 -6.67
N THR A 90 5.09 9.25 -6.86
CA THR A 90 4.34 8.47 -5.88
C THR A 90 3.61 7.31 -6.55
N ILE A 91 3.02 6.44 -5.73
CA ILE A 91 2.29 5.29 -6.24
C ILE A 91 0.81 5.62 -6.45
N THR A 92 0.24 5.13 -7.54
CA THR A 92 -1.16 5.38 -7.85
C THR A 92 -1.99 4.10 -7.74
N LEU A 93 -2.59 3.89 -6.57
CA LEU A 93 -3.39 2.70 -6.33
C LEU A 93 -4.88 3.04 -6.40
N GLU A 94 -5.53 2.63 -7.49
CA GLU A 94 -6.96 2.88 -7.68
C GLU A 94 -7.78 1.67 -7.28
N VAL A 95 -8.98 1.92 -6.76
CA VAL A 95 -9.88 0.85 -6.35
C VAL A 95 -11.13 0.80 -7.22
N HIS A 96 -11.19 -0.18 -8.11
CA HIS A 96 -12.34 -0.33 -9.00
C HIS A 96 -13.35 -1.32 -8.43
N GLN A 97 -14.62 -1.11 -8.74
CA GLN A 97 -15.68 -1.99 -8.26
C GLN A 97 -15.92 -3.14 -9.23
N ALA A 98 -15.93 -4.36 -8.71
CA ALA A 98 -16.16 -5.54 -9.54
C ALA A 98 -17.65 -5.85 -9.66
N TYR A 99 -18.22 -5.52 -10.82
CA TYR A 99 -19.64 -5.75 -11.07
C TYR A 99 -19.86 -7.12 -11.71
N SER A 100 -21.12 -7.55 -11.75
CA SER A 100 -21.46 -8.84 -12.34
C SER A 100 -20.93 -8.94 -13.77
N THR A 101 -21.36 -8.01 -14.62
CA THR A 101 -20.93 -7.99 -16.01
C THR A 101 -20.43 -6.61 -16.42
N GLU A 102 -19.89 -5.87 -15.46
CA GLU A 102 -19.38 -4.53 -15.72
C GLU A 102 -18.11 -4.27 -14.92
N TYR A 103 -17.33 -3.29 -15.35
CA TYR A 103 -16.09 -2.94 -14.68
C TYR A 103 -15.76 -1.46 -14.87
N GLU A 104 -15.74 -0.72 -13.77
CA GLU A 104 -15.44 0.71 -13.81
C GLU A 104 -14.76 1.15 -12.52
N THR A 105 -14.00 2.24 -12.60
CA THR A 105 -13.29 2.77 -11.45
C THR A 105 -14.14 3.79 -10.70
N ILE A 106 -14.51 3.45 -9.47
CA ILE A 106 -15.33 4.34 -8.64
C ILE A 106 -14.45 5.22 -7.75
N ALA A 107 -13.28 4.69 -7.39
CA ALA A 107 -12.36 5.42 -6.53
C ALA A 107 -10.93 5.34 -7.07
N ALA A 108 -10.11 6.33 -6.72
CA ALA A 108 -8.73 6.38 -7.17
C ALA A 108 -7.87 7.22 -6.24
N CYS A 109 -6.78 6.65 -5.75
CA CYS A 109 -5.88 7.36 -4.85
C CYS A 109 -4.42 7.05 -5.18
N GLN A 110 -3.52 7.60 -4.38
CA GLN A 110 -2.09 7.38 -4.59
C GLN A 110 -1.38 7.10 -3.28
N LEU A 111 -0.66 5.98 -3.23
CA LEU A 111 0.06 5.59 -2.03
C LEU A 111 1.43 6.28 -1.97
N LYS A 112 1.72 6.91 -0.83
CA LYS A 112 2.99 7.60 -0.65
C LYS A 112 3.42 7.55 0.82
N PHE A 113 4.72 7.32 1.03
CA PHE A 113 5.26 7.24 2.38
C PHE A 113 6.15 8.44 2.67
N HIS A 114 5.85 9.15 3.75
CA HIS A 114 6.63 10.33 4.15
C HIS A 114 7.77 9.93 5.08
N GLU A 115 7.42 9.32 6.21
CA GLU A 115 8.40 8.90 7.19
C GLU A 115 9.52 8.09 6.52
N ILE A 116 9.16 7.31 5.51
CA ILE A 116 10.12 6.49 4.79
C ILE A 116 11.36 7.30 4.43
N LEU A 117 11.22 8.62 4.44
CA LEU A 117 12.34 9.51 4.11
C LEU A 117 13.28 9.66 5.30
N GLU A 118 12.72 9.91 6.47
CA GLU A 118 13.52 10.07 7.68
C GLU A 118 13.92 8.72 8.25
N LYS A 119 12.95 7.81 8.34
CA LYS A 119 13.20 6.47 8.88
C LYS A 119 12.87 5.41 7.83
N SER A 120 13.53 4.26 7.96
CA SER A 120 13.31 3.16 7.03
C SER A 120 13.14 1.84 7.77
N GLY A 121 11.88 1.47 8.04
CA GLY A 121 11.60 0.23 8.74
C GLY A 121 10.23 0.21 9.35
N ARG A 122 10.13 -0.27 10.58
CA ARG A 122 8.85 -0.35 11.28
C ARG A 122 8.18 1.02 11.34
N ILE A 123 7.36 1.31 10.33
CA ILE A 123 6.65 2.59 10.26
C ILE A 123 5.20 2.39 9.83
N PHE A 124 4.30 3.14 10.47
CA PHE A 124 2.88 3.06 10.14
C PHE A 124 2.43 4.26 9.33
N CYS A 125 1.43 4.06 8.48
CA CYS A 125 0.91 5.13 7.65
C CYS A 125 -0.50 4.80 7.16
N THR A 126 -1.17 5.80 6.57
CA THR A 126 -2.52 5.61 6.05
C THR A 126 -2.77 6.49 4.84
N ALA A 127 -3.83 6.17 4.09
CA ALA A 127 -4.17 6.94 2.91
C ALA A 127 -5.69 7.10 2.78
N SER A 128 -6.12 8.28 2.35
CA SER A 128 -7.54 8.56 2.19
C SER A 128 -8.01 8.22 0.77
N LEU A 129 -9.27 7.81 0.64
CA LEU A 129 -9.83 7.47 -0.66
C LEU A 129 -10.87 8.50 -1.09
N ILE A 130 -10.89 8.81 -2.38
CA ILE A 130 -11.83 9.78 -2.91
C ILE A 130 -12.64 9.18 -4.06
N GLY A 131 -13.90 9.58 -4.16
CA GLY A 131 -14.76 9.07 -5.22
C GLY A 131 -14.58 9.82 -6.52
N THR A 132 -14.36 9.07 -7.61
CA THR A 132 -14.18 9.67 -8.92
C THR A 132 -15.38 10.50 -9.33
N LYS A 133 -16.53 9.85 -9.45
CA LYS A 133 -17.77 10.53 -9.82
C LYS A 133 -18.47 11.12 -8.60
N GLY A 134 -18.76 10.25 -7.64
CA GLY A 134 -19.43 10.70 -6.42
C GLY A 134 -18.78 11.92 -5.82
N ASP A 135 -17.52 12.16 -6.18
CA ASP A 135 -16.78 13.30 -5.67
C ASP A 135 -16.79 13.32 -4.15
N ILE A 136 -16.71 12.14 -3.55
CA ILE A 136 -16.70 12.01 -2.10
C ILE A 136 -15.29 11.99 -1.54
N PRO A 137 -14.93 13.03 -0.79
CA PRO A 137 -13.60 13.16 -0.19
C PRO A 137 -13.37 12.14 0.93
N ASN A 138 -14.45 11.77 1.61
CA ASN A 138 -14.37 10.81 2.71
C ASN A 138 -14.78 9.42 2.24
N PHE A 139 -14.39 9.08 1.02
CA PHE A 139 -14.71 7.77 0.45
C PHE A 139 -14.43 6.65 1.45
N GLY A 140 -13.24 6.67 2.03
CA GLY A 140 -12.87 5.66 3.01
C GLY A 140 -11.43 5.81 3.48
N THR A 141 -10.78 4.68 3.74
CA THR A 141 -9.40 4.69 4.21
C THR A 141 -8.74 3.34 3.98
N VAL A 142 -7.42 3.36 3.81
CA VAL A 142 -6.66 2.13 3.59
C VAL A 142 -5.62 1.92 4.68
N GLU A 143 -5.68 0.75 5.32
CA GLU A 143 -4.74 0.42 6.39
C GLU A 143 -3.66 -0.54 5.90
N TYR A 144 -2.41 -0.13 6.01
CA TYR A 144 -1.29 -0.96 5.57
C TYR A 144 -0.01 -0.57 6.29
N TRP A 145 0.99 -1.42 6.21
CA TRP A 145 2.29 -1.16 6.86
C TRP A 145 3.43 -1.30 5.85
N PHE A 146 4.55 -0.67 6.16
CA PHE A 146 5.72 -0.73 5.28
C PHE A 146 7.02 -0.69 6.09
N ARG A 147 7.89 -1.65 5.84
CA ARG A 147 9.16 -1.73 6.55
C ARG A 147 10.30 -2.04 5.59
N LEU A 148 11.20 -1.07 5.41
CA LEU A 148 12.34 -1.24 4.51
C LEU A 148 13.61 -1.55 5.29
N ARG A 149 14.11 -2.77 5.16
CA ARG A 149 15.31 -3.19 5.85
C ARG A 149 16.14 -4.15 4.99
N VAL A 150 17.41 -4.30 5.33
CA VAL A 150 18.30 -5.18 4.58
C VAL A 150 17.71 -6.58 4.46
N SER A 151 17.97 -7.23 3.32
CA SER A 151 17.46 -8.56 3.08
C SER A 151 18.59 -9.52 2.71
N GLY A 152 18.36 -10.82 2.90
CA GLY A 152 19.36 -11.82 2.59
C GLY A 152 19.48 -12.06 1.10
N PRO A 153 20.61 -12.65 0.68
CA PRO A 153 20.87 -12.96 -0.73
C PRO A 153 19.99 -14.07 -1.25
N SER A 154 19.13 -13.74 -2.21
CA SER A 154 18.22 -14.73 -2.80
C SER A 154 17.57 -15.58 -1.71
N SER A 155 17.14 -14.93 -0.63
CA SER A 155 16.51 -15.63 0.48
C SER A 155 15.00 -15.74 0.26
N GLY A 156 14.52 -16.98 0.12
CA GLY A 156 13.11 -17.20 -0.08
C GLY A 156 12.25 -16.35 0.83
N GLY A 1 6.54 -21.80 10.63
CA GLY A 1 5.42 -20.88 10.55
C GLY A 1 5.83 -19.45 10.82
N SER A 2 6.11 -19.15 12.09
CA SER A 2 6.50 -17.80 12.48
C SER A 2 7.61 -17.85 13.53
N SER A 3 8.42 -16.80 13.57
CA SER A 3 9.52 -16.72 14.53
C SER A 3 9.14 -15.85 15.73
N GLY A 4 8.82 -14.59 15.45
CA GLY A 4 8.44 -13.68 16.51
C GLY A 4 8.74 -12.23 16.16
N SER A 5 8.62 -11.35 17.16
CA SER A 5 8.88 -9.94 16.95
C SER A 5 10.28 -9.56 17.45
N SER A 6 11.12 -9.09 16.53
CA SER A 6 12.49 -8.71 16.87
C SER A 6 12.53 -7.27 17.38
N GLY A 7 13.35 -7.04 18.40
CA GLY A 7 13.47 -5.71 18.97
C GLY A 7 14.81 -5.07 18.66
N ASP A 8 14.84 -4.23 17.63
CA ASP A 8 16.06 -3.55 17.23
C ASP A 8 15.82 -2.05 17.04
N GLU A 9 16.78 -1.25 17.47
CA GLU A 9 16.67 0.20 17.35
C GLU A 9 17.94 0.79 16.75
N THR A 10 17.98 0.86 15.42
CA THR A 10 19.14 1.41 14.71
C THR A 10 18.75 2.62 13.87
N ILE A 11 19.38 3.76 14.16
CA ILE A 11 19.11 4.98 13.43
C ILE A 11 19.65 4.92 12.00
N HIS A 12 20.95 4.72 11.88
CA HIS A 12 21.59 4.63 10.57
C HIS A 12 21.67 3.18 10.10
N LEU A 13 21.12 2.90 8.93
CA LEU A 13 21.12 1.55 8.37
C LEU A 13 22.36 1.34 7.48
N GLU A 14 22.50 0.13 6.96
CA GLU A 14 23.63 -0.21 6.11
C GLU A 14 23.25 -0.01 4.64
N ARG A 15 24.27 0.00 3.78
CA ARG A 15 24.06 0.18 2.35
C ARG A 15 24.21 -1.14 1.60
N GLY A 16 23.37 -1.34 0.59
CA GLY A 16 23.42 -2.57 -0.19
C GLY A 16 22.07 -2.94 -0.76
N GLU A 17 21.61 -4.16 -0.45
CA GLU A 17 20.33 -4.64 -0.93
C GLU A 17 19.18 -4.04 -0.12
N ASN A 18 18.06 -3.79 -0.80
CA ASN A 18 16.89 -3.22 -0.15
C ASN A 18 15.64 -4.04 -0.47
N LEU A 19 14.91 -4.42 0.59
CA LEU A 19 13.70 -5.20 0.42
C LEU A 19 12.46 -4.38 0.77
N PHE A 20 11.61 -4.14 -0.22
CA PHE A 20 10.40 -3.35 -0.01
C PHE A 20 9.17 -4.25 -0.01
N GLU A 21 8.63 -4.52 1.18
CA GLU A 21 7.45 -5.38 1.31
C GLU A 21 6.22 -4.55 1.66
N ILE A 22 5.17 -4.71 0.87
CA ILE A 22 3.92 -3.98 1.11
C ILE A 22 2.78 -4.92 1.44
N HIS A 23 2.20 -4.74 2.62
CA HIS A 23 1.09 -5.59 3.06
C HIS A 23 -0.14 -4.74 3.37
N ILE A 24 -1.28 -5.15 2.83
CA ILE A 24 -2.53 -4.44 3.05
C ILE A 24 -3.39 -5.14 4.09
N ASN A 25 -3.55 -4.51 5.25
CA ASN A 25 -4.36 -5.08 6.32
C ASN A 25 -5.83 -5.15 5.93
N LYS A 26 -6.44 -3.97 5.77
CA LYS A 26 -7.86 -3.90 5.39
C LYS A 26 -8.25 -2.47 5.06
N VAL A 27 -9.45 -2.30 4.52
CA VAL A 27 -9.95 -0.98 4.15
C VAL A 27 -11.13 -0.58 5.03
N THR A 28 -11.11 0.66 5.51
CA THR A 28 -12.18 1.16 6.36
C THR A 28 -13.13 2.07 5.57
N PHE A 29 -14.41 1.76 5.60
CA PHE A 29 -15.42 2.55 4.90
C PHE A 29 -16.12 3.51 5.84
N SER A 30 -16.36 4.72 5.36
CA SER A 30 -17.02 5.75 6.17
C SER A 30 -18.53 5.70 5.97
N SER A 31 -19.27 6.14 6.99
CA SER A 31 -20.73 6.14 6.94
C SER A 31 -21.22 6.51 5.54
N GLU A 32 -20.53 7.46 4.91
CA GLU A 32 -20.90 7.91 3.57
C GLU A 32 -21.27 6.72 2.68
N VAL A 33 -20.29 5.87 2.39
CA VAL A 33 -20.52 4.70 1.55
C VAL A 33 -21.47 3.72 2.23
N LEU A 34 -21.33 3.57 3.53
CA LEU A 34 -22.18 2.67 4.31
C LEU A 34 -23.65 2.90 3.99
N GLN A 35 -24.06 4.16 3.96
CA GLN A 35 -25.44 4.52 3.67
C GLN A 35 -25.74 4.33 2.19
N ALA A 36 -25.07 5.11 1.34
CA ALA A 36 -25.27 5.02 -0.10
C ALA A 36 -25.34 3.57 -0.56
N SER A 37 -24.53 2.72 0.05
CA SER A 37 -24.50 1.30 -0.29
C SER A 37 -25.68 0.56 0.33
N GLY A 38 -25.72 0.55 1.66
CA GLY A 38 -26.80 -0.13 2.36
C GLY A 38 -26.34 -1.38 3.07
N ASP A 39 -27.26 -2.31 3.29
CA ASP A 39 -26.94 -3.57 3.95
C ASP A 39 -26.45 -4.60 2.96
N LYS A 40 -25.57 -4.19 2.07
CA LYS A 40 -25.01 -5.07 1.05
C LYS A 40 -23.49 -5.19 1.19
N GLU A 41 -22.93 -6.24 0.59
CA GLU A 41 -21.49 -6.46 0.65
C GLU A 41 -20.86 -6.31 -0.73
N PRO A 42 -20.46 -5.07 -1.06
CA PRO A 42 -19.84 -4.77 -2.35
C PRO A 42 -18.44 -5.36 -2.48
N VAL A 43 -18.22 -6.15 -3.52
CA VAL A 43 -16.93 -6.78 -3.76
C VAL A 43 -16.03 -5.89 -4.62
N THR A 44 -14.85 -5.57 -4.10
CA THR A 44 -13.90 -4.74 -4.82
C THR A 44 -12.49 -5.29 -4.72
N PHE A 45 -11.62 -4.87 -5.65
CA PHE A 45 -10.24 -5.33 -5.66
C PHE A 45 -9.29 -4.19 -6.00
N CYS A 46 -8.13 -4.17 -5.35
CA CYS A 46 -7.14 -3.14 -5.58
C CYS A 46 -6.12 -3.58 -6.64
N THR A 47 -5.60 -2.62 -7.39
CA THR A 47 -4.62 -2.91 -8.43
C THR A 47 -3.63 -1.77 -8.59
N TYR A 48 -2.35 -2.09 -8.62
CA TYR A 48 -1.30 -1.09 -8.76
C TYR A 48 0.06 -1.75 -8.99
N ALA A 49 1.07 -0.92 -9.27
CA ALA A 49 2.41 -1.43 -9.51
C ALA A 49 3.44 -0.60 -8.75
N PHE A 50 4.59 -1.20 -8.47
CA PHE A 50 5.66 -0.53 -7.75
C PHE A 50 6.93 -0.47 -8.59
N TYR A 51 7.73 0.57 -8.37
CA TYR A 51 8.97 0.76 -9.12
C TYR A 51 8.82 0.30 -10.56
N ASP A 52 7.65 0.58 -11.14
CA ASP A 52 7.38 0.19 -12.52
C ASP A 52 7.62 -1.29 -12.73
N PHE A 53 7.09 -2.11 -11.82
CA PHE A 53 7.25 -3.56 -11.90
C PHE A 53 5.96 -4.22 -12.37
N GLU A 54 5.99 -5.54 -12.49
CA GLU A 54 4.82 -6.30 -12.94
C GLU A 54 3.59 -5.90 -12.14
N LEU A 55 2.51 -5.56 -12.86
CA LEU A 55 1.27 -5.15 -12.22
C LEU A 55 0.80 -6.21 -11.22
N GLN A 56 0.83 -5.86 -9.94
CA GLN A 56 0.40 -6.78 -8.89
C GLN A 56 -1.11 -6.71 -8.69
N THR A 57 -1.79 -7.82 -8.93
CA THR A 57 -3.24 -7.89 -8.78
C THR A 57 -3.62 -8.60 -7.48
N THR A 58 -4.55 -8.00 -6.74
CA THR A 58 -5.00 -8.59 -5.48
C THR A 58 -6.21 -9.48 -5.69
N PRO A 59 -6.40 -10.45 -4.79
CA PRO A 59 -7.52 -11.39 -4.85
C PRO A 59 -8.86 -10.72 -4.56
N VAL A 60 -9.89 -11.13 -5.29
CA VAL A 60 -11.23 -10.57 -5.11
C VAL A 60 -11.82 -10.98 -3.77
N VAL A 61 -12.35 -10.01 -3.03
CA VAL A 61 -12.95 -10.27 -1.73
C VAL A 61 -14.21 -9.44 -1.53
N ARG A 62 -15.28 -10.09 -1.07
CA ARG A 62 -16.54 -9.41 -0.84
C ARG A 62 -16.61 -8.86 0.58
N GLY A 63 -17.23 -7.68 0.73
CA GLY A 63 -17.34 -7.07 2.03
C GLY A 63 -16.80 -5.65 2.06
N LEU A 64 -17.31 -4.85 2.99
CA LEU A 64 -16.87 -3.46 3.12
C LEU A 64 -15.44 -3.39 3.67
N HIS A 65 -15.18 -4.16 4.71
CA HIS A 65 -13.86 -4.18 5.33
C HIS A 65 -13.17 -5.52 5.08
N PRO A 66 -12.81 -5.77 3.81
CA PRO A 66 -12.14 -7.00 3.40
C PRO A 66 -10.70 -7.07 3.91
N GLU A 67 -10.40 -8.14 4.64
CA GLU A 67 -9.06 -8.33 5.18
C GLU A 67 -8.15 -9.03 4.18
N TYR A 68 -7.57 -8.26 3.27
CA TYR A 68 -6.69 -8.80 2.25
C TYR A 68 -5.51 -9.55 2.89
N ASN A 69 -4.80 -8.86 3.78
CA ASN A 69 -3.66 -9.45 4.46
C ASN A 69 -2.75 -10.18 3.47
N PHE A 70 -2.50 -9.54 2.33
CA PHE A 70 -1.65 -10.12 1.30
C PHE A 70 -0.24 -9.52 1.36
N THR A 71 0.71 -10.33 1.82
CA THR A 71 2.09 -9.88 1.92
C THR A 71 2.87 -10.17 0.65
N SER A 72 3.76 -9.25 0.28
CA SER A 72 4.56 -9.42 -0.93
C SER A 72 6.04 -9.15 -0.64
N GLN A 73 6.91 -9.89 -1.33
CA GLN A 73 8.35 -9.73 -1.14
C GLN A 73 9.06 -9.60 -2.48
N TYR A 74 9.92 -8.59 -2.59
CA TYR A 74 10.66 -8.35 -3.83
C TYR A 74 12.00 -7.67 -3.54
N LEU A 75 13.08 -8.31 -3.96
CA LEU A 75 14.42 -7.78 -3.75
C LEU A 75 14.70 -6.63 -4.69
N VAL A 76 14.90 -5.44 -4.13
CA VAL A 76 15.18 -4.25 -4.92
C VAL A 76 16.49 -3.59 -4.50
N HIS A 77 17.45 -3.54 -5.41
CA HIS A 77 18.75 -2.94 -5.12
C HIS A 77 18.78 -1.49 -5.58
N VAL A 78 18.67 -0.57 -4.61
CA VAL A 78 18.70 0.85 -4.91
C VAL A 78 19.44 1.63 -3.84
N ASN A 79 19.78 2.89 -4.14
CA ASN A 79 20.49 3.73 -3.21
C ASN A 79 19.59 4.85 -2.67
N ASP A 80 20.18 5.74 -1.88
CA ASP A 80 19.43 6.85 -1.31
C ASP A 80 18.35 7.33 -2.27
N LEU A 81 18.68 7.38 -3.55
CA LEU A 81 17.73 7.82 -4.57
C LEU A 81 16.32 7.35 -4.24
N PHE A 82 16.18 6.05 -4.00
CA PHE A 82 14.88 5.46 -3.67
C PHE A 82 14.06 6.42 -2.82
N LEU A 83 14.68 6.96 -1.78
CA LEU A 83 14.01 7.89 -0.88
C LEU A 83 13.51 9.11 -1.64
N GLN A 84 14.37 9.67 -2.49
CA GLN A 84 14.01 10.84 -3.28
C GLN A 84 12.79 10.57 -4.14
N TYR A 85 12.73 9.37 -4.71
CA TYR A 85 11.61 8.98 -5.57
C TYR A 85 10.29 9.13 -4.82
N ILE A 86 10.25 8.67 -3.58
CA ILE A 86 9.05 8.75 -2.76
C ILE A 86 8.56 10.19 -2.65
N GLN A 87 9.49 11.13 -2.72
CA GLN A 87 9.16 12.55 -2.63
C GLN A 87 8.56 13.06 -3.94
N LYS A 88 9.34 12.98 -5.01
CA LYS A 88 8.90 13.43 -6.32
C LYS A 88 7.71 12.60 -6.80
N ASN A 89 7.91 11.29 -6.91
CA ASN A 89 6.87 10.39 -7.36
C ASN A 89 6.26 9.62 -6.18
N THR A 90 5.05 9.12 -6.38
CA THR A 90 4.36 8.37 -5.33
C THR A 90 3.64 7.16 -5.91
N ILE A 91 3.12 6.31 -5.04
CA ILE A 91 2.40 5.11 -5.46
C ILE A 91 0.92 5.41 -5.68
N THR A 92 0.42 5.11 -6.88
CA THR A 92 -0.97 5.35 -7.21
C THR A 92 -1.78 4.05 -7.14
N LEU A 93 -2.52 3.88 -6.06
CA LEU A 93 -3.33 2.69 -5.87
C LEU A 93 -4.82 3.04 -5.88
N GLU A 94 -5.50 2.73 -6.97
CA GLU A 94 -6.93 3.00 -7.10
C GLU A 94 -7.75 1.80 -6.68
N VAL A 95 -8.91 2.06 -6.07
CA VAL A 95 -9.81 1.00 -5.63
C VAL A 95 -10.93 0.76 -6.64
N HIS A 96 -10.75 -0.26 -7.48
CA HIS A 96 -11.75 -0.59 -8.49
C HIS A 96 -12.80 -1.54 -7.93
N GLN A 97 -14.06 -1.14 -8.02
CA GLN A 97 -15.16 -1.96 -7.51
C GLN A 97 -15.69 -2.89 -8.60
N ALA A 98 -16.17 -4.06 -8.20
CA ALA A 98 -16.71 -5.03 -9.14
C ALA A 98 -18.15 -5.39 -8.78
N TYR A 99 -19.04 -5.30 -9.76
CA TYR A 99 -20.45 -5.62 -9.54
C TYR A 99 -20.74 -7.06 -9.95
N SER A 100 -21.92 -7.54 -9.58
CA SER A 100 -22.33 -8.90 -9.89
C SER A 100 -22.33 -9.14 -11.40
N THR A 101 -22.20 -8.05 -12.16
CA THR A 101 -22.18 -8.14 -13.62
C THR A 101 -20.82 -7.73 -14.18
N GLU A 102 -20.55 -6.43 -14.16
CA GLU A 102 -19.28 -5.92 -14.67
C GLU A 102 -18.51 -5.19 -13.57
N TYR A 103 -17.34 -4.66 -13.93
CA TYR A 103 -16.50 -3.94 -12.97
C TYR A 103 -15.98 -2.65 -13.58
N GLU A 104 -15.95 -1.59 -12.77
CA GLU A 104 -15.47 -0.30 -13.24
C GLU A 104 -14.85 0.49 -12.08
N THR A 105 -13.95 1.41 -12.42
CA THR A 105 -13.28 2.23 -11.41
C THR A 105 -14.27 3.18 -10.74
N ILE A 106 -14.20 3.26 -9.41
CA ILE A 106 -15.08 4.12 -8.65
C ILE A 106 -14.28 5.05 -7.74
N ALA A 107 -13.09 4.62 -7.37
CA ALA A 107 -12.23 5.41 -6.50
C ALA A 107 -10.78 5.35 -6.96
N ALA A 108 -10.01 6.38 -6.62
CA ALA A 108 -8.60 6.44 -6.99
C ALA A 108 -7.79 7.27 -6.00
N CYS A 109 -6.74 6.67 -5.47
CA CYS A 109 -5.89 7.36 -4.50
C CYS A 109 -4.42 6.96 -4.68
N GLN A 110 -3.53 7.65 -3.97
CA GLN A 110 -2.11 7.37 -4.06
C GLN A 110 -1.51 7.17 -2.67
N LEU A 111 -0.79 6.06 -2.49
CA LEU A 111 -0.17 5.76 -1.21
C LEU A 111 1.26 6.31 -1.15
N LYS A 112 1.50 7.21 -0.20
CA LYS A 112 2.81 7.81 -0.03
C LYS A 112 3.22 7.83 1.44
N PHE A 113 4.45 7.41 1.71
CA PHE A 113 4.97 7.37 3.08
C PHE A 113 5.83 8.60 3.36
N HIS A 114 5.50 9.31 4.43
CA HIS A 114 6.24 10.51 4.81
C HIS A 114 7.40 10.15 5.74
N GLU A 115 7.10 9.42 6.81
CA GLU A 115 8.12 9.02 7.76
C GLU A 115 9.31 8.37 7.04
N ILE A 116 9.02 7.58 6.02
CA ILE A 116 10.06 6.90 5.26
C ILE A 116 11.17 7.87 4.87
N LEU A 117 10.88 9.17 4.92
CA LEU A 117 11.85 10.19 4.59
C LEU A 117 12.94 10.29 5.66
N GLU A 118 12.51 10.23 6.92
CA GLU A 118 13.44 10.31 8.04
C GLU A 118 13.67 8.94 8.66
N LYS A 119 12.57 8.23 8.93
CA LYS A 119 12.64 6.90 9.52
C LYS A 119 12.88 5.83 8.46
N SER A 120 13.10 4.60 8.90
CA SER A 120 13.35 3.50 7.99
C SER A 120 13.03 2.16 8.65
N GLY A 121 11.94 1.54 8.22
CA GLY A 121 11.53 0.26 8.78
C GLY A 121 10.03 0.15 8.96
N ARG A 122 9.61 -0.61 9.95
CA ARG A 122 8.19 -0.80 10.22
C ARG A 122 7.53 0.51 10.62
N ILE A 123 6.88 1.16 9.65
CA ILE A 123 6.21 2.42 9.89
C ILE A 123 4.74 2.36 9.49
N PHE A 124 3.85 2.41 10.48
CA PHE A 124 2.42 2.35 10.21
C PHE A 124 1.92 3.69 9.66
N CYS A 125 1.11 3.61 8.61
CA CYS A 125 0.56 4.82 7.99
C CYS A 125 -0.81 4.53 7.37
N THR A 126 -1.41 5.56 6.80
CA THR A 126 -2.72 5.42 6.16
C THR A 126 -2.89 6.42 5.02
N ALA A 127 -3.94 6.24 4.24
CA ALA A 127 -4.22 7.13 3.12
C ALA A 127 -5.72 7.39 2.97
N SER A 128 -6.07 8.52 2.36
CA SER A 128 -7.47 8.88 2.17
C SER A 128 -7.97 8.39 0.81
N LEU A 129 -9.27 8.13 0.73
CA LEU A 129 -9.88 7.66 -0.51
C LEU A 129 -10.88 8.68 -1.04
N ILE A 130 -10.95 8.80 -2.36
CA ILE A 130 -11.87 9.73 -3.00
C ILE A 130 -12.58 9.07 -4.17
N GLY A 131 -13.85 9.43 -4.36
CA GLY A 131 -14.63 8.87 -5.45
C GLY A 131 -14.39 9.58 -6.76
N THR A 132 -14.47 8.84 -7.86
CA THR A 132 -14.26 9.40 -9.18
C THR A 132 -15.50 10.16 -9.67
N LYS A 133 -16.66 9.53 -9.53
CA LYS A 133 -17.91 10.14 -9.95
C LYS A 133 -18.58 10.86 -8.78
N GLY A 134 -18.82 10.13 -7.70
CA GLY A 134 -19.45 10.72 -6.53
C GLY A 134 -18.60 11.79 -5.89
N ASP A 135 -17.37 11.93 -6.37
CA ASP A 135 -16.45 12.93 -5.84
C ASP A 135 -16.57 13.03 -4.31
N ILE A 136 -16.68 11.86 -3.67
CA ILE A 136 -16.80 11.81 -2.22
C ILE A 136 -15.43 11.76 -1.56
N PRO A 137 -15.08 12.84 -0.83
CA PRO A 137 -13.79 12.95 -0.14
C PRO A 137 -13.69 12.00 1.05
N ASN A 138 -14.76 11.95 1.85
CA ASN A 138 -14.79 11.08 3.02
C ASN A 138 -15.20 9.65 2.63
N PHE A 139 -14.64 9.17 1.54
CA PHE A 139 -14.96 7.83 1.05
C PHE A 139 -14.53 6.77 2.07
N GLY A 140 -13.33 6.94 2.62
CA GLY A 140 -12.83 5.99 3.60
C GLY A 140 -11.32 6.05 3.74
N THR A 141 -10.79 5.27 4.67
CA THR A 141 -9.35 5.23 4.91
C THR A 141 -8.79 3.81 4.76
N VAL A 142 -7.58 3.71 4.25
CA VAL A 142 -6.94 2.42 4.06
C VAL A 142 -5.88 2.17 5.13
N GLU A 143 -5.71 0.90 5.50
CA GLU A 143 -4.73 0.52 6.52
C GLU A 143 -3.63 -0.33 5.90
N TYR A 144 -2.38 0.02 6.23
CA TYR A 144 -1.23 -0.71 5.72
C TYR A 144 0.03 -0.37 6.51
N TRP A 145 1.11 -1.08 6.21
CA TRP A 145 2.39 -0.84 6.89
C TRP A 145 3.56 -1.17 5.98
N PHE A 146 4.42 -0.19 5.75
CA PHE A 146 5.59 -0.38 4.89
C PHE A 146 6.86 -0.55 5.73
N ARG A 147 7.77 -1.38 5.25
CA ARG A 147 9.02 -1.63 5.95
C ARG A 147 10.20 -1.66 4.99
N LEU A 148 11.10 -0.70 5.12
CA LEU A 148 12.27 -0.62 4.25
C LEU A 148 13.56 -0.80 5.06
N ARG A 149 14.19 -1.95 4.91
CA ARG A 149 15.43 -2.24 5.61
C ARG A 149 16.32 -3.16 4.79
N VAL A 150 17.64 -2.98 4.92
CA VAL A 150 18.60 -3.80 4.19
C VAL A 150 18.32 -5.29 4.40
N SER A 151 18.32 -6.04 3.31
CA SER A 151 18.07 -7.48 3.38
C SER A 151 19.37 -8.25 3.61
N GLY A 152 19.31 -9.29 4.43
CA GLY A 152 20.49 -10.09 4.70
C GLY A 152 20.88 -10.07 6.17
N PRO A 153 20.98 -11.26 6.78
CA PRO A 153 21.34 -11.40 8.19
C PRO A 153 22.80 -11.03 8.46
N SER A 154 23.49 -10.60 7.41
CA SER A 154 24.89 -10.21 7.54
C SER A 154 25.17 -9.58 8.90
N SER A 155 26.28 -10.00 9.52
CA SER A 155 26.65 -9.49 10.83
C SER A 155 27.59 -8.29 10.69
N GLY A 156 28.71 -8.50 10.01
CA GLY A 156 29.67 -7.44 9.82
C GLY A 156 30.25 -7.41 8.41
N GLY A 1 20.18 -1.75 19.12
CA GLY A 1 20.12 -0.65 18.17
C GLY A 1 18.77 -0.54 17.49
N SER A 2 18.24 0.68 17.42
CA SER A 2 16.95 0.93 16.79
C SER A 2 15.87 0.10 17.47
N SER A 3 15.84 0.12 18.79
CA SER A 3 14.85 -0.63 19.56
C SER A 3 13.91 0.31 20.32
N GLY A 4 12.65 0.30 19.92
CA GLY A 4 11.67 1.16 20.57
C GLY A 4 12.16 2.58 20.73
N SER A 5 11.95 3.40 19.71
CA SER A 5 12.38 4.79 19.75
C SER A 5 11.69 5.60 18.66
N SER A 6 11.33 6.84 18.99
CA SER A 6 10.65 7.72 18.05
C SER A 6 11.66 8.47 17.18
N GLY A 7 12.49 9.29 17.83
CA GLY A 7 13.49 10.05 17.10
C GLY A 7 14.61 9.17 16.59
N ASP A 8 14.58 8.87 15.30
CA ASP A 8 15.62 8.04 14.68
C ASP A 8 15.91 8.51 13.26
N GLU A 9 17.16 8.87 13.02
CA GLU A 9 17.58 9.34 11.69
C GLU A 9 18.60 8.39 11.07
N THR A 10 18.21 7.74 9.98
CA THR A 10 19.09 6.80 9.30
C THR A 10 20.27 7.53 8.64
N ILE A 11 21.47 7.32 9.19
CA ILE A 11 22.66 7.96 8.65
C ILE A 11 23.47 6.99 7.81
N HIS A 12 24.01 7.47 6.69
CA HIS A 12 24.80 6.66 5.80
C HIS A 12 24.19 5.26 5.64
N LEU A 13 22.91 5.23 5.25
CA LEU A 13 22.21 3.97 5.06
C LEU A 13 23.13 2.91 4.48
N GLU A 14 23.15 1.74 5.12
CA GLU A 14 23.99 0.64 4.67
C GLU A 14 23.87 0.45 3.16
N ARG A 15 24.76 -0.38 2.61
CA ARG A 15 24.75 -0.65 1.17
C ARG A 15 24.73 -2.15 0.90
N GLY A 16 24.43 -2.52 -0.35
CA GLY A 16 24.38 -3.92 -0.71
C GLY A 16 23.06 -4.31 -1.33
N GLU A 17 22.08 -4.61 -0.49
CA GLU A 17 20.75 -5.00 -0.96
C GLU A 17 19.68 -4.60 0.03
N ASN A 18 18.56 -4.10 -0.48
CA ASN A 18 17.45 -3.67 0.38
C ASN A 18 16.20 -4.48 0.07
N LEU A 19 15.37 -4.70 1.10
CA LEU A 19 14.14 -5.46 0.95
C LEU A 19 12.93 -4.60 1.27
N PHE A 20 11.99 -4.54 0.33
CA PHE A 20 10.78 -3.75 0.51
C PHE A 20 9.53 -4.62 0.37
N GLU A 21 8.74 -4.69 1.42
CA GLU A 21 7.51 -5.49 1.42
C GLU A 21 6.33 -4.67 1.89
N ILE A 22 5.26 -4.67 1.10
CA ILE A 22 4.05 -3.92 1.44
C ILE A 22 2.87 -4.86 1.63
N HIS A 23 2.25 -4.80 2.81
CA HIS A 23 1.10 -5.64 3.11
C HIS A 23 -0.15 -4.80 3.32
N ILE A 24 -1.30 -5.35 2.95
CA ILE A 24 -2.57 -4.65 3.10
C ILE A 24 -3.47 -5.34 4.11
N ASN A 25 -3.58 -4.75 5.29
CA ASN A 25 -4.41 -5.31 6.36
C ASN A 25 -5.87 -5.41 5.91
N LYS A 26 -6.51 -4.26 5.72
CA LYS A 26 -7.90 -4.23 5.28
C LYS A 26 -8.29 -2.82 4.83
N VAL A 27 -9.47 -2.70 4.24
CA VAL A 27 -9.96 -1.41 3.76
C VAL A 27 -11.27 -1.02 4.46
N THR A 28 -11.29 0.17 5.02
CA THR A 28 -12.47 0.67 5.72
C THR A 28 -13.21 1.72 4.89
N PHE A 29 -14.53 1.69 4.97
CA PHE A 29 -15.35 2.64 4.22
C PHE A 29 -16.15 3.54 5.16
N SER A 30 -16.69 4.63 4.63
CA SER A 30 -17.47 5.57 5.42
C SER A 30 -18.96 5.35 5.21
N SER A 31 -19.77 5.94 6.10
CA SER A 31 -21.22 5.81 6.00
C SER A 31 -21.69 6.00 4.57
N GLU A 32 -21.47 7.19 4.03
CA GLU A 32 -21.88 7.51 2.67
C GLU A 32 -21.66 6.30 1.75
N VAL A 33 -20.45 5.77 1.75
CA VAL A 33 -20.12 4.62 0.93
C VAL A 33 -21.02 3.43 1.24
N LEU A 34 -21.11 3.09 2.53
CA LEU A 34 -21.94 1.97 2.96
C LEU A 34 -23.37 2.12 2.45
N GLN A 35 -24.07 3.14 2.97
CA GLN A 35 -25.45 3.39 2.57
C GLN A 35 -25.57 3.49 1.05
N ALA A 36 -24.60 4.16 0.43
CA ALA A 36 -24.60 4.33 -1.01
C ALA A 36 -24.78 3.00 -1.72
N SER A 37 -24.44 1.90 -1.03
CA SER A 37 -24.57 0.57 -1.60
C SER A 37 -25.91 -0.06 -1.22
N GLY A 38 -26.32 0.17 0.02
CA GLY A 38 -27.59 -0.38 0.48
C GLY A 38 -27.40 -1.45 1.54
N ASP A 39 -28.32 -2.41 1.57
CA ASP A 39 -28.25 -3.50 2.55
C ASP A 39 -27.50 -4.70 1.96
N LYS A 40 -26.37 -4.42 1.32
CA LYS A 40 -25.56 -5.48 0.71
C LYS A 40 -24.07 -5.18 0.88
N GLU A 41 -23.23 -6.03 0.30
CA GLU A 41 -21.79 -5.86 0.38
C GLU A 41 -21.15 -5.92 -0.99
N PRO A 42 -20.77 -4.75 -1.53
CA PRO A 42 -20.15 -4.64 -2.84
C PRO A 42 -18.73 -5.21 -2.87
N VAL A 43 -18.38 -5.86 -3.97
CA VAL A 43 -17.06 -6.46 -4.11
C VAL A 43 -16.10 -5.52 -4.83
N THR A 44 -14.92 -5.32 -4.25
CA THR A 44 -13.92 -4.44 -4.83
C THR A 44 -12.51 -4.90 -4.48
N PHE A 45 -11.53 -4.42 -5.24
CA PHE A 45 -10.13 -4.78 -5.01
C PHE A 45 -9.21 -3.61 -5.33
N CYS A 46 -8.01 -3.64 -4.76
CA CYS A 46 -7.03 -2.59 -4.99
C CYS A 46 -6.13 -2.93 -6.18
N THR A 47 -5.58 -1.89 -6.80
CA THR A 47 -4.70 -2.08 -7.96
C THR A 47 -3.64 -0.99 -8.03
N TYR A 48 -2.38 -1.39 -8.06
CA TYR A 48 -1.27 -0.45 -8.13
C TYR A 48 0.04 -1.18 -8.43
N ALA A 49 0.98 -0.44 -9.01
CA ALA A 49 2.29 -1.01 -9.36
C ALA A 49 3.35 -0.58 -8.35
N PHE A 50 4.40 -1.38 -8.22
CA PHE A 50 5.49 -1.09 -7.30
C PHE A 50 6.73 -0.61 -8.05
N TYR A 51 7.59 0.12 -7.36
CA TYR A 51 8.81 0.64 -7.96
C TYR A 51 9.32 -0.29 -9.04
N ASP A 52 9.09 0.09 -10.30
CA ASP A 52 9.53 -0.72 -11.44
C ASP A 52 9.00 -2.14 -11.33
N PHE A 53 7.68 -2.27 -11.19
CA PHE A 53 7.05 -3.57 -11.08
C PHE A 53 5.70 -3.59 -11.80
N GLU A 54 5.33 -4.76 -12.33
CA GLU A 54 4.08 -4.91 -13.05
C GLU A 54 2.89 -4.69 -12.12
N LEU A 55 1.81 -4.15 -12.66
CA LEU A 55 0.60 -3.89 -11.89
C LEU A 55 0.18 -5.12 -11.10
N GLN A 56 0.31 -5.06 -9.78
CA GLN A 56 -0.06 -6.17 -8.91
C GLN A 56 -1.55 -6.14 -8.59
N THR A 57 -2.26 -7.17 -9.00
CA THR A 57 -3.70 -7.27 -8.77
C THR A 57 -3.99 -8.06 -7.49
N THR A 58 -4.61 -7.39 -6.52
CA THR A 58 -4.95 -8.03 -5.25
C THR A 58 -6.09 -9.02 -5.43
N PRO A 59 -6.22 -9.95 -4.46
CA PRO A 59 -7.27 -10.97 -4.49
C PRO A 59 -8.65 -10.39 -4.24
N VAL A 60 -9.58 -10.66 -5.14
CA VAL A 60 -10.95 -10.16 -5.01
C VAL A 60 -11.71 -10.91 -3.93
N VAL A 61 -12.39 -10.16 -3.07
CA VAL A 61 -13.17 -10.76 -1.98
C VAL A 61 -14.52 -10.08 -1.84
N ARG A 62 -15.48 -10.80 -1.26
CA ARG A 62 -16.82 -10.27 -1.07
C ARG A 62 -16.99 -9.71 0.35
N GLY A 63 -17.38 -8.44 0.43
CA GLY A 63 -17.56 -7.81 1.72
C GLY A 63 -17.22 -6.33 1.70
N LEU A 64 -17.15 -5.72 2.87
CA LEU A 64 -16.83 -4.31 2.99
C LEU A 64 -15.51 -4.09 3.71
N HIS A 65 -15.34 -4.80 4.82
CA HIS A 65 -14.11 -4.70 5.60
C HIS A 65 -13.39 -6.04 5.67
N PRO A 66 -13.07 -6.60 4.50
CA PRO A 66 -12.38 -7.89 4.39
C PRO A 66 -10.92 -7.81 4.87
N GLU A 67 -10.24 -8.95 4.84
CA GLU A 67 -8.84 -9.00 5.27
C GLU A 67 -7.97 -9.67 4.20
N TYR A 68 -7.75 -8.95 3.11
CA TYR A 68 -6.93 -9.46 2.01
C TYR A 68 -5.78 -10.32 2.54
N ASN A 69 -5.09 -9.80 3.55
CA ASN A 69 -3.97 -10.52 4.14
C ASN A 69 -2.92 -10.86 3.10
N PHE A 70 -2.61 -9.89 2.24
CA PHE A 70 -1.62 -10.09 1.19
C PHE A 70 -0.27 -9.53 1.60
N THR A 71 0.68 -10.43 1.85
CA THR A 71 2.02 -10.03 2.26
C THR A 71 3.08 -10.61 1.33
N SER A 72 3.48 -9.82 0.34
CA SER A 72 4.49 -10.26 -0.62
C SER A 72 5.87 -9.74 -0.24
N GLN A 73 6.89 -10.47 -0.65
CA GLN A 73 8.27 -10.09 -0.35
C GLN A 73 9.17 -10.25 -1.57
N TYR A 74 9.94 -9.22 -1.87
CA TYR A 74 10.84 -9.24 -3.02
C TYR A 74 12.11 -8.44 -2.74
N LEU A 75 13.26 -9.03 -3.07
CA LEU A 75 14.54 -8.37 -2.85
C LEU A 75 14.83 -7.37 -3.96
N VAL A 76 14.81 -6.09 -3.63
CA VAL A 76 15.08 -5.04 -4.60
C VAL A 76 16.44 -4.40 -4.35
N HIS A 77 17.32 -4.48 -5.34
CA HIS A 77 18.65 -3.91 -5.24
C HIS A 77 18.65 -2.44 -5.64
N VAL A 78 18.82 -1.57 -4.66
CA VAL A 78 18.83 -0.12 -4.91
C VAL A 78 19.58 0.62 -3.81
N ASN A 79 19.60 1.94 -3.92
CA ASN A 79 20.29 2.77 -2.94
C ASN A 79 19.38 3.89 -2.44
N ASP A 80 19.93 4.78 -1.62
CA ASP A 80 19.17 5.89 -1.07
C ASP A 80 18.31 6.55 -2.15
N LEU A 81 18.83 6.55 -3.38
CA LEU A 81 18.11 7.15 -4.50
C LEU A 81 16.64 6.77 -4.47
N PHE A 82 16.36 5.54 -4.06
CA PHE A 82 14.98 5.05 -3.98
C PHE A 82 14.10 6.03 -3.23
N LEU A 83 14.60 6.52 -2.10
CA LEU A 83 13.86 7.46 -1.27
C LEU A 83 13.32 8.61 -2.12
N GLN A 84 14.17 9.17 -2.97
CA GLN A 84 13.78 10.27 -3.84
C GLN A 84 12.55 9.92 -4.64
N TYR A 85 12.58 8.76 -5.30
CA TYR A 85 11.46 8.31 -6.12
C TYR A 85 10.14 8.50 -5.37
N ILE A 86 10.22 8.56 -4.04
CA ILE A 86 9.02 8.74 -3.21
C ILE A 86 8.52 10.19 -3.28
N GLN A 87 9.45 11.13 -3.14
CA GLN A 87 9.10 12.55 -3.18
C GLN A 87 8.84 13.00 -4.61
N LYS A 88 9.69 12.56 -5.53
CA LYS A 88 9.55 12.91 -6.93
C LYS A 88 8.24 12.38 -7.51
N ASN A 89 8.03 11.07 -7.41
CA ASN A 89 6.82 10.45 -7.91
C ASN A 89 6.12 9.64 -6.82
N THR A 90 4.83 9.43 -6.97
CA THR A 90 4.04 8.68 -6.00
C THR A 90 3.32 7.51 -6.66
N ILE A 91 2.84 6.58 -5.85
CA ILE A 91 2.13 5.42 -6.36
C ILE A 91 0.63 5.68 -6.43
N THR A 92 0.00 5.23 -7.52
CA THR A 92 -1.42 5.42 -7.71
C THR A 92 -2.19 4.14 -7.38
N LEU A 93 -3.07 4.22 -6.38
CA LEU A 93 -3.86 3.07 -5.98
C LEU A 93 -5.35 3.37 -6.09
N GLU A 94 -5.99 2.84 -7.12
CA GLU A 94 -7.41 3.06 -7.35
C GLU A 94 -8.22 1.84 -6.92
N VAL A 95 -9.39 2.08 -6.35
CA VAL A 95 -10.26 1.00 -5.90
C VAL A 95 -11.56 0.97 -6.69
N HIS A 96 -11.63 0.10 -7.69
CA HIS A 96 -12.82 -0.03 -8.53
C HIS A 96 -13.69 -1.19 -8.05
N GLN A 97 -14.98 -1.08 -8.32
CA GLN A 97 -15.93 -2.13 -7.93
C GLN A 97 -16.24 -3.06 -9.10
N ALA A 98 -16.03 -4.35 -8.89
CA ALA A 98 -16.29 -5.34 -9.93
C ALA A 98 -17.69 -5.93 -9.78
N TYR A 99 -18.55 -5.66 -10.76
CA TYR A 99 -19.92 -6.16 -10.75
C TYR A 99 -20.03 -7.47 -11.51
N SER A 100 -21.16 -8.15 -11.36
CA SER A 100 -21.39 -9.41 -12.04
C SER A 100 -21.93 -9.20 -13.44
N THR A 101 -21.98 -7.93 -13.86
CA THR A 101 -22.48 -7.59 -15.19
C THR A 101 -21.52 -6.62 -15.89
N GLU A 102 -21.10 -5.58 -15.18
CA GLU A 102 -20.19 -4.60 -15.74
C GLU A 102 -19.05 -4.29 -14.77
N TYR A 103 -18.18 -3.36 -15.16
CA TYR A 103 -17.04 -2.98 -14.33
C TYR A 103 -16.70 -1.52 -14.51
N GLU A 104 -16.77 -0.76 -13.42
CA GLU A 104 -16.47 0.67 -13.46
C GLU A 104 -15.81 1.12 -12.16
N THR A 105 -14.89 2.07 -12.26
CA THR A 105 -14.18 2.59 -11.09
C THR A 105 -15.12 3.38 -10.18
N ILE A 106 -14.74 3.51 -8.92
CA ILE A 106 -15.55 4.23 -7.95
C ILE A 106 -14.69 5.19 -7.13
N ALA A 107 -13.45 4.78 -6.87
CA ALA A 107 -12.53 5.61 -6.09
C ALA A 107 -11.12 5.56 -6.68
N ALA A 108 -10.36 6.62 -6.46
CA ALA A 108 -8.99 6.70 -6.97
C ALA A 108 -8.13 7.59 -6.08
N CYS A 109 -7.05 7.01 -5.56
CA CYS A 109 -6.13 7.75 -4.69
C CYS A 109 -4.69 7.46 -5.05
N GLN A 110 -3.76 8.14 -4.38
CA GLN A 110 -2.34 7.96 -4.63
C GLN A 110 -1.59 7.65 -3.34
N LEU A 111 -0.95 6.50 -3.28
CA LEU A 111 -0.19 6.09 -2.10
C LEU A 111 1.11 6.88 -2.00
N LYS A 112 1.27 7.58 -0.88
CA LYS A 112 2.47 8.38 -0.65
C LYS A 112 2.88 8.34 0.82
N PHE A 113 4.12 7.95 1.08
CA PHE A 113 4.62 7.87 2.44
C PHE A 113 5.64 8.98 2.71
N HIS A 114 5.39 9.77 3.75
CA HIS A 114 6.28 10.86 4.12
C HIS A 114 7.37 10.38 5.08
N GLU A 115 6.97 9.64 6.10
CA GLU A 115 7.90 9.12 7.09
C GLU A 115 9.04 8.36 6.41
N ILE A 116 8.76 7.81 5.23
CA ILE A 116 9.75 7.06 4.48
C ILE A 116 10.82 7.98 3.91
N LEU A 117 10.70 9.27 4.20
CA LEU A 117 11.66 10.26 3.70
C LEU A 117 12.67 10.62 4.78
N GLU A 118 12.32 10.33 6.04
CA GLU A 118 13.21 10.64 7.16
C GLU A 118 13.62 9.35 7.87
N LYS A 119 12.71 8.38 7.90
CA LYS A 119 12.99 7.09 8.55
C LYS A 119 12.81 5.94 7.57
N SER A 120 13.41 4.80 7.91
CA SER A 120 13.31 3.62 7.05
C SER A 120 13.13 2.36 7.89
N GLY A 121 12.12 1.57 7.54
CA GLY A 121 11.85 0.34 8.27
C GLY A 121 10.43 0.26 8.77
N ARG A 122 10.24 -0.33 9.95
CA ARG A 122 8.91 -0.47 10.54
C ARG A 122 8.23 0.89 10.66
N ILE A 123 7.59 1.33 9.57
CA ILE A 123 6.90 2.61 9.56
C ILE A 123 5.43 2.43 9.16
N PHE A 124 4.53 2.93 10.01
CA PHE A 124 3.11 2.84 9.75
C PHE A 124 2.59 4.10 9.07
N CYS A 125 1.62 3.94 8.16
CA CYS A 125 1.04 5.07 7.46
C CYS A 125 -0.29 4.68 6.82
N THR A 126 -1.02 5.68 6.32
CA THR A 126 -2.31 5.45 5.70
C THR A 126 -2.52 6.38 4.51
N ALA A 127 -3.54 6.09 3.71
CA ALA A 127 -3.84 6.90 2.53
C ALA A 127 -5.33 7.24 2.48
N SER A 128 -5.64 8.42 1.97
CA SER A 128 -7.03 8.87 1.86
C SER A 128 -7.64 8.43 0.53
N LEU A 129 -8.95 8.20 0.54
CA LEU A 129 -9.65 7.78 -0.66
C LEU A 129 -10.70 8.81 -1.08
N ILE A 130 -10.71 9.14 -2.37
CA ILE A 130 -11.66 10.11 -2.90
C ILE A 130 -12.53 9.51 -3.98
N GLY A 131 -13.84 9.49 -3.73
CA GLY A 131 -14.76 8.92 -4.70
C GLY A 131 -14.58 9.50 -6.09
N THR A 132 -15.22 8.89 -7.08
CA THR A 132 -15.12 9.35 -8.46
C THR A 132 -16.44 9.89 -8.96
N LYS A 133 -17.53 9.35 -8.42
CA LYS A 133 -18.87 9.79 -8.81
C LYS A 133 -19.18 11.18 -8.25
N GLY A 134 -19.25 11.27 -6.93
CA GLY A 134 -19.54 12.54 -6.29
C GLY A 134 -18.33 13.12 -5.59
N ASP A 135 -17.15 12.84 -6.12
CA ASP A 135 -15.91 13.33 -5.54
C ASP A 135 -15.98 13.33 -4.01
N ILE A 136 -16.41 12.21 -3.45
CA ILE A 136 -16.53 12.08 -2.00
C ILE A 136 -15.16 12.05 -1.34
N PRO A 137 -14.85 13.09 -0.55
CA PRO A 137 -13.58 13.21 0.15
C PRO A 137 -13.44 12.19 1.29
N ASN A 138 -14.56 11.94 1.97
CA ASN A 138 -14.57 10.98 3.07
C ASN A 138 -14.92 9.58 2.58
N PHE A 139 -14.44 9.23 1.40
CA PHE A 139 -14.70 7.93 0.82
C PHE A 139 -14.27 6.81 1.77
N GLY A 140 -13.19 7.06 2.50
CA GLY A 140 -12.70 6.06 3.45
C GLY A 140 -11.20 6.17 3.66
N THR A 141 -10.62 5.16 4.31
CA THR A 141 -9.20 5.13 4.58
C THR A 141 -8.63 3.72 4.45
N VAL A 142 -7.40 3.62 3.97
CA VAL A 142 -6.74 2.33 3.80
C VAL A 142 -5.64 2.14 4.83
N GLU A 143 -5.53 0.92 5.35
CA GLU A 143 -4.52 0.60 6.36
C GLU A 143 -3.44 -0.30 5.77
N TYR A 144 -2.18 0.12 5.90
CA TYR A 144 -1.06 -0.65 5.37
C TYR A 144 0.24 -0.24 6.05
N TRP A 145 1.27 -1.07 5.91
CA TRP A 145 2.57 -0.79 6.51
C TRP A 145 3.69 -1.16 5.54
N PHE A 146 4.74 -0.35 5.53
CA PHE A 146 5.89 -0.59 4.66
C PHE A 146 7.18 -0.65 5.46
N ARG A 147 8.19 -1.30 4.90
CA ARG A 147 9.48 -1.44 5.56
C ARG A 147 10.60 -1.63 4.55
N LEU A 148 11.57 -0.73 4.56
CA LEU A 148 12.70 -0.81 3.64
C LEU A 148 14.02 -0.67 4.39
N ARG A 149 14.75 -1.78 4.50
CA ARG A 149 16.03 -1.78 5.18
C ARG A 149 16.91 -2.93 4.71
N VAL A 150 18.22 -2.71 4.67
CA VAL A 150 19.16 -3.72 4.22
C VAL A 150 18.71 -5.11 4.64
N SER A 151 18.76 -6.05 3.72
CA SER A 151 18.36 -7.43 4.00
C SER A 151 19.57 -8.34 4.13
N GLY A 152 19.54 -9.22 5.13
CA GLY A 152 20.64 -10.13 5.36
C GLY A 152 20.30 -11.56 4.97
N PRO A 153 20.45 -11.88 3.69
CA PRO A 153 20.16 -13.21 3.16
C PRO A 153 21.18 -14.25 3.63
N SER A 154 22.44 -13.86 3.65
CA SER A 154 23.50 -14.76 4.07
C SER A 154 23.34 -15.14 5.55
N SER A 155 23.29 -14.12 6.40
CA SER A 155 23.15 -14.34 7.84
C SER A 155 21.83 -15.05 8.15
N GLY A 156 21.89 -16.37 8.26
CA GLY A 156 20.69 -17.14 8.55
C GLY A 156 20.46 -18.25 7.53
N GLY A 1 8.95 21.01 -5.59
CA GLY A 1 8.61 21.32 -6.96
C GLY A 1 9.54 20.66 -7.95
N SER A 2 9.67 21.25 -9.14
CA SER A 2 10.53 20.71 -10.19
C SER A 2 11.80 20.12 -9.58
N SER A 3 12.53 20.95 -8.84
CA SER A 3 13.77 20.52 -8.21
C SER A 3 14.23 21.52 -7.16
N GLY A 4 14.93 21.03 -6.14
CA GLY A 4 15.41 21.89 -5.08
C GLY A 4 16.30 21.17 -4.09
N SER A 5 17.27 20.43 -4.61
CA SER A 5 18.19 19.67 -3.76
C SER A 5 19.47 19.33 -4.51
N SER A 6 20.60 19.50 -3.84
CA SER A 6 21.90 19.22 -4.44
C SER A 6 22.68 18.20 -3.60
N GLY A 7 22.41 16.93 -3.83
CA GLY A 7 23.09 15.88 -3.08
C GLY A 7 22.13 14.87 -2.50
N ASP A 8 22.27 14.62 -1.19
CA ASP A 8 21.40 13.66 -0.50
C ASP A 8 21.41 13.91 1.00
N GLU A 9 20.62 13.13 1.73
CA GLU A 9 20.54 13.27 3.18
C GLU A 9 20.23 11.93 3.84
N THR A 10 21.23 11.38 4.54
CA THR A 10 21.06 10.10 5.21
C THR A 10 21.83 10.08 6.53
N ILE A 11 21.24 9.44 7.54
CA ILE A 11 21.87 9.35 8.86
C ILE A 11 22.84 8.18 8.92
N HIS A 12 22.41 7.03 8.41
CA HIS A 12 23.24 5.83 8.41
C HIS A 12 22.64 4.76 7.50
N LEU A 13 23.43 4.31 6.53
CA LEU A 13 22.97 3.28 5.60
C LEU A 13 24.15 2.46 5.07
N GLU A 14 23.97 1.15 5.01
CA GLU A 14 25.02 0.26 4.54
C GLU A 14 24.94 0.09 3.02
N ARG A 15 26.06 -0.28 2.41
CA ARG A 15 26.12 -0.47 0.97
C ARG A 15 25.73 -1.90 0.59
N GLY A 16 24.76 -2.46 1.32
CA GLY A 16 24.32 -3.81 1.04
C GLY A 16 22.98 -3.85 0.33
N GLU A 17 22.54 -5.05 -0.02
CA GLU A 17 21.27 -5.22 -0.71
C GLU A 17 20.10 -4.72 0.15
N ASN A 18 19.04 -4.26 -0.51
CA ASN A 18 17.87 -3.75 0.20
C ASN A 18 16.62 -4.54 -0.19
N LEU A 19 15.65 -4.57 0.71
CA LEU A 19 14.39 -5.28 0.46
C LEU A 19 13.19 -4.40 0.79
N PHE A 20 12.30 -4.24 -0.18
CA PHE A 20 11.11 -3.43 0.00
C PHE A 20 9.86 -4.23 -0.30
N GLU A 21 8.96 -4.31 0.68
CA GLU A 21 7.71 -5.05 0.52
C GLU A 21 6.53 -4.25 1.06
N ILE A 22 5.35 -4.53 0.53
CA ILE A 22 4.14 -3.84 0.96
C ILE A 22 2.98 -4.82 1.12
N HIS A 23 2.32 -4.76 2.27
CA HIS A 23 1.18 -5.63 2.56
C HIS A 23 -0.05 -4.82 2.95
N ILE A 24 -1.16 -5.07 2.27
CA ILE A 24 -2.40 -4.36 2.56
C ILE A 24 -3.27 -5.15 3.53
N ASN A 25 -3.32 -4.68 4.78
CA ASN A 25 -4.13 -5.35 5.81
C ASN A 25 -5.59 -5.38 5.41
N LYS A 26 -6.23 -4.21 5.37
CA LYS A 26 -7.63 -4.11 5.00
C LYS A 26 -7.97 -2.70 4.55
N VAL A 27 -9.23 -2.49 4.17
CA VAL A 27 -9.69 -1.18 3.72
C VAL A 27 -10.99 -0.78 4.42
N THR A 28 -10.90 0.28 5.23
CA THR A 28 -12.06 0.76 5.96
C THR A 28 -12.86 1.76 5.13
N PHE A 29 -14.17 1.82 5.36
CA PHE A 29 -15.03 2.74 4.64
C PHE A 29 -15.89 3.55 5.60
N SER A 30 -16.44 4.65 5.10
CA SER A 30 -17.29 5.52 5.92
C SER A 30 -18.75 5.39 5.53
N SER A 31 -19.63 5.60 6.50
CA SER A 31 -21.07 5.50 6.27
C SER A 31 -21.44 6.07 4.90
N GLU A 32 -20.62 7.01 4.42
CA GLU A 32 -20.86 7.64 3.13
C GLU A 32 -21.14 6.58 2.06
N VAL A 33 -20.18 5.69 1.86
CA VAL A 33 -20.31 4.62 0.87
C VAL A 33 -21.22 3.51 1.38
N LEU A 34 -21.14 3.23 2.67
CA LEU A 34 -21.96 2.19 3.28
C LEU A 34 -23.44 2.44 3.03
N GLN A 35 -23.95 3.53 3.58
CA GLN A 35 -25.35 3.89 3.41
C GLN A 35 -25.76 3.81 1.94
N ALA A 36 -25.08 4.57 1.10
CA ALA A 36 -25.37 4.59 -0.33
C ALA A 36 -25.56 3.18 -0.87
N SER A 37 -24.68 2.26 -0.45
CA SER A 37 -24.75 0.88 -0.90
C SER A 37 -25.99 0.18 -0.32
N GLY A 38 -26.16 0.29 1.00
CA GLY A 38 -27.30 -0.32 1.65
C GLY A 38 -26.96 -1.69 2.23
N ASP A 39 -27.87 -2.64 2.05
CA ASP A 39 -27.67 -3.99 2.57
C ASP A 39 -27.02 -4.88 1.50
N LYS A 40 -25.99 -4.37 0.85
CA LYS A 40 -25.29 -5.11 -0.18
C LYS A 40 -23.82 -5.25 0.15
N GLU A 41 -23.15 -6.23 -0.48
CA GLU A 41 -21.73 -6.47 -0.25
C GLU A 41 -20.91 -6.07 -1.47
N PRO A 42 -20.45 -4.80 -1.49
CA PRO A 42 -19.65 -4.28 -2.59
C PRO A 42 -18.26 -4.89 -2.64
N VAL A 43 -17.97 -5.62 -3.71
CA VAL A 43 -16.67 -6.25 -3.88
C VAL A 43 -15.68 -5.33 -4.60
N THR A 44 -14.50 -5.16 -4.01
CA THR A 44 -13.48 -4.29 -4.59
C THR A 44 -12.10 -4.90 -4.43
N PHE A 45 -11.21 -4.59 -5.37
CA PHE A 45 -9.84 -5.12 -5.32
C PHE A 45 -8.83 -4.04 -5.71
N CYS A 46 -7.68 -4.05 -5.07
CA CYS A 46 -6.63 -3.08 -5.34
C CYS A 46 -5.59 -3.65 -6.29
N THR A 47 -5.07 -2.80 -7.19
CA THR A 47 -4.08 -3.23 -8.15
C THR A 47 -3.08 -2.11 -8.44
N TYR A 48 -1.79 -2.44 -8.37
CA TYR A 48 -0.75 -1.46 -8.62
C TYR A 48 0.61 -2.15 -8.81
N ALA A 49 1.63 -1.36 -9.13
CA ALA A 49 2.97 -1.88 -9.33
C ALA A 49 3.99 -1.12 -8.50
N PHE A 50 5.00 -1.83 -8.01
CA PHE A 50 6.05 -1.22 -7.20
C PHE A 50 7.35 -1.10 -7.99
N TYR A 51 8.01 0.05 -7.88
CA TYR A 51 9.26 0.28 -8.58
C TYR A 51 9.12 -0.02 -10.07
N ASP A 52 7.89 0.07 -10.57
CA ASP A 52 7.62 -0.19 -11.98
C ASP A 52 7.82 -1.66 -12.30
N PHE A 53 7.26 -2.53 -11.46
CA PHE A 53 7.39 -3.97 -11.65
C PHE A 53 6.05 -4.57 -12.10
N GLU A 54 6.06 -5.87 -12.38
CA GLU A 54 4.85 -6.56 -12.81
C GLU A 54 3.70 -6.30 -11.85
N LEU A 55 2.58 -5.85 -12.40
CA LEU A 55 1.40 -5.55 -11.59
C LEU A 55 1.10 -6.69 -10.62
N GLN A 56 0.45 -6.35 -9.51
CA GLN A 56 0.11 -7.34 -8.50
C GLN A 56 -1.40 -7.39 -8.26
N THR A 57 -2.04 -8.47 -8.69
CA THR A 57 -3.47 -8.63 -8.52
C THR A 57 -3.81 -9.15 -7.12
N THR A 58 -4.61 -8.38 -6.39
CA THR A 58 -5.01 -8.75 -5.04
C THR A 58 -6.20 -9.71 -5.07
N PRO A 59 -6.34 -10.52 -4.01
CA PRO A 59 -7.44 -11.48 -3.88
C PRO A 59 -8.78 -10.80 -3.65
N VAL A 60 -9.73 -11.05 -4.55
CA VAL A 60 -11.05 -10.46 -4.44
C VAL A 60 -11.83 -11.05 -3.27
N VAL A 61 -12.33 -10.18 -2.41
CA VAL A 61 -13.08 -10.61 -1.24
C VAL A 61 -14.39 -9.83 -1.11
N ARG A 62 -15.45 -10.54 -0.73
CA ARG A 62 -16.76 -9.92 -0.57
C ARG A 62 -16.90 -9.28 0.81
N GLY A 63 -17.71 -8.23 0.91
CA GLY A 63 -17.92 -7.56 2.17
C GLY A 63 -17.38 -6.15 2.17
N LEU A 64 -17.92 -5.31 3.05
CA LEU A 64 -17.49 -3.91 3.14
C LEU A 64 -16.05 -3.82 3.60
N HIS A 65 -15.74 -4.44 4.73
CA HIS A 65 -14.39 -4.43 5.27
C HIS A 65 -13.73 -5.80 5.13
N PRO A 66 -13.37 -6.16 3.89
CA PRO A 66 -12.73 -7.44 3.59
C PRO A 66 -11.31 -7.52 4.13
N GLU A 67 -10.78 -8.74 4.21
CA GLU A 67 -9.44 -8.95 4.71
C GLU A 67 -8.54 -9.59 3.65
N TYR A 68 -8.05 -8.76 2.73
CA TYR A 68 -7.19 -9.24 1.66
C TYR A 68 -6.04 -10.07 2.20
N ASN A 69 -5.30 -9.50 3.14
CA ASN A 69 -4.17 -10.18 3.76
C ASN A 69 -3.15 -10.59 2.70
N PHE A 70 -2.92 -9.70 1.74
CA PHE A 70 -1.96 -9.97 0.67
C PHE A 70 -0.59 -9.43 1.02
N THR A 71 0.35 -10.33 1.30
CA THR A 71 1.71 -9.94 1.66
C THR A 71 2.72 -10.50 0.66
N SER A 72 3.45 -9.61 0.00
CA SER A 72 4.44 -10.01 -0.98
C SER A 72 5.71 -9.16 -0.85
N GLN A 73 6.87 -9.80 -0.99
CA GLN A 73 8.14 -9.11 -0.90
C GLN A 73 9.09 -9.56 -2.00
N TYR A 74 9.98 -8.66 -2.42
CA TYR A 74 10.93 -8.96 -3.47
C TYR A 74 12.23 -8.16 -3.28
N LEU A 75 13.36 -8.82 -3.49
CA LEU A 75 14.66 -8.17 -3.34
C LEU A 75 14.91 -7.19 -4.48
N VAL A 76 14.81 -5.91 -4.18
CA VAL A 76 15.04 -4.87 -5.18
C VAL A 76 16.38 -4.18 -4.96
N HIS A 77 17.24 -4.24 -5.97
CA HIS A 77 18.56 -3.61 -5.89
C HIS A 77 18.51 -2.17 -6.38
N VAL A 78 18.42 -1.23 -5.45
CA VAL A 78 18.36 0.18 -5.80
C VAL A 78 19.22 1.02 -4.86
N ASN A 79 19.51 2.25 -5.25
CA ASN A 79 20.33 3.15 -4.44
C ASN A 79 19.48 4.28 -3.86
N ASP A 80 20.13 5.21 -3.19
CA ASP A 80 19.45 6.35 -2.59
C ASP A 80 18.35 6.87 -3.51
N LEU A 81 18.68 7.01 -4.79
CA LEU A 81 17.73 7.50 -5.78
C LEU A 81 16.31 7.04 -5.45
N PHE A 82 16.20 5.79 -5.00
CA PHE A 82 14.90 5.23 -4.64
C PHE A 82 14.09 6.21 -3.80
N LEU A 83 14.68 6.67 -2.70
CA LEU A 83 14.02 7.61 -1.80
C LEU A 83 13.46 8.80 -2.58
N GLN A 84 14.25 9.31 -3.52
CA GLN A 84 13.84 10.44 -4.34
C GLN A 84 12.51 10.16 -5.03
N TYR A 85 12.40 8.99 -5.65
CA TYR A 85 11.18 8.60 -6.34
C TYR A 85 9.95 8.84 -5.47
N ILE A 86 10.08 8.54 -4.19
CA ILE A 86 8.99 8.72 -3.25
C ILE A 86 8.61 10.20 -3.13
N GLN A 87 9.61 11.07 -3.14
CA GLN A 87 9.40 12.50 -3.03
C GLN A 87 8.94 13.09 -4.37
N LYS A 88 9.80 12.97 -5.38
CA LYS A 88 9.48 13.48 -6.71
C LYS A 88 8.15 12.92 -7.20
N ASN A 89 8.05 11.59 -7.27
CA ASN A 89 6.83 10.94 -7.72
C ASN A 89 6.14 10.22 -6.57
N THR A 90 4.94 9.70 -6.84
CA THR A 90 4.17 8.99 -5.83
C THR A 90 3.49 7.77 -6.42
N ILE A 91 3.03 6.88 -5.55
CA ILE A 91 2.35 5.65 -5.99
C ILE A 91 0.86 5.90 -6.18
N THR A 92 0.29 5.32 -7.24
CA THR A 92 -1.12 5.48 -7.53
C THR A 92 -1.88 4.17 -7.30
N LEU A 93 -2.92 4.23 -6.48
CA LEU A 93 -3.72 3.05 -6.17
C LEU A 93 -5.21 3.37 -6.25
N GLU A 94 -5.85 2.97 -7.35
CA GLU A 94 -7.27 3.22 -7.53
C GLU A 94 -8.08 1.97 -7.19
N VAL A 95 -9.09 2.16 -6.34
CA VAL A 95 -9.96 1.05 -5.93
C VAL A 95 -11.26 1.05 -6.72
N HIS A 96 -11.33 0.20 -7.74
CA HIS A 96 -12.52 0.11 -8.56
C HIS A 96 -13.45 -0.99 -8.06
N GLN A 97 -14.71 -0.95 -8.48
CA GLN A 97 -15.69 -1.94 -8.07
C GLN A 97 -16.10 -2.83 -9.24
N ALA A 98 -16.65 -4.00 -8.93
CA ALA A 98 -17.08 -4.94 -9.95
C ALA A 98 -18.60 -4.99 -10.04
N TYR A 99 -19.16 -4.34 -11.06
CA TYR A 99 -20.60 -4.30 -11.26
C TYR A 99 -20.96 -4.69 -12.69
N SER A 100 -21.92 -5.61 -12.82
CA SER A 100 -22.35 -6.08 -14.13
C SER A 100 -21.15 -6.37 -15.03
N THR A 101 -20.24 -7.19 -14.54
CA THR A 101 -19.05 -7.56 -15.29
C THR A 101 -18.40 -6.33 -15.93
N GLU A 102 -18.62 -5.17 -15.31
CA GLU A 102 -18.06 -3.92 -15.80
C GLU A 102 -17.03 -3.35 -14.83
N TYR A 103 -16.02 -2.68 -15.37
CA TYR A 103 -14.97 -2.10 -14.54
C TYR A 103 -14.76 -0.63 -14.90
N GLU A 104 -15.02 0.25 -13.93
CA GLU A 104 -14.86 1.68 -14.14
C GLU A 104 -14.42 2.37 -12.85
N THR A 105 -13.14 2.75 -12.79
CA THR A 105 -12.60 3.41 -11.62
C THR A 105 -13.64 4.31 -10.96
N ILE A 106 -13.71 4.24 -9.63
CA ILE A 106 -14.67 5.05 -8.88
C ILE A 106 -13.97 5.81 -7.75
N ALA A 107 -12.89 5.24 -7.24
CA ALA A 107 -12.13 5.85 -6.16
C ALA A 107 -10.64 5.89 -6.48
N ALA A 108 -10.02 7.05 -6.29
CA ALA A 108 -8.60 7.21 -6.56
C ALA A 108 -7.91 7.99 -5.43
N CYS A 109 -6.67 7.61 -5.14
CA CYS A 109 -5.91 8.27 -4.09
C CYS A 109 -4.41 8.20 -4.37
N GLN A 110 -3.65 9.06 -3.73
CA GLN A 110 -2.20 9.10 -3.92
C GLN A 110 -1.48 8.58 -2.68
N LEU A 111 -0.67 7.55 -2.86
CA LEU A 111 0.09 6.95 -1.76
C LEU A 111 1.48 7.57 -1.66
N LYS A 112 1.79 8.12 -0.50
CA LYS A 112 3.10 8.74 -0.27
C LYS A 112 3.51 8.62 1.20
N PHE A 113 4.75 8.20 1.43
CA PHE A 113 5.26 8.05 2.78
C PHE A 113 6.31 9.12 3.10
N HIS A 114 6.10 9.85 4.18
CA HIS A 114 7.02 10.92 4.58
C HIS A 114 8.11 10.36 5.49
N GLU A 115 7.72 9.94 6.69
CA GLU A 115 8.67 9.40 7.65
C GLU A 115 9.60 8.39 6.99
N ILE A 116 9.09 7.70 5.97
CA ILE A 116 9.87 6.71 5.26
C ILE A 116 11.25 7.25 4.88
N LEU A 117 11.28 8.52 4.48
CA LEU A 117 12.54 9.17 4.11
C LEU A 117 13.52 9.19 5.27
N GLU A 118 13.01 9.51 6.46
CA GLU A 118 13.85 9.56 7.65
C GLU A 118 13.89 8.20 8.35
N LYS A 119 12.73 7.77 8.84
CA LYS A 119 12.63 6.49 9.54
C LYS A 119 12.47 5.35 8.54
N SER A 120 12.48 4.11 9.05
CA SER A 120 12.33 2.94 8.20
C SER A 120 12.11 1.68 9.04
N GLY A 121 10.87 1.20 9.06
CA GLY A 121 10.55 0.02 9.84
C GLY A 121 9.07 -0.11 10.13
N ARG A 122 8.31 -0.59 9.15
CA ARG A 122 6.88 -0.76 9.31
C ARG A 122 6.25 0.48 9.97
N ILE A 123 6.49 1.64 9.37
CA ILE A 123 5.97 2.90 9.89
C ILE A 123 4.46 2.99 9.66
N PHE A 124 3.69 2.38 10.55
CA PHE A 124 2.23 2.40 10.44
C PHE A 124 1.75 3.75 9.93
N CYS A 125 0.87 3.71 8.94
CA CYS A 125 0.32 4.94 8.36
C CYS A 125 -1.04 4.67 7.72
N THR A 126 -1.65 5.73 7.19
CA THR A 126 -2.95 5.61 6.55
C THR A 126 -3.12 6.66 5.44
N ALA A 127 -4.10 6.44 4.58
CA ALA A 127 -4.38 7.36 3.48
C ALA A 127 -5.87 7.63 3.34
N SER A 128 -6.20 8.72 2.67
CA SER A 128 -7.60 9.11 2.47
C SER A 128 -8.09 8.70 1.08
N LEU A 129 -9.31 8.19 1.01
CA LEU A 129 -9.88 7.77 -0.27
C LEU A 129 -11.03 8.70 -0.67
N ILE A 130 -11.09 9.02 -1.96
CA ILE A 130 -12.13 9.90 -2.48
C ILE A 130 -12.83 9.26 -3.67
N GLY A 131 -14.14 9.51 -3.79
CA GLY A 131 -14.91 8.94 -4.89
C GLY A 131 -14.94 9.87 -6.09
N THR A 132 -15.26 9.31 -7.25
CA THR A 132 -15.33 10.09 -8.48
C THR A 132 -16.78 10.32 -8.91
N LYS A 133 -17.60 9.28 -8.79
CA LYS A 133 -19.00 9.36 -9.16
C LYS A 133 -19.70 10.49 -8.41
N GLY A 134 -19.47 10.56 -7.11
CA GLY A 134 -20.08 11.61 -6.30
C GLY A 134 -19.05 12.42 -5.54
N ASP A 135 -17.87 12.55 -6.11
CA ASP A 135 -16.79 13.32 -5.47
C ASP A 135 -16.85 13.17 -3.96
N ILE A 136 -17.10 11.95 -3.50
CA ILE A 136 -17.18 11.67 -2.07
C ILE A 136 -15.82 11.82 -1.40
N PRO A 137 -15.69 12.85 -0.55
CA PRO A 137 -14.44 13.12 0.17
C PRO A 137 -14.14 12.08 1.24
N ASN A 138 -15.13 11.81 2.09
CA ASN A 138 -14.97 10.83 3.15
C ASN A 138 -15.30 9.43 2.65
N PHE A 139 -14.69 9.05 1.53
CA PHE A 139 -14.92 7.73 0.95
C PHE A 139 -14.53 6.63 1.93
N GLY A 140 -13.40 6.81 2.61
CA GLY A 140 -12.94 5.83 3.57
C GLY A 140 -11.45 5.90 3.80
N THR A 141 -10.95 5.07 4.72
CA THR A 141 -9.53 5.04 5.04
C THR A 141 -8.93 3.67 4.74
N VAL A 142 -7.67 3.66 4.30
CA VAL A 142 -6.99 2.42 3.99
C VAL A 142 -5.91 2.10 5.02
N GLU A 143 -5.79 0.82 5.37
CA GLU A 143 -4.80 0.39 6.36
C GLU A 143 -3.68 -0.39 5.69
N TYR A 144 -2.47 0.14 5.77
CA TYR A 144 -1.30 -0.51 5.18
C TYR A 144 -0.01 0.01 5.80
N TRP A 145 1.05 -0.77 5.67
CA TRP A 145 2.36 -0.39 6.21
C TRP A 145 3.45 -0.57 5.18
N PHE A 146 4.67 -0.15 5.53
CA PHE A 146 5.81 -0.28 4.63
C PHE A 146 7.11 -0.40 5.41
N ARG A 147 8.09 -1.08 4.83
CA ARG A 147 9.38 -1.27 5.47
C ARG A 147 10.50 -1.30 4.43
N LEU A 148 11.62 -0.65 4.76
CA LEU A 148 12.76 -0.60 3.86
C LEU A 148 14.07 -0.75 4.63
N ARG A 149 14.68 -1.93 4.54
CA ARG A 149 15.94 -2.19 5.22
C ARG A 149 16.79 -3.19 4.44
N VAL A 150 18.06 -3.31 4.82
CA VAL A 150 18.98 -4.22 4.14
C VAL A 150 18.64 -5.67 4.47
N SER A 151 18.21 -6.42 3.45
CA SER A 151 17.85 -7.82 3.63
C SER A 151 18.90 -8.54 4.48
N GLY A 152 18.45 -9.17 5.55
CA GLY A 152 19.36 -9.89 6.43
C GLY A 152 19.53 -11.34 6.00
N PRO A 153 20.77 -11.85 6.12
CA PRO A 153 21.09 -13.23 5.76
C PRO A 153 20.49 -14.24 6.73
N SER A 154 19.72 -13.74 7.69
CA SER A 154 19.08 -14.60 8.68
C SER A 154 17.79 -15.20 8.13
N SER A 155 17.89 -16.43 7.61
CA SER A 155 16.73 -17.11 7.04
C SER A 155 15.74 -17.50 8.13
N GLY A 156 16.22 -18.24 9.12
CA GLY A 156 15.37 -18.66 10.22
C GLY A 156 16.14 -19.37 11.32
N GLY A 1 21.84 -1.55 -16.42
CA GLY A 1 22.75 -0.44 -16.17
C GLY A 1 22.50 0.21 -14.82
N SER A 2 23.57 0.39 -14.05
CA SER A 2 23.47 1.00 -12.73
C SER A 2 24.53 2.08 -12.55
N SER A 3 24.35 2.90 -11.52
CA SER A 3 25.30 3.97 -11.24
C SER A 3 25.39 4.24 -9.74
N GLY A 4 26.59 4.57 -9.27
CA GLY A 4 26.79 4.84 -7.85
C GLY A 4 27.63 6.08 -7.62
N SER A 5 26.98 7.17 -7.26
CA SER A 5 27.68 8.43 -7.01
C SER A 5 26.75 9.45 -6.36
N SER A 6 27.21 10.04 -5.26
CA SER A 6 26.42 11.02 -4.53
C SER A 6 27.22 11.65 -3.41
N GLY A 7 26.86 12.88 -3.03
CA GLY A 7 27.57 13.56 -1.97
C GLY A 7 27.81 12.68 -0.76
N ASP A 8 26.82 11.86 -0.41
CA ASP A 8 26.93 10.96 0.73
C ASP A 8 26.08 9.72 0.52
N GLU A 9 26.10 8.82 1.50
CA GLU A 9 25.33 7.58 1.43
C GLU A 9 25.03 7.04 2.82
N THR A 10 23.76 7.03 3.19
CA THR A 10 23.34 6.54 4.49
C THR A 10 24.22 5.38 4.95
N ILE A 11 24.89 5.56 6.09
CA ILE A 11 25.76 4.53 6.63
C ILE A 11 25.18 3.94 7.91
N HIS A 12 23.88 3.63 7.88
CA HIS A 12 23.21 3.05 9.03
C HIS A 12 22.38 1.85 8.63
N LEU A 13 22.98 0.94 7.88
CA LEU A 13 22.29 -0.26 7.42
C LEU A 13 23.26 -1.43 7.28
N GLU A 14 22.74 -2.58 6.90
CA GLU A 14 23.55 -3.78 6.73
C GLU A 14 24.15 -3.84 5.32
N ARG A 15 25.18 -4.66 5.16
CA ARG A 15 25.84 -4.80 3.87
C ARG A 15 25.14 -5.86 3.02
N GLY A 16 24.17 -5.43 2.23
CA GLY A 16 23.44 -6.35 1.38
C GLY A 16 22.38 -5.67 0.54
N GLU A 17 21.84 -6.38 -0.44
CA GLU A 17 20.81 -5.83 -1.31
C GLU A 17 19.68 -5.22 -0.49
N ASN A 18 18.74 -4.57 -1.18
CA ASN A 18 17.60 -3.95 -0.53
C ASN A 18 16.29 -4.64 -0.90
N LEU A 19 15.36 -4.69 0.04
CA LEU A 19 14.07 -5.32 -0.19
C LEU A 19 12.93 -4.47 0.36
N PHE A 20 11.81 -4.45 -0.35
CA PHE A 20 10.65 -3.68 0.07
C PHE A 20 9.36 -4.47 -0.16
N GLU A 21 8.40 -4.29 0.75
CA GLU A 21 7.12 -4.98 0.66
C GLU A 21 6.04 -4.22 1.41
N ILE A 22 4.83 -4.23 0.86
CA ILE A 22 3.71 -3.54 1.48
C ILE A 22 2.57 -4.51 1.78
N HIS A 23 2.16 -4.57 3.04
CA HIS A 23 1.08 -5.46 3.45
C HIS A 23 -0.22 -4.69 3.59
N ILE A 24 -1.32 -5.31 3.18
CA ILE A 24 -2.63 -4.69 3.25
C ILE A 24 -3.58 -5.49 4.13
N ASN A 25 -3.69 -5.06 5.39
CA ASN A 25 -4.57 -5.74 6.35
C ASN A 25 -6.02 -5.73 5.87
N LYS A 26 -6.61 -4.55 5.84
CA LYS A 26 -7.99 -4.41 5.39
C LYS A 26 -8.29 -2.96 4.97
N VAL A 27 -9.50 -2.73 4.49
CA VAL A 27 -9.91 -1.39 4.06
C VAL A 27 -11.24 -0.99 4.70
N THR A 28 -11.23 0.14 5.40
CA THR A 28 -12.43 0.64 6.06
C THR A 28 -13.17 1.64 5.17
N PHE A 29 -14.49 1.65 5.27
CA PHE A 29 -15.32 2.55 4.48
C PHE A 29 -16.20 3.40 5.39
N SER A 30 -16.72 4.50 4.83
CA SER A 30 -17.57 5.41 5.59
C SER A 30 -19.04 5.17 5.25
N SER A 31 -19.92 5.49 6.20
CA SER A 31 -21.36 5.30 6.01
C SER A 31 -21.80 5.90 4.68
N GLU A 32 -21.01 6.82 4.15
CA GLU A 32 -21.32 7.48 2.88
C GLU A 32 -21.46 6.45 1.77
N VAL A 33 -20.46 5.59 1.62
CA VAL A 33 -20.47 4.55 0.60
C VAL A 33 -21.37 3.40 0.99
N LEU A 34 -21.63 3.28 2.29
CA LEU A 34 -22.48 2.20 2.80
C LEU A 34 -23.92 2.38 2.33
N GLN A 35 -24.53 3.49 2.74
CA GLN A 35 -25.91 3.79 2.37
C GLN A 35 -26.07 3.81 0.85
N ALA A 36 -25.23 4.59 0.18
CA ALA A 36 -25.28 4.71 -1.27
C ALA A 36 -25.41 3.34 -1.92
N SER A 37 -24.60 2.38 -1.48
CA SER A 37 -24.64 1.03 -2.02
C SER A 37 -25.98 0.37 -1.75
N GLY A 38 -26.46 0.49 -0.52
CA GLY A 38 -27.74 -0.10 -0.16
C GLY A 38 -27.58 -1.38 0.63
N ASP A 39 -28.60 -2.23 0.59
CA ASP A 39 -28.57 -3.50 1.32
C ASP A 39 -27.84 -4.57 0.51
N LYS A 40 -26.68 -4.20 -0.04
CA LYS A 40 -25.89 -5.13 -0.82
C LYS A 40 -24.42 -5.08 -0.40
N GLU A 41 -23.63 -6.03 -0.88
CA GLU A 41 -22.22 -6.10 -0.55
C GLU A 41 -21.36 -5.90 -1.79
N PRO A 42 -20.97 -4.63 -2.02
CA PRO A 42 -20.14 -4.27 -3.18
C PRO A 42 -18.71 -4.78 -3.05
N VAL A 43 -18.36 -5.76 -3.90
CA VAL A 43 -17.02 -6.34 -3.88
C VAL A 43 -16.02 -5.44 -4.61
N THR A 44 -14.86 -5.25 -4.00
CA THR A 44 -13.82 -4.41 -4.59
C THR A 44 -12.44 -4.84 -4.11
N PHE A 45 -11.41 -4.44 -4.85
CA PHE A 45 -10.04 -4.77 -4.50
C PHE A 45 -9.07 -3.65 -4.89
N CYS A 46 -7.89 -3.66 -4.29
CA CYS A 46 -6.89 -2.63 -4.58
C CYS A 46 -5.92 -3.12 -5.66
N THR A 47 -5.28 -2.17 -6.33
CA THR A 47 -4.33 -2.49 -7.39
C THR A 47 -3.30 -1.38 -7.57
N TYR A 48 -2.04 -1.77 -7.75
CA TYR A 48 -0.97 -0.81 -7.93
C TYR A 48 0.35 -1.51 -8.25
N ALA A 49 1.28 -0.77 -8.85
CA ALA A 49 2.58 -1.32 -9.20
C ALA A 49 3.70 -0.71 -8.36
N PHE A 50 4.84 -1.38 -8.32
CA PHE A 50 5.98 -0.90 -7.55
C PHE A 50 7.07 -0.36 -8.46
N TYR A 51 7.88 0.56 -7.93
CA TYR A 51 8.96 1.16 -8.70
C TYR A 51 9.56 0.15 -9.68
N ASP A 52 9.15 0.24 -10.94
CA ASP A 52 9.65 -0.67 -11.97
C ASP A 52 9.25 -2.11 -11.66
N PHE A 53 7.95 -2.34 -11.48
CA PHE A 53 7.45 -3.66 -11.18
C PHE A 53 6.05 -3.86 -11.77
N GLU A 54 5.78 -5.07 -12.25
CA GLU A 54 4.48 -5.38 -12.85
C GLU A 54 3.34 -4.92 -11.93
N LEU A 55 2.13 -4.94 -12.46
CA LEU A 55 0.95 -4.52 -11.70
C LEU A 55 0.49 -5.63 -10.76
N GLN A 56 0.61 -5.39 -9.46
CA GLN A 56 0.20 -6.36 -8.47
C GLN A 56 -1.32 -6.36 -8.28
N THR A 57 -1.90 -7.53 -8.16
CA THR A 57 -3.35 -7.65 -7.98
C THR A 57 -3.67 -8.33 -6.65
N THR A 58 -4.55 -7.71 -5.86
CA THR A 58 -4.94 -8.26 -4.57
C THR A 58 -6.12 -9.20 -4.71
N PRO A 59 -6.27 -10.12 -3.76
CA PRO A 59 -7.36 -11.10 -3.75
C PRO A 59 -8.72 -10.45 -3.48
N VAL A 60 -9.67 -10.65 -4.39
CA VAL A 60 -11.00 -10.09 -4.24
C VAL A 60 -11.75 -10.76 -3.10
N VAL A 61 -12.40 -9.95 -2.26
CA VAL A 61 -13.16 -10.47 -1.13
C VAL A 61 -14.51 -9.76 -1.01
N ARG A 62 -15.54 -10.51 -0.63
CA ARG A 62 -16.87 -9.95 -0.47
C ARG A 62 -17.04 -9.35 0.92
N GLY A 63 -17.75 -8.22 0.99
CA GLY A 63 -17.97 -7.55 2.25
C GLY A 63 -17.47 -6.12 2.25
N LEU A 64 -18.01 -5.31 3.15
CA LEU A 64 -17.62 -3.91 3.25
C LEU A 64 -16.20 -3.78 3.81
N HIS A 65 -15.93 -4.49 4.89
CA HIS A 65 -14.61 -4.46 5.51
C HIS A 65 -13.93 -5.83 5.44
N PRO A 66 -13.58 -6.25 4.21
CA PRO A 66 -12.93 -7.53 3.98
C PRO A 66 -11.49 -7.57 4.51
N GLU A 67 -10.95 -8.77 4.68
CA GLU A 67 -9.59 -8.93 5.18
C GLU A 67 -8.73 -9.68 4.17
N TYR A 68 -7.85 -8.94 3.50
CA TYR A 68 -6.97 -9.52 2.49
C TYR A 68 -5.70 -10.08 3.15
N ASN A 69 -4.96 -9.21 3.83
CA ASN A 69 -3.73 -9.60 4.50
C ASN A 69 -2.69 -10.08 3.49
N PHE A 70 -2.75 -9.53 2.29
CA PHE A 70 -1.82 -9.89 1.22
C PHE A 70 -0.73 -8.84 1.07
N THR A 71 0.50 -9.30 0.86
CA THR A 71 1.63 -8.39 0.69
C THR A 71 2.51 -8.82 -0.47
N SER A 72 3.11 -7.83 -1.14
CA SER A 72 3.97 -8.10 -2.28
C SER A 72 5.45 -7.93 -1.91
N GLN A 73 6.28 -8.85 -2.36
CA GLN A 73 7.70 -8.80 -2.07
C GLN A 73 8.53 -8.87 -3.36
N TYR A 74 9.50 -7.98 -3.49
CA TYR A 74 10.35 -7.94 -4.67
C TYR A 74 11.75 -7.45 -4.32
N LEU A 75 12.76 -8.16 -4.80
CA LEU A 75 14.16 -7.79 -4.54
C LEU A 75 14.55 -6.54 -5.32
N VAL A 76 14.59 -5.41 -4.64
CA VAL A 76 14.96 -4.14 -5.27
C VAL A 76 16.44 -3.84 -5.07
N HIS A 77 17.07 -3.31 -6.10
CA HIS A 77 18.48 -2.97 -6.04
C HIS A 77 18.71 -1.51 -6.44
N VAL A 78 18.90 -0.65 -5.44
CA VAL A 78 19.13 0.77 -5.67
C VAL A 78 19.74 1.44 -4.45
N ASN A 79 20.11 2.70 -4.60
CA ASN A 79 20.72 3.46 -3.51
C ASN A 79 20.04 4.82 -3.36
N ASP A 80 20.29 5.71 -4.32
CA ASP A 80 19.71 7.04 -4.30
C ASP A 80 18.37 7.07 -5.02
N LEU A 81 18.36 6.58 -6.26
CA LEU A 81 17.13 6.55 -7.05
C LEU A 81 15.95 6.07 -6.22
N PHE A 82 16.25 5.30 -5.17
CA PHE A 82 15.20 4.78 -4.30
C PHE A 82 14.44 5.93 -3.63
N LEU A 83 15.15 6.74 -2.87
CA LEU A 83 14.53 7.87 -2.18
C LEU A 83 13.99 8.89 -3.17
N GLN A 84 14.84 9.29 -4.12
CA GLN A 84 14.43 10.27 -5.12
C GLN A 84 13.11 9.87 -5.76
N TYR A 85 12.82 8.57 -5.78
CA TYR A 85 11.60 8.06 -6.37
C TYR A 85 10.40 8.38 -5.47
N ILE A 86 10.54 8.10 -4.18
CA ILE A 86 9.48 8.36 -3.22
C ILE A 86 9.27 9.85 -3.01
N GLN A 87 10.30 10.64 -3.32
CA GLN A 87 10.23 12.08 -3.16
C GLN A 87 9.66 12.74 -4.41
N LYS A 88 10.28 12.47 -5.55
CA LYS A 88 9.84 13.05 -6.82
C LYS A 88 8.40 12.62 -7.13
N ASN A 89 8.23 11.33 -7.44
CA ASN A 89 6.91 10.79 -7.75
C ASN A 89 6.34 10.01 -6.57
N THR A 90 5.12 9.51 -6.73
CA THR A 90 4.48 8.73 -5.68
C THR A 90 3.79 7.49 -6.25
N ILE A 91 3.15 6.73 -5.39
CA ILE A 91 2.45 5.51 -5.81
C ILE A 91 0.99 5.80 -6.11
N THR A 92 0.44 5.09 -7.10
CA THR A 92 -0.95 5.25 -7.48
C THR A 92 -1.74 3.97 -7.27
N LEU A 93 -2.55 3.95 -6.21
CA LEU A 93 -3.37 2.77 -5.90
C LEU A 93 -4.85 3.08 -6.10
N GLU A 94 -5.40 2.60 -7.22
CA GLU A 94 -6.81 2.82 -7.52
C GLU A 94 -7.62 1.57 -7.22
N VAL A 95 -8.76 1.75 -6.57
CA VAL A 95 -9.64 0.65 -6.22
C VAL A 95 -10.85 0.59 -7.14
N HIS A 96 -10.80 -0.29 -8.13
CA HIS A 96 -11.89 -0.44 -9.08
C HIS A 96 -12.82 -1.59 -8.67
N GLN A 97 -14.07 -1.51 -9.10
CA GLN A 97 -15.06 -2.53 -8.77
C GLN A 97 -15.02 -3.67 -9.78
N ALA A 98 -15.53 -4.83 -9.37
CA ALA A 98 -15.55 -5.99 -10.25
C ALA A 98 -16.98 -6.52 -10.44
N TYR A 99 -17.56 -6.21 -11.60
CA TYR A 99 -18.91 -6.64 -11.91
C TYR A 99 -18.92 -8.04 -12.51
N SER A 100 -20.01 -8.77 -12.28
CA SER A 100 -20.15 -10.13 -12.80
C SER A 100 -19.45 -10.26 -14.15
N THR A 101 -19.95 -9.53 -15.14
CA THR A 101 -19.37 -9.56 -16.48
C THR A 101 -18.87 -8.18 -16.91
N GLU A 102 -18.60 -7.33 -15.93
CA GLU A 102 -18.12 -5.99 -16.20
C GLU A 102 -17.06 -5.57 -15.19
N TYR A 103 -16.30 -4.53 -15.53
CA TYR A 103 -15.25 -4.03 -14.64
C TYR A 103 -14.99 -2.55 -14.90
N GLU A 104 -15.17 -1.73 -13.86
CA GLU A 104 -14.94 -0.30 -13.97
C GLU A 104 -14.39 0.26 -12.66
N THR A 105 -13.66 1.37 -12.76
CA THR A 105 -13.07 2.02 -11.59
C THR A 105 -14.10 2.89 -10.88
N ILE A 106 -13.93 3.03 -9.56
CA ILE A 106 -14.84 3.84 -8.76
C ILE A 106 -14.08 4.83 -7.89
N ALA A 107 -12.87 4.43 -7.47
CA ALA A 107 -12.04 5.28 -6.64
C ALA A 107 -10.59 5.29 -7.13
N ALA A 108 -9.83 6.30 -6.72
CA ALA A 108 -8.43 6.41 -7.11
C ALA A 108 -7.65 7.28 -6.13
N CYS A 109 -6.59 6.71 -5.57
CA CYS A 109 -5.76 7.43 -4.61
C CYS A 109 -4.28 7.11 -4.82
N GLN A 110 -3.42 8.00 -4.34
CA GLN A 110 -1.98 7.80 -4.47
C GLN A 110 -1.33 7.57 -3.12
N LEU A 111 -0.53 6.51 -3.02
CA LEU A 111 0.16 6.18 -1.78
C LEU A 111 1.56 6.77 -1.74
N LYS A 112 1.93 7.35 -0.61
CA LYS A 112 3.25 7.95 -0.45
C LYS A 112 3.67 7.95 1.01
N PHE A 113 4.84 7.38 1.28
CA PHE A 113 5.36 7.31 2.64
C PHE A 113 6.29 8.49 2.93
N HIS A 114 6.00 9.22 3.99
CA HIS A 114 6.80 10.37 4.39
C HIS A 114 7.93 9.95 5.32
N GLU A 115 7.57 9.50 6.51
CA GLU A 115 8.56 9.07 7.49
C GLU A 115 9.59 8.14 6.86
N ILE A 116 9.15 7.37 5.86
CA ILE A 116 10.03 6.44 5.18
C ILE A 116 11.34 7.11 4.79
N LEU A 117 11.29 8.41 4.54
CA LEU A 117 12.47 9.17 4.16
C LEU A 117 13.41 9.36 5.35
N GLU A 118 12.83 9.71 6.50
CA GLU A 118 13.62 9.92 7.71
C GLU A 118 13.88 8.61 8.42
N LYS A 119 12.82 7.97 8.89
CA LYS A 119 12.92 6.70 9.60
C LYS A 119 13.01 5.53 8.61
N SER A 120 13.26 4.34 9.13
CA SER A 120 13.37 3.15 8.30
C SER A 120 12.86 1.92 9.06
N GLY A 121 11.93 1.19 8.44
CA GLY A 121 11.39 0.00 9.07
C GLY A 121 9.88 0.05 9.20
N ARG A 122 9.37 -0.57 10.25
CA ARG A 122 7.92 -0.60 10.49
C ARG A 122 7.39 0.80 10.79
N ILE A 123 6.74 1.40 9.80
CA ILE A 123 6.18 2.74 9.97
C ILE A 123 4.69 2.76 9.65
N PHE A 124 3.88 2.95 10.67
CA PHE A 124 2.43 2.99 10.51
C PHE A 124 2.01 4.21 9.70
N CYS A 125 1.09 4.01 8.76
CA CYS A 125 0.61 5.09 7.91
C CYS A 125 -0.70 4.71 7.24
N THR A 126 -1.39 5.71 6.68
CA THR A 126 -2.67 5.47 6.01
C THR A 126 -2.87 6.45 4.86
N ALA A 127 -3.81 6.14 3.99
CA ALA A 127 -4.11 7.00 2.84
C ALA A 127 -5.61 7.22 2.69
N SER A 128 -5.98 8.41 2.24
CA SER A 128 -7.39 8.75 2.06
C SER A 128 -7.86 8.37 0.66
N LEU A 129 -9.12 7.97 0.56
CA LEU A 129 -9.70 7.57 -0.72
C LEU A 129 -10.76 8.57 -1.17
N ILE A 130 -10.82 8.81 -2.47
CA ILE A 130 -11.80 9.75 -3.03
C ILE A 130 -12.51 9.14 -4.24
N GLY A 131 -13.82 9.32 -4.31
CA GLY A 131 -14.59 8.80 -5.41
C GLY A 131 -14.27 9.49 -6.72
N THR A 132 -14.47 8.78 -7.83
CA THR A 132 -14.19 9.33 -9.15
C THR A 132 -15.41 10.09 -9.69
N LYS A 133 -16.59 9.61 -9.35
CA LYS A 133 -17.83 10.24 -9.80
C LYS A 133 -18.65 10.75 -8.63
N GLY A 134 -18.85 9.88 -7.64
CA GLY A 134 -19.61 10.25 -6.46
C GLY A 134 -19.00 11.44 -5.73
N ASP A 135 -17.77 11.77 -6.09
CA ASP A 135 -17.08 12.90 -5.46
C ASP A 135 -17.16 12.81 -3.94
N ILE A 136 -16.81 11.64 -3.40
CA ILE A 136 -16.83 11.41 -1.96
C ILE A 136 -15.43 11.39 -1.38
N PRO A 137 -15.06 12.46 -0.67
CA PRO A 137 -13.74 12.58 -0.04
C PRO A 137 -13.57 11.61 1.13
N ASN A 138 -14.68 11.32 1.81
CA ASN A 138 -14.64 10.40 2.96
C ASN A 138 -15.04 8.99 2.54
N PHE A 139 -14.70 8.62 1.31
CA PHE A 139 -15.03 7.30 0.79
C PHE A 139 -14.57 6.21 1.75
N GLY A 140 -13.42 6.43 2.37
CA GLY A 140 -12.88 5.45 3.30
C GLY A 140 -11.38 5.58 3.48
N THR A 141 -10.84 4.85 4.44
CA THR A 141 -9.40 4.89 4.72
C THR A 141 -8.76 3.53 4.50
N VAL A 142 -7.51 3.54 4.06
CA VAL A 142 -6.78 2.30 3.82
C VAL A 142 -5.67 2.10 4.84
N GLU A 143 -5.59 0.89 5.38
CA GLU A 143 -4.57 0.57 6.38
C GLU A 143 -3.47 -0.29 5.77
N TYR A 144 -2.22 0.06 6.06
CA TYR A 144 -1.08 -0.69 5.53
C TYR A 144 0.19 -0.33 6.29
N TRP A 145 1.22 -1.15 6.12
CA TRP A 145 2.50 -0.92 6.79
C TRP A 145 3.67 -1.33 5.89
N PHE A 146 4.63 -0.44 5.73
CA PHE A 146 5.80 -0.70 4.90
C PHE A 146 7.04 -0.90 5.76
N ARG A 147 8.07 -1.51 5.16
CA ARG A 147 9.32 -1.76 5.88
C ARG A 147 10.48 -1.93 4.89
N LEU A 148 11.57 -1.21 5.15
CA LEU A 148 12.74 -1.28 4.29
C LEU A 148 13.93 -1.88 5.04
N ARG A 149 14.25 -3.13 4.74
CA ARG A 149 15.37 -3.82 5.38
C ARG A 149 16.18 -4.61 4.36
N VAL A 150 17.44 -4.87 4.70
CA VAL A 150 18.32 -5.62 3.82
C VAL A 150 17.73 -6.97 3.45
N SER A 151 18.22 -7.56 2.36
CA SER A 151 17.73 -8.85 1.90
C SER A 151 18.66 -9.45 0.87
N GLY A 152 19.23 -10.61 1.17
CA GLY A 152 20.14 -11.27 0.27
C GLY A 152 21.01 -12.30 0.94
N PRO A 153 20.57 -13.57 0.90
CA PRO A 153 21.30 -14.68 1.52
C PRO A 153 22.60 -15.00 0.79
N SER A 154 22.74 -14.47 -0.42
CA SER A 154 23.93 -14.71 -1.23
C SER A 154 23.99 -13.73 -2.40
N SER A 155 25.20 -13.25 -2.69
CA SER A 155 25.40 -12.31 -3.79
C SER A 155 26.22 -12.93 -4.91
N GLY A 156 25.76 -12.74 -6.14
CA GLY A 156 26.47 -13.29 -7.28
C GLY A 156 25.58 -13.42 -8.51
N GLY A 1 31.04 -28.93 24.36
CA GLY A 1 30.99 -27.57 24.85
C GLY A 1 31.52 -26.57 23.85
N SER A 2 31.79 -25.35 24.31
CA SER A 2 32.30 -24.30 23.44
C SER A 2 32.98 -23.20 24.25
N SER A 3 34.23 -22.90 23.92
CA SER A 3 34.99 -21.87 24.62
C SER A 3 36.06 -21.28 23.71
N GLY A 4 36.33 -19.99 23.90
CA GLY A 4 37.33 -19.32 23.10
C GLY A 4 37.33 -17.82 23.29
N SER A 5 38.26 -17.13 22.64
CA SER A 5 38.37 -15.68 22.74
C SER A 5 39.15 -15.10 21.57
N SER A 6 38.56 -14.12 20.90
CA SER A 6 39.19 -13.48 19.76
C SER A 6 38.95 -11.97 19.77
N GLY A 7 39.92 -11.22 19.26
CA GLY A 7 39.79 -9.78 19.23
C GLY A 7 38.44 -9.32 18.71
N ASP A 8 38.34 -9.12 17.40
CA ASP A 8 37.10 -8.70 16.79
C ASP A 8 36.65 -9.68 15.72
N GLU A 9 35.44 -10.20 15.86
CA GLU A 9 34.88 -11.16 14.92
C GLU A 9 33.39 -10.94 14.73
N THR A 10 32.96 -10.83 13.48
CA THR A 10 31.56 -10.63 13.17
C THR A 10 31.21 -11.19 11.78
N ILE A 11 29.94 -11.55 11.61
CA ILE A 11 29.48 -12.11 10.33
C ILE A 11 29.58 -11.07 9.22
N HIS A 12 30.42 -11.35 8.23
CA HIS A 12 30.61 -10.44 7.10
C HIS A 12 29.29 -9.74 6.75
N LEU A 13 29.26 -8.43 6.94
CA LEU A 13 28.08 -7.63 6.64
C LEU A 13 27.89 -7.48 5.14
N GLU A 14 26.74 -6.94 4.74
CA GLU A 14 26.44 -6.73 3.33
C GLU A 14 27.14 -5.47 2.81
N ARG A 15 27.00 -5.23 1.50
CA ARG A 15 27.62 -4.07 0.89
C ARG A 15 26.61 -2.94 0.72
N GLY A 16 25.49 -3.24 0.07
CA GLY A 16 24.46 -2.24 -0.14
C GLY A 16 23.16 -2.84 -0.63
N GLU A 17 22.50 -3.61 0.22
CA GLU A 17 21.24 -4.25 -0.15
C GLU A 17 20.06 -3.56 0.53
N ASN A 18 18.85 -3.88 0.08
CA ASN A 18 17.65 -3.29 0.65
C ASN A 18 16.40 -4.03 0.17
N LEU A 19 15.42 -4.14 1.05
CA LEU A 19 14.17 -4.84 0.74
C LEU A 19 12.96 -3.94 0.97
N PHE A 20 11.97 -4.04 0.10
CA PHE A 20 10.76 -3.24 0.22
C PHE A 20 9.51 -4.12 0.26
N GLU A 21 8.86 -4.16 1.42
CA GLU A 21 7.66 -4.97 1.58
C GLU A 21 6.41 -4.10 1.62
N ILE A 22 5.32 -4.60 1.07
CA ILE A 22 4.07 -3.88 1.04
C ILE A 22 2.87 -4.81 1.20
N HIS A 23 2.26 -4.80 2.38
CA HIS A 23 1.11 -5.64 2.66
C HIS A 23 -0.11 -4.80 3.04
N ILE A 24 -1.27 -5.17 2.50
CA ILE A 24 -2.50 -4.45 2.80
C ILE A 24 -3.36 -5.22 3.79
N ASN A 25 -3.62 -4.59 4.94
CA ASN A 25 -4.44 -5.21 5.98
C ASN A 25 -5.91 -5.26 5.56
N LYS A 26 -6.53 -4.10 5.47
CA LYS A 26 -7.94 -4.01 5.08
C LYS A 26 -8.30 -2.58 4.68
N VAL A 27 -9.51 -2.41 4.17
CA VAL A 27 -9.99 -1.09 3.75
C VAL A 27 -11.24 -0.69 4.51
N THR A 28 -11.13 0.35 5.32
CA THR A 28 -12.27 0.83 6.10
C THR A 28 -13.10 1.83 5.31
N PHE A 29 -14.42 1.70 5.41
CA PHE A 29 -15.34 2.58 4.69
C PHE A 29 -16.00 3.56 5.65
N SER A 30 -16.59 4.61 5.10
CA SER A 30 -17.26 5.62 5.91
C SER A 30 -18.78 5.54 5.74
N SER A 31 -19.51 6.07 6.71
CA SER A 31 -20.96 6.04 6.69
C SER A 31 -21.47 6.21 5.26
N GLU A 32 -21.11 7.34 4.64
CA GLU A 32 -21.54 7.63 3.27
C GLU A 32 -21.43 6.38 2.40
N VAL A 33 -20.29 5.70 2.48
CA VAL A 33 -20.07 4.49 1.70
C VAL A 33 -20.90 3.33 2.23
N LEU A 34 -21.05 3.26 3.54
CA LEU A 34 -21.82 2.21 4.17
C LEU A 34 -23.30 2.33 3.83
N GLN A 35 -23.92 3.41 4.30
CA GLN A 35 -25.33 3.65 4.04
C GLN A 35 -25.64 3.55 2.54
N ALA A 36 -24.75 4.12 1.73
CA ALA A 36 -24.93 4.10 0.29
C ALA A 36 -25.37 2.72 -0.19
N SER A 37 -24.72 1.68 0.32
CA SER A 37 -25.04 0.31 -0.06
C SER A 37 -26.15 -0.25 0.83
N GLY A 38 -26.00 -0.09 2.13
CA GLY A 38 -27.01 -0.58 3.07
C GLY A 38 -26.61 -1.90 3.68
N ASP A 39 -27.54 -2.86 3.65
CA ASP A 39 -27.28 -4.19 4.20
C ASP A 39 -26.59 -5.08 3.18
N LYS A 40 -25.69 -4.49 2.40
CA LYS A 40 -24.94 -5.23 1.39
C LYS A 40 -23.44 -5.08 1.59
N GLU A 41 -22.67 -5.97 0.98
CA GLU A 41 -21.21 -5.93 1.10
C GLU A 41 -20.57 -5.58 -0.24
N PRO A 42 -19.90 -4.42 -0.28
CA PRO A 42 -19.23 -3.93 -1.48
C PRO A 42 -18.00 -4.78 -1.85
N VAL A 43 -17.96 -5.26 -3.08
CA VAL A 43 -16.85 -6.08 -3.56
C VAL A 43 -15.96 -5.30 -4.51
N THR A 44 -14.74 -5.01 -4.07
CA THR A 44 -13.79 -4.26 -4.90
C THR A 44 -12.36 -4.77 -4.69
N PHE A 45 -11.49 -4.47 -5.63
CA PHE A 45 -10.09 -4.89 -5.55
C PHE A 45 -9.16 -3.75 -5.90
N CYS A 46 -7.99 -3.73 -5.27
CA CYS A 46 -7.00 -2.69 -5.51
C CYS A 46 -5.85 -3.21 -6.35
N THR A 47 -5.04 -2.29 -6.89
CA THR A 47 -3.91 -2.67 -7.71
C THR A 47 -2.81 -1.60 -7.66
N TYR A 48 -1.56 -2.05 -7.71
CA TYR A 48 -0.43 -1.15 -7.67
C TYR A 48 0.89 -1.90 -7.86
N ALA A 49 1.80 -1.30 -8.63
CA ALA A 49 3.09 -1.92 -8.91
C ALA A 49 4.20 -1.20 -8.16
N PHE A 50 5.23 -1.96 -7.77
CA PHE A 50 6.36 -1.39 -7.05
C PHE A 50 7.62 -1.38 -7.91
N TYR A 51 8.44 -0.35 -7.77
CA TYR A 51 9.67 -0.23 -8.53
C TYR A 51 9.43 -0.57 -10.00
N ASP A 52 8.29 -0.13 -10.52
CA ASP A 52 7.94 -0.38 -11.91
C ASP A 52 8.01 -1.89 -12.22
N PHE A 53 7.38 -2.69 -11.36
CA PHE A 53 7.37 -4.14 -11.55
C PHE A 53 6.02 -4.60 -12.08
N GLU A 54 5.92 -5.90 -12.36
CA GLU A 54 4.68 -6.48 -12.88
C GLU A 54 3.52 -6.21 -11.93
N LEU A 55 2.52 -5.49 -12.41
CA LEU A 55 1.35 -5.16 -11.60
C LEU A 55 0.62 -6.43 -11.19
N GLN A 56 0.19 -6.48 -9.93
CA GLN A 56 -0.52 -7.63 -9.41
C GLN A 56 -1.93 -7.24 -8.96
N THR A 57 -2.93 -7.92 -9.53
CA THR A 57 -4.33 -7.65 -9.20
C THR A 57 -4.70 -8.27 -7.86
N THR A 58 -4.95 -7.42 -6.88
CA THR A 58 -5.33 -7.88 -5.55
C THR A 58 -6.48 -8.87 -5.62
N PRO A 59 -6.53 -9.79 -4.65
CA PRO A 59 -7.59 -10.82 -4.58
C PRO A 59 -8.94 -10.22 -4.22
N VAL A 60 -9.94 -10.47 -5.07
CA VAL A 60 -11.28 -9.96 -4.83
C VAL A 60 -11.94 -10.66 -3.65
N VAL A 61 -12.57 -9.86 -2.78
CA VAL A 61 -13.24 -10.41 -1.60
C VAL A 61 -14.52 -9.64 -1.30
N ARG A 62 -15.59 -10.38 -1.01
CA ARG A 62 -16.87 -9.77 -0.71
C ARG A 62 -17.01 -9.50 0.79
N GLY A 63 -17.20 -8.23 1.15
CA GLY A 63 -17.35 -7.87 2.54
C GLY A 63 -17.05 -6.40 2.79
N LEU A 64 -17.36 -5.93 4.00
CA LEU A 64 -17.14 -4.54 4.36
C LEU A 64 -15.68 -4.31 4.75
N HIS A 65 -15.23 -5.00 5.79
CA HIS A 65 -13.86 -4.87 6.27
C HIS A 65 -13.09 -6.18 6.07
N PRO A 66 -12.87 -6.56 4.79
CA PRO A 66 -12.16 -7.78 4.45
C PRO A 66 -10.68 -7.70 4.79
N GLU A 67 -9.99 -8.84 4.68
CA GLU A 67 -8.56 -8.90 4.99
C GLU A 67 -7.79 -9.49 3.81
N TYR A 68 -7.58 -8.68 2.78
CA TYR A 68 -6.85 -9.12 1.59
C TYR A 68 -5.71 -10.05 1.97
N ASN A 69 -4.96 -9.68 3.01
CA ASN A 69 -3.84 -10.48 3.46
C ASN A 69 -2.86 -10.76 2.33
N PHE A 70 -2.55 -9.72 1.57
CA PHE A 70 -1.63 -9.85 0.44
C PHE A 70 -0.26 -9.25 0.79
N THR A 71 0.71 -10.11 1.05
CA THR A 71 2.05 -9.67 1.39
C THR A 71 3.03 -9.96 0.25
N SER A 72 3.87 -8.97 -0.05
CA SER A 72 4.86 -9.11 -1.12
C SER A 72 6.27 -8.85 -0.59
N GLN A 73 7.24 -9.59 -1.12
CA GLN A 73 8.63 -9.43 -0.71
C GLN A 73 9.57 -9.61 -1.89
N TYR A 74 10.41 -8.61 -2.13
CA TYR A 74 11.37 -8.66 -3.24
C TYR A 74 12.65 -7.92 -2.87
N LEU A 75 13.77 -8.63 -2.98
CA LEU A 75 15.07 -8.05 -2.65
C LEU A 75 15.51 -7.07 -3.75
N VAL A 76 15.35 -5.78 -3.48
CA VAL A 76 15.74 -4.75 -4.44
C VAL A 76 17.04 -4.08 -4.02
N HIS A 77 18.06 -4.23 -4.86
CA HIS A 77 19.37 -3.62 -4.58
C HIS A 77 19.40 -2.17 -5.03
N VAL A 78 19.23 -1.26 -4.07
CA VAL A 78 19.24 0.17 -4.35
C VAL A 78 19.86 0.95 -3.19
N ASN A 79 20.17 2.22 -3.45
CA ASN A 79 20.76 3.08 -2.44
C ASN A 79 19.80 4.21 -2.05
N ASP A 80 20.27 5.12 -1.21
CA ASP A 80 19.46 6.24 -0.76
C ASP A 80 18.66 6.82 -1.92
N LEU A 81 19.31 6.98 -3.06
CA LEU A 81 18.66 7.53 -4.24
C LEU A 81 17.20 7.07 -4.32
N PHE A 82 16.96 5.83 -3.95
CA PHE A 82 15.61 5.27 -3.97
C PHE A 82 14.62 6.18 -3.26
N LEU A 83 14.96 6.57 -2.04
CA LEU A 83 14.11 7.46 -1.24
C LEU A 83 13.55 8.58 -2.10
N GLN A 84 14.39 9.13 -2.98
CA GLN A 84 13.98 10.22 -3.86
C GLN A 84 12.70 9.84 -4.61
N TYR A 85 12.72 8.70 -5.27
CA TYR A 85 11.57 8.23 -6.02
C TYR A 85 10.27 8.45 -5.24
N ILE A 86 10.29 8.11 -3.96
CA ILE A 86 9.12 8.27 -3.11
C ILE A 86 8.74 9.75 -2.98
N GLN A 87 9.75 10.62 -2.92
CA GLN A 87 9.51 12.04 -2.80
C GLN A 87 9.01 12.63 -4.11
N LYS A 88 9.83 12.52 -5.16
CA LYS A 88 9.47 13.04 -6.46
C LYS A 88 8.21 12.35 -6.99
N ASN A 89 8.33 11.07 -7.31
CA ASN A 89 7.20 10.30 -7.83
C ASN A 89 6.43 9.64 -6.69
N THR A 90 5.19 9.25 -6.97
CA THR A 90 4.35 8.60 -5.97
C THR A 90 3.60 7.41 -6.57
N ILE A 91 3.09 6.55 -5.70
CA ILE A 91 2.35 5.38 -6.14
C ILE A 91 0.85 5.68 -6.24
N THR A 92 0.21 5.10 -7.25
CA THR A 92 -1.23 5.31 -7.45
C THR A 92 -2.00 4.01 -7.25
N LEU A 93 -3.03 4.07 -6.41
CA LEU A 93 -3.86 2.90 -6.13
C LEU A 93 -5.34 3.24 -6.23
N GLU A 94 -5.96 2.88 -7.35
CA GLU A 94 -7.37 3.15 -7.56
C GLU A 94 -8.21 1.92 -7.25
N VAL A 95 -9.45 2.16 -6.82
CA VAL A 95 -10.35 1.06 -6.49
C VAL A 95 -11.65 1.15 -7.30
N HIS A 96 -11.88 0.14 -8.12
CA HIS A 96 -13.08 0.10 -8.96
C HIS A 96 -13.99 -1.06 -8.55
N GLN A 97 -15.27 -0.93 -8.87
CA GLN A 97 -16.24 -1.96 -8.53
C GLN A 97 -16.36 -2.99 -9.65
N ALA A 98 -16.53 -4.26 -9.27
CA ALA A 98 -16.65 -5.34 -10.24
C ALA A 98 -18.11 -5.69 -10.49
N TYR A 99 -18.61 -5.35 -11.66
CA TYR A 99 -20.00 -5.65 -12.02
C TYR A 99 -20.09 -6.90 -12.88
N SER A 100 -21.31 -7.40 -13.06
CA SER A 100 -21.54 -8.59 -13.86
C SER A 100 -20.86 -8.47 -15.22
N THR A 101 -21.27 -7.48 -15.99
CA THR A 101 -20.70 -7.25 -17.31
C THR A 101 -20.32 -5.79 -17.52
N GLU A 102 -19.91 -5.14 -16.43
CA GLU A 102 -19.53 -3.73 -16.49
C GLU A 102 -18.32 -3.46 -15.60
N TYR A 103 -17.59 -2.40 -15.91
CA TYR A 103 -16.41 -2.03 -15.13
C TYR A 103 -16.20 -0.52 -15.14
N GLU A 104 -16.23 0.07 -13.94
CA GLU A 104 -16.05 1.51 -13.80
C GLU A 104 -15.39 1.85 -12.47
N THR A 105 -14.67 2.96 -12.44
CA THR A 105 -13.98 3.40 -11.23
C THR A 105 -14.94 4.15 -10.31
N ILE A 106 -14.74 3.98 -9.00
CA ILE A 106 -15.58 4.65 -8.01
C ILE A 106 -14.73 5.43 -7.00
N ALA A 107 -13.42 5.25 -7.08
CA ALA A 107 -12.51 5.95 -6.19
C ALA A 107 -11.07 5.85 -6.69
N ALA A 108 -10.27 6.87 -6.38
CA ALA A 108 -8.88 6.91 -6.81
C ALA A 108 -8.02 7.71 -5.84
N CYS A 109 -6.86 7.17 -5.48
CA CYS A 109 -5.96 7.85 -4.56
C CYS A 109 -4.51 7.55 -4.91
N GLN A 110 -3.59 8.33 -4.34
CA GLN A 110 -2.17 8.15 -4.59
C GLN A 110 -1.42 7.79 -3.30
N LEU A 111 -0.92 6.57 -3.24
CA LEU A 111 -0.20 6.10 -2.07
C LEU A 111 1.16 6.80 -1.95
N LYS A 112 1.41 7.41 -0.81
CA LYS A 112 2.66 8.10 -0.56
C LYS A 112 3.04 8.08 0.91
N PHE A 113 4.28 7.67 1.20
CA PHE A 113 4.75 7.59 2.57
C PHE A 113 5.76 8.70 2.86
N HIS A 114 5.50 9.49 3.90
CA HIS A 114 6.38 10.58 4.28
C HIS A 114 7.45 10.10 5.25
N GLU A 115 7.01 9.61 6.42
CA GLU A 115 7.93 9.12 7.43
C GLU A 115 8.91 8.12 6.84
N ILE A 116 8.49 7.42 5.81
CA ILE A 116 9.34 6.43 5.15
C ILE A 116 10.66 7.05 4.71
N LEU A 117 10.64 8.35 4.45
CA LEU A 117 11.84 9.06 4.03
C LEU A 117 12.79 9.27 5.20
N GLU A 118 12.27 9.79 6.30
CA GLU A 118 13.07 10.04 7.50
C GLU A 118 13.40 8.73 8.20
N LYS A 119 12.37 7.97 8.55
CA LYS A 119 12.55 6.70 9.24
C LYS A 119 12.70 5.56 8.24
N SER A 120 13.49 4.55 8.60
CA SER A 120 13.71 3.40 7.73
C SER A 120 13.31 2.11 8.43
N GLY A 121 12.20 1.52 7.96
CA GLY A 121 11.73 0.28 8.56
C GLY A 121 10.22 0.27 8.74
N ARG A 122 9.76 -0.44 9.76
CA ARG A 122 8.33 -0.53 10.04
C ARG A 122 7.75 0.85 10.34
N ILE A 123 6.82 1.29 9.50
CA ILE A 123 6.18 2.59 9.67
C ILE A 123 4.69 2.50 9.39
N PHE A 124 3.89 2.65 10.44
CA PHE A 124 2.44 2.59 10.31
C PHE A 124 1.89 3.92 9.77
N CYS A 125 1.09 3.84 8.71
CA CYS A 125 0.50 5.04 8.11
C CYS A 125 -0.78 4.69 7.38
N THR A 126 -1.48 5.72 6.90
CA THR A 126 -2.73 5.52 6.17
C THR A 126 -2.90 6.58 5.09
N ALA A 127 -3.86 6.34 4.19
CA ALA A 127 -4.13 7.28 3.11
C ALA A 127 -5.63 7.49 2.93
N SER A 128 -6.03 8.74 2.72
CA SER A 128 -7.44 9.08 2.53
C SER A 128 -7.89 8.74 1.11
N LEU A 129 -9.17 8.40 0.98
CA LEU A 129 -9.73 8.05 -0.32
C LEU A 129 -10.82 9.03 -0.73
N ILE A 130 -10.83 9.40 -2.00
CA ILE A 130 -11.83 10.35 -2.51
C ILE A 130 -12.61 9.74 -3.68
N GLY A 131 -13.93 9.68 -3.53
CA GLY A 131 -14.76 9.12 -4.58
C GLY A 131 -14.45 9.72 -5.94
N THR A 132 -15.03 9.13 -6.99
CA THR A 132 -14.81 9.60 -8.35
C THR A 132 -16.08 10.21 -8.93
N LYS A 133 -17.22 9.79 -8.39
CA LYS A 133 -18.51 10.30 -8.86
C LYS A 133 -18.98 11.46 -7.99
N GLY A 134 -19.39 11.14 -6.77
CA GLY A 134 -19.87 12.17 -5.85
C GLY A 134 -18.73 12.87 -5.14
N ASP A 135 -17.53 12.79 -5.70
CA ASP A 135 -16.36 13.41 -5.11
C ASP A 135 -16.42 13.34 -3.58
N ILE A 136 -16.76 12.17 -3.07
CA ILE A 136 -16.85 11.96 -1.63
C ILE A 136 -15.47 11.98 -0.98
N PRO A 137 -15.22 13.02 -0.16
CA PRO A 137 -13.94 13.18 0.54
C PRO A 137 -13.73 12.13 1.63
N ASN A 138 -14.77 11.92 2.44
CA ASN A 138 -14.70 10.95 3.52
C ASN A 138 -15.21 9.58 3.06
N PHE A 139 -14.71 9.13 1.91
CA PHE A 139 -15.11 7.84 1.36
C PHE A 139 -14.63 6.70 2.25
N GLY A 140 -13.43 6.85 2.80
CA GLY A 140 -12.88 5.82 3.67
C GLY A 140 -11.37 5.92 3.79
N THR A 141 -10.79 5.11 4.67
CA THR A 141 -9.35 5.11 4.89
C THR A 141 -8.75 3.74 4.57
N VAL A 142 -7.54 3.74 4.02
CA VAL A 142 -6.85 2.50 3.68
C VAL A 142 -5.78 2.17 4.71
N GLU A 143 -5.75 0.90 5.13
CA GLU A 143 -4.77 0.46 6.12
C GLU A 143 -3.68 -0.38 5.46
N TYR A 144 -2.49 0.20 5.34
CA TYR A 144 -1.36 -0.48 4.73
C TYR A 144 -0.13 -0.44 5.64
N TRP A 145 0.94 -1.10 5.21
CA TRP A 145 2.16 -1.14 5.98
C TRP A 145 3.38 -1.36 5.07
N PHE A 146 4.44 -0.63 5.34
CA PHE A 146 5.66 -0.74 4.55
C PHE A 146 6.90 -0.83 5.44
N ARG A 147 7.95 -1.46 4.94
CA ARG A 147 9.18 -1.61 5.70
C ARG A 147 10.40 -1.57 4.77
N LEU A 148 11.39 -0.76 5.14
CA LEU A 148 12.60 -0.63 4.33
C LEU A 148 13.84 -0.82 5.20
N ARG A 149 14.51 -1.95 5.03
CA ARG A 149 15.71 -2.26 5.79
C ARG A 149 16.74 -2.98 4.92
N VAL A 150 18.01 -2.79 5.24
CA VAL A 150 19.09 -3.42 4.49
C VAL A 150 18.71 -4.83 4.06
N SER A 151 18.05 -5.56 4.96
CA SER A 151 17.63 -6.93 4.66
C SER A 151 18.82 -7.87 4.67
N GLY A 152 19.78 -7.61 5.55
CA GLY A 152 20.96 -8.45 5.64
C GLY A 152 20.62 -9.90 5.95
N PRO A 153 21.52 -10.57 6.70
CA PRO A 153 21.33 -11.98 7.08
C PRO A 153 20.20 -12.15 8.08
N SER A 154 19.10 -12.76 7.64
CA SER A 154 17.95 -13.00 8.49
C SER A 154 18.25 -14.05 9.55
N SER A 155 18.10 -13.67 10.82
CA SER A 155 18.37 -14.59 11.91
C SER A 155 17.06 -15.07 12.55
N GLY A 156 16.15 -14.14 12.80
CA GLY A 156 14.88 -14.49 13.40
C GLY A 156 14.56 -13.64 14.62
N GLY A 1 14.43 10.54 17.91
CA GLY A 1 15.75 11.14 17.81
C GLY A 1 16.68 10.71 18.93
N SER A 2 17.96 11.00 18.77
CA SER A 2 18.95 10.62 19.78
C SER A 2 19.51 11.86 20.47
N SER A 3 20.11 12.76 19.69
CA SER A 3 20.69 13.98 20.23
C SER A 3 21.91 13.66 21.10
N GLY A 4 22.73 12.74 20.64
CA GLY A 4 23.92 12.36 21.38
C GLY A 4 25.20 12.67 20.62
N SER A 5 25.27 12.23 19.38
CA SER A 5 26.45 12.46 18.55
C SER A 5 27.73 12.14 19.32
N SER A 6 27.70 11.04 20.07
CA SER A 6 28.85 10.63 20.86
C SER A 6 28.92 9.10 20.97
N GLY A 7 30.13 8.57 20.91
CA GLY A 7 30.31 7.13 20.99
C GLY A 7 30.95 6.55 19.75
N ASP A 8 30.48 5.37 19.34
CA ASP A 8 31.00 4.71 18.15
C ASP A 8 29.98 3.72 17.59
N GLU A 9 29.99 3.56 16.27
CA GLU A 9 29.07 2.65 15.60
C GLU A 9 29.53 2.35 14.18
N THR A 10 29.58 1.07 13.84
CA THR A 10 30.00 0.65 12.50
C THR A 10 28.89 -0.12 11.79
N ILE A 11 28.24 0.54 10.84
CA ILE A 11 27.16 -0.07 10.08
C ILE A 11 27.71 -0.96 8.97
N HIS A 12 27.50 -2.26 9.09
CA HIS A 12 27.96 -3.22 8.10
C HIS A 12 27.84 -2.65 6.70
N LEU A 13 28.95 -2.68 5.95
CA LEU A 13 28.96 -2.16 4.58
C LEU A 13 28.31 -3.14 3.62
N GLU A 14 26.99 -3.27 3.71
CA GLU A 14 26.24 -4.17 2.84
C GLU A 14 26.25 -3.67 1.40
N ARG A 15 25.65 -4.45 0.51
CA ARG A 15 25.60 -4.09 -0.91
C ARG A 15 24.33 -3.31 -1.21
N GLY A 16 24.17 -2.90 -2.46
CA GLY A 16 23.01 -2.14 -2.86
C GLY A 16 21.77 -3.01 -2.99
N GLU A 17 21.53 -3.85 -1.99
CA GLU A 17 20.37 -4.74 -1.98
C GLU A 17 19.40 -4.37 -0.87
N ASN A 18 18.34 -3.65 -1.23
CA ASN A 18 17.34 -3.23 -0.26
C ASN A 18 16.00 -3.91 -0.54
N LEU A 19 15.43 -4.53 0.49
CA LEU A 19 14.15 -5.21 0.36
C LEU A 19 13.00 -4.29 0.74
N PHE A 20 11.99 -4.22 -0.12
CA PHE A 20 10.83 -3.38 0.11
C PHE A 20 9.54 -4.11 -0.24
N GLU A 21 8.52 -3.93 0.59
CA GLU A 21 7.22 -4.57 0.36
C GLU A 21 6.10 -3.78 1.00
N ILE A 22 4.87 -4.09 0.62
CA ILE A 22 3.70 -3.41 1.17
C ILE A 22 2.56 -4.39 1.44
N HIS A 23 2.22 -4.54 2.72
CA HIS A 23 1.16 -5.45 3.12
C HIS A 23 -0.14 -4.68 3.37
N ILE A 24 -1.16 -4.97 2.58
CA ILE A 24 -2.45 -4.31 2.71
C ILE A 24 -3.34 -5.04 3.72
N ASN A 25 -3.70 -4.36 4.79
CA ASN A 25 -4.54 -4.95 5.82
C ASN A 25 -5.98 -5.08 5.34
N LYS A 26 -6.61 -3.95 5.04
CA LYS A 26 -7.99 -3.93 4.55
C LYS A 26 -8.38 -2.54 4.07
N VAL A 27 -9.59 -2.43 3.54
CA VAL A 27 -10.09 -1.15 3.04
C VAL A 27 -11.29 -0.67 3.86
N THR A 28 -11.10 0.46 4.55
CA THR A 28 -12.16 1.03 5.37
C THR A 28 -13.07 1.94 4.55
N PHE A 29 -14.38 1.80 4.75
CA PHE A 29 -15.34 2.62 4.02
C PHE A 29 -16.07 3.57 4.98
N SER A 30 -16.76 4.55 4.41
CA SER A 30 -17.49 5.53 5.20
C SER A 30 -18.96 5.58 4.78
N SER A 31 -19.79 6.18 5.64
CA SER A 31 -21.22 6.29 5.36
C SER A 31 -21.46 6.62 3.89
N GLU A 32 -20.93 7.76 3.45
CA GLU A 32 -21.09 8.20 2.07
C GLU A 32 -20.92 7.02 1.11
N VAL A 33 -20.02 6.11 1.45
CA VAL A 33 -19.76 4.94 0.61
C VAL A 33 -20.77 3.84 0.89
N LEU A 34 -20.88 3.43 2.15
CA LEU A 34 -21.81 2.38 2.54
C LEU A 34 -23.20 2.63 1.93
N GLN A 35 -23.61 3.90 1.92
CA GLN A 35 -24.90 4.27 1.37
C GLN A 35 -24.88 4.20 -0.16
N ALA A 36 -23.87 4.83 -0.76
CA ALA A 36 -23.74 4.84 -2.21
C ALA A 36 -24.03 3.47 -2.80
N SER A 37 -23.43 2.43 -2.22
CA SER A 37 -23.62 1.06 -2.70
C SER A 37 -24.96 0.52 -2.23
N GLY A 38 -25.29 0.77 -0.97
CA GLY A 38 -26.55 0.29 -0.42
C GLY A 38 -26.36 -0.77 0.64
N ASP A 39 -27.41 -1.51 0.95
CA ASP A 39 -27.35 -2.56 1.96
C ASP A 39 -26.82 -3.85 1.36
N LYS A 40 -25.80 -3.74 0.51
CA LYS A 40 -25.20 -4.90 -0.13
C LYS A 40 -23.70 -4.97 0.17
N GLU A 41 -23.06 -6.03 -0.31
CA GLU A 41 -21.62 -6.20 -0.11
C GLU A 41 -20.83 -5.86 -1.37
N PRO A 42 -20.28 -4.64 -1.39
CA PRO A 42 -19.49 -4.15 -2.53
C PRO A 42 -18.15 -4.88 -2.67
N VAL A 43 -18.03 -5.69 -3.71
CA VAL A 43 -16.81 -6.44 -3.95
C VAL A 43 -15.81 -5.62 -4.76
N THR A 44 -14.63 -5.39 -4.18
CA THR A 44 -13.59 -4.62 -4.84
C THR A 44 -12.21 -5.16 -4.51
N PHE A 45 -11.19 -4.66 -5.20
CA PHE A 45 -9.82 -5.09 -4.99
C PHE A 45 -8.83 -4.01 -5.42
N CYS A 46 -7.66 -4.01 -4.79
CA CYS A 46 -6.63 -3.02 -5.11
C CYS A 46 -5.65 -3.57 -6.14
N THR A 47 -5.25 -2.74 -7.09
CA THR A 47 -4.33 -3.13 -8.14
C THR A 47 -3.36 -2.01 -8.47
N TYR A 48 -2.06 -2.31 -8.42
CA TYR A 48 -1.03 -1.32 -8.71
C TYR A 48 0.34 -1.98 -8.80
N ALA A 49 1.32 -1.22 -9.27
CA ALA A 49 2.68 -1.73 -9.41
C ALA A 49 3.64 -0.97 -8.50
N PHE A 50 4.72 -1.63 -8.09
CA PHE A 50 5.72 -1.01 -7.23
C PHE A 50 7.08 -0.97 -7.91
N TYR A 51 7.60 0.24 -8.10
CA TYR A 51 8.89 0.42 -8.75
C TYR A 51 8.82 0.08 -10.23
N ASP A 52 7.66 0.32 -10.83
CA ASP A 52 7.45 0.03 -12.25
C ASP A 52 7.60 -1.46 -12.52
N PHE A 53 7.16 -2.28 -11.58
CA PHE A 53 7.24 -3.73 -11.72
C PHE A 53 5.91 -4.30 -12.22
N GLU A 54 5.88 -5.62 -12.41
CA GLU A 54 4.68 -6.29 -12.88
C GLU A 54 3.52 -6.09 -11.91
N LEU A 55 2.40 -5.57 -12.43
CA LEU A 55 1.22 -5.33 -11.61
C LEU A 55 0.80 -6.60 -10.87
N GLN A 56 0.45 -6.45 -9.61
CA GLN A 56 0.02 -7.59 -8.80
C GLN A 56 -1.45 -7.46 -8.42
N THR A 57 -2.25 -8.43 -8.84
CA THR A 57 -3.68 -8.43 -8.54
C THR A 57 -3.96 -9.04 -7.18
N THR A 58 -4.58 -8.27 -6.30
CA THR A 58 -4.91 -8.73 -4.95
C THR A 58 -6.15 -9.62 -4.97
N PRO A 59 -6.25 -10.52 -3.99
CA PRO A 59 -7.38 -11.45 -3.86
C PRO A 59 -8.66 -10.74 -3.45
N VAL A 60 -9.55 -10.52 -4.41
CA VAL A 60 -10.82 -9.86 -4.15
C VAL A 60 -11.73 -10.72 -3.29
N VAL A 61 -12.41 -10.09 -2.34
CA VAL A 61 -13.31 -10.81 -1.45
C VAL A 61 -14.62 -10.05 -1.26
N ARG A 62 -15.67 -10.75 -0.85
CA ARG A 62 -16.97 -10.14 -0.63
C ARG A 62 -17.06 -9.54 0.77
N GLY A 63 -17.84 -8.47 0.90
CA GLY A 63 -18.00 -7.83 2.19
C GLY A 63 -17.66 -6.35 2.14
N LEU A 64 -18.04 -5.63 3.19
CA LEU A 64 -17.78 -4.19 3.26
C LEU A 64 -16.34 -3.92 3.71
N HIS A 65 -16.03 -4.30 4.94
CA HIS A 65 -14.69 -4.11 5.49
C HIS A 65 -13.99 -5.45 5.69
N PRO A 66 -13.73 -6.16 4.58
CA PRO A 66 -13.07 -7.47 4.61
C PRO A 66 -11.59 -7.35 5.00
N GLU A 67 -10.89 -8.47 4.94
CA GLU A 67 -9.47 -8.50 5.28
C GLU A 67 -8.67 -9.29 4.24
N TYR A 68 -7.96 -8.58 3.38
CA TYR A 68 -7.16 -9.21 2.33
C TYR A 68 -5.93 -9.88 2.94
N ASN A 69 -5.12 -9.10 3.64
CA ASN A 69 -3.90 -9.62 4.26
C ASN A 69 -2.93 -10.13 3.21
N PHE A 70 -2.81 -9.38 2.11
CA PHE A 70 -1.91 -9.76 1.03
C PHE A 70 -0.49 -9.27 1.30
N THR A 71 0.49 -10.13 1.07
CA THR A 71 1.88 -9.78 1.29
C THR A 71 2.76 -10.24 0.13
N SER A 72 3.68 -9.38 -0.29
CA SER A 72 4.58 -9.70 -1.39
C SER A 72 5.90 -8.94 -1.26
N GLN A 73 7.00 -9.69 -1.19
CA GLN A 73 8.31 -9.09 -1.06
C GLN A 73 9.12 -9.27 -2.33
N TYR A 74 9.99 -8.29 -2.63
CA TYR A 74 10.81 -8.34 -3.83
C TYR A 74 12.13 -7.59 -3.61
N LEU A 75 13.23 -8.22 -3.99
CA LEU A 75 14.55 -7.62 -3.84
C LEU A 75 14.75 -6.50 -4.85
N VAL A 76 14.87 -5.27 -4.34
CA VAL A 76 15.08 -4.11 -5.20
C VAL A 76 16.43 -3.46 -4.94
N HIS A 77 17.27 -3.42 -5.98
CA HIS A 77 18.60 -2.83 -5.87
C HIS A 77 18.55 -1.34 -6.16
N VAL A 78 18.50 -0.53 -5.10
CA VAL A 78 18.46 0.92 -5.24
C VAL A 78 19.20 1.61 -4.11
N ASN A 79 19.68 2.81 -4.37
CA ASN A 79 20.42 3.57 -3.36
C ASN A 79 19.54 4.67 -2.77
N ASP A 80 20.13 5.51 -1.92
CA ASP A 80 19.40 6.59 -1.29
C ASP A 80 18.45 7.26 -2.27
N LEU A 81 18.94 7.50 -3.48
CA LEU A 81 18.13 8.15 -4.52
C LEU A 81 16.68 7.74 -4.40
N PHE A 82 16.44 6.50 -3.98
CA PHE A 82 15.09 5.99 -3.82
C PHE A 82 14.25 6.91 -2.95
N LEU A 83 14.79 7.26 -1.78
CA LEU A 83 14.09 8.14 -0.86
C LEU A 83 13.45 9.32 -1.60
N GLN A 84 14.21 9.92 -2.51
CA GLN A 84 13.71 11.05 -3.28
C GLN A 84 12.45 10.69 -4.03
N TYR A 85 12.54 9.67 -4.88
CA TYR A 85 11.40 9.22 -5.67
C TYR A 85 10.11 9.31 -4.86
N ILE A 86 10.21 9.00 -3.57
CA ILE A 86 9.04 9.04 -2.69
C ILE A 86 8.47 10.46 -2.61
N GLN A 87 9.32 11.42 -2.25
CA GLN A 87 8.90 12.81 -2.15
C GLN A 87 8.56 13.39 -3.51
N LYS A 88 9.44 13.13 -4.49
CA LYS A 88 9.23 13.62 -5.85
C LYS A 88 7.91 13.11 -6.42
N ASN A 89 7.81 11.80 -6.60
CA ASN A 89 6.61 11.19 -7.14
C ASN A 89 5.90 10.36 -6.07
N THR A 90 4.64 10.03 -6.34
CA THR A 90 3.85 9.23 -5.39
C THR A 90 3.27 8.00 -6.08
N ILE A 91 2.81 7.05 -5.27
CA ILE A 91 2.22 5.81 -5.79
C ILE A 91 0.74 5.98 -6.06
N THR A 92 0.30 5.53 -7.24
CA THR A 92 -1.11 5.64 -7.63
C THR A 92 -1.82 4.31 -7.43
N LEU A 93 -2.67 4.25 -6.41
CA LEU A 93 -3.43 3.03 -6.12
C LEU A 93 -4.93 3.28 -6.21
N GLU A 94 -5.53 2.84 -7.31
CA GLU A 94 -6.96 3.03 -7.53
C GLU A 94 -7.70 1.70 -7.36
N VAL A 95 -8.84 1.75 -6.68
CA VAL A 95 -9.65 0.55 -6.46
C VAL A 95 -10.93 0.59 -7.28
N HIS A 96 -10.99 -0.24 -8.32
CA HIS A 96 -12.16 -0.29 -9.19
C HIS A 96 -13.11 -1.41 -8.75
N GLN A 97 -14.38 -1.27 -9.09
CA GLN A 97 -15.38 -2.26 -8.73
C GLN A 97 -15.41 -3.40 -9.74
N ALA A 98 -15.94 -4.54 -9.32
CA ALA A 98 -16.02 -5.71 -10.20
C ALA A 98 -17.48 -6.08 -10.49
N TYR A 99 -17.94 -5.76 -11.69
CA TYR A 99 -19.30 -6.05 -12.09
C TYR A 99 -19.34 -6.79 -13.43
N SER A 100 -20.11 -7.87 -13.48
CA SER A 100 -20.23 -8.67 -14.69
C SER A 100 -18.90 -8.74 -15.43
N THR A 101 -17.83 -9.02 -14.69
CA THR A 101 -16.50 -9.11 -15.27
C THR A 101 -16.07 -7.77 -15.87
N GLU A 102 -16.41 -6.68 -15.18
CA GLU A 102 -16.06 -5.34 -15.65
C GLU A 102 -15.44 -4.53 -14.52
N TYR A 103 -14.64 -3.53 -14.89
CA TYR A 103 -13.98 -2.67 -13.92
C TYR A 103 -14.14 -1.20 -14.29
N GLU A 104 -14.43 -0.37 -13.29
CA GLU A 104 -14.61 1.06 -13.51
C GLU A 104 -14.07 1.86 -12.33
N THR A 105 -13.02 2.63 -12.57
CA THR A 105 -12.42 3.46 -11.52
C THR A 105 -13.48 4.20 -10.73
N ILE A 106 -13.78 3.71 -9.53
CA ILE A 106 -14.78 4.32 -8.67
C ILE A 106 -14.12 5.27 -7.67
N ALA A 107 -12.93 4.90 -7.20
CA ALA A 107 -12.20 5.70 -6.23
C ALA A 107 -10.70 5.68 -6.53
N ALA A 108 -10.03 6.81 -6.28
CA ALA A 108 -8.60 6.91 -6.51
C ALA A 108 -7.91 7.60 -5.34
N CYS A 109 -6.64 7.23 -5.11
CA CYS A 109 -5.87 7.81 -4.02
C CYS A 109 -4.37 7.71 -4.29
N GLN A 110 -3.59 8.53 -3.62
CA GLN A 110 -2.14 8.54 -3.79
C GLN A 110 -1.44 8.16 -2.50
N LEU A 111 -0.72 7.05 -2.52
CA LEU A 111 0.01 6.58 -1.35
C LEU A 111 1.38 7.25 -1.25
N LYS A 112 1.70 7.74 -0.05
CA LYS A 112 2.98 8.41 0.18
C LYS A 112 3.41 8.26 1.63
N PHE A 113 4.68 7.92 1.83
CA PHE A 113 5.23 7.75 3.18
C PHE A 113 6.14 8.91 3.54
N HIS A 114 5.86 9.54 4.68
CA HIS A 114 6.66 10.66 5.15
C HIS A 114 7.78 10.18 6.07
N GLU A 115 7.40 9.46 7.12
CA GLU A 115 8.37 8.95 8.08
C GLU A 115 9.55 8.29 7.37
N ILE A 116 9.25 7.51 6.34
CA ILE A 116 10.27 6.82 5.56
C ILE A 116 11.42 7.77 5.21
N LEU A 117 11.09 9.04 5.08
CA LEU A 117 12.10 10.05 4.74
C LEU A 117 13.23 10.06 5.76
N GLU A 118 12.88 9.91 7.03
CA GLU A 118 13.87 9.89 8.10
C GLU A 118 14.11 8.46 8.60
N LYS A 119 13.03 7.74 8.84
CA LYS A 119 13.12 6.36 9.32
C LYS A 119 13.16 5.39 8.15
N SER A 120 13.24 4.09 8.46
CA SER A 120 13.28 3.06 7.44
C SER A 120 12.86 1.71 8.01
N GLY A 121 11.65 1.29 7.69
CA GLY A 121 11.14 0.02 8.16
C GLY A 121 9.67 0.07 8.50
N ARG A 122 9.25 -0.79 9.43
CA ARG A 122 7.85 -0.84 9.84
C ARG A 122 7.40 0.49 10.45
N ILE A 123 6.46 1.14 9.80
CA ILE A 123 5.95 2.43 10.29
C ILE A 123 4.44 2.53 10.08
N PHE A 124 3.70 2.60 11.19
CA PHE A 124 2.25 2.70 11.13
C PHE A 124 1.82 3.95 10.36
N CYS A 125 1.13 3.73 9.25
CA CYS A 125 0.66 4.84 8.43
C CYS A 125 -0.66 4.48 7.74
N THR A 126 -1.30 5.49 7.16
CA THR A 126 -2.58 5.28 6.48
C THR A 126 -2.75 6.28 5.33
N ALA A 127 -3.76 6.05 4.50
CA ALA A 127 -4.04 6.93 3.37
C ALA A 127 -5.54 7.18 3.23
N SER A 128 -5.89 8.31 2.64
CA SER A 128 -7.29 8.68 2.44
C SER A 128 -7.78 8.23 1.07
N LEU A 129 -9.09 8.13 0.92
CA LEU A 129 -9.69 7.71 -0.35
C LEU A 129 -10.70 8.75 -0.84
N ILE A 130 -10.71 9.00 -2.14
CA ILE A 130 -11.64 9.95 -2.73
C ILE A 130 -12.38 9.34 -3.91
N GLY A 131 -13.70 9.53 -3.92
CA GLY A 131 -14.51 8.99 -5.00
C GLY A 131 -14.37 9.78 -6.29
N THR A 132 -14.27 9.07 -7.41
CA THR A 132 -14.12 9.71 -8.71
C THR A 132 -15.46 10.25 -9.21
N LYS A 133 -16.42 9.35 -9.40
CA LYS A 133 -17.74 9.74 -9.88
C LYS A 133 -18.61 10.24 -8.73
N GLY A 134 -18.02 11.04 -7.84
CA GLY A 134 -18.75 11.57 -6.71
C GLY A 134 -18.01 12.68 -6.00
N ASP A 135 -16.68 12.61 -6.03
CA ASP A 135 -15.84 13.62 -5.38
C ASP A 135 -16.05 13.61 -3.87
N ILE A 136 -16.13 12.41 -3.30
CA ILE A 136 -16.31 12.25 -1.86
C ILE A 136 -14.98 12.05 -1.15
N PRO A 137 -14.55 13.07 -0.39
CA PRO A 137 -13.29 13.02 0.37
C PRO A 137 -13.36 12.04 1.53
N ASN A 138 -14.53 11.89 2.12
CA ASN A 138 -14.72 11.00 3.25
C ASN A 138 -15.06 9.58 2.77
N PHE A 139 -14.43 9.18 1.67
CA PHE A 139 -14.66 7.86 1.10
C PHE A 139 -14.23 6.76 2.07
N GLY A 140 -13.01 6.89 2.58
CA GLY A 140 -12.50 5.90 3.52
C GLY A 140 -10.98 5.95 3.65
N THR A 141 -10.44 5.11 4.52
CA THR A 141 -9.00 5.07 4.74
C THR A 141 -8.46 3.65 4.58
N VAL A 142 -7.23 3.54 4.08
CA VAL A 142 -6.60 2.24 3.88
C VAL A 142 -5.52 1.98 4.93
N GLU A 143 -5.43 0.73 5.39
CA GLU A 143 -4.45 0.36 6.39
C GLU A 143 -3.35 -0.50 5.78
N TYR A 144 -2.11 -0.06 5.93
CA TYR A 144 -0.96 -0.78 5.39
C TYR A 144 0.31 -0.45 6.16
N TRP A 145 1.33 -1.28 5.99
CA TRP A 145 2.61 -1.06 6.65
C TRP A 145 3.78 -1.38 5.72
N PHE A 146 4.68 -0.41 5.56
CA PHE A 146 5.83 -0.59 4.69
C PHE A 146 7.11 -0.76 5.52
N ARG A 147 8.12 -1.37 4.91
CA ARG A 147 9.39 -1.61 5.59
C ARG A 147 10.56 -1.57 4.60
N LEU A 148 11.44 -0.60 4.77
CA LEU A 148 12.60 -0.46 3.90
C LEU A 148 13.89 -0.72 4.65
N ARG A 149 14.48 -1.89 4.40
CA ARG A 149 15.73 -2.28 5.06
C ARG A 149 16.52 -3.25 4.20
N VAL A 150 17.84 -3.25 4.39
CA VAL A 150 18.72 -4.13 3.62
C VAL A 150 18.31 -5.59 3.80
N SER A 151 18.31 -6.34 2.71
CA SER A 151 17.95 -7.75 2.74
C SER A 151 19.07 -8.59 3.34
N GLY A 152 18.71 -9.48 4.25
CA GLY A 152 19.70 -10.34 4.89
C GLY A 152 19.43 -11.80 4.66
N PRO A 153 19.67 -12.62 5.70
CA PRO A 153 19.45 -14.07 5.64
C PRO A 153 17.97 -14.44 5.56
N SER A 154 17.51 -14.78 4.36
CA SER A 154 16.12 -15.14 4.15
C SER A 154 16.00 -16.61 3.77
N SER A 155 15.00 -17.28 4.34
CA SER A 155 14.77 -18.69 4.07
C SER A 155 14.01 -18.88 2.76
N GLY A 156 14.39 -18.11 1.75
CA GLY A 156 13.74 -18.21 0.45
C GLY A 156 14.35 -17.28 -0.57
N GLY A 1 15.27 -7.57 34.24
CA GLY A 1 14.91 -7.65 32.84
C GLY A 1 13.72 -6.77 32.50
N SER A 2 13.80 -6.10 31.35
CA SER A 2 12.73 -5.21 30.91
C SER A 2 12.84 -4.93 29.41
N SER A 3 11.72 -4.55 28.80
CA SER A 3 11.69 -4.26 27.38
C SER A 3 12.31 -2.90 27.09
N GLY A 4 12.66 -2.67 25.83
CA GLY A 4 13.26 -1.41 25.43
C GLY A 4 13.71 -1.41 23.99
N SER A 5 13.24 -0.42 23.23
CA SER A 5 13.59 -0.31 21.81
C SER A 5 14.40 0.96 21.55
N SER A 6 15.72 0.83 21.62
CA SER A 6 16.61 1.97 21.39
C SER A 6 16.08 2.86 20.26
N GLY A 7 15.69 2.22 19.15
CA GLY A 7 15.18 2.96 18.01
C GLY A 7 14.78 2.05 16.87
N ASP A 8 13.65 1.36 17.03
CA ASP A 8 13.16 0.45 16.00
C ASP A 8 14.07 -0.78 15.88
N GLU A 9 14.77 -1.10 16.96
CA GLU A 9 15.67 -2.24 16.97
C GLU A 9 16.60 -2.21 15.76
N THR A 10 17.11 -1.02 15.44
CA THR A 10 18.01 -0.86 14.30
C THR A 10 19.21 0.00 14.67
N ILE A 11 20.40 -0.57 14.56
CA ILE A 11 21.62 0.15 14.88
C ILE A 11 22.25 0.74 13.62
N HIS A 12 22.50 -0.10 12.64
CA HIS A 12 23.10 0.34 11.38
C HIS A 12 22.30 -0.18 10.18
N LEU A 13 22.53 0.43 9.02
CA LEU A 13 21.83 0.03 7.80
C LEU A 13 22.83 -0.39 6.73
N GLU A 14 22.81 -1.68 6.38
CA GLU A 14 23.71 -2.21 5.37
C GLU A 14 23.66 -1.35 4.10
N ARG A 15 24.54 -1.66 3.15
CA ARG A 15 24.61 -0.92 1.89
C ARG A 15 24.53 -1.86 0.70
N GLY A 16 23.74 -2.92 0.84
CA GLY A 16 23.60 -3.89 -0.24
C GLY A 16 22.18 -3.99 -0.75
N GLU A 17 21.92 -4.99 -1.60
CA GLU A 17 20.59 -5.18 -2.15
C GLU A 17 19.51 -4.94 -1.10
N ASN A 18 18.48 -4.20 -1.49
CA ASN A 18 17.38 -3.89 -0.57
C ASN A 18 16.08 -4.53 -1.05
N LEU A 19 15.09 -4.58 -0.17
CA LEU A 19 13.80 -5.16 -0.50
C LEU A 19 12.66 -4.36 0.13
N PHE A 20 11.66 -4.04 -0.67
CA PHE A 20 10.51 -3.26 -0.19
C PHE A 20 9.22 -4.06 -0.38
N GLU A 21 8.38 -4.07 0.66
CA GLU A 21 7.12 -4.79 0.61
C GLU A 21 6.01 -4.00 1.29
N ILE A 22 4.83 -4.00 0.70
CA ILE A 22 3.68 -3.28 1.25
C ILE A 22 2.50 -4.21 1.48
N HIS A 23 2.16 -4.43 2.74
CA HIS A 23 1.04 -5.30 3.09
C HIS A 23 -0.23 -4.47 3.34
N ILE A 24 -1.33 -4.94 2.77
CA ILE A 24 -2.61 -4.24 2.93
C ILE A 24 -3.46 -4.91 4.01
N ASN A 25 -3.52 -4.29 5.18
CA ASN A 25 -4.30 -4.82 6.30
C ASN A 25 -5.77 -4.97 5.91
N LYS A 26 -6.43 -3.84 5.67
CA LYS A 26 -7.84 -3.85 5.29
C LYS A 26 -8.26 -2.48 4.77
N VAL A 27 -9.52 -2.37 4.36
CA VAL A 27 -10.05 -1.11 3.84
C VAL A 27 -11.31 -0.70 4.59
N THR A 28 -11.33 0.54 5.08
CA THR A 28 -12.47 1.05 5.82
C THR A 28 -13.22 2.10 5.00
N PHE A 29 -14.54 2.11 5.14
CA PHE A 29 -15.39 3.05 4.42
C PHE A 29 -16.25 3.86 5.38
N SER A 30 -16.86 4.92 4.87
CA SER A 30 -17.72 5.78 5.68
C SER A 30 -19.18 5.69 5.22
N SER A 31 -20.10 5.98 6.13
CA SER A 31 -21.52 5.94 5.82
C SER A 31 -21.78 6.40 4.39
N GLU A 32 -20.94 7.32 3.91
CA GLU A 32 -21.08 7.84 2.56
C GLU A 32 -21.34 6.72 1.56
N VAL A 33 -20.32 5.89 1.34
CA VAL A 33 -20.43 4.78 0.41
C VAL A 33 -21.43 3.73 0.91
N LEU A 34 -21.35 3.42 2.20
CA LEU A 34 -22.25 2.44 2.80
C LEU A 34 -23.66 2.59 2.26
N GLN A 35 -24.11 3.84 2.10
CA GLN A 35 -25.44 4.12 1.58
C GLN A 35 -25.49 3.94 0.07
N ALA A 36 -24.46 4.46 -0.62
CA ALA A 36 -24.39 4.36 -2.06
C ALA A 36 -24.64 2.93 -2.53
N SER A 37 -24.00 1.97 -1.85
CA SER A 37 -24.15 0.56 -2.19
C SER A 37 -25.48 0.01 -1.69
N GLY A 38 -25.65 0.02 -0.36
CA GLY A 38 -26.87 -0.48 0.22
C GLY A 38 -26.64 -1.71 1.09
N ASP A 39 -27.65 -2.57 1.15
CA ASP A 39 -27.55 -3.80 1.95
C ASP A 39 -26.87 -4.91 1.15
N LYS A 40 -25.80 -4.57 0.45
CA LYS A 40 -25.06 -5.53 -0.36
C LYS A 40 -23.56 -5.48 -0.05
N GLU A 41 -22.85 -6.53 -0.41
CA GLU A 41 -21.41 -6.61 -0.17
C GLU A 41 -20.64 -6.20 -1.41
N PRO A 42 -20.10 -4.97 -1.39
CA PRO A 42 -19.32 -4.42 -2.51
C PRO A 42 -17.97 -5.11 -2.66
N VAL A 43 -17.79 -5.82 -3.78
CA VAL A 43 -16.54 -6.51 -4.04
C VAL A 43 -15.54 -5.62 -4.78
N THR A 44 -14.36 -5.47 -4.21
CA THR A 44 -13.32 -4.64 -4.81
C THR A 44 -11.94 -5.25 -4.61
N PHE A 45 -10.97 -4.78 -5.39
CA PHE A 45 -9.60 -5.29 -5.29
C PHE A 45 -8.59 -4.19 -5.62
N CYS A 46 -7.49 -4.18 -4.89
CA CYS A 46 -6.45 -3.17 -5.09
C CYS A 46 -5.42 -3.66 -6.11
N THR A 47 -4.75 -2.73 -6.77
CA THR A 47 -3.74 -3.06 -7.77
C THR A 47 -2.72 -1.95 -7.92
N TYR A 48 -1.45 -2.31 -7.91
CA TYR A 48 -0.37 -1.35 -8.05
C TYR A 48 0.93 -2.02 -8.48
N ALA A 49 1.97 -1.22 -8.68
CA ALA A 49 3.27 -1.75 -9.09
C ALA A 49 4.41 -0.86 -8.59
N PHE A 50 5.59 -1.45 -8.45
CA PHE A 50 6.75 -0.72 -7.96
C PHE A 50 7.81 -0.59 -9.07
N TYR A 51 8.41 0.59 -9.15
CA TYR A 51 9.43 0.84 -10.17
C TYR A 51 9.02 0.27 -11.52
N ASP A 52 7.74 0.43 -11.85
CA ASP A 52 7.21 -0.08 -13.12
C ASP A 52 7.44 -1.58 -13.23
N PHE A 53 7.29 -2.29 -12.12
CA PHE A 53 7.47 -3.74 -12.10
C PHE A 53 6.16 -4.45 -12.39
N GLU A 54 6.23 -5.77 -12.50
CA GLU A 54 5.05 -6.58 -12.78
C GLU A 54 3.92 -6.26 -11.80
N LEU A 55 2.74 -5.99 -12.32
CA LEU A 55 1.59 -5.66 -11.50
C LEU A 55 1.17 -6.86 -10.65
N GLN A 56 0.78 -6.58 -9.40
CA GLN A 56 0.36 -7.64 -8.49
C GLN A 56 -1.13 -7.53 -8.17
N THR A 57 -1.89 -8.53 -8.57
CA THR A 57 -3.34 -8.55 -8.33
C THR A 57 -3.66 -9.09 -6.95
N THR A 58 -4.17 -8.22 -6.09
CA THR A 58 -4.52 -8.61 -4.72
C THR A 58 -5.75 -9.52 -4.72
N PRO A 59 -5.86 -10.34 -3.67
CA PRO A 59 -6.99 -11.28 -3.51
C PRO A 59 -8.30 -10.55 -3.21
N VAL A 60 -9.18 -10.49 -4.21
CA VAL A 60 -10.47 -9.83 -4.04
C VAL A 60 -11.37 -10.61 -3.10
N VAL A 61 -12.03 -9.90 -2.19
CA VAL A 61 -12.93 -10.51 -1.23
C VAL A 61 -14.28 -9.82 -1.21
N ARG A 62 -15.34 -10.60 -0.99
CA ARG A 62 -16.69 -10.06 -0.95
C ARG A 62 -17.02 -9.51 0.44
N GLY A 63 -17.24 -8.20 0.52
CA GLY A 63 -17.56 -7.59 1.79
C GLY A 63 -17.13 -6.13 1.85
N LEU A 64 -17.45 -5.46 2.96
CA LEU A 64 -17.09 -4.06 3.13
C LEU A 64 -15.68 -3.92 3.68
N HIS A 65 -15.44 -4.50 4.85
CA HIS A 65 -14.13 -4.45 5.48
C HIS A 65 -13.48 -5.83 5.50
N PRO A 66 -13.15 -6.33 4.30
CA PRO A 66 -12.52 -7.65 4.14
C PRO A 66 -11.08 -7.66 4.65
N GLU A 67 -10.54 -8.86 4.86
CA GLU A 67 -9.17 -9.00 5.35
C GLU A 67 -8.28 -9.65 4.30
N TYR A 68 -7.80 -8.85 3.35
CA TYR A 68 -6.95 -9.36 2.28
C TYR A 68 -5.77 -10.15 2.86
N ASN A 69 -5.00 -9.49 3.72
CA ASN A 69 -3.84 -10.14 4.34
C ASN A 69 -2.83 -10.58 3.28
N PHE A 70 -2.57 -9.70 2.32
CA PHE A 70 -1.62 -10.00 1.25
C PHE A 70 -0.30 -9.28 1.48
N THR A 71 0.79 -10.05 1.51
CA THR A 71 2.12 -9.48 1.73
C THR A 71 3.07 -9.90 0.61
N SER A 72 3.29 -9.01 -0.35
CA SER A 72 4.19 -9.30 -1.46
C SER A 72 5.60 -8.79 -1.17
N GLN A 73 6.56 -9.24 -1.97
CA GLN A 73 7.95 -8.84 -1.80
C GLN A 73 8.56 -8.41 -3.13
N TYR A 74 9.19 -7.24 -3.13
CA TYR A 74 9.82 -6.71 -4.33
C TYR A 74 11.29 -6.38 -4.09
N LEU A 75 12.17 -7.03 -4.83
CA LEU A 75 13.60 -6.81 -4.70
C LEU A 75 14.02 -5.52 -5.42
N VAL A 76 14.39 -4.51 -4.65
CA VAL A 76 14.81 -3.23 -5.21
C VAL A 76 16.13 -2.77 -4.59
N HIS A 77 17.18 -2.71 -5.39
CA HIS A 77 18.49 -2.27 -4.92
C HIS A 77 18.68 -0.78 -5.16
N VAL A 78 18.54 0.01 -4.10
CA VAL A 78 18.71 1.45 -4.20
C VAL A 78 18.84 2.09 -2.83
N ASN A 79 19.30 3.34 -2.79
CA ASN A 79 19.47 4.05 -1.54
C ASN A 79 18.91 5.46 -1.64
N ASP A 80 19.48 6.27 -2.53
CA ASP A 80 19.03 7.65 -2.72
C ASP A 80 17.79 7.69 -3.61
N LEU A 81 17.86 6.97 -4.72
CA LEU A 81 16.75 6.93 -5.68
C LEU A 81 15.48 6.44 -5.00
N PHE A 82 15.64 5.81 -3.84
CA PHE A 82 14.50 5.28 -3.10
C PHE A 82 13.77 6.41 -2.36
N LEU A 83 14.54 7.31 -1.78
CA LEU A 83 13.97 8.44 -1.03
C LEU A 83 13.35 9.46 -1.99
N GLN A 84 14.18 10.00 -2.87
CA GLN A 84 13.71 10.99 -3.84
C GLN A 84 12.52 10.46 -4.63
N TYR A 85 12.35 9.15 -4.62
CA TYR A 85 11.25 8.50 -5.34
C TYR A 85 9.95 8.60 -4.55
N ILE A 86 10.06 8.52 -3.23
CA ILE A 86 8.90 8.59 -2.35
C ILE A 86 8.45 10.04 -2.17
N GLN A 87 9.37 10.98 -2.36
CA GLN A 87 9.05 12.39 -2.23
C GLN A 87 8.54 12.97 -3.54
N LYS A 88 9.38 12.93 -4.57
CA LYS A 88 9.01 13.45 -5.88
C LYS A 88 7.77 12.74 -6.41
N ASN A 89 7.87 11.43 -6.61
CA ASN A 89 6.75 10.64 -7.12
C ASN A 89 6.11 9.83 -5.99
N THR A 90 4.93 9.29 -6.27
CA THR A 90 4.21 8.49 -5.28
C THR A 90 3.56 7.27 -5.94
N ILE A 91 2.93 6.43 -5.11
CA ILE A 91 2.27 5.23 -5.61
C ILE A 91 0.82 5.52 -5.97
N THR A 92 0.29 4.75 -6.92
CA THR A 92 -1.09 4.92 -7.37
C THR A 92 -1.90 3.66 -7.10
N LEU A 93 -2.75 3.72 -6.07
CA LEU A 93 -3.59 2.58 -5.72
C LEU A 93 -5.07 2.97 -5.77
N GLU A 94 -5.76 2.52 -6.82
CA GLU A 94 -7.17 2.81 -6.99
C GLU A 94 -8.02 1.57 -6.72
N VAL A 95 -9.18 1.78 -6.12
CA VAL A 95 -10.09 0.69 -5.81
C VAL A 95 -11.23 0.60 -6.82
N HIS A 96 -11.15 -0.36 -7.72
CA HIS A 96 -12.18 -0.55 -8.74
C HIS A 96 -13.14 -1.66 -8.34
N GLN A 97 -14.43 -1.40 -8.53
CA GLN A 97 -15.46 -2.38 -8.20
C GLN A 97 -15.70 -3.34 -9.36
N ALA A 98 -15.52 -4.64 -9.08
CA ALA A 98 -15.71 -5.66 -10.10
C ALA A 98 -17.16 -6.15 -10.13
N TYR A 99 -17.91 -5.66 -11.12
CA TYR A 99 -19.32 -6.04 -11.25
C TYR A 99 -19.45 -7.42 -11.90
N SER A 100 -20.66 -7.96 -11.87
CA SER A 100 -20.92 -9.28 -12.45
C SER A 100 -20.91 -9.21 -13.97
N THR A 101 -20.60 -8.03 -14.51
CA THR A 101 -20.55 -7.82 -15.95
C THR A 101 -19.29 -7.08 -16.36
N GLU A 102 -19.17 -5.83 -15.90
CA GLU A 102 -18.00 -5.02 -16.22
C GLU A 102 -17.42 -4.39 -14.95
N TYR A 103 -16.33 -3.64 -15.13
CA TYR A 103 -15.67 -2.98 -14.00
C TYR A 103 -15.23 -1.57 -14.38
N GLU A 104 -15.46 -0.63 -13.47
CA GLU A 104 -15.09 0.76 -13.70
C GLU A 104 -14.51 1.39 -12.44
N THR A 105 -13.66 2.39 -12.62
CA THR A 105 -13.03 3.08 -11.50
C THR A 105 -14.05 3.86 -10.69
N ILE A 106 -13.94 3.81 -9.37
CA ILE A 106 -14.85 4.52 -8.49
C ILE A 106 -14.09 5.39 -7.48
N ALA A 107 -12.87 4.98 -7.17
CA ALA A 107 -12.04 5.71 -6.22
C ALA A 107 -10.57 5.63 -6.60
N ALA A 108 -9.81 6.68 -6.28
CA ALA A 108 -8.39 6.73 -6.58
C ALA A 108 -7.64 7.60 -5.58
N CYS A 109 -6.46 7.13 -5.16
CA CYS A 109 -5.65 7.86 -4.21
C CYS A 109 -4.16 7.59 -4.44
N GLN A 110 -3.32 8.43 -3.85
CA GLN A 110 -1.88 8.29 -3.99
C GLN A 110 -1.22 7.97 -2.65
N LEU A 111 -0.71 6.74 -2.53
CA LEU A 111 -0.06 6.31 -1.30
C LEU A 111 1.32 6.95 -1.16
N LYS A 112 1.63 7.42 0.05
CA LYS A 112 2.91 8.05 0.32
C LYS A 112 3.28 7.91 1.80
N PHE A 113 4.51 7.47 2.05
CA PHE A 113 4.99 7.29 3.42
C PHE A 113 6.05 8.34 3.76
N HIS A 114 5.82 9.07 4.85
CA HIS A 114 6.75 10.11 5.28
C HIS A 114 7.79 9.53 6.24
N GLU A 115 7.34 8.69 7.16
CA GLU A 115 8.23 8.07 8.13
C GLU A 115 9.43 7.43 7.44
N ILE A 116 9.16 6.74 6.33
CA ILE A 116 10.22 6.08 5.57
C ILE A 116 11.38 7.03 5.30
N LEU A 117 11.13 8.33 5.45
CA LEU A 117 12.16 9.34 5.24
C LEU A 117 13.14 9.38 6.40
N GLU A 118 12.64 9.15 7.60
CA GLU A 118 13.47 9.16 8.80
C GLU A 118 13.58 7.76 9.39
N LYS A 119 12.44 7.12 9.60
CA LYS A 119 12.40 5.77 10.16
C LYS A 119 12.51 4.73 9.07
N SER A 120 12.55 3.46 9.47
CA SER A 120 12.64 2.36 8.52
C SER A 120 12.21 1.04 9.17
N GLY A 121 11.35 0.30 8.47
CA GLY A 121 10.87 -0.97 8.98
C GLY A 121 9.42 -0.90 9.43
N ARG A 122 9.17 -1.33 10.67
CA ARG A 122 7.82 -1.31 11.22
C ARG A 122 7.28 0.11 11.29
N ILE A 123 6.49 0.50 10.30
CA ILE A 123 5.90 1.83 10.26
C ILE A 123 4.46 1.79 9.76
N PHE A 124 3.53 2.15 10.63
CA PHE A 124 2.12 2.16 10.27
C PHE A 124 1.69 3.54 9.78
N CYS A 125 0.85 3.56 8.74
CA CYS A 125 0.36 4.81 8.18
C CYS A 125 -1.01 4.62 7.54
N THR A 126 -1.62 5.72 7.10
CA THR A 126 -2.93 5.68 6.47
C THR A 126 -3.02 6.66 5.32
N ALA A 127 -4.07 6.54 4.52
CA ALA A 127 -4.28 7.41 3.37
C ALA A 127 -5.77 7.59 3.08
N SER A 128 -6.15 8.81 2.72
CA SER A 128 -7.53 9.12 2.41
C SER A 128 -7.89 8.68 0.99
N LEU A 129 -9.19 8.57 0.71
CA LEU A 129 -9.66 8.16 -0.60
C LEU A 129 -10.75 9.10 -1.10
N ILE A 130 -10.63 9.52 -2.37
CA ILE A 130 -11.62 10.42 -2.96
C ILE A 130 -12.42 9.71 -4.04
N GLY A 131 -13.70 10.06 -4.16
CA GLY A 131 -14.55 9.45 -5.15
C GLY A 131 -14.35 10.03 -6.54
N THR A 132 -14.11 9.16 -7.52
CA THR A 132 -13.89 9.60 -8.89
C THR A 132 -14.97 10.57 -9.33
N LYS A 133 -16.15 10.04 -9.62
CA LYS A 133 -17.27 10.86 -10.06
C LYS A 133 -18.27 11.08 -8.93
N GLY A 134 -17.76 11.10 -7.69
CA GLY A 134 -18.63 11.29 -6.54
C GLY A 134 -18.23 12.52 -5.73
N ASP A 135 -17.00 12.98 -5.91
CA ASP A 135 -16.52 14.14 -5.19
C ASP A 135 -16.69 13.96 -3.69
N ILE A 136 -16.50 12.73 -3.21
CA ILE A 136 -16.65 12.43 -1.79
C ILE A 136 -15.28 12.25 -1.14
N PRO A 137 -14.87 13.25 -0.34
CA PRO A 137 -13.59 13.23 0.36
C PRO A 137 -13.56 12.20 1.49
N ASN A 138 -14.69 12.04 2.18
CA ASN A 138 -14.80 11.09 3.27
C ASN A 138 -15.14 9.70 2.75
N PHE A 139 -14.71 9.40 1.53
CA PHE A 139 -14.96 8.11 0.91
C PHE A 139 -14.54 6.97 1.84
N GLY A 140 -13.34 7.08 2.39
CA GLY A 140 -12.84 6.05 3.29
C GLY A 140 -11.32 6.09 3.42
N THR A 141 -10.82 5.54 4.52
CA THR A 141 -9.38 5.51 4.76
C THR A 141 -8.81 4.10 4.57
N VAL A 142 -7.60 4.03 4.02
CA VAL A 142 -6.95 2.75 3.79
C VAL A 142 -5.86 2.49 4.82
N GLU A 143 -5.79 1.24 5.29
CA GLU A 143 -4.80 0.87 6.29
C GLU A 143 -3.75 -0.06 5.69
N TYR A 144 -2.58 0.49 5.39
CA TYR A 144 -1.49 -0.30 4.80
C TYR A 144 -0.28 -0.32 5.73
N TRP A 145 0.62 -1.28 5.49
CA TRP A 145 1.82 -1.41 6.31
C TRP A 145 3.02 -1.75 5.44
N PHE A 146 4.07 -0.93 5.54
CA PHE A 146 5.29 -1.16 4.77
C PHE A 146 6.48 -1.38 5.68
N ARG A 147 7.53 -1.99 5.14
CA ARG A 147 8.73 -2.26 5.91
C ARG A 147 9.98 -2.22 5.01
N LEU A 148 10.91 -1.35 5.36
CA LEU A 148 12.14 -1.20 4.58
C LEU A 148 13.33 -1.78 5.35
N ARG A 149 13.79 -2.96 4.93
CA ARG A 149 14.93 -3.60 5.57
C ARG A 149 15.86 -4.22 4.53
N VAL A 150 17.08 -3.70 4.46
CA VAL A 150 18.07 -4.19 3.51
C VAL A 150 17.98 -5.71 3.36
N SER A 151 18.27 -6.20 2.17
CA SER A 151 18.21 -7.63 1.89
C SER A 151 19.60 -8.18 1.54
N GLY A 152 20.04 -9.17 2.30
CA GLY A 152 21.35 -9.77 2.06
C GLY A 152 21.42 -10.49 0.72
N PRO A 153 22.41 -10.11 -0.10
CA PRO A 153 22.62 -10.71 -1.42
C PRO A 153 23.10 -12.15 -1.33
N SER A 154 24.11 -12.38 -0.50
CA SER A 154 24.67 -13.72 -0.33
C SER A 154 24.04 -14.42 0.88
N SER A 155 24.00 -13.72 2.01
CA SER A 155 23.43 -14.27 3.23
C SER A 155 22.05 -14.86 2.97
N GLY A 156 21.13 -14.03 2.49
CA GLY A 156 19.78 -14.49 2.20
C GLY A 156 18.85 -14.34 3.39
N GLY A 1 20.08 -28.63 6.66
CA GLY A 1 21.24 -28.91 7.50
C GLY A 1 21.36 -27.95 8.66
N SER A 2 22.45 -27.18 8.68
CA SER A 2 22.69 -26.20 9.75
C SER A 2 22.29 -26.79 11.11
N SER A 3 22.67 -28.04 11.33
CA SER A 3 22.35 -28.72 12.59
C SER A 3 22.56 -27.79 13.78
N GLY A 4 23.65 -27.02 13.73
CA GLY A 4 23.95 -26.09 14.81
C GLY A 4 25.43 -26.04 15.14
N SER A 5 25.83 -24.98 15.83
CA SER A 5 27.24 -24.81 16.20
C SER A 5 27.36 -23.99 17.48
N SER A 6 28.17 -24.48 18.42
CA SER A 6 28.37 -23.80 19.69
C SER A 6 29.59 -22.89 19.63
N GLY A 7 29.44 -21.66 20.13
CA GLY A 7 30.53 -20.72 20.12
C GLY A 7 30.20 -19.46 19.36
N ASP A 8 30.57 -19.43 18.08
CA ASP A 8 30.31 -18.26 17.23
C ASP A 8 29.07 -18.49 16.37
N GLU A 9 28.05 -17.65 16.59
CA GLU A 9 26.80 -17.76 15.83
C GLU A 9 25.94 -16.53 16.04
N THR A 10 25.34 -16.03 14.96
CA THR A 10 24.48 -14.86 15.02
C THR A 10 23.33 -14.97 14.02
N ILE A 11 22.24 -14.27 14.31
CA ILE A 11 21.07 -14.28 13.44
C ILE A 11 21.09 -13.09 12.48
N HIS A 12 21.36 -11.91 13.02
CA HIS A 12 21.41 -10.70 12.21
C HIS A 12 22.62 -10.71 11.28
N LEU A 13 22.38 -10.91 9.99
CA LEU A 13 23.44 -10.95 9.00
C LEU A 13 22.98 -10.33 7.68
N GLU A 14 23.53 -9.17 7.35
CA GLU A 14 23.18 -8.48 6.11
C GLU A 14 24.17 -8.83 5.00
N ARG A 15 23.85 -8.39 3.78
CA ARG A 15 24.70 -8.66 2.64
C ARG A 15 24.92 -7.39 1.80
N GLY A 16 23.82 -6.82 1.31
CA GLY A 16 23.91 -5.61 0.51
C GLY A 16 22.55 -5.16 0.01
N GLU A 17 22.12 -5.72 -1.11
CA GLU A 17 20.84 -5.36 -1.70
C GLU A 17 19.79 -5.15 -0.62
N ASN A 18 18.75 -4.39 -0.95
CA ASN A 18 17.67 -4.12 -0.01
C ASN A 18 16.36 -4.73 -0.48
N LEU A 19 15.36 -4.70 0.39
CA LEU A 19 14.05 -5.26 0.06
C LEU A 19 12.93 -4.42 0.65
N PHE A 20 11.87 -4.21 -0.12
CA PHE A 20 10.73 -3.42 0.33
C PHE A 20 9.44 -4.23 0.26
N GLU A 21 8.93 -4.62 1.43
CA GLU A 21 7.71 -5.41 1.50
C GLU A 21 6.49 -4.50 1.76
N ILE A 22 5.39 -4.80 1.07
CA ILE A 22 4.18 -4.02 1.22
C ILE A 22 2.96 -4.92 1.35
N HIS A 23 2.40 -4.98 2.57
CA HIS A 23 1.22 -5.81 2.82
C HIS A 23 0.01 -4.95 3.15
N ILE A 24 -1.14 -5.32 2.62
CA ILE A 24 -2.38 -4.59 2.86
C ILE A 24 -3.25 -5.29 3.90
N ASN A 25 -3.62 -4.56 4.95
CA ASN A 25 -4.45 -5.11 6.02
C ASN A 25 -5.91 -5.17 5.58
N LYS A 26 -6.51 -4.00 5.41
CA LYS A 26 -7.92 -3.92 5.00
C LYS A 26 -8.29 -2.49 4.63
N VAL A 27 -9.54 -2.29 4.22
CA VAL A 27 -10.02 -0.97 3.84
C VAL A 27 -11.35 -0.66 4.54
N THR A 28 -11.34 0.36 5.39
CA THR A 28 -12.54 0.76 6.11
C THR A 28 -13.37 1.76 5.30
N PHE A 29 -14.68 1.58 5.31
CA PHE A 29 -15.57 2.47 4.58
C PHE A 29 -16.46 3.26 5.53
N SER A 30 -17.13 4.28 5.00
CA SER A 30 -18.02 5.11 5.81
C SER A 30 -19.47 4.86 5.47
N SER A 31 -20.35 5.12 6.43
CA SER A 31 -21.79 4.91 6.22
C SER A 31 -22.22 5.39 4.84
N GLU A 32 -21.62 6.48 4.39
CA GLU A 32 -21.95 7.04 3.07
C GLU A 32 -22.06 5.93 2.03
N VAL A 33 -20.93 5.30 1.72
CA VAL A 33 -20.88 4.23 0.73
C VAL A 33 -21.76 3.06 1.17
N LEU A 34 -21.89 2.88 2.47
CA LEU A 34 -22.69 1.79 3.03
C LEU A 34 -24.16 1.94 2.62
N GLN A 35 -24.81 2.97 3.15
CA GLN A 35 -26.22 3.23 2.84
C GLN A 35 -26.43 3.30 1.33
N ALA A 36 -25.55 3.99 0.63
CA ALA A 36 -25.64 4.14 -0.81
C ALA A 36 -25.75 2.77 -1.49
N SER A 37 -24.98 1.81 -1.01
CA SER A 37 -25.00 0.47 -1.56
C SER A 37 -26.33 -0.22 -1.30
N GLY A 38 -26.59 -0.54 -0.03
CA GLY A 38 -27.82 -1.20 0.33
C GLY A 38 -27.60 -2.49 1.09
N ASP A 39 -28.48 -3.45 0.90
CA ASP A 39 -28.37 -4.74 1.58
C ASP A 39 -27.45 -5.69 0.81
N LYS A 40 -26.44 -5.12 0.16
CA LYS A 40 -25.50 -5.91 -0.62
C LYS A 40 -24.10 -5.29 -0.58
N GLU A 41 -23.13 -6.05 -0.08
CA GLU A 41 -21.76 -5.57 0.01
C GLU A 41 -21.10 -5.54 -1.37
N PRO A 42 -20.68 -4.34 -1.79
CA PRO A 42 -20.03 -4.14 -3.10
C PRO A 42 -18.64 -4.75 -3.14
N VAL A 43 -18.43 -5.72 -4.01
CA VAL A 43 -17.15 -6.38 -4.15
C VAL A 43 -16.16 -5.51 -4.92
N THR A 44 -15.02 -5.22 -4.31
CA THR A 44 -14.00 -4.39 -4.94
C THR A 44 -12.62 -5.04 -4.82
N PHE A 45 -11.71 -4.62 -5.69
CA PHE A 45 -10.35 -5.16 -5.69
C PHE A 45 -9.34 -4.08 -6.05
N CYS A 46 -8.22 -4.05 -5.32
CA CYS A 46 -7.18 -3.07 -5.56
C CYS A 46 -6.06 -3.66 -6.43
N THR A 47 -5.24 -2.79 -7.01
CA THR A 47 -4.14 -3.22 -7.86
C THR A 47 -3.03 -2.19 -7.88
N TYR A 48 -1.79 -2.65 -7.79
CA TYR A 48 -0.64 -1.75 -7.80
C TYR A 48 0.67 -2.56 -7.83
N ALA A 49 1.79 -1.84 -7.92
CA ALA A 49 3.10 -2.48 -7.95
C ALA A 49 4.17 -1.56 -7.37
N PHE A 50 5.30 -2.15 -7.00
CA PHE A 50 6.41 -1.39 -6.42
C PHE A 50 7.58 -1.32 -7.39
N TYR A 51 8.36 -0.24 -7.28
CA TYR A 51 9.51 -0.05 -8.15
C TYR A 51 9.15 -0.31 -9.61
N ASP A 52 7.90 -0.04 -9.96
CA ASP A 52 7.42 -0.23 -11.32
C ASP A 52 7.62 -1.68 -11.77
N PHE A 53 7.36 -2.61 -10.86
CA PHE A 53 7.52 -4.04 -11.15
C PHE A 53 6.22 -4.63 -11.69
N GLU A 54 6.25 -5.92 -12.01
CA GLU A 54 5.07 -6.61 -12.53
C GLU A 54 3.82 -6.22 -11.74
N LEU A 55 2.77 -5.85 -12.47
CA LEU A 55 1.52 -5.44 -11.85
C LEU A 55 0.79 -6.66 -11.27
N GLN A 56 0.71 -6.72 -9.94
CA GLN A 56 0.04 -7.82 -9.27
C GLN A 56 -1.38 -7.43 -8.86
N THR A 57 -2.33 -8.31 -9.14
CA THR A 57 -3.73 -8.06 -8.81
C THR A 57 -4.08 -8.65 -7.45
N THR A 58 -4.66 -7.82 -6.58
CA THR A 58 -5.05 -8.25 -5.25
C THR A 58 -6.22 -9.23 -5.31
N PRO A 59 -6.29 -10.12 -4.32
CA PRO A 59 -7.36 -11.13 -4.23
C PRO A 59 -8.72 -10.50 -3.91
N VAL A 60 -9.70 -10.77 -4.77
CA VAL A 60 -11.05 -10.23 -4.58
C VAL A 60 -11.72 -10.88 -3.38
N VAL A 61 -12.46 -10.07 -2.62
CA VAL A 61 -13.16 -10.56 -1.44
C VAL A 61 -14.54 -9.91 -1.31
N ARG A 62 -15.53 -10.72 -0.94
CA ARG A 62 -16.89 -10.22 -0.78
C ARG A 62 -17.09 -9.62 0.61
N GLY A 63 -17.46 -8.34 0.65
CA GLY A 63 -17.69 -7.68 1.91
C GLY A 63 -17.23 -6.24 1.90
N LEU A 64 -17.57 -5.49 2.95
CA LEU A 64 -17.18 -4.09 3.05
C LEU A 64 -15.82 -3.94 3.72
N HIS A 65 -15.63 -4.68 4.81
CA HIS A 65 -14.37 -4.63 5.54
C HIS A 65 -13.63 -5.97 5.44
N PRO A 66 -13.16 -6.29 4.23
CA PRO A 66 -12.43 -7.53 3.97
C PRO A 66 -11.05 -7.53 4.61
N GLU A 67 -10.34 -8.65 4.46
CA GLU A 67 -9.00 -8.78 5.03
C GLU A 67 -8.02 -9.32 4.00
N TYR A 68 -7.79 -8.54 2.95
CA TYR A 68 -6.87 -8.94 1.89
C TYR A 68 -5.71 -9.76 2.45
N ASN A 69 -4.93 -9.13 3.31
CA ASN A 69 -3.78 -9.80 3.92
C ASN A 69 -2.81 -10.30 2.85
N PHE A 70 -2.60 -9.48 1.82
CA PHE A 70 -1.70 -9.84 0.74
C PHE A 70 -0.27 -9.39 1.04
N THR A 71 0.70 -10.23 0.66
CA THR A 71 2.10 -9.92 0.90
C THR A 71 2.87 -9.83 -0.40
N SER A 72 3.57 -8.71 -0.61
CA SER A 72 4.34 -8.50 -1.82
C SER A 72 5.82 -8.31 -1.49
N GLN A 73 6.68 -9.09 -2.17
CA GLN A 73 8.11 -9.01 -1.95
C GLN A 73 8.84 -8.64 -3.23
N TYR A 74 9.45 -7.45 -3.24
CA TYR A 74 10.17 -6.98 -4.41
C TYR A 74 11.61 -6.61 -4.05
N LEU A 75 12.55 -7.39 -4.56
CA LEU A 75 13.97 -7.15 -4.29
C LEU A 75 14.46 -5.92 -5.05
N VAL A 76 14.78 -4.86 -4.30
CA VAL A 76 15.28 -3.63 -4.90
C VAL A 76 16.62 -3.23 -4.32
N HIS A 77 17.56 -2.88 -5.19
CA HIS A 77 18.89 -2.48 -4.77
C HIS A 77 19.10 -0.97 -4.94
N VAL A 78 18.92 -0.24 -3.85
CA VAL A 78 19.07 1.21 -3.87
C VAL A 78 18.92 1.81 -2.49
N ASN A 79 19.54 2.97 -2.27
CA ASN A 79 19.48 3.64 -0.97
C ASN A 79 19.09 5.11 -1.15
N ASP A 80 20.02 5.89 -1.68
CA ASP A 80 19.78 7.31 -1.90
C ASP A 80 18.66 7.53 -2.92
N LEU A 81 18.81 6.91 -4.09
CA LEU A 81 17.82 7.03 -5.16
C LEU A 81 16.46 6.50 -4.69
N PHE A 82 16.47 5.76 -3.59
CA PHE A 82 15.24 5.20 -3.05
C PHE A 82 14.34 6.29 -2.49
N LEU A 83 14.95 7.35 -1.98
CA LEU A 83 14.20 8.47 -1.42
C LEU A 83 13.69 9.40 -2.52
N GLN A 84 14.62 10.01 -3.25
CA GLN A 84 14.27 10.92 -4.32
C GLN A 84 13.08 10.39 -5.12
N TYR A 85 12.93 9.07 -5.14
CA TYR A 85 11.83 8.43 -5.85
C TYR A 85 10.50 8.67 -5.15
N ILE A 86 10.43 8.26 -3.89
CA ILE A 86 9.21 8.43 -3.09
C ILE A 86 8.83 9.90 -3.00
N GLN A 87 9.84 10.77 -2.92
CA GLN A 87 9.60 12.21 -2.82
C GLN A 87 9.07 12.76 -4.14
N LYS A 88 9.89 12.66 -5.19
CA LYS A 88 9.51 13.16 -6.51
C LYS A 88 8.22 12.48 -6.99
N ASN A 89 8.29 11.18 -7.19
CA ASN A 89 7.13 10.42 -7.65
C ASN A 89 6.53 9.60 -6.52
N THR A 90 5.30 9.15 -6.71
CA THR A 90 4.61 8.35 -5.70
C THR A 90 3.80 7.22 -6.34
N ILE A 91 3.24 6.35 -5.52
CA ILE A 91 2.44 5.24 -6.00
C ILE A 91 0.98 5.64 -6.16
N THR A 92 0.33 5.12 -7.20
CA THR A 92 -1.07 5.42 -7.45
C THR A 92 -1.93 4.17 -7.36
N LEU A 93 -2.71 4.07 -6.28
CA LEU A 93 -3.58 2.91 -6.07
C LEU A 93 -5.05 3.35 -6.03
N GLU A 94 -5.78 3.04 -7.09
CA GLU A 94 -7.19 3.39 -7.18
C GLU A 94 -8.07 2.19 -6.82
N VAL A 95 -9.14 2.46 -6.07
CA VAL A 95 -10.06 1.41 -5.66
C VAL A 95 -11.27 1.34 -6.58
N HIS A 96 -11.23 0.41 -7.54
CA HIS A 96 -12.33 0.25 -8.49
C HIS A 96 -13.25 -0.87 -8.05
N GLN A 97 -14.55 -0.59 -8.02
CA GLN A 97 -15.55 -1.58 -7.62
C GLN A 97 -16.02 -2.39 -8.82
N ALA A 98 -16.23 -3.69 -8.60
CA ALA A 98 -16.68 -4.58 -9.66
C ALA A 98 -18.08 -5.11 -9.38
N TYR A 99 -18.96 -5.02 -10.38
CA TYR A 99 -20.33 -5.48 -10.23
C TYR A 99 -20.49 -6.89 -10.77
N SER A 100 -21.63 -7.51 -10.50
CA SER A 100 -21.91 -8.86 -10.95
C SER A 100 -21.93 -8.94 -12.48
N THR A 101 -21.84 -7.77 -13.11
CA THR A 101 -21.84 -7.70 -14.56
C THR A 101 -20.55 -7.08 -15.09
N GLU A 102 -20.42 -5.76 -14.91
CA GLU A 102 -19.23 -5.05 -15.37
C GLU A 102 -18.48 -4.44 -14.19
N TYR A 103 -17.43 -3.69 -14.50
CA TYR A 103 -16.61 -3.06 -13.46
C TYR A 103 -16.09 -1.71 -13.94
N GLU A 104 -16.06 -0.74 -13.02
CA GLU A 104 -15.57 0.60 -13.35
C GLU A 104 -14.95 1.26 -12.13
N THR A 105 -14.05 2.21 -12.38
CA THR A 105 -13.38 2.93 -11.30
C THR A 105 -14.34 3.88 -10.59
N ILE A 106 -14.30 3.87 -9.26
CA ILE A 106 -15.17 4.74 -8.47
C ILE A 106 -14.35 5.60 -7.52
N ALA A 107 -13.15 5.14 -7.18
CA ALA A 107 -12.27 5.85 -6.27
C ALA A 107 -10.82 5.79 -6.74
N ALA A 108 -10.07 6.85 -6.48
CA ALA A 108 -8.66 6.91 -6.87
C ALA A 108 -7.84 7.67 -5.85
N CYS A 109 -6.79 7.03 -5.33
CA CYS A 109 -5.92 7.65 -4.35
C CYS A 109 -4.46 7.36 -4.65
N GLN A 110 -3.58 8.29 -4.27
CA GLN A 110 -2.15 8.14 -4.51
C GLN A 110 -1.43 7.72 -3.24
N LEU A 111 -0.82 6.54 -3.26
CA LEU A 111 -0.09 6.03 -2.10
C LEU A 111 1.28 6.70 -1.98
N LYS A 112 1.55 7.25 -0.80
CA LYS A 112 2.82 7.92 -0.55
C LYS A 112 3.15 7.91 0.94
N PHE A 113 4.41 7.64 1.26
CA PHE A 113 4.86 7.61 2.65
C PHE A 113 5.83 8.75 2.94
N HIS A 114 5.51 9.54 3.95
CA HIS A 114 6.35 10.68 4.33
C HIS A 114 7.41 10.24 5.35
N GLU A 115 6.96 9.54 6.39
CA GLU A 115 7.87 9.08 7.44
C GLU A 115 9.08 8.36 6.82
N ILE A 116 8.82 7.56 5.80
CA ILE A 116 9.89 6.82 5.13
C ILE A 116 11.08 7.73 4.81
N LEU A 117 10.84 9.03 4.81
CA LEU A 117 11.88 10.00 4.53
C LEU A 117 12.75 10.23 5.77
N GLU A 118 12.13 10.24 6.93
CA GLU A 118 12.85 10.45 8.18
C GLU A 118 13.34 9.13 8.76
N LYS A 119 12.44 8.13 8.79
CA LYS A 119 12.78 6.81 9.32
C LYS A 119 12.57 5.74 8.26
N SER A 120 13.05 4.53 8.54
CA SER A 120 12.91 3.42 7.61
C SER A 120 12.70 2.11 8.37
N GLY A 121 11.65 1.38 7.99
CA GLY A 121 11.37 0.11 8.64
C GLY A 121 9.92 0.00 9.08
N ARG A 122 9.71 -0.48 10.31
CA ARG A 122 8.36 -0.63 10.84
C ARG A 122 7.69 0.72 11.01
N ILE A 123 7.26 1.31 9.89
CA ILE A 123 6.59 2.60 9.92
C ILE A 123 5.13 2.48 9.52
N PHE A 124 4.25 3.09 10.31
CA PHE A 124 2.81 3.05 10.03
C PHE A 124 2.36 4.32 9.32
N CYS A 125 1.33 4.19 8.48
CA CYS A 125 0.80 5.33 7.73
C CYS A 125 -0.61 5.03 7.22
N THR A 126 -1.24 6.03 6.62
CA THR A 126 -2.59 5.88 6.09
C THR A 126 -2.79 6.77 4.87
N ALA A 127 -3.88 6.53 4.15
CA ALA A 127 -4.20 7.30 2.95
C ALA A 127 -5.70 7.57 2.86
N SER A 128 -6.05 8.74 2.34
CA SER A 128 -7.46 9.12 2.19
C SER A 128 -7.98 8.74 0.80
N LEU A 129 -9.22 8.28 0.76
CA LEU A 129 -9.84 7.89 -0.50
C LEU A 129 -10.87 8.92 -0.95
N ILE A 130 -11.03 9.06 -2.26
CA ILE A 130 -11.99 10.00 -2.82
C ILE A 130 -12.77 9.38 -3.99
N GLY A 131 -14.04 9.75 -4.10
CA GLY A 131 -14.87 9.23 -5.17
C GLY A 131 -14.71 10.02 -6.46
N THR A 132 -14.88 9.34 -7.59
CA THR A 132 -14.76 9.98 -8.90
C THR A 132 -16.10 10.51 -9.38
N LYS A 133 -17.15 9.72 -9.18
CA LYS A 133 -18.50 10.10 -9.60
C LYS A 133 -19.36 10.45 -8.38
N GLY A 134 -18.70 10.82 -7.28
CA GLY A 134 -19.43 11.18 -6.08
C GLY A 134 -18.79 12.35 -5.35
N ASP A 135 -17.47 12.43 -5.40
CA ASP A 135 -16.74 13.50 -4.73
C ASP A 135 -16.86 13.37 -3.21
N ILE A 136 -16.89 12.13 -2.73
CA ILE A 136 -16.99 11.88 -1.30
C ILE A 136 -15.62 11.68 -0.67
N PRO A 137 -15.17 12.69 0.09
CA PRO A 137 -13.86 12.65 0.76
C PRO A 137 -13.83 11.65 1.90
N ASN A 138 -15.00 11.39 2.50
CA ASN A 138 -15.11 10.46 3.60
C ASN A 138 -15.49 9.06 3.10
N PHE A 139 -14.98 8.71 1.93
CA PHE A 139 -15.27 7.40 1.33
C PHE A 139 -14.75 6.28 2.22
N GLY A 140 -13.55 6.45 2.73
CA GLY A 140 -12.96 5.44 3.60
C GLY A 140 -11.45 5.54 3.67
N THR A 141 -10.87 5.06 4.76
CA THR A 141 -9.42 5.11 4.96
C THR A 141 -8.80 3.73 4.78
N VAL A 142 -7.58 3.70 4.27
CA VAL A 142 -6.87 2.45 4.06
C VAL A 142 -5.73 2.27 5.05
N GLU A 143 -5.57 1.06 5.56
CA GLU A 143 -4.52 0.76 6.53
C GLU A 143 -3.43 -0.11 5.90
N TYR A 144 -2.18 0.22 6.16
CA TYR A 144 -1.06 -0.54 5.62
C TYR A 144 0.21 -0.29 6.43
N TRP A 145 1.28 -0.98 6.07
CA TRP A 145 2.56 -0.84 6.78
C TRP A 145 3.72 -1.22 5.87
N PHE A 146 4.63 -0.29 5.66
CA PHE A 146 5.79 -0.53 4.81
C PHE A 146 7.06 -0.69 5.65
N ARG A 147 7.98 -1.51 5.17
CA ARG A 147 9.23 -1.75 5.88
C ARG A 147 10.41 -1.71 4.91
N LEU A 148 11.36 -0.82 5.18
CA LEU A 148 12.55 -0.68 4.34
C LEU A 148 13.81 -1.07 5.11
N ARG A 149 14.35 -2.25 4.80
CA ARG A 149 15.55 -2.73 5.45
C ARG A 149 16.29 -3.71 4.56
N VAL A 150 17.62 -3.77 4.72
CA VAL A 150 18.44 -4.67 3.94
C VAL A 150 17.81 -6.06 3.84
N SER A 151 18.03 -6.73 2.71
CA SER A 151 17.48 -8.06 2.50
C SER A 151 18.38 -9.12 3.11
N GLY A 152 17.76 -10.15 3.69
CA GLY A 152 18.52 -11.22 4.31
C GLY A 152 17.98 -12.59 3.97
N PRO A 153 18.62 -13.64 4.50
CA PRO A 153 18.21 -15.02 4.27
C PRO A 153 16.88 -15.36 4.95
N SER A 154 15.82 -15.49 4.16
CA SER A 154 14.50 -15.81 4.69
C SER A 154 14.52 -17.16 5.42
N SER A 155 14.87 -18.21 4.69
CA SER A 155 14.92 -19.55 5.26
C SER A 155 15.73 -19.56 6.56
N GLY A 156 16.90 -18.94 6.53
CA GLY A 156 17.74 -18.88 7.71
C GLY A 156 19.05 -19.61 7.51
N GLY A 1 12.37 25.56 6.16
CA GLY A 1 13.53 26.40 6.38
C GLY A 1 14.18 26.16 7.73
N SER A 2 15.01 25.13 7.80
CA SER A 2 15.70 24.79 9.04
C SER A 2 16.85 25.76 9.32
N SER A 3 17.49 26.21 8.24
CA SER A 3 18.61 27.14 8.37
C SER A 3 19.64 26.62 9.37
N GLY A 4 19.99 25.35 9.25
CA GLY A 4 20.96 24.75 10.15
C GLY A 4 21.47 23.42 9.64
N SER A 5 22.80 23.25 9.70
CA SER A 5 23.42 22.01 9.24
C SER A 5 22.93 20.82 10.05
N SER A 6 22.87 19.65 9.41
CA SER A 6 22.42 18.43 10.07
C SER A 6 23.53 17.39 10.08
N GLY A 7 23.34 16.36 10.92
CA GLY A 7 24.33 15.30 11.02
C GLY A 7 23.81 13.97 10.51
N ASP A 8 24.67 12.96 10.49
CA ASP A 8 24.28 11.63 10.03
C ASP A 8 24.73 10.56 11.02
N GLU A 9 23.88 9.56 11.23
CA GLU A 9 24.19 8.48 12.16
C GLU A 9 23.87 7.13 11.53
N THR A 10 24.89 6.27 11.46
CA THR A 10 24.73 4.95 10.88
C THR A 10 24.82 3.87 11.94
N ILE A 11 23.71 3.18 12.18
CA ILE A 11 23.66 2.12 13.18
C ILE A 11 23.87 0.75 12.54
N HIS A 12 23.11 0.49 11.48
CA HIS A 12 23.21 -0.79 10.77
C HIS A 12 23.65 -0.57 9.32
N LEU A 13 24.63 -1.36 8.89
CA LEU A 13 25.15 -1.26 7.52
C LEU A 13 24.12 -1.75 6.51
N GLU A 14 23.66 -0.84 5.66
CA GLU A 14 22.68 -1.18 4.64
C GLU A 14 23.35 -1.37 3.27
N ARG A 15 24.61 -0.96 3.18
CA ARG A 15 25.36 -1.08 1.93
C ARG A 15 25.41 -2.53 1.47
N GLY A 16 24.46 -2.90 0.62
CA GLY A 16 24.41 -4.26 0.11
C GLY A 16 23.14 -4.54 -0.68
N GLU A 17 22.10 -5.01 0.02
CA GLU A 17 20.83 -5.31 -0.63
C GLU A 17 19.66 -4.78 0.20
N ASN A 18 18.62 -4.31 -0.48
CA ASN A 18 17.44 -3.78 0.18
C ASN A 18 16.19 -4.53 -0.24
N LEU A 19 15.26 -4.70 0.71
CA LEU A 19 14.01 -5.41 0.43
C LEU A 19 12.82 -4.59 0.91
N PHE A 20 11.83 -4.43 0.03
CA PHE A 20 10.63 -3.67 0.36
C PHE A 20 9.41 -4.59 0.43
N GLU A 21 8.75 -4.59 1.58
CA GLU A 21 7.57 -5.42 1.79
C GLU A 21 6.32 -4.57 1.96
N ILE A 22 5.28 -4.88 1.19
CA ILE A 22 4.03 -4.13 1.26
C ILE A 22 2.86 -5.06 1.50
N HIS A 23 2.32 -5.03 2.72
CA HIS A 23 1.18 -5.87 3.08
C HIS A 23 -0.05 -5.02 3.38
N ILE A 24 -1.19 -5.44 2.84
CA ILE A 24 -2.44 -4.71 3.06
C ILE A 24 -3.29 -5.40 4.11
N ASN A 25 -3.68 -4.64 5.14
CA ASN A 25 -4.49 -5.18 6.22
C ASN A 25 -5.96 -5.27 5.80
N LYS A 26 -6.58 -4.11 5.58
CA LYS A 26 -7.98 -4.05 5.17
C LYS A 26 -8.36 -2.64 4.75
N VAL A 27 -9.60 -2.48 4.29
CA VAL A 27 -10.09 -1.18 3.86
C VAL A 27 -11.34 -0.77 4.64
N THR A 28 -11.25 0.35 5.35
CA THR A 28 -12.36 0.84 6.15
C THR A 28 -13.23 1.79 5.34
N PHE A 29 -14.54 1.76 5.58
CA PHE A 29 -15.48 2.62 4.87
C PHE A 29 -16.26 3.49 5.85
N SER A 30 -16.94 4.51 5.32
CA SER A 30 -17.72 5.42 6.14
C SER A 30 -19.21 5.18 5.94
N SER A 31 -20.00 5.51 6.98
CA SER A 31 -21.45 5.32 6.92
C SER A 31 -21.99 5.77 5.57
N GLU A 32 -21.29 6.70 4.92
CA GLU A 32 -21.71 7.21 3.62
C GLU A 32 -22.00 6.07 2.66
N VAL A 33 -20.95 5.37 2.25
CA VAL A 33 -21.09 4.24 1.32
C VAL A 33 -22.03 3.19 1.88
N LEU A 34 -22.05 3.06 3.21
CA LEU A 34 -22.90 2.08 3.87
C LEU A 34 -24.36 2.33 3.54
N GLN A 35 -24.82 3.55 3.75
CA GLN A 35 -26.21 3.92 3.47
C GLN A 35 -26.50 3.84 1.98
N ALA A 36 -25.66 4.50 1.17
CA ALA A 36 -25.84 4.49 -0.27
C ALA A 36 -25.89 3.07 -0.82
N SER A 37 -25.08 2.18 -0.23
CA SER A 37 -25.04 0.79 -0.66
C SER A 37 -26.36 0.09 -0.39
N GLY A 38 -26.61 -0.23 0.88
CA GLY A 38 -27.84 -0.89 1.25
C GLY A 38 -27.60 -2.19 2.00
N ASP A 39 -28.45 -3.17 1.77
CA ASP A 39 -28.32 -4.47 2.43
C ASP A 39 -27.38 -5.38 1.64
N LYS A 40 -26.36 -4.79 1.02
CA LYS A 40 -25.40 -5.54 0.24
C LYS A 40 -23.97 -5.07 0.52
N GLU A 41 -23.00 -5.72 -0.10
CA GLU A 41 -21.60 -5.36 0.09
C GLU A 41 -20.89 -5.23 -1.26
N PRO A 42 -20.31 -4.05 -1.50
CA PRO A 42 -19.59 -3.77 -2.75
C PRO A 42 -18.28 -4.54 -2.85
N VAL A 43 -18.16 -5.37 -3.88
CA VAL A 43 -16.96 -6.16 -4.09
C VAL A 43 -15.95 -5.42 -4.96
N THR A 44 -14.85 -5.01 -4.34
CA THR A 44 -13.80 -4.28 -5.06
C THR A 44 -12.43 -4.90 -4.79
N PHE A 45 -11.42 -4.40 -5.50
CA PHE A 45 -10.06 -4.91 -5.34
C PHE A 45 -9.04 -3.83 -5.70
N CYS A 46 -7.86 -3.91 -5.09
CA CYS A 46 -6.80 -2.94 -5.34
C CYS A 46 -5.80 -3.47 -6.35
N THR A 47 -5.30 -2.58 -7.21
CA THR A 47 -4.34 -2.98 -8.24
C THR A 47 -3.28 -1.90 -8.43
N TYR A 48 -2.02 -2.31 -8.41
CA TYR A 48 -0.90 -1.38 -8.59
C TYR A 48 0.42 -2.12 -8.74
N ALA A 49 1.47 -1.39 -9.09
CA ALA A 49 2.79 -1.99 -9.26
C ALA A 49 3.82 -1.29 -8.38
N PHE A 50 4.92 -1.99 -8.10
CA PHE A 50 5.98 -1.43 -7.26
C PHE A 50 7.25 -1.21 -8.08
N TYR A 51 7.97 -0.14 -7.75
CA TYR A 51 9.20 0.20 -8.46
C TYR A 51 9.07 -0.07 -9.95
N ASP A 52 7.89 0.21 -10.49
CA ASP A 52 7.62 0.00 -11.91
C ASP A 52 7.83 -1.46 -12.30
N PHE A 53 7.24 -2.36 -11.51
CA PHE A 53 7.36 -3.79 -11.78
C PHE A 53 6.03 -4.37 -12.25
N GLU A 54 6.01 -5.68 -12.47
CA GLU A 54 4.80 -6.35 -12.93
C GLU A 54 3.59 -5.92 -12.12
N LEU A 55 2.44 -5.81 -12.78
CA LEU A 55 1.21 -5.40 -12.13
C LEU A 55 0.67 -6.52 -11.25
N GLN A 56 0.66 -6.30 -9.94
CA GLN A 56 0.16 -7.28 -8.99
C GLN A 56 -1.32 -7.08 -8.71
N THR A 57 -2.13 -8.10 -9.02
CA THR A 57 -3.57 -8.02 -8.81
C THR A 57 -3.96 -8.72 -7.51
N THR A 58 -4.59 -7.97 -6.60
CA THR A 58 -5.01 -8.51 -5.32
C THR A 58 -6.24 -9.40 -5.48
N PRO A 59 -6.41 -10.36 -4.57
CA PRO A 59 -7.55 -11.28 -4.59
C PRO A 59 -8.86 -10.60 -4.25
N VAL A 60 -9.87 -10.80 -5.09
CA VAL A 60 -11.18 -10.20 -4.87
C VAL A 60 -11.88 -10.83 -3.68
N VAL A 61 -12.54 -10.00 -2.88
CA VAL A 61 -13.25 -10.47 -1.71
C VAL A 61 -14.55 -9.71 -1.50
N ARG A 62 -15.62 -10.43 -1.19
CA ARG A 62 -16.93 -9.81 -0.97
C ARG A 62 -17.07 -9.33 0.47
N GLY A 63 -17.13 -8.00 0.63
CA GLY A 63 -17.25 -7.43 1.96
C GLY A 63 -16.81 -5.98 2.00
N LEU A 64 -17.14 -5.30 3.09
CA LEU A 64 -16.78 -3.90 3.26
C LEU A 64 -15.49 -3.76 4.07
N HIS A 65 -15.27 -4.70 4.98
CA HIS A 65 -14.08 -4.68 5.81
C HIS A 65 -13.39 -6.04 5.81
N PRO A 66 -13.04 -6.52 4.60
CA PRO A 66 -12.37 -7.80 4.42
C PRO A 66 -10.94 -7.79 4.95
N GLU A 67 -10.25 -8.92 4.80
CA GLU A 67 -8.87 -9.04 5.26
C GLU A 67 -7.98 -9.64 4.17
N TYR A 68 -7.63 -8.83 3.18
CA TYR A 68 -6.79 -9.28 2.08
C TYR A 68 -5.63 -10.13 2.59
N ASN A 69 -4.88 -9.58 3.54
CA ASN A 69 -3.75 -10.29 4.12
C ASN A 69 -2.73 -10.66 3.04
N PHE A 70 -2.56 -9.77 2.07
CA PHE A 70 -1.62 -10.00 0.98
C PHE A 70 -0.22 -9.55 1.36
N THR A 71 0.78 -10.29 0.91
CA THR A 71 2.17 -9.96 1.20
C THR A 71 3.01 -9.93 -0.07
N SER A 72 3.44 -8.73 -0.45
CA SER A 72 4.25 -8.55 -1.66
C SER A 72 5.59 -7.93 -1.32
N GLN A 73 6.65 -8.72 -1.41
CA GLN A 73 7.99 -8.24 -1.11
C GLN A 73 9.02 -8.91 -2.01
N TYR A 74 10.07 -8.18 -2.36
CA TYR A 74 11.13 -8.71 -3.21
C TYR A 74 12.44 -7.97 -2.98
N LEU A 75 13.56 -8.67 -3.18
CA LEU A 75 14.87 -8.10 -2.99
C LEU A 75 15.20 -7.10 -4.11
N VAL A 76 15.15 -5.81 -3.78
CA VAL A 76 15.43 -4.76 -4.75
C VAL A 76 16.78 -4.11 -4.45
N HIS A 77 17.66 -4.12 -5.45
CA HIS A 77 18.99 -3.54 -5.31
C HIS A 77 18.96 -2.05 -5.66
N VAL A 78 18.92 -1.20 -4.63
CA VAL A 78 18.90 0.24 -4.83
C VAL A 78 19.57 0.98 -3.69
N ASN A 79 19.71 2.29 -3.82
CA ASN A 79 20.33 3.11 -2.79
C ASN A 79 19.42 4.26 -2.37
N ASP A 80 19.93 5.13 -1.51
CA ASP A 80 19.17 6.28 -1.04
C ASP A 80 18.25 6.81 -2.13
N LEU A 81 18.70 6.72 -3.38
CA LEU A 81 17.93 7.18 -4.52
C LEU A 81 16.45 6.84 -4.34
N PHE A 82 16.18 5.60 -3.97
CA PHE A 82 14.80 5.15 -3.77
C PHE A 82 14.00 6.18 -2.98
N LEU A 83 14.51 6.56 -1.82
CA LEU A 83 13.84 7.55 -0.97
C LEU A 83 13.36 8.73 -1.79
N GLN A 84 14.26 9.32 -2.56
CA GLN A 84 13.91 10.47 -3.40
C GLN A 84 12.62 10.21 -4.18
N TYR A 85 12.62 9.16 -4.97
CA TYR A 85 11.44 8.79 -5.76
C TYR A 85 10.16 9.06 -4.98
N ILE A 86 10.19 8.76 -3.69
CA ILE A 86 9.03 8.95 -2.83
C ILE A 86 8.52 10.39 -2.92
N GLN A 87 9.42 11.35 -2.74
CA GLN A 87 9.07 12.75 -2.80
C GLN A 87 8.82 13.19 -4.24
N LYS A 88 9.57 12.61 -5.17
CA LYS A 88 9.43 12.94 -6.58
C LYS A 88 8.14 12.35 -7.16
N ASN A 89 8.11 11.03 -7.31
CA ASN A 89 6.94 10.35 -7.85
C ASN A 89 6.35 9.39 -6.81
N THR A 90 5.05 9.52 -6.58
CA THR A 90 4.36 8.66 -5.61
C THR A 90 3.60 7.55 -6.31
N ILE A 91 2.96 6.69 -5.52
CA ILE A 91 2.20 5.57 -6.07
C ILE A 91 0.72 5.94 -6.22
N THR A 92 0.13 5.52 -7.33
CA THR A 92 -1.28 5.81 -7.59
C THR A 92 -2.11 4.54 -7.53
N LEU A 93 -2.80 4.35 -6.40
CA LEU A 93 -3.65 3.18 -6.22
C LEU A 93 -5.12 3.55 -6.29
N GLU A 94 -5.80 3.03 -7.31
CA GLU A 94 -7.22 3.31 -7.50
C GLU A 94 -8.07 2.08 -7.17
N VAL A 95 -9.24 2.31 -6.59
CA VAL A 95 -10.14 1.23 -6.22
C VAL A 95 -11.38 1.22 -7.10
N HIS A 96 -11.51 0.20 -7.93
CA HIS A 96 -12.65 0.07 -8.83
C HIS A 96 -13.61 -1.02 -8.34
N GLN A 97 -14.87 -0.90 -8.73
CA GLN A 97 -15.89 -1.87 -8.33
C GLN A 97 -16.02 -2.98 -9.37
N ALA A 98 -16.48 -4.15 -8.92
CA ALA A 98 -16.64 -5.29 -9.81
C ALA A 98 -18.12 -5.57 -10.06
N TYR A 99 -18.59 -5.29 -11.27
CA TYR A 99 -19.98 -5.52 -11.64
C TYR A 99 -20.15 -6.86 -12.32
N SER A 100 -21.40 -7.28 -12.48
CA SER A 100 -21.70 -8.56 -13.13
C SER A 100 -20.71 -8.85 -14.25
N THR A 101 -20.84 -8.13 -15.36
CA THR A 101 -19.96 -8.32 -16.50
C THR A 101 -19.31 -7.00 -16.91
N GLU A 102 -19.40 -6.00 -16.05
CA GLU A 102 -18.84 -4.69 -16.31
C GLU A 102 -17.96 -4.22 -15.16
N TYR A 103 -17.19 -3.17 -15.40
CA TYR A 103 -16.31 -2.61 -14.37
C TYR A 103 -16.05 -1.13 -14.61
N GLU A 104 -16.05 -0.36 -13.54
CA GLU A 104 -15.81 1.08 -13.64
C GLU A 104 -15.14 1.61 -12.37
N THR A 105 -14.33 2.66 -12.52
CA THR A 105 -13.63 3.25 -11.39
C THR A 105 -14.59 4.04 -10.50
N ILE A 106 -14.48 3.84 -9.20
CA ILE A 106 -15.33 4.54 -8.25
C ILE A 106 -14.50 5.42 -7.31
N ALA A 107 -13.26 5.02 -7.07
CA ALA A 107 -12.37 5.78 -6.20
C ALA A 107 -10.94 5.76 -6.73
N ALA A 108 -10.19 6.79 -6.40
CA ALA A 108 -8.80 6.89 -6.85
C ALA A 108 -7.96 7.68 -5.84
N CYS A 109 -6.78 7.15 -5.51
CA CYS A 109 -5.89 7.81 -4.57
C CYS A 109 -4.44 7.41 -4.83
N GLN A 110 -3.53 7.97 -4.05
CA GLN A 110 -2.10 7.68 -4.20
C GLN A 110 -1.47 7.31 -2.86
N LEU A 111 -0.58 6.33 -2.88
CA LEU A 111 0.09 5.87 -1.67
C LEU A 111 1.44 6.57 -1.51
N LYS A 112 1.50 7.53 -0.59
CA LYS A 112 2.72 8.27 -0.32
C LYS A 112 3.11 8.18 1.15
N PHE A 113 4.36 7.83 1.41
CA PHE A 113 4.86 7.71 2.78
C PHE A 113 5.85 8.82 3.09
N HIS A 114 5.58 9.56 4.17
CA HIS A 114 6.45 10.65 4.59
C HIS A 114 7.54 10.16 5.53
N GLU A 115 7.13 9.43 6.57
CA GLU A 115 8.09 8.90 7.53
C GLU A 115 9.19 8.11 6.84
N ILE A 116 8.90 7.62 5.64
CA ILE A 116 9.87 6.85 4.87
C ILE A 116 11.04 7.72 4.45
N LEU A 117 10.96 9.01 4.75
CA LEU A 117 12.01 9.95 4.40
C LEU A 117 13.03 10.08 5.54
N GLU A 118 12.56 9.88 6.76
CA GLU A 118 13.43 9.97 7.94
C GLU A 118 13.70 8.58 8.51
N LYS A 119 12.66 7.78 8.65
CA LYS A 119 12.79 6.43 9.19
C LYS A 119 12.51 5.39 8.11
N SER A 120 13.29 4.32 8.13
CA SER A 120 13.12 3.24 7.14
C SER A 120 12.91 1.91 7.84
N GLY A 121 11.73 1.33 7.66
CA GLY A 121 11.41 0.05 8.28
C GLY A 121 10.06 0.06 8.97
N ARG A 122 9.96 -0.68 10.07
CA ARG A 122 8.72 -0.76 10.82
C ARG A 122 8.09 0.62 10.99
N ILE A 123 7.19 0.97 10.06
CA ILE A 123 6.52 2.26 10.11
C ILE A 123 5.03 2.12 9.75
N PHE A 124 4.21 2.96 10.36
CA PHE A 124 2.77 2.94 10.10
C PHE A 124 2.32 4.22 9.41
N CYS A 125 1.42 4.07 8.43
CA CYS A 125 0.91 5.22 7.70
C CYS A 125 -0.46 4.91 7.09
N THR A 126 -1.18 5.95 6.70
CA THR A 126 -2.50 5.79 6.10
C THR A 126 -2.72 6.79 4.97
N ALA A 127 -3.73 6.52 4.14
CA ALA A 127 -4.05 7.40 3.02
C ALA A 127 -5.53 7.71 2.98
N SER A 128 -5.89 8.78 2.26
CA SER A 128 -7.28 9.19 2.14
C SER A 128 -7.85 8.78 0.78
N LEU A 129 -9.09 8.29 0.79
CA LEU A 129 -9.75 7.86 -0.44
C LEU A 129 -10.86 8.83 -0.82
N ILE A 130 -10.95 9.14 -2.11
CA ILE A 130 -11.97 10.05 -2.61
C ILE A 130 -12.83 9.39 -3.69
N GLY A 131 -14.11 9.70 -3.68
CA GLY A 131 -15.02 9.13 -4.66
C GLY A 131 -15.11 9.96 -5.92
N THR A 132 -15.37 9.30 -7.05
CA THR A 132 -15.48 9.99 -8.33
C THR A 132 -16.91 10.41 -8.61
N LYS A 133 -17.77 9.44 -8.89
CA LYS A 133 -19.18 9.71 -9.18
C LYS A 133 -19.94 9.99 -7.89
N GLY A 134 -19.48 10.98 -7.13
CA GLY A 134 -20.14 11.34 -5.89
C GLY A 134 -19.40 12.42 -5.13
N ASP A 135 -18.09 12.51 -5.34
CA ASP A 135 -17.27 13.51 -4.67
C ASP A 135 -17.35 13.34 -3.15
N ILE A 136 -17.07 12.14 -2.68
CA ILE A 136 -17.11 11.86 -1.24
C ILE A 136 -15.71 11.78 -0.67
N PRO A 137 -15.32 12.81 0.09
CA PRO A 137 -14.00 12.87 0.73
C PRO A 137 -13.84 11.85 1.85
N ASN A 138 -14.94 11.60 2.57
CA ASN A 138 -14.92 10.65 3.67
C ASN A 138 -15.34 9.26 3.20
N PHE A 139 -15.06 8.96 1.94
CA PHE A 139 -15.41 7.66 1.36
C PHE A 139 -14.89 6.52 2.23
N GLY A 140 -13.63 6.63 2.64
CA GLY A 140 -13.03 5.59 3.46
C GLY A 140 -11.54 5.80 3.66
N THR A 141 -10.92 4.91 4.43
CA THR A 141 -9.49 5.00 4.69
C THR A 141 -8.80 3.65 4.47
N VAL A 142 -7.57 3.70 3.99
CA VAL A 142 -6.80 2.48 3.73
C VAL A 142 -5.69 2.30 4.76
N GLU A 143 -5.62 1.11 5.36
CA GLU A 143 -4.61 0.82 6.36
C GLU A 143 -3.53 -0.10 5.78
N TYR A 144 -2.27 0.29 5.96
CA TYR A 144 -1.15 -0.49 5.46
C TYR A 144 0.13 -0.15 6.22
N TRP A 145 1.16 -0.97 6.02
CA TRP A 145 2.44 -0.76 6.69
C TRP A 145 3.60 -1.07 5.75
N PHE A 146 4.60 -0.20 5.74
CA PHE A 146 5.77 -0.39 4.88
C PHE A 146 7.04 -0.50 5.72
N ARG A 147 8.00 -1.28 5.22
CA ARG A 147 9.27 -1.47 5.93
C ARG A 147 10.41 -1.65 4.94
N LEU A 148 11.32 -0.68 4.90
CA LEU A 148 12.47 -0.74 4.00
C LEU A 148 13.78 -0.84 4.79
N ARG A 149 14.37 -2.02 4.77
CA ARG A 149 15.63 -2.25 5.48
C ARG A 149 16.49 -3.28 4.76
N VAL A 150 17.78 -3.29 5.07
CA VAL A 150 18.71 -4.22 4.43
C VAL A 150 18.32 -5.67 4.73
N SER A 151 18.30 -6.50 3.68
CA SER A 151 17.93 -7.90 3.82
C SER A 151 19.03 -8.80 3.26
N GLY A 152 19.26 -9.92 3.94
CA GLY A 152 20.28 -10.86 3.50
C GLY A 152 20.13 -11.23 2.03
N PRO A 153 21.26 -11.38 1.33
CA PRO A 153 21.28 -11.75 -0.08
C PRO A 153 20.82 -13.18 -0.33
N SER A 154 19.54 -13.35 -0.65
CA SER A 154 18.98 -14.66 -0.90
C SER A 154 18.34 -14.73 -2.28
N SER A 155 17.86 -13.58 -2.76
CA SER A 155 17.22 -13.51 -4.07
C SER A 155 18.18 -12.94 -5.11
N GLY A 156 18.20 -13.58 -6.28
CA GLY A 156 19.08 -13.13 -7.35
C GLY A 156 18.34 -12.41 -8.45
N GLY A 1 -3.05 -10.82 31.79
CA GLY A 1 -2.28 -10.69 30.57
C GLY A 1 -2.33 -11.93 29.71
N SER A 2 -3.53 -12.28 29.24
CA SER A 2 -3.71 -13.47 28.41
C SER A 2 -2.69 -13.49 27.27
N SER A 3 -2.75 -12.48 26.40
CA SER A 3 -1.84 -12.39 25.27
C SER A 3 -0.45 -11.98 25.72
N GLY A 4 0.48 -12.93 25.66
CA GLY A 4 1.85 -12.66 26.07
C GLY A 4 2.78 -12.48 24.89
N SER A 5 3.83 -11.68 25.09
CA SER A 5 4.80 -11.42 24.03
C SER A 5 6.21 -11.30 24.60
N SER A 6 7.19 -11.19 23.72
CA SER A 6 8.58 -11.07 24.13
C SER A 6 9.17 -9.74 23.69
N GLY A 7 9.21 -9.51 22.38
CA GLY A 7 9.75 -8.27 21.85
C GLY A 7 10.57 -8.49 20.60
N ASP A 8 11.86 -8.24 20.69
CA ASP A 8 12.76 -8.40 19.55
C ASP A 8 14.21 -8.54 20.02
N GLU A 9 15.08 -9.02 19.13
CA GLU A 9 16.48 -9.20 19.45
C GLU A 9 17.35 -9.08 18.20
N THR A 10 18.38 -8.25 18.27
CA THR A 10 19.28 -8.04 17.15
C THR A 10 20.72 -7.83 17.62
N ILE A 11 21.66 -8.21 16.78
CA ILE A 11 23.08 -8.06 17.11
C ILE A 11 23.68 -6.83 16.45
N HIS A 12 23.65 -6.80 15.12
CA HIS A 12 24.18 -5.68 14.37
C HIS A 12 23.64 -5.68 12.93
N LEU A 13 23.10 -4.54 12.51
CA LEU A 13 22.56 -4.41 11.16
C LEU A 13 23.68 -4.27 10.14
N GLU A 14 23.58 -5.03 9.05
CA GLU A 14 24.57 -4.98 8.00
C GLU A 14 24.02 -4.31 6.74
N ARG A 15 24.89 -3.68 5.97
CA ARG A 15 24.49 -2.99 4.75
C ARG A 15 24.58 -3.92 3.55
N GLY A 16 23.66 -3.75 2.60
CA GLY A 16 23.66 -4.59 1.41
C GLY A 16 22.46 -4.34 0.53
N GLU A 17 21.83 -5.42 0.08
CA GLU A 17 20.66 -5.30 -0.79
C GLU A 17 19.48 -4.69 -0.03
N ASN A 18 18.41 -4.37 -0.76
CA ASN A 18 17.23 -3.78 -0.16
C ASN A 18 15.97 -4.54 -0.57
N LEU A 19 15.14 -4.88 0.41
CA LEU A 19 13.90 -5.60 0.16
C LEU A 19 12.70 -4.81 0.65
N PHE A 20 11.83 -4.42 -0.29
CA PHE A 20 10.64 -3.66 0.05
C PHE A 20 9.38 -4.49 -0.17
N GLU A 21 8.49 -4.49 0.81
CA GLU A 21 7.25 -5.24 0.74
C GLU A 21 6.11 -4.52 1.47
N ILE A 22 4.96 -4.44 0.81
CA ILE A 22 3.80 -3.78 1.39
C ILE A 22 2.67 -4.77 1.64
N HIS A 23 2.31 -4.96 2.91
CA HIS A 23 1.24 -5.87 3.28
C HIS A 23 -0.04 -5.11 3.60
N ILE A 24 -0.98 -5.12 2.66
CA ILE A 24 -2.25 -4.43 2.84
C ILE A 24 -3.11 -5.12 3.90
N ASN A 25 -3.25 -4.50 5.05
CA ASN A 25 -4.04 -5.05 6.14
C ASN A 25 -5.51 -5.15 5.75
N LYS A 26 -6.15 -4.00 5.56
CA LYS A 26 -7.55 -3.95 5.16
C LYS A 26 -7.96 -2.53 4.79
N VAL A 27 -9.07 -2.42 4.05
CA VAL A 27 -9.58 -1.12 3.63
C VAL A 27 -10.81 -0.72 4.43
N THR A 28 -10.75 0.45 5.06
CA THR A 28 -11.86 0.94 5.86
C THR A 28 -12.77 1.87 5.04
N PHE A 29 -14.05 1.87 5.35
CA PHE A 29 -15.02 2.70 4.64
C PHE A 29 -15.83 3.54 5.63
N SER A 30 -16.27 4.70 5.17
CA SER A 30 -17.06 5.60 6.00
C SER A 30 -18.55 5.49 5.68
N SER A 31 -19.39 5.73 6.67
CA SER A 31 -20.83 5.64 6.50
C SER A 31 -21.23 6.10 5.10
N GLU A 32 -20.58 7.14 4.61
CA GLU A 32 -20.87 7.68 3.29
C GLU A 32 -21.15 6.56 2.29
N VAL A 33 -20.13 5.77 2.00
CA VAL A 33 -20.27 4.65 1.07
C VAL A 33 -21.15 3.56 1.65
N LEU A 34 -20.89 3.20 2.90
CA LEU A 34 -21.66 2.16 3.58
C LEU A 34 -23.16 2.32 3.30
N GLN A 35 -23.73 3.42 3.77
CA GLN A 35 -25.14 3.69 3.58
C GLN A 35 -25.52 3.57 2.10
N ALA A 36 -24.69 4.14 1.23
CA ALA A 36 -24.93 4.08 -0.21
C ALA A 36 -25.36 2.68 -0.64
N SER A 37 -24.66 1.68 -0.16
CA SER A 37 -24.97 0.29 -0.51
C SER A 37 -26.27 -0.14 0.13
N GLY A 38 -26.34 -0.08 1.47
CA GLY A 38 -27.54 -0.47 2.17
C GLY A 38 -27.65 -1.98 2.35
N ASP A 39 -27.42 -2.45 3.57
CA ASP A 39 -27.51 -3.88 3.85
C ASP A 39 -26.83 -4.69 2.76
N LYS A 40 -25.83 -4.09 2.12
CA LYS A 40 -25.10 -4.77 1.05
C LYS A 40 -23.63 -4.39 1.08
N GLU A 41 -22.77 -5.37 0.78
CA GLU A 41 -21.32 -5.13 0.78
C GLU A 41 -20.77 -5.23 -0.64
N PRO A 42 -20.23 -4.11 -1.14
CA PRO A 42 -19.65 -4.04 -2.48
C PRO A 42 -18.35 -4.83 -2.60
N VAL A 43 -18.16 -5.47 -3.74
CA VAL A 43 -16.96 -6.27 -3.98
C VAL A 43 -15.98 -5.55 -4.90
N THR A 44 -14.84 -5.16 -4.36
CA THR A 44 -13.82 -4.45 -5.13
C THR A 44 -12.44 -5.01 -4.87
N PHE A 45 -11.45 -4.51 -5.59
CA PHE A 45 -10.07 -4.96 -5.43
C PHE A 45 -9.09 -3.83 -5.73
N CYS A 46 -7.88 -3.95 -5.20
CA CYS A 46 -6.84 -2.94 -5.40
C CYS A 46 -5.75 -3.47 -6.33
N THR A 47 -5.31 -2.62 -7.25
CA THR A 47 -4.27 -3.00 -8.20
C THR A 47 -3.28 -1.86 -8.40
N TYR A 48 -1.99 -2.17 -8.23
CA TYR A 48 -0.95 -1.17 -8.41
C TYR A 48 0.43 -1.82 -8.42
N ALA A 49 1.43 -1.06 -8.86
CA ALA A 49 2.80 -1.57 -8.92
C ALA A 49 3.73 -0.75 -8.03
N PHE A 50 4.89 -1.32 -7.71
CA PHE A 50 5.86 -0.65 -6.86
C PHE A 50 7.20 -0.49 -7.57
N TYR A 51 7.67 0.75 -7.67
CA TYR A 51 8.93 1.03 -8.33
C TYR A 51 8.89 0.58 -9.80
N ASP A 52 7.72 0.65 -10.39
CA ASP A 52 7.55 0.25 -11.79
C ASP A 52 7.86 -1.23 -11.96
N PHE A 53 7.20 -2.07 -11.17
CA PHE A 53 7.41 -3.51 -11.24
C PHE A 53 6.14 -4.22 -11.73
N GLU A 54 6.26 -5.53 -11.94
CA GLU A 54 5.12 -6.33 -12.41
C GLU A 54 3.90 -6.13 -11.50
N LEU A 55 2.85 -5.56 -12.06
CA LEU A 55 1.62 -5.31 -11.31
C LEU A 55 1.20 -6.56 -10.53
N GLN A 56 0.67 -6.35 -9.34
CA GLN A 56 0.22 -7.47 -8.49
C GLN A 56 -1.28 -7.40 -8.25
N THR A 57 -2.00 -8.38 -8.76
CA THR A 57 -3.46 -8.43 -8.61
C THR A 57 -3.83 -9.02 -7.25
N THR A 58 -4.41 -8.18 -6.38
CA THR A 58 -4.81 -8.63 -5.06
C THR A 58 -6.07 -9.49 -5.13
N PRO A 59 -6.23 -10.38 -4.14
CA PRO A 59 -7.38 -11.28 -4.07
C PRO A 59 -8.68 -10.54 -3.73
N VAL A 60 -9.67 -10.67 -4.62
CA VAL A 60 -10.95 -10.01 -4.41
C VAL A 60 -11.70 -10.62 -3.23
N VAL A 61 -12.22 -9.76 -2.36
CA VAL A 61 -12.96 -10.20 -1.19
C VAL A 61 -14.28 -9.46 -1.06
N ARG A 62 -15.36 -10.21 -0.86
CA ARG A 62 -16.68 -9.61 -0.71
C ARG A 62 -16.94 -9.20 0.74
N GLY A 63 -17.20 -7.91 0.94
CA GLY A 63 -17.46 -7.41 2.28
C GLY A 63 -16.97 -5.99 2.47
N LEU A 64 -17.70 -5.22 3.28
CA LEU A 64 -17.34 -3.83 3.55
C LEU A 64 -15.96 -3.73 4.19
N HIS A 65 -15.72 -4.59 5.17
CA HIS A 65 -14.44 -4.60 5.87
C HIS A 65 -13.68 -5.90 5.60
N PRO A 66 -13.10 -6.01 4.40
CA PRO A 66 -12.35 -7.20 3.98
C PRO A 66 -11.03 -7.33 4.74
N GLU A 67 -10.37 -8.48 4.58
CA GLU A 67 -9.10 -8.73 5.26
C GLU A 67 -8.05 -9.22 4.26
N TYR A 68 -7.62 -8.32 3.38
CA TYR A 68 -6.62 -8.65 2.37
C TYR A 68 -5.51 -9.51 2.97
N ASN A 69 -4.76 -8.93 3.91
CA ASN A 69 -3.67 -9.64 4.56
C ASN A 69 -2.75 -10.30 3.52
N PHE A 70 -2.46 -9.58 2.45
CA PHE A 70 -1.61 -10.08 1.39
C PHE A 70 -0.21 -9.49 1.49
N THR A 71 0.81 -10.33 1.26
CA THR A 71 2.20 -9.88 1.33
C THR A 71 2.94 -10.22 0.05
N SER A 72 3.88 -9.35 -0.32
CA SER A 72 4.66 -9.55 -1.54
C SER A 72 6.09 -9.06 -1.34
N GLN A 73 7.05 -9.94 -1.60
CA GLN A 73 8.46 -9.60 -1.46
C GLN A 73 9.11 -9.36 -2.81
N TYR A 74 9.94 -8.32 -2.90
CA TYR A 74 10.62 -7.98 -4.15
C TYR A 74 11.97 -7.36 -3.87
N LEU A 75 13.03 -7.98 -4.39
CA LEU A 75 14.38 -7.49 -4.20
C LEU A 75 14.66 -6.32 -5.13
N VAL A 76 14.90 -5.14 -4.54
CA VAL A 76 15.18 -3.94 -5.32
C VAL A 76 16.51 -3.31 -4.90
N HIS A 77 17.47 -3.30 -5.82
CA HIS A 77 18.78 -2.72 -5.54
C HIS A 77 18.77 -1.21 -5.76
N VAL A 78 18.62 -0.46 -4.68
CA VAL A 78 18.59 0.99 -4.75
C VAL A 78 18.53 1.62 -3.36
N ASN A 79 19.05 2.83 -3.23
CA ASN A 79 19.06 3.54 -1.95
C ASN A 79 18.53 4.96 -2.12
N ASP A 80 19.34 5.81 -2.76
CA ASP A 80 18.96 7.20 -2.98
C ASP A 80 17.69 7.29 -3.83
N LEU A 81 17.77 6.80 -5.06
CA LEU A 81 16.64 6.83 -5.97
C LEU A 81 15.37 6.37 -5.27
N PHE A 82 15.54 5.62 -4.18
CA PHE A 82 14.40 5.11 -3.41
C PHE A 82 13.63 6.27 -2.77
N LEU A 83 14.36 7.16 -2.10
CA LEU A 83 13.74 8.30 -1.44
C LEU A 83 13.41 9.40 -2.43
N GLN A 84 14.20 9.48 -3.50
CA GLN A 84 14.00 10.49 -4.54
C GLN A 84 12.65 10.28 -5.24
N TYR A 85 12.37 9.04 -5.60
CA TYR A 85 11.13 8.71 -6.28
C TYR A 85 9.93 8.96 -5.37
N ILE A 86 10.11 8.72 -4.07
CA ILE A 86 9.05 8.91 -3.09
C ILE A 86 8.83 10.40 -2.81
N GLN A 87 9.93 11.16 -2.78
CA GLN A 87 9.86 12.59 -2.52
C GLN A 87 9.34 13.34 -3.74
N LYS A 88 9.85 12.99 -4.91
CA LYS A 88 9.44 13.63 -6.16
C LYS A 88 8.08 13.10 -6.61
N ASN A 89 8.04 11.83 -7.01
CA ASN A 89 6.80 11.22 -7.46
C ASN A 89 6.14 10.42 -6.34
N THR A 90 4.95 9.88 -6.61
CA THR A 90 4.23 9.10 -5.62
C THR A 90 3.54 7.90 -6.27
N ILE A 91 2.92 7.06 -5.44
CA ILE A 91 2.22 5.88 -5.94
C ILE A 91 0.75 6.16 -6.14
N THR A 92 0.17 5.58 -7.18
CA THR A 92 -1.25 5.77 -7.47
C THR A 92 -2.00 4.44 -7.41
N LEU A 93 -2.87 4.31 -6.40
CA LEU A 93 -3.65 3.09 -6.22
C LEU A 93 -5.14 3.38 -6.39
N GLU A 94 -5.71 2.88 -7.49
CA GLU A 94 -7.12 3.08 -7.76
C GLU A 94 -7.93 1.84 -7.40
N VAL A 95 -9.15 2.05 -6.90
CA VAL A 95 -10.02 0.94 -6.53
C VAL A 95 -11.31 0.96 -7.34
N HIS A 96 -11.48 -0.05 -8.20
CA HIS A 96 -12.67 -0.15 -9.03
C HIS A 96 -13.60 -1.24 -8.52
N GLN A 97 -14.85 -1.21 -8.97
CA GLN A 97 -15.84 -2.20 -8.56
C GLN A 97 -16.01 -3.28 -9.62
N ALA A 98 -16.40 -4.47 -9.19
CA ALA A 98 -16.61 -5.58 -10.11
C ALA A 98 -18.07 -5.72 -10.49
N TYR A 99 -18.35 -5.68 -11.79
CA TYR A 99 -19.72 -5.79 -12.28
C TYR A 99 -19.89 -7.05 -13.12
N SER A 100 -21.13 -7.39 -13.44
CA SER A 100 -21.43 -8.56 -14.24
C SER A 100 -20.40 -8.75 -15.35
N THR A 101 -20.45 -7.85 -16.33
CA THR A 101 -19.52 -7.90 -17.46
C THR A 101 -18.94 -6.52 -17.76
N GLU A 102 -18.85 -5.69 -16.74
CA GLU A 102 -18.32 -4.34 -16.89
C GLU A 102 -17.47 -3.95 -15.68
N TYR A 103 -16.76 -2.84 -15.79
CA TYR A 103 -15.91 -2.36 -14.71
C TYR A 103 -15.72 -0.84 -14.79
N GLU A 104 -15.73 -0.18 -13.64
CA GLU A 104 -15.56 1.26 -13.60
C GLU A 104 -14.88 1.69 -12.29
N THR A 105 -14.13 2.78 -12.35
CA THR A 105 -13.42 3.29 -11.18
C THR A 105 -14.26 4.33 -10.45
N ILE A 106 -14.67 3.99 -9.23
CA ILE A 106 -15.48 4.89 -8.42
C ILE A 106 -14.62 5.64 -7.41
N ALA A 107 -13.42 5.14 -7.18
CA ALA A 107 -12.49 5.76 -6.23
C ALA A 107 -11.08 5.78 -6.79
N ALA A 108 -10.24 6.64 -6.23
CA ALA A 108 -8.84 6.76 -6.66
C ALA A 108 -8.04 7.61 -5.69
N CYS A 109 -6.83 7.16 -5.39
CA CYS A 109 -5.95 7.88 -4.48
C CYS A 109 -4.48 7.62 -4.81
N GLN A 110 -3.59 8.25 -4.06
CA GLN A 110 -2.15 8.09 -4.27
C GLN A 110 -1.43 7.80 -2.96
N LEU A 111 -0.84 6.62 -2.87
CA LEU A 111 -0.11 6.21 -1.67
C LEU A 111 1.23 6.94 -1.57
N LYS A 112 1.57 7.39 -0.37
CA LYS A 112 2.83 8.09 -0.14
C LYS A 112 3.29 7.94 1.30
N PHE A 113 4.56 7.62 1.49
CA PHE A 113 5.12 7.45 2.82
C PHE A 113 6.10 8.56 3.15
N HIS A 114 5.86 9.25 4.26
CA HIS A 114 6.73 10.35 4.68
C HIS A 114 7.86 9.83 5.56
N GLU A 115 7.51 9.00 6.54
CA GLU A 115 8.50 8.44 7.46
C GLU A 115 9.63 7.76 6.68
N ILE A 116 9.27 7.01 5.65
CA ILE A 116 10.26 6.31 4.83
C ILE A 116 11.39 7.25 4.42
N LEU A 117 11.14 8.55 4.52
CA LEU A 117 12.14 9.55 4.17
C LEU A 117 13.21 9.67 5.26
N GLU A 118 12.76 9.76 6.50
CA GLU A 118 13.67 9.87 7.64
C GLU A 118 13.88 8.52 8.30
N LYS A 119 12.79 7.83 8.58
CA LYS A 119 12.85 6.52 9.23
C LYS A 119 12.99 5.41 8.19
N SER A 120 13.26 4.20 8.65
CA SER A 120 13.42 3.06 7.76
C SER A 120 12.92 1.77 8.43
N GLY A 121 12.14 1.00 7.69
CA GLY A 121 11.60 -0.24 8.23
C GLY A 121 10.10 -0.20 8.39
N ARG A 122 9.60 -0.90 9.41
CA ARG A 122 8.17 -0.95 9.68
C ARG A 122 7.66 0.42 10.13
N ILE A 123 6.63 0.91 9.46
CA ILE A 123 6.05 2.21 9.80
C ILE A 123 4.55 2.21 9.57
N PHE A 124 3.80 2.71 10.55
CA PHE A 124 2.35 2.77 10.46
C PHE A 124 1.90 4.02 9.73
N CYS A 125 0.98 3.85 8.78
CA CYS A 125 0.48 4.98 7.99
C CYS A 125 -0.83 4.61 7.30
N THR A 126 -1.54 5.61 6.82
CA THR A 126 -2.82 5.40 6.14
C THR A 126 -3.02 6.42 5.01
N ALA A 127 -4.03 6.18 4.19
CA ALA A 127 -4.33 7.07 3.07
C ALA A 127 -5.82 7.25 2.91
N SER A 128 -6.22 8.46 2.49
CA SER A 128 -7.64 8.77 2.31
C SER A 128 -8.08 8.45 0.87
N LEU A 129 -9.36 8.12 0.72
CA LEU A 129 -9.90 7.79 -0.59
C LEU A 129 -11.02 8.77 -0.98
N ILE A 130 -11.08 9.09 -2.27
CA ILE A 130 -12.10 10.02 -2.77
C ILE A 130 -12.82 9.43 -3.97
N GLY A 131 -14.10 9.78 -4.11
CA GLY A 131 -14.88 9.28 -5.22
C GLY A 131 -14.63 10.05 -6.50
N THR A 132 -14.68 9.35 -7.63
CA THR A 132 -14.44 9.97 -8.93
C THR A 132 -15.68 10.71 -9.42
N LYS A 133 -16.79 9.99 -9.53
CA LYS A 133 -18.05 10.58 -9.98
C LYS A 133 -18.78 11.25 -8.83
N GLY A 134 -18.89 10.55 -7.70
CA GLY A 134 -19.56 11.10 -6.54
C GLY A 134 -18.79 12.24 -5.90
N ASP A 135 -17.47 12.21 -6.07
CA ASP A 135 -16.62 13.26 -5.51
C ASP A 135 -16.74 13.30 -3.99
N ILE A 136 -16.84 12.13 -3.38
CA ILE A 136 -16.96 12.04 -1.92
C ILE A 136 -15.60 11.95 -1.26
N PRO A 137 -15.27 12.97 -0.44
CA PRO A 137 -13.99 13.02 0.27
C PRO A 137 -13.89 11.98 1.37
N ASN A 138 -15.02 11.69 2.00
CA ASN A 138 -15.07 10.70 3.09
C ASN A 138 -15.45 9.32 2.54
N PHE A 139 -14.81 8.93 1.44
CA PHE A 139 -15.07 7.64 0.83
C PHE A 139 -14.61 6.50 1.73
N GLY A 140 -13.42 6.66 2.30
CA GLY A 140 -12.88 5.63 3.18
C GLY A 140 -11.37 5.74 3.33
N THR A 141 -10.84 5.07 4.35
CA THR A 141 -9.40 5.10 4.62
C THR A 141 -8.78 3.72 4.42
N VAL A 142 -7.53 3.71 3.96
CA VAL A 142 -6.82 2.45 3.72
C VAL A 142 -5.76 2.22 4.81
N GLU A 143 -5.61 0.95 5.20
CA GLU A 143 -4.64 0.59 6.22
C GLU A 143 -3.56 -0.32 5.65
N TYR A 144 -2.30 0.06 5.85
CA TYR A 144 -1.17 -0.72 5.35
C TYR A 144 0.09 -0.42 6.16
N TRP A 145 1.16 -1.15 5.86
CA TRP A 145 2.43 -0.97 6.55
C TRP A 145 3.59 -1.44 5.69
N PHE A 146 4.55 -0.55 5.44
CA PHE A 146 5.71 -0.87 4.62
C PHE A 146 6.93 -1.12 5.50
N ARG A 147 7.90 -1.86 4.96
CA ARG A 147 9.12 -2.17 5.69
C ARG A 147 10.33 -2.19 4.76
N LEU A 148 11.28 -1.29 5.00
CA LEU A 148 12.48 -1.22 4.18
C LEU A 148 13.72 -1.54 4.99
N ARG A 149 14.26 -2.73 4.80
CA ARG A 149 15.45 -3.17 5.52
C ARG A 149 16.31 -4.10 4.66
N VAL A 150 17.61 -4.12 4.93
CA VAL A 150 18.53 -4.97 4.18
C VAL A 150 17.99 -6.39 4.05
N SER A 151 18.36 -7.06 2.97
CA SER A 151 17.92 -8.42 2.72
C SER A 151 19.10 -9.34 2.38
N GLY A 152 20.26 -9.03 2.96
CA GLY A 152 21.44 -9.83 2.71
C GLY A 152 21.95 -9.68 1.29
N PRO A 153 23.27 -9.48 1.14
CA PRO A 153 23.91 -9.32 -0.17
C PRO A 153 23.91 -10.61 -0.98
N SER A 154 24.23 -10.50 -2.26
CA SER A 154 24.27 -11.66 -3.14
C SER A 154 24.80 -11.29 -4.52
N SER A 155 25.40 -12.26 -5.20
CA SER A 155 25.96 -12.02 -6.52
C SER A 155 27.03 -10.93 -6.48
N GLY A 156 27.89 -11.00 -5.47
CA GLY A 156 28.95 -10.02 -5.33
C GLY A 156 29.57 -10.03 -3.96
N GLY A 1 10.76 -22.20 18.42
CA GLY A 1 11.93 -21.50 17.94
C GLY A 1 11.58 -20.30 17.06
N SER A 2 12.55 -19.44 16.83
CA SER A 2 12.33 -18.26 16.00
C SER A 2 13.63 -17.80 15.34
N SER A 3 13.50 -17.12 14.20
CA SER A 3 14.67 -16.63 13.47
C SER A 3 14.80 -15.12 13.59
N GLY A 4 15.87 -14.58 13.01
CA GLY A 4 16.09 -13.15 13.06
C GLY A 4 16.83 -12.63 11.84
N SER A 5 17.17 -11.34 11.86
CA SER A 5 17.87 -10.72 10.74
C SER A 5 19.30 -10.35 11.15
N SER A 6 20.10 -9.96 10.16
CA SER A 6 21.48 -9.58 10.41
C SER A 6 21.59 -8.69 11.64
N GLY A 7 22.80 -8.60 12.20
CA GLY A 7 23.01 -7.79 13.37
C GLY A 7 22.99 -6.31 13.07
N ASP A 8 22.45 -5.51 13.98
CA ASP A 8 22.36 -4.07 13.81
C ASP A 8 23.37 -3.36 14.69
N GLU A 9 24.20 -4.13 15.39
CA GLU A 9 25.22 -3.57 16.26
C GLU A 9 26.51 -3.30 15.50
N THR A 10 26.38 -2.77 14.30
CA THR A 10 27.54 -2.47 13.46
C THR A 10 27.79 -0.97 13.39
N ILE A 11 28.92 -0.52 13.94
CA ILE A 11 29.28 0.89 13.92
C ILE A 11 29.02 1.51 12.55
N HIS A 12 29.52 0.85 11.51
CA HIS A 12 29.35 1.33 10.14
C HIS A 12 28.15 0.66 9.48
N LEU A 13 26.97 1.24 9.66
CA LEU A 13 25.75 0.69 9.07
C LEU A 13 25.98 0.30 7.62
N GLU A 14 25.23 -0.70 7.16
CA GLU A 14 25.34 -1.17 5.78
C GLU A 14 24.23 -0.59 4.92
N ARG A 15 24.52 -0.42 3.63
CA ARG A 15 23.54 0.12 2.69
C ARG A 15 23.66 -0.55 1.32
N GLY A 16 22.55 -0.58 0.58
CA GLY A 16 22.56 -1.19 -0.73
C GLY A 16 21.36 -2.08 -0.96
N GLU A 17 21.60 -3.38 -1.12
CA GLU A 17 20.53 -4.34 -1.36
C GLU A 17 19.37 -4.09 -0.39
N ASN A 18 18.19 -3.84 -0.95
CA ASN A 18 17.00 -3.60 -0.14
C ASN A 18 15.82 -4.45 -0.61
N LEU A 19 14.88 -4.70 0.28
CA LEU A 19 13.70 -5.49 -0.05
C LEU A 19 12.42 -4.74 0.28
N PHE A 20 11.64 -4.42 -0.75
CA PHE A 20 10.39 -3.70 -0.56
C PHE A 20 9.21 -4.67 -0.52
N GLU A 21 8.35 -4.49 0.49
CA GLU A 21 7.18 -5.35 0.64
C GLU A 21 5.98 -4.55 1.11
N ILE A 22 4.81 -4.86 0.54
CA ILE A 22 3.58 -4.17 0.89
C ILE A 22 2.55 -5.13 1.44
N HIS A 23 2.04 -4.83 2.64
CA HIS A 23 1.04 -5.67 3.28
C HIS A 23 -0.20 -4.85 3.65
N ILE A 24 -1.28 -5.06 2.90
CA ILE A 24 -2.53 -4.35 3.15
C ILE A 24 -3.34 -5.03 4.24
N ASN A 25 -3.48 -4.36 5.38
CA ASN A 25 -4.23 -4.89 6.51
C ASN A 25 -5.72 -4.98 6.17
N LYS A 26 -6.36 -3.83 6.01
CA LYS A 26 -7.77 -3.78 5.67
C LYS A 26 -8.18 -2.39 5.21
N VAL A 27 -9.43 -2.25 4.77
CA VAL A 27 -9.93 -0.97 4.30
C VAL A 27 -11.25 -0.62 4.98
N THR A 28 -11.38 0.64 5.40
CA THR A 28 -12.58 1.10 6.08
C THR A 28 -13.40 2.02 5.17
N PHE A 29 -14.72 1.91 5.27
CA PHE A 29 -15.62 2.73 4.45
C PHE A 29 -16.48 3.63 5.34
N SER A 30 -16.93 4.74 4.76
CA SER A 30 -17.77 5.69 5.50
C SER A 30 -19.24 5.50 5.15
N SER A 31 -20.11 5.88 6.08
CA SER A 31 -21.55 5.74 5.88
C SER A 31 -21.91 5.97 4.42
N GLU A 32 -21.63 7.16 3.91
CA GLU A 32 -21.94 7.49 2.52
C GLU A 32 -21.64 6.31 1.61
N VAL A 33 -20.51 5.66 1.83
CA VAL A 33 -20.11 4.51 1.02
C VAL A 33 -20.86 3.25 1.46
N LEU A 34 -21.04 3.10 2.77
CA LEU A 34 -21.73 1.95 3.32
C LEU A 34 -23.14 1.82 2.74
N GLN A 35 -23.88 2.93 2.76
CA GLN A 35 -25.24 2.95 2.23
C GLN A 35 -25.24 2.70 0.73
N ALA A 36 -24.37 3.40 0.01
CA ALA A 36 -24.27 3.25 -1.44
C ALA A 36 -24.29 1.79 -1.84
N SER A 37 -23.51 0.97 -1.13
CA SER A 37 -23.44 -0.45 -1.43
C SER A 37 -24.81 -1.11 -1.27
N GLY A 38 -25.47 -0.84 -0.16
CA GLY A 38 -26.78 -1.41 0.10
C GLY A 38 -26.70 -2.68 0.92
N ASP A 39 -27.68 -3.56 0.74
CA ASP A 39 -27.73 -4.81 1.48
C ASP A 39 -27.03 -5.93 0.70
N LYS A 40 -25.84 -5.62 0.19
CA LYS A 40 -25.06 -6.59 -0.57
C LYS A 40 -23.57 -6.43 -0.29
N GLU A 41 -22.77 -7.36 -0.80
CA GLU A 41 -21.33 -7.33 -0.61
C GLU A 41 -20.60 -7.06 -1.92
N PRO A 42 -20.32 -5.79 -2.19
CA PRO A 42 -19.63 -5.37 -3.41
C PRO A 42 -18.16 -5.79 -3.42
N VAL A 43 -17.83 -6.75 -4.27
CA VAL A 43 -16.47 -7.24 -4.39
C VAL A 43 -15.57 -6.25 -5.11
N THR A 44 -14.40 -6.00 -4.54
CA THR A 44 -13.45 -5.06 -5.13
C THR A 44 -12.01 -5.55 -4.97
N PHE A 45 -11.11 -4.99 -5.76
CA PHE A 45 -9.70 -5.37 -5.71
C PHE A 45 -8.80 -4.20 -6.06
N CYS A 46 -7.68 -4.08 -5.36
CA CYS A 46 -6.73 -3.00 -5.60
C CYS A 46 -5.70 -3.39 -6.65
N THR A 47 -5.13 -2.40 -7.31
CA THR A 47 -4.13 -2.65 -8.35
C THR A 47 -3.08 -1.54 -8.38
N TYR A 48 -1.82 -1.91 -8.21
CA TYR A 48 -0.73 -0.95 -8.21
C TYR A 48 0.53 -1.56 -8.84
N ALA A 49 1.42 -0.69 -9.32
CA ALA A 49 2.67 -1.14 -9.93
C ALA A 49 3.87 -0.62 -9.17
N PHE A 50 5.01 -1.29 -9.34
CA PHE A 50 6.24 -0.89 -8.66
C PHE A 50 7.32 -0.53 -9.68
N TYR A 51 8.31 0.25 -9.23
CA TYR A 51 9.40 0.67 -10.10
C TYR A 51 9.62 -0.33 -11.22
N ASP A 52 9.26 0.06 -12.44
CA ASP A 52 9.42 -0.80 -13.60
C ASP A 52 9.19 -2.26 -13.23
N PHE A 53 8.05 -2.53 -12.63
CA PHE A 53 7.70 -3.90 -12.22
C PHE A 53 6.34 -4.31 -12.79
N GLU A 54 5.97 -5.55 -12.54
CA GLU A 54 4.69 -6.08 -13.03
C GLU A 54 3.55 -5.65 -12.11
N LEU A 55 2.46 -5.18 -12.71
CA LEU A 55 1.30 -4.74 -11.96
C LEU A 55 0.79 -5.85 -11.04
N GLN A 56 0.96 -5.66 -9.73
CA GLN A 56 0.52 -6.63 -8.76
C GLN A 56 -0.97 -6.50 -8.47
N THR A 57 -1.73 -7.53 -8.82
CA THR A 57 -3.17 -7.53 -8.61
C THR A 57 -3.54 -8.23 -7.31
N THR A 58 -4.05 -7.46 -6.35
CA THR A 58 -4.45 -8.00 -5.06
C THR A 58 -5.53 -9.06 -5.21
N PRO A 59 -5.65 -9.94 -4.21
CA PRO A 59 -6.64 -11.02 -4.22
C PRO A 59 -8.06 -10.50 -4.05
N VAL A 60 -9.00 -11.08 -4.79
CA VAL A 60 -10.40 -10.67 -4.72
C VAL A 60 -11.02 -11.04 -3.38
N VAL A 61 -11.71 -10.09 -2.77
CA VAL A 61 -12.35 -10.33 -1.48
C VAL A 61 -13.67 -9.56 -1.38
N ARG A 62 -14.74 -10.30 -1.07
CA ARG A 62 -16.06 -9.69 -0.94
C ARG A 62 -16.31 -9.25 0.50
N GLY A 63 -17.17 -8.24 0.66
CA GLY A 63 -17.48 -7.73 1.98
C GLY A 63 -17.21 -6.25 2.12
N LEU A 64 -17.40 -5.72 3.32
CA LEU A 64 -17.18 -4.31 3.58
C LEU A 64 -15.79 -4.07 4.17
N HIS A 65 -15.52 -4.71 5.31
CA HIS A 65 -14.23 -4.57 5.97
C HIS A 65 -13.44 -5.88 5.91
N PRO A 66 -12.99 -6.24 4.69
CA PRO A 66 -12.23 -7.48 4.47
C PRO A 66 -10.84 -7.40 5.07
N GLU A 67 -10.15 -8.54 5.09
CA GLU A 67 -8.80 -8.60 5.64
C GLU A 67 -7.83 -9.21 4.64
N TYR A 68 -7.53 -8.46 3.58
CA TYR A 68 -6.62 -8.93 2.54
C TYR A 68 -5.51 -9.79 3.13
N ASN A 69 -4.81 -9.24 4.12
CA ASN A 69 -3.73 -9.96 4.78
C ASN A 69 -2.75 -10.54 3.75
N PHE A 70 -2.55 -9.80 2.66
CA PHE A 70 -1.65 -10.23 1.60
C PHE A 70 -0.29 -9.56 1.72
N THR A 71 0.75 -10.37 1.89
CA THR A 71 2.10 -9.84 2.02
C THR A 71 3.01 -10.37 0.92
N SER A 72 3.58 -9.44 0.13
CA SER A 72 4.46 -9.81 -0.96
C SER A 72 5.92 -9.59 -0.58
N GLN A 73 6.83 -10.18 -1.35
CA GLN A 73 8.26 -10.05 -1.10
C GLN A 73 9.03 -9.90 -2.40
N TYR A 74 9.90 -8.89 -2.46
CA TYR A 74 10.69 -8.63 -3.65
C TYR A 74 11.98 -7.89 -3.30
N LEU A 75 13.09 -8.32 -3.89
CA LEU A 75 14.38 -7.70 -3.64
C LEU A 75 14.69 -6.64 -4.69
N VAL A 76 14.91 -5.41 -4.25
CA VAL A 76 15.22 -4.31 -5.17
C VAL A 76 16.47 -3.58 -4.72
N HIS A 77 17.32 -3.24 -5.68
CA HIS A 77 18.57 -2.52 -5.40
C HIS A 77 18.43 -1.04 -5.74
N VAL A 78 18.22 -0.22 -4.71
CA VAL A 78 18.07 1.21 -4.89
C VAL A 78 17.95 1.93 -3.56
N ASN A 79 18.57 3.10 -3.45
CA ASN A 79 18.54 3.88 -2.23
C ASN A 79 18.19 5.33 -2.52
N ASP A 80 19.00 5.97 -3.37
CA ASP A 80 18.78 7.36 -3.74
C ASP A 80 17.45 7.52 -4.46
N LEU A 81 17.28 6.80 -5.56
CA LEU A 81 16.06 6.86 -6.35
C LEU A 81 14.87 6.31 -5.56
N PHE A 82 15.17 5.57 -4.50
CA PHE A 82 14.13 4.98 -3.66
C PHE A 82 13.48 6.04 -2.79
N LEU A 83 14.27 7.02 -2.36
CA LEU A 83 13.77 8.09 -1.52
C LEU A 83 13.14 9.21 -2.35
N GLN A 84 13.97 9.89 -3.14
CA GLN A 84 13.50 10.97 -3.99
C GLN A 84 12.16 10.63 -4.61
N TYR A 85 12.09 9.47 -5.27
CA TYR A 85 10.86 9.04 -5.92
C TYR A 85 9.67 9.18 -4.98
N ILE A 86 9.79 8.62 -3.78
CA ILE A 86 8.74 8.71 -2.79
C ILE A 86 8.55 10.13 -2.28
N GLN A 87 9.65 10.89 -2.26
CA GLN A 87 9.62 12.27 -1.79
C GLN A 87 8.74 13.12 -2.70
N LYS A 88 8.97 13.01 -4.00
CA LYS A 88 8.20 13.78 -4.98
C LYS A 88 7.11 12.92 -5.61
N ASN A 89 7.49 11.76 -6.12
CA ASN A 89 6.54 10.85 -6.76
C ASN A 89 5.86 9.97 -5.71
N THR A 90 4.69 9.44 -6.05
CA THR A 90 3.94 8.58 -5.15
C THR A 90 3.28 7.43 -5.89
N ILE A 91 2.74 6.47 -5.15
CA ILE A 91 2.08 5.32 -5.75
C ILE A 91 0.59 5.58 -5.92
N THR A 92 0.13 5.55 -7.17
CA THR A 92 -1.27 5.77 -7.48
C THR A 92 -2.07 4.48 -7.41
N LEU A 93 -2.80 4.30 -6.32
CA LEU A 93 -3.60 3.09 -6.13
C LEU A 93 -5.08 3.39 -6.34
N GLU A 94 -5.59 3.07 -7.52
CA GLU A 94 -6.99 3.31 -7.84
C GLU A 94 -7.83 2.05 -7.56
N VAL A 95 -9.00 2.26 -6.97
CA VAL A 95 -9.90 1.15 -6.65
C VAL A 95 -11.12 1.15 -7.56
N HIS A 96 -11.59 -0.05 -7.91
CA HIS A 96 -12.76 -0.18 -8.78
C HIS A 96 -13.69 -1.27 -8.26
N GLN A 97 -14.99 -1.01 -8.35
CA GLN A 97 -15.99 -1.96 -7.88
C GLN A 97 -16.30 -3.00 -8.96
N ALA A 98 -16.20 -4.28 -8.61
CA ALA A 98 -16.47 -5.36 -9.54
C ALA A 98 -17.96 -5.70 -9.57
N TYR A 99 -18.64 -5.24 -10.60
CA TYR A 99 -20.07 -5.51 -10.75
C TYR A 99 -20.31 -6.90 -11.32
N SER A 100 -21.55 -7.38 -11.18
CA SER A 100 -21.91 -8.70 -11.69
C SER A 100 -21.89 -8.72 -13.21
N THR A 101 -21.65 -7.56 -13.81
CA THR A 101 -21.59 -7.44 -15.27
C THR A 101 -20.26 -6.85 -15.72
N GLU A 102 -19.94 -5.66 -15.20
CA GLU A 102 -18.70 -4.98 -15.55
C GLU A 102 -18.00 -4.45 -14.31
N TYR A 103 -16.88 -3.78 -14.51
CA TYR A 103 -16.11 -3.21 -13.40
C TYR A 103 -15.57 -1.83 -13.76
N GLU A 104 -16.03 -0.82 -13.01
CA GLU A 104 -15.59 0.54 -13.25
C GLU A 104 -15.05 1.17 -11.97
N THR A 105 -14.15 2.14 -12.13
CA THR A 105 -13.55 2.82 -10.98
C THR A 105 -14.57 3.71 -10.28
N ILE A 106 -14.51 3.72 -8.95
CA ILE A 106 -15.42 4.53 -8.15
C ILE A 106 -14.67 5.36 -7.12
N ALA A 107 -13.37 5.15 -7.04
CA ALA A 107 -12.53 5.88 -6.09
C ALA A 107 -11.05 5.79 -6.48
N ALA A 108 -10.34 6.89 -6.31
CA ALA A 108 -8.92 6.94 -6.65
C ALA A 108 -8.12 7.57 -5.51
N CYS A 109 -6.87 7.11 -5.35
CA CYS A 109 -6.00 7.62 -4.30
C CYS A 109 -4.56 7.15 -4.51
N GLN A 110 -3.61 7.96 -4.07
CA GLN A 110 -2.19 7.63 -4.21
C GLN A 110 -1.53 7.52 -2.84
N LEU A 111 -1.16 6.30 -2.46
CA LEU A 111 -0.51 6.07 -1.17
C LEU A 111 0.90 6.66 -1.17
N LYS A 112 1.29 7.21 -0.02
CA LYS A 112 2.62 7.79 0.12
C LYS A 112 3.10 7.72 1.57
N PHE A 113 4.32 7.22 1.76
CA PHE A 113 4.89 7.10 3.10
C PHE A 113 5.88 8.23 3.38
N HIS A 114 5.64 8.96 4.46
CA HIS A 114 6.51 10.08 4.83
C HIS A 114 7.62 9.60 5.76
N GLU A 115 7.28 8.70 6.68
CA GLU A 115 8.25 8.17 7.62
C GLU A 115 9.40 7.48 6.89
N ILE A 116 9.08 6.78 5.82
CA ILE A 116 10.09 6.07 5.03
C ILE A 116 11.23 7.01 4.63
N LEU A 117 10.99 8.31 4.76
CA LEU A 117 12.00 9.31 4.42
C LEU A 117 12.97 9.52 5.59
N GLU A 118 12.43 9.56 6.80
CA GLU A 118 13.25 9.75 7.99
C GLU A 118 13.58 8.42 8.64
N LYS A 119 12.54 7.67 9.01
CA LYS A 119 12.71 6.38 9.65
C LYS A 119 12.77 5.26 8.61
N SER A 120 12.95 4.03 9.08
CA SER A 120 13.02 2.88 8.19
C SER A 120 12.66 1.60 8.93
N GLY A 121 11.66 0.88 8.41
CA GLY A 121 11.23 -0.35 9.04
C GLY A 121 9.77 -0.31 9.46
N ARG A 122 9.45 -0.97 10.57
CA ARG A 122 8.09 -1.00 11.08
C ARG A 122 7.52 0.41 11.19
N ILE A 123 6.72 0.80 10.20
CA ILE A 123 6.11 2.12 10.19
C ILE A 123 4.65 2.04 9.75
N PHE A 124 3.77 2.68 10.51
CA PHE A 124 2.35 2.69 10.20
C PHE A 124 1.96 3.95 9.44
N CYS A 125 1.04 3.81 8.50
CA CYS A 125 0.59 4.94 7.70
C CYS A 125 -0.81 4.69 7.14
N THR A 126 -1.46 5.76 6.68
CA THR A 126 -2.81 5.65 6.12
C THR A 126 -2.97 6.55 4.90
N ALA A 127 -4.08 6.37 4.18
CA ALA A 127 -4.36 7.17 3.00
C ALA A 127 -5.84 7.48 2.87
N SER A 128 -6.17 8.67 2.38
CA SER A 128 -7.55 9.08 2.22
C SER A 128 -8.09 8.63 0.87
N LEU A 129 -9.42 8.61 0.75
CA LEU A 129 -10.07 8.20 -0.49
C LEU A 129 -11.12 9.22 -0.92
N ILE A 130 -11.25 9.42 -2.23
CA ILE A 130 -12.22 10.36 -2.76
C ILE A 130 -12.98 9.76 -3.95
N GLY A 131 -14.28 9.56 -3.77
CA GLY A 131 -15.09 8.99 -4.84
C GLY A 131 -14.99 9.78 -6.13
N THR A 132 -15.06 9.08 -7.26
CA THR A 132 -14.97 9.72 -8.56
C THR A 132 -16.35 10.09 -9.09
N LYS A 133 -17.18 9.08 -9.33
CA LYS A 133 -18.53 9.30 -9.83
C LYS A 133 -19.45 9.81 -8.72
N GLY A 134 -18.99 10.83 -7.99
CA GLY A 134 -19.78 11.39 -6.91
C GLY A 134 -19.05 12.51 -6.19
N ASP A 135 -17.72 12.44 -6.17
CA ASP A 135 -16.92 13.45 -5.51
C ASP A 135 -17.10 13.39 -3.99
N ILE A 136 -17.08 12.19 -3.45
CA ILE A 136 -17.24 11.98 -2.02
C ILE A 136 -15.89 11.90 -1.31
N PRO A 137 -15.54 12.97 -0.58
CA PRO A 137 -14.28 13.05 0.16
C PRO A 137 -14.25 12.09 1.36
N ASN A 138 -15.40 11.92 2.00
CA ASN A 138 -15.50 11.04 3.15
C ASN A 138 -15.71 9.59 2.72
N PHE A 139 -15.10 9.22 1.59
CA PHE A 139 -15.22 7.87 1.06
C PHE A 139 -14.68 6.85 2.06
N GLY A 140 -13.58 7.20 2.72
CA GLY A 140 -12.98 6.31 3.70
C GLY A 140 -11.46 6.36 3.68
N THR A 141 -10.84 5.68 4.63
CA THR A 141 -9.38 5.66 4.72
C THR A 141 -8.84 4.25 4.60
N VAL A 142 -7.68 4.12 3.96
CA VAL A 142 -7.05 2.82 3.76
C VAL A 142 -5.90 2.61 4.74
N GLU A 143 -5.85 1.43 5.36
CA GLU A 143 -4.81 1.10 6.32
C GLU A 143 -3.81 0.11 5.73
N TYR A 144 -2.54 0.32 6.01
CA TYR A 144 -1.49 -0.56 5.50
C TYR A 144 -0.25 -0.51 6.39
N TRP A 145 0.75 -1.33 6.06
CA TRP A 145 1.98 -1.38 6.83
C TRP A 145 3.17 -1.68 5.93
N PHE A 146 4.22 -0.86 6.04
CA PHE A 146 5.42 -1.05 5.23
C PHE A 146 6.66 -1.12 6.13
N ARG A 147 7.67 -1.84 5.66
CA ARG A 147 8.92 -2.00 6.41
C ARG A 147 10.10 -2.16 5.46
N LEU A 148 10.97 -1.16 5.43
CA LEU A 148 12.15 -1.19 4.57
C LEU A 148 13.41 -1.50 5.39
N ARG A 149 13.93 -2.71 5.20
CA ARG A 149 15.13 -3.12 5.92
C ARG A 149 16.06 -3.91 5.00
N VAL A 150 17.36 -3.61 5.07
CA VAL A 150 18.34 -4.30 4.24
C VAL A 150 18.16 -5.80 4.29
N SER A 151 18.15 -6.44 3.12
CA SER A 151 17.98 -7.88 3.03
C SER A 151 19.30 -8.58 2.76
N GLY A 152 19.56 -9.65 3.50
CA GLY A 152 20.81 -10.38 3.33
C GLY A 152 20.63 -11.60 2.44
N PRO A 153 21.50 -12.61 2.63
CA PRO A 153 21.47 -13.84 1.84
C PRO A 153 20.25 -14.71 2.17
N SER A 154 19.49 -14.28 3.17
CA SER A 154 18.29 -15.01 3.58
C SER A 154 17.53 -15.54 2.37
N SER A 155 16.97 -16.73 2.51
CA SER A 155 16.21 -17.35 1.42
C SER A 155 15.22 -16.36 0.82
N GLY A 156 15.28 -16.19 -0.49
CA GLY A 156 14.38 -15.27 -1.16
C GLY A 156 15.09 -14.03 -1.67
N GLY A 1 5.06 1.68 30.19
CA GLY A 1 5.37 2.85 29.39
C GLY A 1 5.50 2.53 27.91
N SER A 2 6.25 1.48 27.61
CA SER A 2 6.45 1.08 26.22
C SER A 2 7.17 2.18 25.44
N SER A 3 8.17 2.79 26.06
CA SER A 3 8.92 3.85 25.43
C SER A 3 10.34 3.95 26.01
N GLY A 4 11.27 4.45 25.21
CA GLY A 4 12.64 4.58 25.67
C GLY A 4 13.65 4.29 24.57
N SER A 5 13.64 5.13 23.53
CA SER A 5 14.56 4.94 22.41
C SER A 5 15.96 5.47 22.77
N SER A 6 16.97 4.68 22.45
CA SER A 6 18.36 5.05 22.73
C SER A 6 18.65 6.45 22.21
N GLY A 7 18.33 6.69 20.94
CA GLY A 7 18.57 7.99 20.34
C GLY A 7 19.37 7.90 19.06
N ASP A 8 18.74 7.39 18.01
CA ASP A 8 19.40 7.25 16.72
C ASP A 8 18.39 7.27 15.58
N GLU A 9 18.76 7.87 14.46
CA GLU A 9 17.89 7.96 13.30
C GLU A 9 18.68 7.87 12.00
N THR A 10 18.43 6.81 11.23
CA THR A 10 19.12 6.61 9.97
C THR A 10 18.55 5.41 9.22
N ILE A 11 18.72 5.40 7.90
CA ILE A 11 18.23 4.31 7.07
C ILE A 11 19.25 3.18 6.97
N HIS A 12 20.42 3.50 6.42
CA HIS A 12 21.48 2.51 6.28
C HIS A 12 22.85 3.19 6.17
N LEU A 13 23.80 2.72 6.95
CA LEU A 13 25.15 3.28 6.94
C LEU A 13 26.13 2.33 6.28
N GLU A 14 25.61 1.36 5.55
CA GLU A 14 26.44 0.38 4.86
C GLU A 14 26.14 0.35 3.37
N ARG A 15 26.79 -0.57 2.65
CA ARG A 15 26.58 -0.70 1.21
C ARG A 15 26.25 -2.14 0.85
N GLY A 16 25.34 -2.30 -0.11
CA GLY A 16 24.94 -3.63 -0.54
C GLY A 16 23.56 -3.65 -1.17
N GLU A 17 22.85 -4.76 -0.99
CA GLU A 17 21.51 -4.90 -1.55
C GLU A 17 20.44 -4.52 -0.52
N ASN A 18 19.29 -4.08 -1.01
CA ASN A 18 18.19 -3.69 -0.14
C ASN A 18 16.95 -4.52 -0.42
N LEU A 19 15.92 -4.34 0.40
CA LEU A 19 14.67 -5.07 0.25
C LEU A 19 13.47 -4.17 0.53
N PHE A 20 12.43 -4.31 -0.29
CA PHE A 20 11.22 -3.51 -0.13
C PHE A 20 9.97 -4.37 -0.35
N GLU A 21 8.95 -4.14 0.47
CA GLU A 21 7.71 -4.89 0.36
C GLU A 21 6.53 -4.04 0.83
N ILE A 22 5.32 -4.52 0.56
CA ILE A 22 4.10 -3.81 0.95
C ILE A 22 2.98 -4.79 1.28
N HIS A 23 2.30 -4.54 2.39
CA HIS A 23 1.20 -5.39 2.83
C HIS A 23 -0.03 -4.56 3.17
N ILE A 24 -1.20 -5.04 2.76
CA ILE A 24 -2.45 -4.33 3.04
C ILE A 24 -3.27 -5.06 4.09
N ASN A 25 -3.77 -4.31 5.07
CA ASN A 25 -4.57 -4.89 6.15
C ASN A 25 -6.04 -5.02 5.72
N LYS A 26 -6.67 -3.87 5.49
CA LYS A 26 -8.08 -3.85 5.08
C LYS A 26 -8.48 -2.47 4.59
N VAL A 27 -9.60 -2.40 3.89
CA VAL A 27 -10.10 -1.13 3.37
C VAL A 27 -11.51 -0.84 3.87
N THR A 28 -11.68 0.28 4.55
CA THR A 28 -12.98 0.67 5.08
C THR A 28 -13.76 1.49 4.07
N PHE A 29 -15.08 1.57 4.26
CA PHE A 29 -15.94 2.32 3.37
C PHE A 29 -16.94 3.17 4.15
N SER A 30 -17.28 4.34 3.61
CA SER A 30 -18.22 5.24 4.26
C SER A 30 -19.65 4.94 3.82
N SER A 31 -20.61 5.59 4.47
CA SER A 31 -22.02 5.40 4.14
C SER A 31 -22.31 5.86 2.73
N GLU A 32 -21.44 6.71 2.19
CA GLU A 32 -21.61 7.23 0.84
C GLU A 32 -21.55 6.10 -0.18
N VAL A 33 -20.38 5.48 -0.32
CA VAL A 33 -20.19 4.39 -1.26
C VAL A 33 -21.25 3.32 -1.07
N LEU A 34 -21.77 3.20 0.14
CA LEU A 34 -22.80 2.22 0.46
C LEU A 34 -24.13 2.60 -0.17
N GLN A 35 -24.66 3.75 0.24
CA GLN A 35 -25.93 4.23 -0.28
C GLN A 35 -25.96 4.16 -1.80
N ALA A 36 -24.88 4.62 -2.44
CA ALA A 36 -24.78 4.61 -3.89
C ALA A 36 -24.72 3.18 -4.42
N SER A 37 -24.02 2.32 -3.70
CA SER A 37 -23.89 0.92 -4.10
C SER A 37 -25.24 0.20 -4.02
N GLY A 38 -25.76 0.07 -2.82
CA GLY A 38 -27.03 -0.60 -2.62
C GLY A 38 -27.00 -1.62 -1.50
N ASP A 39 -28.02 -2.47 -1.43
CA ASP A 39 -28.10 -3.49 -0.39
C ASP A 39 -27.51 -4.80 -0.88
N LYS A 40 -26.37 -4.73 -1.56
CA LYS A 40 -25.70 -5.91 -2.08
C LYS A 40 -24.20 -5.83 -1.89
N GLU A 41 -23.67 -6.67 -1.01
CA GLU A 41 -22.23 -6.68 -0.73
C GLU A 41 -21.43 -6.48 -2.01
N PRO A 42 -20.96 -5.25 -2.23
CA PRO A 42 -20.18 -4.88 -3.41
C PRO A 42 -18.78 -5.52 -3.40
N VAL A 43 -18.56 -6.47 -4.30
CA VAL A 43 -17.28 -7.16 -4.39
C VAL A 43 -16.28 -6.33 -5.18
N THR A 44 -15.25 -5.83 -4.50
CA THR A 44 -14.22 -5.03 -5.14
C THR A 44 -12.82 -5.48 -4.73
N PHE A 45 -11.81 -5.00 -5.44
CA PHE A 45 -10.43 -5.37 -5.15
C PHE A 45 -9.49 -4.19 -5.40
N CYS A 46 -8.32 -4.23 -4.78
CA CYS A 46 -7.34 -3.16 -4.93
C CYS A 46 -6.18 -3.61 -5.83
N THR A 47 -5.47 -2.64 -6.38
CA THR A 47 -4.34 -2.94 -7.26
C THR A 47 -3.27 -1.85 -7.18
N TYR A 48 -2.02 -2.25 -7.31
CA TYR A 48 -0.91 -1.31 -7.25
C TYR A 48 0.42 -2.01 -7.57
N ALA A 49 1.33 -1.28 -8.21
CA ALA A 49 2.62 -1.82 -8.57
C ALA A 49 3.74 -1.14 -7.77
N PHE A 50 4.89 -1.80 -7.69
CA PHE A 50 6.03 -1.26 -6.97
C PHE A 50 7.24 -1.10 -7.89
N TYR A 51 8.03 -0.06 -7.65
CA TYR A 51 9.21 0.21 -8.46
C TYR A 51 8.91 0.00 -9.94
N ASP A 52 7.67 0.26 -10.34
CA ASP A 52 7.26 0.09 -11.72
C ASP A 52 7.45 -1.35 -12.17
N PHE A 53 7.07 -2.28 -11.31
CA PHE A 53 7.20 -3.71 -11.62
C PHE A 53 5.84 -4.30 -11.98
N GLU A 54 5.83 -5.60 -12.28
CA GLU A 54 4.61 -6.29 -12.64
C GLU A 54 3.44 -5.85 -11.75
N LEU A 55 2.33 -5.47 -12.38
CA LEU A 55 1.16 -5.02 -11.65
C LEU A 55 0.57 -6.16 -10.81
N GLN A 56 0.71 -6.05 -9.49
CA GLN A 56 0.20 -7.07 -8.58
C GLN A 56 -1.27 -6.84 -8.28
N THR A 57 -2.11 -7.79 -8.67
CA THR A 57 -3.55 -7.69 -8.45
C THR A 57 -3.95 -8.35 -7.13
N THR A 58 -4.58 -7.59 -6.25
CA THR A 58 -5.02 -8.09 -4.96
C THR A 58 -6.19 -9.05 -5.12
N PRO A 59 -6.30 -10.01 -4.18
CA PRO A 59 -7.39 -10.99 -4.19
C PRO A 59 -8.74 -10.39 -3.87
N VAL A 60 -9.64 -10.41 -4.85
CA VAL A 60 -10.98 -9.86 -4.68
C VAL A 60 -11.79 -10.69 -3.68
N VAL A 61 -12.61 -10.01 -2.89
CA VAL A 61 -13.44 -10.69 -1.89
C VAL A 61 -14.78 -9.97 -1.72
N ARG A 62 -15.80 -10.74 -1.37
CA ARG A 62 -17.14 -10.18 -1.18
C ARG A 62 -17.30 -9.61 0.23
N GLY A 63 -17.71 -8.36 0.32
CA GLY A 63 -17.89 -7.72 1.61
C GLY A 63 -17.52 -6.25 1.59
N LEU A 64 -17.97 -5.52 2.62
CA LEU A 64 -17.68 -4.09 2.71
C LEU A 64 -16.34 -3.86 3.40
N HIS A 65 -16.14 -4.49 4.55
CA HIS A 65 -14.90 -4.35 5.30
C HIS A 65 -14.19 -5.70 5.42
N PRO A 66 -13.79 -6.27 4.28
CA PRO A 66 -13.09 -7.56 4.23
C PRO A 66 -11.68 -7.46 4.78
N GLU A 67 -10.94 -8.57 4.70
CA GLU A 67 -9.57 -8.62 5.19
C GLU A 67 -8.66 -9.31 4.18
N TYR A 68 -8.28 -8.60 3.14
CA TYR A 68 -7.41 -9.15 2.11
C TYR A 68 -6.24 -9.90 2.73
N ASN A 69 -5.47 -9.20 3.56
CA ASN A 69 -4.32 -9.80 4.22
C ASN A 69 -3.35 -10.38 3.20
N PHE A 70 -3.04 -9.60 2.17
CA PHE A 70 -2.11 -10.04 1.13
C PHE A 70 -0.70 -9.56 1.42
N THR A 71 0.24 -10.50 1.45
CA THR A 71 1.64 -10.18 1.71
C THR A 71 2.51 -10.46 0.50
N SER A 72 3.57 -9.67 0.34
CA SER A 72 4.47 -9.83 -0.79
C SER A 72 5.87 -9.34 -0.43
N GLN A 73 6.85 -9.69 -1.26
CA GLN A 73 8.23 -9.29 -1.03
C GLN A 73 8.98 -9.14 -2.36
N TYR A 74 9.91 -8.19 -2.40
CA TYR A 74 10.69 -7.94 -3.60
C TYR A 74 12.09 -7.43 -3.24
N LEU A 75 13.11 -8.17 -3.67
CA LEU A 75 14.49 -7.80 -3.40
C LEU A 75 14.98 -6.73 -4.39
N VAL A 76 15.02 -5.48 -3.91
CA VAL A 76 15.47 -4.38 -4.75
C VAL A 76 16.62 -3.63 -4.09
N HIS A 77 17.64 -3.32 -4.89
CA HIS A 77 18.81 -2.60 -4.39
C HIS A 77 18.84 -1.17 -4.93
N VAL A 78 18.80 -0.21 -4.01
CA VAL A 78 18.83 1.21 -4.40
C VAL A 78 19.51 2.05 -3.32
N ASN A 79 19.76 3.32 -3.65
CA ASN A 79 20.41 4.23 -2.72
C ASN A 79 19.47 5.36 -2.31
N ASP A 80 20.00 6.31 -1.56
CA ASP A 80 19.20 7.45 -1.10
C ASP A 80 18.19 7.86 -2.17
N LEU A 81 18.56 7.68 -3.44
CA LEU A 81 17.67 8.03 -4.55
C LEU A 81 16.26 7.51 -4.29
N PHE A 82 16.15 6.22 -3.97
CA PHE A 82 14.86 5.60 -3.72
C PHE A 82 13.91 6.59 -3.05
N LEU A 83 14.46 7.48 -2.23
CA LEU A 83 13.67 8.47 -1.53
C LEU A 83 13.10 9.51 -2.49
N GLN A 84 13.99 10.23 -3.17
CA GLN A 84 13.58 11.25 -4.13
C GLN A 84 12.30 10.82 -4.85
N TYR A 85 12.26 9.57 -5.27
CA TYR A 85 11.10 9.04 -5.98
C TYR A 85 9.83 9.19 -5.14
N ILE A 86 9.94 8.84 -3.87
CA ILE A 86 8.81 8.94 -2.95
C ILE A 86 8.34 10.38 -2.80
N GLN A 87 9.28 11.30 -2.66
CA GLN A 87 8.96 12.71 -2.51
C GLN A 87 8.46 13.30 -3.83
N LYS A 88 9.32 13.31 -4.84
CA LYS A 88 8.96 13.83 -6.16
C LYS A 88 7.72 13.13 -6.69
N ASN A 89 7.81 11.82 -6.88
CA ASN A 89 6.70 11.03 -7.39
C ASN A 89 5.99 10.28 -6.27
N THR A 90 4.82 9.73 -6.56
CA THR A 90 4.05 8.99 -5.58
C THR A 90 3.39 7.76 -6.21
N ILE A 91 2.89 6.86 -5.36
CA ILE A 91 2.23 5.65 -5.83
C ILE A 91 0.75 5.90 -6.08
N THR A 92 0.19 5.19 -7.05
CA THR A 92 -1.23 5.32 -7.38
C THR A 92 -1.97 4.02 -7.15
N LEU A 93 -3.02 4.08 -6.33
CA LEU A 93 -3.81 2.90 -6.02
C LEU A 93 -5.30 3.19 -6.16
N GLU A 94 -5.87 2.82 -7.30
CA GLU A 94 -7.28 3.04 -7.55
C GLU A 94 -8.09 1.76 -7.34
N VAL A 95 -9.28 1.92 -6.76
CA VAL A 95 -10.15 0.77 -6.49
C VAL A 95 -11.39 0.80 -7.37
N HIS A 96 -11.63 -0.30 -8.08
CA HIS A 96 -12.78 -0.40 -8.96
C HIS A 96 -13.71 -1.52 -8.53
N GLN A 97 -14.99 -1.39 -8.85
CA GLN A 97 -15.98 -2.40 -8.49
C GLN A 97 -16.01 -3.53 -9.53
N ALA A 98 -16.20 -4.75 -9.05
CA ALA A 98 -16.25 -5.92 -9.93
C ALA A 98 -17.70 -6.27 -10.29
N TYR A 99 -18.05 -6.09 -11.55
CA TYR A 99 -19.39 -6.39 -12.02
C TYR A 99 -19.42 -7.69 -12.82
N SER A 100 -20.62 -8.20 -13.07
CA SER A 100 -20.78 -9.44 -13.83
C SER A 100 -19.87 -9.45 -15.05
N THR A 101 -20.13 -8.54 -15.99
CA THR A 101 -19.34 -8.45 -17.21
C THR A 101 -18.94 -7.01 -17.49
N GLU A 102 -18.63 -6.26 -16.43
CA GLU A 102 -18.23 -4.86 -16.57
C GLU A 102 -17.08 -4.53 -15.62
N TYR A 103 -16.45 -3.37 -15.85
CA TYR A 103 -15.34 -2.94 -15.00
C TYR A 103 -15.22 -1.42 -15.03
N GLU A 104 -15.39 -0.80 -13.87
CA GLU A 104 -15.30 0.65 -13.75
C GLU A 104 -14.75 1.05 -12.38
N THR A 105 -14.00 2.15 -12.35
CA THR A 105 -13.41 2.64 -11.11
C THR A 105 -14.32 3.66 -10.44
N ILE A 106 -14.32 3.66 -9.11
CA ILE A 106 -15.14 4.59 -8.34
C ILE A 106 -14.34 5.22 -7.21
N ALA A 107 -13.06 4.86 -7.11
CA ALA A 107 -12.20 5.40 -6.08
C ALA A 107 -10.76 5.50 -6.57
N ALA A 108 -10.06 6.54 -6.12
CA ALA A 108 -8.67 6.76 -6.52
C ALA A 108 -7.93 7.63 -5.49
N CYS A 109 -6.68 7.27 -5.22
CA CYS A 109 -5.88 8.03 -4.26
C CYS A 109 -4.40 7.85 -4.55
N GLN A 110 -3.57 8.69 -3.94
CA GLN A 110 -2.13 8.64 -4.13
C GLN A 110 -1.41 8.30 -2.82
N LEU A 111 -0.86 7.10 -2.75
CA LEU A 111 -0.15 6.65 -1.56
C LEU A 111 1.23 7.32 -1.46
N LYS A 112 1.56 7.81 -0.28
CA LYS A 112 2.85 8.47 -0.06
C LYS A 112 3.25 8.37 1.41
N PHE A 113 4.44 7.81 1.65
CA PHE A 113 4.95 7.66 3.01
C PHE A 113 5.94 8.78 3.35
N HIS A 114 5.67 9.49 4.44
CA HIS A 114 6.54 10.57 4.88
C HIS A 114 7.64 10.06 5.80
N GLU A 115 7.25 9.21 6.74
CA GLU A 115 8.21 8.65 7.69
C GLU A 115 9.34 7.92 6.98
N ILE A 116 9.01 7.35 5.81
CA ILE A 116 10.00 6.63 5.02
C ILE A 116 11.20 7.52 4.68
N LEU A 117 11.05 8.82 4.93
CA LEU A 117 12.11 9.78 4.66
C LEU A 117 13.08 9.89 5.84
N GLU A 118 12.51 10.04 7.04
CA GLU A 118 13.32 10.15 8.24
C GLU A 118 13.79 8.78 8.72
N LYS A 119 12.87 7.82 8.72
CA LYS A 119 13.18 6.45 9.14
C LYS A 119 12.93 5.46 8.02
N SER A 120 13.27 4.20 8.26
CA SER A 120 13.08 3.15 7.27
C SER A 120 12.89 1.79 7.94
N GLY A 121 11.93 1.02 7.43
CA GLY A 121 11.67 -0.29 7.99
C GLY A 121 10.34 -0.35 8.73
N ARG A 122 10.40 -0.51 10.04
CA ARG A 122 9.19 -0.59 10.87
C ARG A 122 8.50 0.77 10.93
N ILE A 123 7.69 1.06 9.93
CA ILE A 123 6.97 2.34 9.87
C ILE A 123 5.52 2.12 9.43
N PHE A 124 4.60 2.85 10.07
CA PHE A 124 3.18 2.74 9.75
C PHE A 124 2.64 4.09 9.27
N CYS A 125 1.66 4.04 8.38
CA CYS A 125 1.05 5.25 7.84
C CYS A 125 -0.28 4.94 7.17
N THR A 126 -1.09 5.97 6.96
CA THR A 126 -2.39 5.81 6.33
C THR A 126 -2.58 6.80 5.19
N ALA A 127 -3.64 6.62 4.42
CA ALA A 127 -3.94 7.51 3.31
C ALA A 127 -5.44 7.67 3.11
N SER A 128 -5.88 8.90 2.87
CA SER A 128 -7.30 9.18 2.67
C SER A 128 -7.74 8.80 1.26
N LEU A 129 -8.94 8.23 1.16
CA LEU A 129 -9.47 7.81 -0.13
C LEU A 129 -10.61 8.73 -0.57
N ILE A 130 -10.65 9.05 -1.86
CA ILE A 130 -11.68 9.91 -2.40
C ILE A 130 -12.22 9.36 -3.73
N GLY A 131 -13.53 9.51 -3.94
CA GLY A 131 -14.14 9.04 -5.15
C GLY A 131 -13.29 9.29 -6.39
N THR A 132 -13.32 8.36 -7.33
CA THR A 132 -12.54 8.49 -8.56
C THR A 132 -12.62 9.92 -9.11
N LYS A 133 -13.80 10.51 -9.03
CA LYS A 133 -14.02 11.87 -9.52
C LYS A 133 -13.59 12.89 -8.47
N GLY A 134 -12.67 12.49 -7.60
CA GLY A 134 -12.19 13.40 -6.57
C GLY A 134 -13.28 14.34 -6.07
N ASP A 135 -14.41 13.78 -5.66
CA ASP A 135 -15.53 14.58 -5.17
C ASP A 135 -16.05 14.03 -3.85
N ILE A 136 -15.92 12.71 -3.67
CA ILE A 136 -16.38 12.06 -2.44
C ILE A 136 -15.22 11.86 -1.46
N PRO A 137 -15.17 12.70 -0.43
CA PRO A 137 -14.12 12.63 0.59
C PRO A 137 -14.26 11.40 1.48
N ASN A 138 -15.45 11.22 2.05
CA ASN A 138 -15.71 10.08 2.92
C ASN A 138 -15.85 8.79 2.11
N PHE A 139 -14.71 8.20 1.76
CA PHE A 139 -14.69 6.97 0.98
C PHE A 139 -14.13 5.82 1.80
N GLY A 140 -13.21 6.15 2.71
CA GLY A 140 -12.59 5.13 3.54
C GLY A 140 -11.11 5.38 3.77
N THR A 141 -10.53 4.64 4.70
CA THR A 141 -9.12 4.79 5.02
C THR A 141 -8.35 3.51 4.70
N VAL A 142 -7.08 3.67 4.32
CA VAL A 142 -6.24 2.52 3.99
C VAL A 142 -5.16 2.30 5.05
N GLU A 143 -5.05 1.07 5.53
CA GLU A 143 -4.06 0.74 6.55
C GLU A 143 -3.00 -0.21 5.98
N TYR A 144 -1.78 0.30 5.83
CA TYR A 144 -0.69 -0.49 5.29
C TYR A 144 0.60 -0.23 6.07
N TRP A 145 1.61 -1.08 5.84
CA TRP A 145 2.89 -0.94 6.51
C TRP A 145 4.04 -1.28 5.58
N PHE A 146 4.98 -0.36 5.44
CA PHE A 146 6.14 -0.56 4.57
C PHE A 146 7.42 -0.73 5.39
N ARG A 147 8.46 -1.22 4.75
CA ARG A 147 9.74 -1.43 5.41
C ARG A 147 10.88 -1.55 4.40
N LEU A 148 11.89 -0.70 4.54
CA LEU A 148 13.03 -0.72 3.64
C LEU A 148 14.34 -0.71 4.42
N ARG A 149 15.00 -1.86 4.47
CA ARG A 149 16.27 -2.00 5.18
C ARG A 149 17.20 -2.95 4.46
N VAL A 150 18.47 -2.56 4.33
CA VAL A 150 19.46 -3.38 3.66
C VAL A 150 19.19 -4.86 3.88
N SER A 151 19.27 -5.65 2.81
CA SER A 151 19.03 -7.09 2.90
C SER A 151 20.35 -7.85 3.00
N GLY A 152 20.58 -8.48 4.13
CA GLY A 152 21.81 -9.24 4.34
C GLY A 152 22.95 -8.38 4.83
N PRO A 153 23.76 -8.94 5.75
CA PRO A 153 24.90 -8.23 6.33
C PRO A 153 26.02 -8.02 5.30
N SER A 154 27.12 -7.42 5.76
CA SER A 154 28.26 -7.16 4.90
C SER A 154 29.52 -6.92 5.71
N SER A 155 30.67 -7.03 5.07
CA SER A 155 31.95 -6.83 5.73
C SER A 155 32.43 -5.39 5.57
N GLY A 156 32.97 -4.82 6.65
CA GLY A 156 33.45 -3.45 6.61
C GLY A 156 32.57 -2.55 5.76
N GLY A 1 -2.25 10.48 26.05
CA GLY A 1 -1.45 11.65 26.41
C GLY A 1 -0.01 11.28 26.72
N SER A 2 0.18 10.41 27.71
CA SER A 2 1.51 9.98 28.11
C SER A 2 1.55 8.49 28.38
N SER A 3 2.75 7.96 28.64
CA SER A 3 2.92 6.54 28.90
C SER A 3 4.18 6.29 29.72
N GLY A 4 4.39 5.05 30.13
CA GLY A 4 5.56 4.70 30.92
C GLY A 4 6.37 3.60 30.28
N SER A 5 7.28 3.01 31.05
CA SER A 5 8.13 1.94 30.55
C SER A 5 8.76 1.16 31.70
N SER A 6 9.18 -0.07 31.42
CA SER A 6 9.79 -0.92 32.43
C SER A 6 11.20 -1.31 32.04
N GLY A 7 11.33 -2.01 30.91
CA GLY A 7 12.64 -2.43 30.45
C GLY A 7 12.64 -2.80 28.98
N ASP A 8 13.82 -2.86 28.38
CA ASP A 8 13.96 -3.20 26.97
C ASP A 8 15.40 -3.59 26.65
N GLU A 9 15.61 -4.06 25.42
CA GLU A 9 16.94 -4.47 24.98
C GLU A 9 17.13 -4.16 23.49
N THR A 10 18.27 -3.57 23.16
CA THR A 10 18.58 -3.22 21.78
C THR A 10 19.50 -4.26 21.15
N ILE A 11 19.00 -4.94 20.12
CA ILE A 11 19.77 -5.96 19.43
C ILE A 11 20.41 -5.40 18.17
N HIS A 12 21.73 -5.46 18.12
CA HIS A 12 22.48 -4.96 16.97
C HIS A 12 21.68 -5.17 15.68
N LEU A 13 21.81 -4.23 14.74
CA LEU A 13 21.10 -4.31 13.47
C LEU A 13 22.02 -4.84 12.38
N GLU A 14 21.43 -5.24 11.26
CA GLU A 14 22.20 -5.77 10.13
C GLU A 14 22.16 -4.81 8.95
N ARG A 15 23.11 -4.96 8.04
CA ARG A 15 23.19 -4.11 6.86
C ARG A 15 23.49 -4.92 5.61
N GLY A 16 23.31 -4.31 4.45
CA GLY A 16 23.57 -4.99 3.19
C GLY A 16 22.48 -4.76 2.17
N GLU A 17 22.11 -5.80 1.43
CA GLU A 17 21.09 -5.71 0.41
C GLU A 17 19.84 -4.99 0.96
N ASN A 18 18.96 -4.58 0.05
CA ASN A 18 17.74 -3.89 0.45
C ASN A 18 16.53 -4.45 -0.30
N LEU A 19 15.47 -4.77 0.45
CA LEU A 19 14.26 -5.32 -0.14
C LEU A 19 13.03 -4.54 0.33
N PHE A 20 12.04 -4.42 -0.55
CA PHE A 20 10.81 -3.70 -0.23
C PHE A 20 9.61 -4.62 -0.37
N GLU A 21 8.71 -4.55 0.62
CA GLU A 21 7.51 -5.37 0.62
C GLU A 21 6.36 -4.65 1.31
N ILE A 22 5.21 -4.61 0.63
CA ILE A 22 4.03 -3.95 1.17
C ILE A 22 2.94 -4.96 1.52
N HIS A 23 2.26 -4.73 2.63
CA HIS A 23 1.19 -5.62 3.07
C HIS A 23 -0.07 -4.83 3.43
N ILE A 24 -1.12 -5.02 2.65
CA ILE A 24 -2.38 -4.32 2.88
C ILE A 24 -3.18 -4.99 4.00
N ASN A 25 -3.21 -4.34 5.16
CA ASN A 25 -3.94 -4.87 6.30
C ASN A 25 -5.43 -5.02 5.99
N LYS A 26 -6.09 -3.89 5.76
CA LYS A 26 -7.52 -3.89 5.45
C LYS A 26 -7.95 -2.54 4.86
N VAL A 27 -9.22 -2.44 4.50
CA VAL A 27 -9.75 -1.21 3.93
C VAL A 27 -11.02 -0.76 4.66
N THR A 28 -10.96 0.42 5.27
CA THR A 28 -12.10 0.95 6.01
C THR A 28 -12.93 1.87 5.13
N PHE A 29 -14.25 1.67 5.16
CA PHE A 29 -15.16 2.48 4.36
C PHE A 29 -15.83 3.55 5.22
N SER A 30 -16.46 4.53 4.56
CA SER A 30 -17.13 5.62 5.26
C SER A 30 -18.64 5.42 5.24
N SER A 31 -19.33 6.10 6.16
CA SER A 31 -20.78 5.99 6.25
C SER A 31 -21.42 6.08 4.87
N GLU A 32 -20.92 6.98 4.05
CA GLU A 32 -21.44 7.17 2.70
C GLU A 32 -21.33 5.88 1.89
N VAL A 33 -20.19 5.21 2.01
CA VAL A 33 -19.96 3.96 1.29
C VAL A 33 -20.87 2.84 1.82
N LEU A 34 -21.06 2.82 3.13
CA LEU A 34 -21.90 1.81 3.75
C LEU A 34 -23.37 2.00 3.36
N GLN A 35 -23.85 3.24 3.46
CA GLN A 35 -25.22 3.56 3.10
C GLN A 35 -25.43 3.48 1.60
N ALA A 36 -24.56 4.13 0.85
CA ALA A 36 -24.64 4.12 -0.61
C ALA A 36 -24.96 2.73 -1.14
N SER A 37 -24.33 1.72 -0.55
CA SER A 37 -24.54 0.33 -0.96
C SER A 37 -25.99 -0.10 -0.70
N GLY A 38 -26.48 0.22 0.50
CA GLY A 38 -27.84 -0.14 0.86
C GLY A 38 -27.91 -1.49 1.54
N ASP A 39 -28.96 -2.25 1.24
CA ASP A 39 -29.15 -3.57 1.82
C ASP A 39 -28.29 -4.61 1.13
N LYS A 40 -27.05 -4.24 0.81
CA LYS A 40 -26.13 -5.14 0.14
C LYS A 40 -24.68 -4.82 0.51
N GLU A 41 -23.76 -5.63 0.01
CA GLU A 41 -22.34 -5.43 0.29
C GLU A 41 -21.54 -5.27 -1.00
N PRO A 42 -20.82 -4.15 -1.11
CA PRO A 42 -20.00 -3.86 -2.30
C PRO A 42 -18.78 -4.76 -2.40
N VAL A 43 -18.40 -5.09 -3.62
CA VAL A 43 -17.25 -5.96 -3.86
C VAL A 43 -16.22 -5.27 -4.75
N THR A 44 -15.06 -4.96 -4.17
CA THR A 44 -13.99 -4.30 -4.91
C THR A 44 -12.63 -4.89 -4.56
N PHE A 45 -11.59 -4.38 -5.19
CA PHE A 45 -10.22 -4.85 -4.94
C PHE A 45 -9.22 -3.71 -5.06
N CYS A 46 -7.97 -4.00 -4.75
CA CYS A 46 -6.91 -3.01 -4.82
C CYS A 46 -5.85 -3.41 -5.84
N THR A 47 -5.20 -2.41 -6.44
CA THR A 47 -4.17 -2.65 -7.44
C THR A 47 -3.12 -1.55 -7.43
N TYR A 48 -1.85 -1.95 -7.25
CA TYR A 48 -0.75 -0.99 -7.22
C TYR A 48 0.55 -1.65 -7.68
N ALA A 49 1.60 -0.86 -7.74
CA ALA A 49 2.91 -1.35 -8.16
C ALA A 49 4.04 -0.59 -7.47
N PHE A 50 5.15 -1.27 -7.25
CA PHE A 50 6.31 -0.65 -6.59
C PHE A 50 7.49 -0.59 -7.55
N TYR A 51 8.40 0.36 -7.29
CA TYR A 51 9.59 0.53 -8.13
C TYR A 51 9.29 0.16 -9.58
N ASP A 52 8.09 0.52 -10.03
CA ASP A 52 7.68 0.22 -11.40
C ASP A 52 7.72 -1.27 -11.68
N PHE A 53 7.11 -2.05 -10.80
CA PHE A 53 7.08 -3.50 -10.94
C PHE A 53 5.76 -3.96 -11.55
N GLU A 54 5.68 -5.25 -11.86
CA GLU A 54 4.47 -5.81 -12.46
C GLU A 54 3.25 -5.55 -11.57
N LEU A 55 2.30 -4.79 -12.09
CA LEU A 55 1.09 -4.46 -11.34
C LEU A 55 0.44 -5.72 -10.78
N GLN A 56 0.44 -5.83 -9.45
CA GLN A 56 -0.15 -6.99 -8.79
C GLN A 56 -1.65 -6.83 -8.64
N THR A 57 -2.37 -7.95 -8.69
CA THR A 57 -3.82 -7.92 -8.57
C THR A 57 -4.28 -8.67 -7.32
N THR A 58 -4.81 -7.92 -6.35
CA THR A 58 -5.28 -8.50 -5.11
C THR A 58 -6.56 -9.31 -5.34
N PRO A 59 -6.78 -10.32 -4.46
CA PRO A 59 -7.96 -11.18 -4.54
C PRO A 59 -9.25 -10.45 -4.20
N VAL A 60 -10.22 -10.49 -5.11
CA VAL A 60 -11.50 -9.84 -4.89
C VAL A 60 -12.29 -10.51 -3.78
N VAL A 61 -12.64 -9.74 -2.76
CA VAL A 61 -13.39 -10.26 -1.62
C VAL A 61 -14.71 -9.50 -1.45
N ARG A 62 -15.80 -10.25 -1.31
CA ARG A 62 -17.11 -9.65 -1.14
C ARG A 62 -17.46 -9.53 0.35
N GLY A 63 -18.00 -8.37 0.73
CA GLY A 63 -18.36 -8.15 2.12
C GLY A 63 -18.25 -6.69 2.52
N LEU A 64 -17.62 -6.44 3.65
CA LEU A 64 -17.44 -5.08 4.15
C LEU A 64 -16.30 -5.01 5.16
N HIS A 65 -15.17 -4.47 4.73
CA HIS A 65 -14.00 -4.34 5.60
C HIS A 65 -13.32 -5.69 5.79
N PRO A 66 -13.05 -6.39 4.68
CA PRO A 66 -12.41 -7.70 4.70
C PRO A 66 -10.94 -7.62 5.11
N GLU A 67 -10.30 -8.78 5.26
CA GLU A 67 -8.89 -8.83 5.65
C GLU A 67 -8.07 -9.56 4.60
N TYR A 68 -7.72 -8.85 3.53
CA TYR A 68 -6.94 -9.44 2.45
C TYR A 68 -5.69 -10.11 2.99
N ASN A 69 -4.88 -9.35 3.73
CA ASN A 69 -3.65 -9.87 4.32
C ASN A 69 -2.70 -10.38 3.22
N PHE A 70 -2.57 -9.60 2.16
CA PHE A 70 -1.69 -9.96 1.05
C PHE A 70 -0.28 -9.46 1.28
N THR A 71 0.70 -10.16 0.72
CA THR A 71 2.10 -9.78 0.86
C THR A 71 2.83 -9.85 -0.48
N SER A 72 3.83 -8.98 -0.64
CA SER A 72 4.60 -8.94 -1.88
C SER A 72 6.09 -8.92 -1.58
N GLN A 73 6.89 -9.41 -2.53
CA GLN A 73 8.33 -9.45 -2.37
C GLN A 73 9.04 -8.90 -3.61
N TYR A 74 9.97 -7.98 -3.40
CA TYR A 74 10.72 -7.38 -4.49
C TYR A 74 12.08 -6.89 -4.03
N LEU A 75 13.13 -7.41 -4.67
CA LEU A 75 14.50 -7.03 -4.32
C LEU A 75 14.95 -5.82 -5.13
N VAL A 76 15.26 -4.73 -4.43
CA VAL A 76 15.71 -3.51 -5.08
C VAL A 76 16.94 -2.94 -4.38
N HIS A 77 18.06 -2.94 -5.09
CA HIS A 77 19.31 -2.41 -4.54
C HIS A 77 19.50 -0.93 -4.92
N VAL A 78 19.14 -0.05 -3.99
CA VAL A 78 19.28 1.38 -4.23
C VAL A 78 19.30 2.15 -2.91
N ASN A 79 19.95 3.31 -2.93
CA ASN A 79 20.05 4.14 -1.73
C ASN A 79 19.34 5.49 -1.95
N ASP A 80 19.89 6.30 -2.85
CA ASP A 80 19.32 7.60 -3.15
C ASP A 80 18.06 7.45 -3.99
N LEU A 81 18.23 6.93 -5.21
CA LEU A 81 17.11 6.74 -6.11
C LEU A 81 15.87 6.25 -5.36
N PHE A 82 16.09 5.37 -4.39
CA PHE A 82 14.99 4.83 -3.59
C PHE A 82 14.06 5.94 -3.12
N LEU A 83 14.63 6.93 -2.43
CA LEU A 83 13.85 8.05 -1.91
C LEU A 83 13.39 8.95 -3.06
N GLN A 84 14.33 9.36 -3.90
CA GLN A 84 14.02 10.22 -5.03
C GLN A 84 12.74 9.78 -5.72
N TYR A 85 12.65 8.50 -6.03
CA TYR A 85 11.48 7.94 -6.69
C TYR A 85 10.23 8.16 -5.86
N ILE A 86 10.35 7.96 -4.55
CA ILE A 86 9.23 8.12 -3.63
C ILE A 86 8.73 9.56 -3.64
N GLN A 87 9.60 10.50 -3.28
CA GLN A 87 9.24 11.91 -3.25
C GLN A 87 8.78 12.38 -4.62
N LYS A 88 9.53 12.01 -5.65
CA LYS A 88 9.19 12.39 -7.02
C LYS A 88 7.91 11.71 -7.48
N ASN A 89 7.96 10.40 -7.66
CA ASN A 89 6.79 9.63 -8.09
C ASN A 89 6.12 8.95 -6.91
N THR A 90 4.82 8.72 -7.01
CA THR A 90 4.06 8.07 -5.95
C THR A 90 3.39 6.81 -6.46
N ILE A 91 2.87 6.01 -5.54
CA ILE A 91 2.19 4.77 -5.89
C ILE A 91 0.71 5.01 -6.16
N THR A 92 0.29 4.76 -7.40
CA THR A 92 -1.10 4.95 -7.78
C THR A 92 -1.93 3.70 -7.51
N LEU A 93 -2.74 3.74 -6.45
CA LEU A 93 -3.57 2.61 -6.08
C LEU A 93 -5.05 2.97 -6.20
N GLU A 94 -5.71 2.42 -7.21
CA GLU A 94 -7.13 2.68 -7.43
C GLU A 94 -7.95 1.41 -7.18
N VAL A 95 -9.07 1.58 -6.47
CA VAL A 95 -9.96 0.46 -6.16
C VAL A 95 -11.14 0.41 -7.12
N HIS A 96 -11.05 -0.45 -8.13
CA HIS A 96 -12.11 -0.60 -9.11
C HIS A 96 -13.10 -1.67 -8.69
N GLN A 97 -14.38 -1.42 -8.94
CA GLN A 97 -15.44 -2.36 -8.58
C GLN A 97 -15.72 -3.33 -9.72
N ALA A 98 -16.08 -4.56 -9.38
CA ALA A 98 -16.38 -5.58 -10.38
C ALA A 98 -17.88 -5.71 -10.59
N TYR A 99 -18.33 -5.34 -11.79
CA TYR A 99 -19.75 -5.41 -12.13
C TYR A 99 -20.02 -6.56 -13.10
N SER A 100 -21.29 -6.86 -13.30
CA SER A 100 -21.69 -7.93 -14.20
C SER A 100 -20.83 -7.94 -15.45
N THR A 101 -19.78 -8.74 -15.44
CA THR A 101 -18.87 -8.84 -16.58
C THR A 101 -18.43 -7.46 -17.04
N GLU A 102 -18.08 -6.60 -16.09
CA GLU A 102 -17.64 -5.24 -16.40
C GLU A 102 -16.53 -4.81 -15.45
N TYR A 103 -15.85 -3.71 -15.81
CA TYR A 103 -14.76 -3.20 -15.00
C TYR A 103 -14.60 -1.69 -15.20
N GLU A 104 -14.71 -0.94 -14.11
CA GLU A 104 -14.59 0.51 -14.16
C GLU A 104 -14.01 1.05 -12.86
N THR A 105 -13.35 2.21 -12.95
CA THR A 105 -12.74 2.83 -11.78
C THR A 105 -13.77 3.64 -10.99
N ILE A 106 -13.69 3.58 -9.67
CA ILE A 106 -14.60 4.31 -8.80
C ILE A 106 -13.86 5.09 -7.74
N ALA A 107 -12.71 4.56 -7.32
CA ALA A 107 -11.90 5.22 -6.30
C ALA A 107 -10.44 5.30 -6.74
N ALA A 108 -9.80 6.43 -6.46
CA ALA A 108 -8.41 6.63 -6.82
C ALA A 108 -7.68 7.49 -5.78
N CYS A 109 -6.47 7.08 -5.42
CA CYS A 109 -5.67 7.81 -4.44
C CYS A 109 -4.19 7.62 -4.69
N GLN A 110 -3.38 8.58 -4.23
CA GLN A 110 -1.94 8.52 -4.41
C GLN A 110 -1.25 8.12 -3.12
N LEU A 111 -0.72 6.89 -3.09
CA LEU A 111 -0.04 6.38 -1.91
C LEU A 111 1.42 6.83 -1.90
N LYS A 112 1.85 7.42 -0.78
CA LYS A 112 3.23 7.89 -0.64
C LYS A 112 3.65 7.89 0.82
N PHE A 113 4.86 7.40 1.08
CA PHE A 113 5.39 7.35 2.43
C PHE A 113 6.34 8.52 2.69
N HIS A 114 6.07 9.28 3.75
CA HIS A 114 6.89 10.42 4.12
C HIS A 114 7.99 10.01 5.09
N GLU A 115 7.59 9.34 6.17
CA GLU A 115 8.54 8.89 7.19
C GLU A 115 9.73 8.20 6.55
N ILE A 116 9.46 7.33 5.58
CA ILE A 116 10.52 6.60 4.89
C ILE A 116 11.66 7.53 4.49
N LEU A 117 11.33 8.81 4.32
CA LEU A 117 12.33 9.80 3.94
C LEU A 117 13.36 9.99 5.05
N GLU A 118 12.90 10.01 6.29
CA GLU A 118 13.79 10.18 7.44
C GLU A 118 14.13 8.83 8.06
N LYS A 119 13.11 8.10 8.49
CA LYS A 119 13.30 6.80 9.11
C LYS A 119 13.45 5.72 8.05
N SER A 120 13.71 4.49 8.50
CA SER A 120 13.87 3.36 7.59
C SER A 120 13.42 2.06 8.25
N GLY A 121 12.27 1.56 7.82
CA GLY A 121 11.74 0.32 8.37
C GLY A 121 10.24 0.36 8.53
N ARG A 122 9.73 -0.36 9.53
CA ARG A 122 8.30 -0.41 9.79
C ARG A 122 7.78 0.95 10.24
N ILE A 123 6.84 1.50 9.49
CA ILE A 123 6.26 2.81 9.81
C ILE A 123 4.79 2.85 9.46
N PHE A 124 3.94 2.82 10.48
CA PHE A 124 2.49 2.85 10.28
C PHE A 124 2.09 4.11 9.52
N CYS A 125 1.12 3.96 8.62
CA CYS A 125 0.64 5.09 7.82
C CYS A 125 -0.69 4.75 7.16
N THR A 126 -1.36 5.78 6.65
CA THR A 126 -2.66 5.60 5.99
C THR A 126 -2.84 6.61 4.86
N ALA A 127 -3.90 6.41 4.08
CA ALA A 127 -4.19 7.31 2.96
C ALA A 127 -5.70 7.46 2.77
N SER A 128 -6.10 8.64 2.30
CA SER A 128 -7.52 8.92 2.08
C SER A 128 -7.94 8.50 0.67
N LEU A 129 -9.24 8.25 0.51
CA LEU A 129 -9.77 7.83 -0.79
C LEU A 129 -10.90 8.76 -1.23
N ILE A 130 -10.93 9.09 -2.52
CA ILE A 130 -11.96 9.96 -3.06
C ILE A 130 -12.65 9.31 -4.25
N GLY A 131 -13.96 9.53 -4.36
CA GLY A 131 -14.73 8.96 -5.44
C GLY A 131 -14.46 9.66 -6.77
N THR A 132 -14.29 8.88 -7.83
CA THR A 132 -14.02 9.43 -9.16
C THR A 132 -15.32 9.87 -9.83
N LYS A 133 -16.34 9.01 -9.76
CA LYS A 133 -17.63 9.31 -10.36
C LYS A 133 -18.62 9.82 -9.31
N GLY A 134 -18.61 9.20 -8.15
CA GLY A 134 -19.50 9.60 -7.07
C GLY A 134 -19.10 10.93 -6.47
N ASP A 135 -17.83 11.29 -6.61
CA ASP A 135 -17.33 12.55 -6.06
C ASP A 135 -17.45 12.57 -4.54
N ILE A 136 -17.04 11.47 -3.91
CA ILE A 136 -17.10 11.37 -2.46
C ILE A 136 -15.72 11.54 -1.84
N PRO A 137 -15.49 12.70 -1.21
CA PRO A 137 -14.22 13.02 -0.56
C PRO A 137 -13.98 12.19 0.70
N ASN A 138 -15.06 11.81 1.36
CA ASN A 138 -14.97 11.00 2.57
C ASN A 138 -15.27 9.54 2.28
N PHE A 139 -14.76 9.05 1.15
CA PHE A 139 -14.98 7.66 0.76
C PHE A 139 -14.52 6.71 1.85
N GLY A 140 -13.31 6.92 2.37
CA GLY A 140 -12.78 6.07 3.41
C GLY A 140 -11.27 6.16 3.52
N THR A 141 -10.68 5.27 4.32
CA THR A 141 -9.24 5.26 4.52
C THR A 141 -8.67 3.85 4.35
N VAL A 142 -7.44 3.78 3.87
CA VAL A 142 -6.78 2.49 3.67
C VAL A 142 -5.74 2.22 4.77
N GLU A 143 -5.69 0.97 5.23
CA GLU A 143 -4.76 0.58 6.27
C GLU A 143 -3.62 -0.26 5.69
N TYR A 144 -2.42 0.30 5.69
CA TYR A 144 -1.25 -0.41 5.16
C TYR A 144 -0.01 -0.08 5.98
N TRP A 145 1.09 -0.75 5.66
CA TRP A 145 2.35 -0.54 6.37
C TRP A 145 3.54 -0.97 5.51
N PHE A 146 4.58 -0.14 5.50
CA PHE A 146 5.78 -0.43 4.71
C PHE A 146 6.96 -0.71 5.62
N ARG A 147 7.71 -1.76 5.30
CA ARG A 147 8.88 -2.13 6.09
C ARG A 147 10.10 -2.32 5.20
N LEU A 148 11.08 -1.44 5.34
CA LEU A 148 12.31 -1.52 4.55
C LEU A 148 13.50 -1.89 5.43
N ARG A 149 13.95 -3.14 5.31
CA ARG A 149 15.08 -3.62 6.08
C ARG A 149 15.89 -4.64 5.30
N VAL A 150 17.20 -4.64 5.50
CA VAL A 150 18.08 -5.57 4.81
C VAL A 150 17.40 -6.92 4.61
N SER A 151 17.68 -7.57 3.48
CA SER A 151 17.10 -8.87 3.17
C SER A 151 18.12 -9.78 2.51
N GLY A 152 18.19 -11.02 2.96
CA GLY A 152 19.13 -11.97 2.40
C GLY A 152 18.67 -12.52 1.05
N PRO A 153 19.44 -12.20 0.00
CA PRO A 153 19.13 -12.64 -1.37
C PRO A 153 19.32 -14.15 -1.55
N SER A 154 19.21 -14.60 -2.79
CA SER A 154 19.37 -16.03 -3.09
C SER A 154 20.84 -16.41 -3.07
N SER A 155 21.11 -17.66 -2.70
CA SER A 155 22.48 -18.16 -2.63
C SER A 155 22.82 -18.97 -3.88
N GLY A 156 21.95 -19.92 -4.22
CA GLY A 156 22.17 -20.75 -5.39
C GLY A 156 22.90 -22.04 -5.06
N GLY A 1 5.03 12.69 18.97
CA GLY A 1 6.07 11.68 18.94
C GLY A 1 7.14 11.93 19.98
N SER A 2 6.91 11.44 21.20
CA SER A 2 7.86 11.61 22.29
C SER A 2 9.24 11.13 21.89
N SER A 3 10.26 11.62 22.59
CA SER A 3 11.63 11.24 22.31
C SER A 3 12.29 10.62 23.53
N GLY A 4 13.14 9.62 23.31
CA GLY A 4 13.82 8.96 24.40
C GLY A 4 14.55 7.70 23.95
N SER A 5 13.92 6.55 24.15
CA SER A 5 14.52 5.28 23.77
C SER A 5 15.06 5.34 22.35
N SER A 6 16.39 5.24 22.23
CA SER A 6 17.05 5.28 20.93
C SER A 6 16.32 4.40 19.92
N GLY A 7 16.28 3.10 20.20
CA GLY A 7 15.62 2.17 19.30
C GLY A 7 16.47 1.81 18.10
N ASP A 8 15.82 1.42 17.01
CA ASP A 8 16.52 1.04 15.79
C ASP A 8 16.84 2.27 14.95
N GLU A 9 18.12 2.63 14.89
CA GLU A 9 18.55 3.78 14.12
C GLU A 9 19.99 3.61 13.64
N THR A 10 20.22 3.80 12.35
CA THR A 10 21.55 3.66 11.78
C THR A 10 21.98 4.95 11.07
N ILE A 11 23.13 5.47 11.48
CA ILE A 11 23.66 6.71 10.89
C ILE A 11 23.69 6.61 9.36
N HIS A 12 24.37 5.60 8.86
CA HIS A 12 24.49 5.40 7.42
C HIS A 12 24.19 3.94 7.04
N LEU A 13 23.17 3.75 6.20
CA LEU A 13 22.79 2.42 5.77
C LEU A 13 23.87 1.79 4.90
N GLU A 14 23.88 0.46 4.84
CA GLU A 14 24.87 -0.26 4.05
C GLU A 14 24.47 -0.29 2.58
N ARG A 15 25.47 -0.24 1.70
CA ARG A 15 25.23 -0.25 0.26
C ARG A 15 25.08 -1.67 -0.25
N GLY A 16 24.67 -2.57 0.63
CA GLY A 16 24.49 -3.96 0.25
C GLY A 16 23.23 -4.19 -0.56
N GLU A 17 22.19 -4.71 0.09
CA GLU A 17 20.93 -4.98 -0.58
C GLU A 17 19.77 -4.33 0.19
N ASN A 18 18.59 -4.35 -0.43
CA ASN A 18 17.40 -3.77 0.18
C ASN A 18 16.17 -4.63 -0.07
N LEU A 19 15.14 -4.44 0.75
CA LEU A 19 13.91 -5.20 0.62
C LEU A 19 12.69 -4.31 0.85
N PHE A 20 11.91 -4.10 -0.22
CA PHE A 20 10.71 -3.27 -0.13
C PHE A 20 9.46 -4.09 -0.43
N GLU A 21 8.49 -4.02 0.46
CA GLU A 21 7.24 -4.76 0.29
C GLU A 21 6.07 -4.01 0.93
N ILE A 22 4.86 -4.32 0.48
CA ILE A 22 3.66 -3.68 1.01
C ILE A 22 2.59 -4.70 1.34
N HIS A 23 1.92 -4.52 2.48
CA HIS A 23 0.87 -5.43 2.90
C HIS A 23 -0.42 -4.67 3.19
N ILE A 24 -1.52 -5.13 2.60
CA ILE A 24 -2.81 -4.50 2.79
C ILE A 24 -3.69 -5.30 3.75
N ASN A 25 -3.72 -4.88 5.00
CA ASN A 25 -4.52 -5.56 6.01
C ASN A 25 -6.00 -5.55 5.64
N LYS A 26 -6.61 -4.37 5.66
CA LYS A 26 -8.01 -4.22 5.31
C LYS A 26 -8.34 -2.79 4.89
N VAL A 27 -9.54 -2.58 4.38
CA VAL A 27 -9.96 -1.26 3.94
C VAL A 27 -11.24 -0.83 4.66
N THR A 28 -11.18 0.34 5.30
CA THR A 28 -12.33 0.87 6.02
C THR A 28 -13.14 1.83 5.15
N PHE A 29 -14.46 1.80 5.32
CA PHE A 29 -15.35 2.66 4.54
C PHE A 29 -16.08 3.64 5.45
N SER A 30 -16.70 4.65 4.85
CA SER A 30 -17.44 5.66 5.61
C SER A 30 -18.94 5.47 5.44
N SER A 31 -19.70 5.96 6.42
CA SER A 31 -21.15 5.84 6.38
C SER A 31 -21.69 6.10 4.98
N GLU A 32 -21.42 7.29 4.46
CA GLU A 32 -21.87 7.67 3.13
C GLU A 32 -21.76 6.49 2.16
N VAL A 33 -20.62 5.81 2.20
CA VAL A 33 -20.38 4.66 1.32
C VAL A 33 -21.17 3.44 1.81
N LEU A 34 -21.09 3.17 3.10
CA LEU A 34 -21.79 2.03 3.69
C LEU A 34 -23.26 2.01 3.24
N GLN A 35 -23.89 3.17 3.25
CA GLN A 35 -25.29 3.27 2.85
C GLN A 35 -25.43 3.11 1.33
N ALA A 36 -24.57 3.78 0.59
CA ALA A 36 -24.59 3.70 -0.87
C ALA A 36 -24.77 2.26 -1.34
N SER A 37 -23.94 1.37 -0.82
CA SER A 37 -24.01 -0.04 -1.19
C SER A 37 -25.14 -0.75 -0.44
N GLY A 38 -25.11 -0.64 0.89
CA GLY A 38 -26.13 -1.27 1.70
C GLY A 38 -25.55 -2.29 2.67
N ASP A 39 -26.41 -3.13 3.21
CA ASP A 39 -25.99 -4.16 4.15
C ASP A 39 -25.53 -5.41 3.42
N LYS A 40 -24.71 -5.22 2.39
CA LYS A 40 -24.20 -6.33 1.59
C LYS A 40 -22.68 -6.35 1.60
N GLU A 41 -22.10 -7.26 0.83
CA GLU A 41 -20.64 -7.38 0.74
C GLU A 41 -20.12 -6.77 -0.56
N PRO A 42 -19.68 -5.51 -0.48
CA PRO A 42 -19.15 -4.78 -1.64
C PRO A 42 -17.80 -5.33 -2.10
N VAL A 43 -17.81 -5.99 -3.25
CA VAL A 43 -16.58 -6.57 -3.80
C VAL A 43 -15.77 -5.52 -4.55
N THR A 44 -14.52 -5.34 -4.15
CA THR A 44 -13.64 -4.37 -4.78
C THR A 44 -12.34 -5.03 -5.25
N PHE A 45 -11.48 -4.23 -5.88
CA PHE A 45 -10.20 -4.73 -6.37
C PHE A 45 -9.12 -3.67 -6.26
N CYS A 46 -7.89 -4.10 -6.03
CA CYS A 46 -6.76 -3.18 -5.90
C CYS A 46 -5.61 -3.62 -6.80
N THR A 47 -4.89 -2.64 -7.35
CA THR A 47 -3.76 -2.92 -8.23
C THR A 47 -2.78 -1.75 -8.23
N TYR A 48 -1.50 -2.07 -8.38
CA TYR A 48 -0.46 -1.05 -8.40
C TYR A 48 0.91 -1.68 -8.71
N ALA A 49 1.78 -0.90 -9.34
CA ALA A 49 3.11 -1.37 -9.69
C ALA A 49 4.17 -0.69 -8.84
N PHE A 50 5.15 -1.46 -8.39
CA PHE A 50 6.23 -0.93 -7.56
C PHE A 50 7.56 -0.95 -8.32
N TYR A 51 8.41 0.03 -8.04
CA TYR A 51 9.71 0.12 -8.69
C TYR A 51 9.61 -0.24 -10.17
N ASP A 52 8.45 0.05 -10.76
CA ASP A 52 8.22 -0.23 -12.17
C ASP A 52 8.28 -1.73 -12.43
N PHE A 53 7.64 -2.51 -11.57
CA PHE A 53 7.63 -3.96 -11.71
C PHE A 53 6.29 -4.45 -12.25
N GLU A 54 6.17 -5.75 -12.44
CA GLU A 54 4.94 -6.34 -12.95
C GLU A 54 3.74 -5.92 -12.11
N LEU A 55 2.68 -5.48 -12.79
CA LEU A 55 1.47 -5.04 -12.10
C LEU A 55 1.04 -6.05 -11.05
N GLN A 56 0.87 -5.58 -9.82
CA GLN A 56 0.45 -6.44 -8.72
C GLN A 56 -1.06 -6.64 -8.71
N THR A 57 -1.50 -7.78 -8.19
CA THR A 57 -2.91 -8.10 -8.13
C THR A 57 -3.30 -8.65 -6.76
N THR A 58 -4.54 -8.37 -6.35
CA THR A 58 -5.03 -8.84 -5.06
C THR A 58 -6.25 -9.73 -5.22
N PRO A 59 -6.48 -10.62 -4.25
CA PRO A 59 -7.61 -11.54 -4.26
C PRO A 59 -8.94 -10.83 -4.04
N VAL A 60 -9.90 -11.10 -4.92
CA VAL A 60 -11.22 -10.48 -4.83
C VAL A 60 -11.98 -11.00 -3.61
N VAL A 61 -12.27 -10.10 -2.68
CA VAL A 61 -12.99 -10.46 -1.46
C VAL A 61 -14.19 -9.55 -1.24
N ARG A 62 -15.37 -10.14 -1.17
CA ARG A 62 -16.60 -9.38 -0.96
C ARG A 62 -16.83 -9.11 0.53
N GLY A 63 -17.19 -7.88 0.86
CA GLY A 63 -17.43 -7.52 2.24
C GLY A 63 -17.13 -6.06 2.53
N LEU A 64 -17.61 -5.57 3.67
CA LEU A 64 -17.38 -4.19 4.06
C LEU A 64 -15.97 -3.99 4.59
N HIS A 65 -15.62 -4.73 5.64
CA HIS A 65 -14.30 -4.64 6.23
C HIS A 65 -13.57 -5.97 6.16
N PRO A 66 -13.39 -6.48 4.93
CA PRO A 66 -12.71 -7.77 4.70
C PRO A 66 -11.21 -7.69 5.00
N GLU A 67 -10.59 -8.85 5.12
CA GLU A 67 -9.16 -8.92 5.40
C GLU A 67 -8.40 -9.58 4.25
N TYR A 68 -8.05 -8.79 3.25
CA TYR A 68 -7.32 -9.30 2.09
C TYR A 68 -6.10 -10.10 2.53
N ASN A 69 -5.30 -9.53 3.40
CA ASN A 69 -4.10 -10.20 3.90
C ASN A 69 -3.17 -10.56 2.75
N PHE A 70 -2.97 -9.61 1.84
CA PHE A 70 -2.10 -9.83 0.68
C PHE A 70 -0.69 -9.37 0.99
N THR A 71 0.22 -10.32 1.16
CA THR A 71 1.62 -10.01 1.45
C THR A 71 2.54 -10.54 0.36
N SER A 72 3.39 -9.66 -0.17
CA SER A 72 4.32 -10.05 -1.23
C SER A 72 5.58 -9.18 -1.18
N GLN A 73 6.71 -9.81 -0.90
CA GLN A 73 7.98 -9.09 -0.83
C GLN A 73 8.94 -9.58 -1.90
N TYR A 74 9.93 -8.74 -2.23
CA TYR A 74 10.90 -9.08 -3.25
C TYR A 74 12.24 -8.38 -2.98
N LEU A 75 13.33 -9.10 -3.20
CA LEU A 75 14.66 -8.54 -2.98
C LEU A 75 15.02 -7.53 -4.07
N VAL A 76 15.07 -6.26 -3.69
CA VAL A 76 15.39 -5.19 -4.63
C VAL A 76 16.69 -4.48 -4.23
N HIS A 77 17.71 -4.60 -5.07
CA HIS A 77 18.99 -3.97 -4.81
C HIS A 77 18.98 -2.51 -5.25
N VAL A 78 18.91 -1.61 -4.28
CA VAL A 78 18.89 -0.18 -4.57
C VAL A 78 19.58 0.61 -3.47
N ASN A 79 19.91 1.86 -3.77
CA ASN A 79 20.58 2.73 -2.80
C ASN A 79 19.70 3.92 -2.43
N ASP A 80 20.24 4.82 -1.61
CA ASP A 80 19.50 6.01 -1.18
C ASP A 80 18.57 6.49 -2.29
N LEU A 81 19.03 6.38 -3.53
CA LEU A 81 18.24 6.82 -4.68
C LEU A 81 16.76 6.49 -4.48
N PHE A 82 16.48 5.26 -4.07
CA PHE A 82 15.11 4.82 -3.83
C PHE A 82 14.31 5.91 -3.12
N LEU A 83 14.86 6.41 -2.02
CA LEU A 83 14.18 7.45 -1.25
C LEU A 83 13.65 8.56 -2.15
N GLN A 84 14.54 9.12 -2.97
CA GLN A 84 14.16 10.18 -3.89
C GLN A 84 12.85 9.83 -4.62
N TYR A 85 12.86 8.71 -5.33
CA TYR A 85 11.69 8.28 -6.08
C TYR A 85 10.41 8.56 -5.30
N ILE A 86 10.46 8.33 -3.98
CA ILE A 86 9.30 8.57 -3.13
C ILE A 86 8.95 10.05 -3.08
N GLN A 87 9.97 10.88 -2.85
CA GLN A 87 9.77 12.32 -2.77
C GLN A 87 9.20 12.86 -4.08
N LYS A 88 9.82 12.48 -5.19
CA LYS A 88 9.38 12.93 -6.50
C LYS A 88 8.14 12.16 -6.94
N ASN A 89 8.29 10.86 -7.16
CA ASN A 89 7.18 10.01 -7.58
C ASN A 89 6.50 9.37 -6.38
N THR A 90 5.26 8.94 -6.58
CA THR A 90 4.49 8.29 -5.51
C THR A 90 3.71 7.11 -6.03
N ILE A 91 3.21 6.28 -5.12
CA ILE A 91 2.43 5.11 -5.48
C ILE A 91 0.95 5.44 -5.62
N THR A 92 0.42 5.26 -6.82
CA THR A 92 -0.99 5.54 -7.08
C THR A 92 -1.82 4.26 -7.07
N LEU A 93 -2.52 4.03 -5.97
CA LEU A 93 -3.36 2.84 -5.83
C LEU A 93 -4.83 3.19 -6.03
N GLU A 94 -5.39 2.73 -7.14
CA GLU A 94 -6.80 2.99 -7.45
C GLU A 94 -7.68 1.84 -6.97
N VAL A 95 -8.77 2.19 -6.31
CA VAL A 95 -9.70 1.19 -5.79
C VAL A 95 -10.93 1.07 -6.69
N HIS A 96 -10.96 0.02 -7.49
CA HIS A 96 -12.09 -0.21 -8.39
C HIS A 96 -13.00 -1.31 -7.86
N GLN A 97 -14.25 -1.30 -8.30
CA GLN A 97 -15.23 -2.29 -7.86
C GLN A 97 -15.22 -3.52 -8.78
N ALA A 98 -14.98 -4.68 -8.20
CA ALA A 98 -14.93 -5.92 -8.96
C ALA A 98 -16.33 -6.52 -9.10
N TYR A 99 -16.88 -6.48 -10.31
CA TYR A 99 -18.21 -7.01 -10.57
C TYR A 99 -18.13 -8.43 -11.13
N SER A 100 -19.26 -9.10 -11.20
CA SER A 100 -19.32 -10.46 -11.71
C SER A 100 -18.32 -10.65 -12.85
N THR A 101 -18.52 -9.91 -13.93
CA THR A 101 -17.63 -9.99 -15.09
C THR A 101 -17.26 -8.61 -15.60
N GLU A 102 -17.22 -7.64 -14.69
CA GLU A 102 -16.88 -6.27 -15.05
C GLU A 102 -16.03 -5.62 -13.96
N TYR A 103 -15.22 -4.63 -14.35
CA TYR A 103 -14.36 -3.93 -13.41
C TYR A 103 -14.26 -2.45 -13.77
N GLU A 104 -14.72 -1.60 -12.85
CA GLU A 104 -14.68 -0.15 -13.06
C GLU A 104 -14.10 0.56 -11.85
N THR A 105 -13.52 1.73 -12.08
CA THR A 105 -12.92 2.52 -11.01
C THR A 105 -13.94 3.48 -10.40
N ILE A 106 -14.16 3.36 -9.10
CA ILE A 106 -15.10 4.22 -8.40
C ILE A 106 -14.39 5.22 -7.50
N ALA A 107 -13.19 4.85 -7.06
CA ALA A 107 -12.40 5.71 -6.20
C ALA A 107 -10.92 5.66 -6.58
N ALA A 108 -10.18 6.68 -6.16
CA ALA A 108 -8.75 6.76 -6.48
C ALA A 108 -8.02 7.64 -5.47
N CYS A 109 -6.83 7.20 -5.06
CA CYS A 109 -6.03 7.96 -4.10
C CYS A 109 -4.55 7.85 -4.43
N GLN A 110 -3.74 8.67 -3.78
CA GLN A 110 -2.30 8.68 -4.00
C GLN A 110 -1.54 8.36 -2.71
N LEU A 111 -0.93 7.18 -2.65
CA LEU A 111 -0.18 6.75 -1.48
C LEU A 111 1.20 7.40 -1.46
N LYS A 112 1.55 8.00 -0.32
CA LYS A 112 2.85 8.65 -0.17
C LYS A 112 3.32 8.57 1.27
N PHE A 113 4.60 8.24 1.45
CA PHE A 113 5.18 8.14 2.79
C PHE A 113 6.22 9.23 3.02
N HIS A 114 6.06 9.98 4.10
CA HIS A 114 6.98 11.06 4.43
C HIS A 114 8.10 10.55 5.34
N GLU A 115 7.72 9.99 6.47
CA GLU A 115 8.69 9.47 7.43
C GLU A 115 9.61 8.44 6.77
N ILE A 116 9.06 7.67 5.85
CA ILE A 116 9.83 6.65 5.13
C ILE A 116 11.16 7.22 4.65
N LEU A 117 11.23 8.54 4.54
CA LEU A 117 12.45 9.20 4.08
C LEU A 117 13.46 9.32 5.21
N GLU A 118 13.02 9.82 6.36
CA GLU A 118 13.90 9.96 7.51
C GLU A 118 14.21 8.61 8.14
N LYS A 119 13.18 7.79 8.29
CA LYS A 119 13.34 6.46 8.87
C LYS A 119 13.53 5.40 7.79
N SER A 120 13.68 4.16 8.21
CA SER A 120 13.87 3.05 7.27
C SER A 120 13.36 1.74 7.87
N GLY A 121 12.21 1.28 7.38
CA GLY A 121 11.63 0.05 7.87
C GLY A 121 10.13 0.14 8.06
N ARG A 122 9.61 -0.59 9.04
CA ARG A 122 8.18 -0.59 9.31
C ARG A 122 7.75 0.75 9.91
N ILE A 123 6.86 1.44 9.20
CA ILE A 123 6.36 2.73 9.66
C ILE A 123 4.86 2.85 9.41
N PHE A 124 4.08 2.84 10.49
CA PHE A 124 2.63 2.95 10.38
C PHE A 124 2.24 4.18 9.56
N CYS A 125 1.24 4.01 8.71
CA CYS A 125 0.76 5.11 7.86
C CYS A 125 -0.65 4.82 7.34
N THR A 126 -1.32 5.87 6.90
CA THR A 126 -2.69 5.74 6.38
C THR A 126 -2.92 6.69 5.20
N ALA A 127 -4.01 6.45 4.47
CA ALA A 127 -4.35 7.29 3.33
C ALA A 127 -5.86 7.42 3.18
N SER A 128 -6.30 8.56 2.65
CA SER A 128 -7.71 8.82 2.45
C SER A 128 -8.15 8.46 1.04
N LEU A 129 -9.42 8.12 0.88
CA LEU A 129 -9.96 7.75 -0.43
C LEU A 129 -11.01 8.76 -0.88
N ILE A 130 -10.98 9.09 -2.17
CA ILE A 130 -11.92 10.05 -2.74
C ILE A 130 -12.75 9.41 -3.86
N GLY A 131 -13.98 9.87 -4.02
CA GLY A 131 -14.85 9.33 -5.04
C GLY A 131 -14.54 9.89 -6.42
N THR A 132 -14.58 9.03 -7.43
CA THR A 132 -14.30 9.45 -8.79
C THR A 132 -15.55 9.97 -9.49
N LYS A 133 -16.61 9.15 -9.47
CA LYS A 133 -17.87 9.52 -10.10
C LYS A 133 -18.49 10.73 -9.40
N GLY A 134 -18.42 10.74 -8.08
CA GLY A 134 -18.97 11.84 -7.30
C GLY A 134 -17.90 12.70 -6.66
N ASP A 135 -18.22 13.27 -5.51
CA ASP A 135 -17.29 14.12 -4.79
C ASP A 135 -17.29 13.80 -3.31
N ILE A 136 -16.87 12.58 -2.97
CA ILE A 136 -16.82 12.14 -1.58
C ILE A 136 -15.39 12.09 -1.07
N PRO A 137 -15.02 13.06 -0.21
CA PRO A 137 -13.69 13.14 0.37
C PRO A 137 -13.41 12.02 1.38
N ASN A 138 -14.33 11.87 2.33
CA ASN A 138 -14.19 10.83 3.35
C ASN A 138 -14.82 9.52 2.89
N PHE A 139 -14.58 9.17 1.63
CA PHE A 139 -15.12 7.94 1.07
C PHE A 139 -14.71 6.73 1.91
N GLY A 140 -13.49 6.77 2.44
CA GLY A 140 -13.00 5.67 3.26
C GLY A 140 -11.51 5.74 3.49
N THR A 141 -11.02 5.02 4.49
CA THR A 141 -9.60 5.00 4.81
C THR A 141 -8.98 3.64 4.50
N VAL A 142 -7.68 3.64 4.21
CA VAL A 142 -6.98 2.41 3.89
C VAL A 142 -5.88 2.12 4.92
N GLU A 143 -5.91 0.91 5.48
CA GLU A 143 -4.91 0.53 6.48
C GLU A 143 -3.82 -0.34 5.85
N TYR A 144 -2.58 0.10 5.98
CA TYR A 144 -1.45 -0.63 5.42
C TYR A 144 -0.14 -0.18 6.05
N TRP A 145 0.95 -0.84 5.68
CA TRP A 145 2.26 -0.50 6.22
C TRP A 145 3.37 -0.94 5.26
N PHE A 146 4.43 -0.15 5.19
CA PHE A 146 5.56 -0.46 4.31
C PHE A 146 6.81 -0.76 5.13
N ARG A 147 7.86 -1.21 4.44
CA ARG A 147 9.12 -1.53 5.11
C ARG A 147 10.26 -1.64 4.08
N LEU A 148 11.27 -0.81 4.26
CA LEU A 148 12.42 -0.80 3.35
C LEU A 148 13.73 -0.83 4.14
N ARG A 149 14.38 -2.01 4.16
CA ARG A 149 15.64 -2.16 4.87
C ARG A 149 16.48 -3.26 4.23
N VAL A 150 17.76 -3.30 4.60
CA VAL A 150 18.67 -4.30 4.06
C VAL A 150 18.30 -5.70 4.55
N SER A 151 18.18 -6.64 3.61
CA SER A 151 17.83 -8.02 3.95
C SER A 151 19.08 -8.87 4.08
N GLY A 152 19.06 -9.82 5.00
CA GLY A 152 20.19 -10.70 5.22
C GLY A 152 21.22 -10.10 6.16
N PRO A 153 21.24 -10.60 7.41
CA PRO A 153 22.17 -10.13 8.44
C PRO A 153 23.61 -10.55 8.13
N SER A 154 24.51 -9.55 8.12
CA SER A 154 25.92 -9.81 7.84
C SER A 154 26.58 -10.51 9.02
N SER A 155 26.82 -11.81 8.89
CA SER A 155 27.45 -12.59 9.95
C SER A 155 28.81 -12.01 10.32
N GLY A 156 29.65 -11.80 9.31
CA GLY A 156 30.97 -11.26 9.55
C GLY A 156 31.21 -9.97 8.80
N GLY A 1 -2.72 -4.37 20.15
CA GLY A 1 -2.03 -3.33 19.41
C GLY A 1 -2.11 -1.99 20.10
N SER A 2 -3.27 -1.68 20.67
CA SER A 2 -3.46 -0.41 21.36
C SER A 2 -3.01 -0.51 22.82
N SER A 3 -2.73 0.64 23.42
CA SER A 3 -2.28 0.69 24.80
C SER A 3 -0.88 0.09 24.95
N GLY A 4 -0.01 0.41 24.00
CA GLY A 4 1.36 -0.10 24.03
C GLY A 4 2.11 0.18 22.76
N SER A 5 2.42 1.46 22.53
CA SER A 5 3.15 1.86 21.33
C SER A 5 4.65 1.64 21.50
N SER A 6 5.40 1.83 20.41
CA SER A 6 6.84 1.64 20.45
C SER A 6 7.49 2.22 19.18
N GLY A 7 8.81 2.17 19.14
CA GLY A 7 9.53 2.68 17.98
C GLY A 7 10.84 1.96 17.74
N ASP A 8 11.61 2.44 16.78
CA ASP A 8 12.89 1.83 16.45
C ASP A 8 14.03 2.85 16.57
N GLU A 9 15.10 2.47 17.25
CA GLU A 9 16.25 3.35 17.44
C GLU A 9 17.41 2.92 16.56
N THR A 10 17.37 3.30 15.29
CA THR A 10 18.42 2.96 14.34
C THR A 10 18.70 4.11 13.38
N ILE A 11 19.86 4.73 13.53
CA ILE A 11 20.25 5.84 12.67
C ILE A 11 20.68 5.36 11.30
N HIS A 12 21.65 4.44 11.28
CA HIS A 12 22.15 3.89 10.02
C HIS A 12 21.90 2.39 9.95
N LEU A 13 22.28 1.78 8.83
CA LEU A 13 22.10 0.35 8.64
C LEU A 13 23.31 -0.27 7.94
N GLU A 14 23.25 -1.58 7.71
CA GLU A 14 24.34 -2.28 7.05
C GLU A 14 24.26 -2.10 5.53
N ARG A 15 25.14 -2.79 4.82
CA ARG A 15 25.17 -2.70 3.35
C ARG A 15 24.92 -4.06 2.72
N GLY A 16 24.55 -4.06 1.45
CA GLY A 16 24.28 -5.31 0.75
C GLY A 16 23.10 -5.19 -0.20
N GLU A 17 22.00 -5.85 0.14
CA GLU A 17 20.81 -5.81 -0.69
C GLU A 17 19.63 -5.22 0.07
N ASN A 18 18.57 -4.87 -0.66
CA ASN A 18 17.38 -4.28 -0.05
C ASN A 18 16.13 -5.09 -0.42
N LEU A 19 15.10 -4.97 0.41
CA LEU A 19 13.85 -5.68 0.18
C LEU A 19 12.65 -4.82 0.57
N PHE A 20 11.88 -4.41 -0.42
CA PHE A 20 10.70 -3.59 -0.19
C PHE A 20 9.42 -4.41 -0.32
N GLU A 21 8.69 -4.54 0.78
CA GLU A 21 7.45 -5.31 0.78
C GLU A 21 6.29 -4.45 1.30
N ILE A 22 5.13 -4.58 0.65
CA ILE A 22 3.95 -3.81 1.05
C ILE A 22 2.79 -4.74 1.33
N HIS A 23 2.17 -4.57 2.51
CA HIS A 23 1.04 -5.39 2.91
C HIS A 23 -0.18 -4.52 3.20
N ILE A 24 -1.33 -4.92 2.67
CA ILE A 24 -2.57 -4.18 2.87
C ILE A 24 -3.45 -4.86 3.93
N ASN A 25 -3.78 -4.12 4.98
CA ASN A 25 -4.61 -4.65 6.05
C ASN A 25 -6.05 -4.86 5.58
N LYS A 26 -6.73 -3.77 5.29
CA LYS A 26 -8.12 -3.82 4.81
C LYS A 26 -8.59 -2.46 4.34
N VAL A 27 -9.83 -2.40 3.86
CA VAL A 27 -10.41 -1.15 3.38
C VAL A 27 -11.78 -0.90 3.99
N THR A 28 -11.88 0.16 4.79
CA THR A 28 -13.13 0.51 5.44
C THR A 28 -13.99 1.38 4.55
N PHE A 29 -15.31 1.34 4.76
CA PHE A 29 -16.24 2.13 3.97
C PHE A 29 -17.13 2.99 4.87
N SER A 30 -17.48 4.17 4.39
CA SER A 30 -18.33 5.09 5.14
C SER A 30 -19.75 5.13 4.57
N SER A 31 -20.68 5.65 5.36
CA SER A 31 -22.07 5.75 4.93
C SER A 31 -22.16 6.22 3.48
N GLU A 32 -21.48 7.32 3.19
CA GLU A 32 -21.49 7.89 1.84
C GLU A 32 -21.15 6.82 0.81
N VAL A 33 -20.27 5.90 1.18
CA VAL A 33 -19.87 4.82 0.29
C VAL A 33 -20.92 3.72 0.23
N LEU A 34 -21.47 3.37 1.40
CA LEU A 34 -22.49 2.34 1.48
C LEU A 34 -23.70 2.69 0.62
N GLN A 35 -24.07 3.97 0.63
CA GLN A 35 -25.21 4.44 -0.14
C GLN A 35 -25.08 4.01 -1.61
N ALA A 36 -23.85 3.98 -2.09
CA ALA A 36 -23.59 3.60 -3.48
C ALA A 36 -24.14 2.21 -3.78
N SER A 37 -24.39 1.45 -2.73
CA SER A 37 -24.92 0.09 -2.88
C SER A 37 -26.05 -0.17 -1.90
N GLY A 38 -26.40 -1.43 -1.72
CA GLY A 38 -27.46 -1.79 -0.80
C GLY A 38 -27.15 -3.04 0.00
N ASP A 39 -27.95 -4.08 -0.20
CA ASP A 39 -27.74 -5.35 0.51
C ASP A 39 -26.81 -6.27 -0.27
N LYS A 40 -25.91 -5.67 -1.04
CA LYS A 40 -24.95 -6.43 -1.84
C LYS A 40 -23.54 -5.91 -1.64
N GLU A 41 -22.72 -6.67 -0.90
CA GLU A 41 -21.35 -6.28 -0.65
C GLU A 41 -20.60 -6.01 -1.95
N PRO A 42 -19.98 -4.83 -2.05
CA PRO A 42 -19.23 -4.42 -3.23
C PRO A 42 -17.94 -5.21 -3.41
N VAL A 43 -17.81 -5.90 -4.53
CA VAL A 43 -16.62 -6.70 -4.80
C VAL A 43 -15.60 -5.90 -5.60
N THR A 44 -14.50 -5.54 -4.93
CA THR A 44 -13.44 -4.77 -5.57
C THR A 44 -12.09 -5.42 -5.35
N PHE A 45 -11.04 -4.80 -5.90
CA PHE A 45 -9.69 -5.32 -5.76
C PHE A 45 -8.65 -4.21 -5.99
N CYS A 46 -7.55 -4.29 -5.27
CA CYS A 46 -6.47 -3.31 -5.40
C CYS A 46 -5.48 -3.71 -6.48
N THR A 47 -5.23 -2.79 -7.42
CA THR A 47 -4.30 -3.06 -8.51
C THR A 47 -3.29 -1.92 -8.65
N TYR A 48 -2.00 -2.28 -8.57
CA TYR A 48 -0.94 -1.29 -8.69
C TYR A 48 0.40 -1.97 -8.96
N ALA A 49 1.44 -1.16 -9.15
CA ALA A 49 2.77 -1.68 -9.41
C ALA A 49 3.81 -0.99 -8.53
N PHE A 50 4.95 -1.67 -8.33
CA PHE A 50 6.02 -1.13 -7.51
C PHE A 50 7.32 -1.03 -8.29
N TYR A 51 8.08 0.02 -8.06
CA TYR A 51 9.35 0.23 -8.75
C TYR A 51 9.19 0.02 -10.25
N ASP A 52 7.98 0.25 -10.74
CA ASP A 52 7.70 0.09 -12.16
C ASP A 52 7.86 -1.37 -12.59
N PHE A 53 7.42 -2.28 -11.74
CA PHE A 53 7.51 -3.71 -12.02
C PHE A 53 6.15 -4.28 -12.39
N GLU A 54 6.14 -5.57 -12.74
CA GLU A 54 4.90 -6.25 -13.11
C GLU A 54 3.78 -5.92 -12.12
N LEU A 55 2.62 -5.55 -12.65
CA LEU A 55 1.47 -5.21 -11.82
C LEU A 55 1.05 -6.41 -10.96
N GLN A 56 0.69 -6.14 -9.71
CA GLN A 56 0.27 -7.18 -8.79
C GLN A 56 -1.25 -7.17 -8.61
N THR A 57 -1.88 -8.29 -8.94
CA THR A 57 -3.33 -8.41 -8.83
C THR A 57 -3.72 -9.08 -7.52
N THR A 58 -4.41 -8.34 -6.66
CA THR A 58 -4.85 -8.87 -5.37
C THR A 58 -6.04 -9.80 -5.54
N PRO A 59 -6.25 -10.68 -4.55
CA PRO A 59 -7.36 -11.63 -4.55
C PRO A 59 -8.72 -10.95 -4.36
N VAL A 60 -9.67 -11.28 -5.23
CA VAL A 60 -11.00 -10.70 -5.15
C VAL A 60 -11.75 -11.19 -3.91
N VAL A 61 -12.21 -10.25 -3.10
CA VAL A 61 -12.95 -10.59 -1.89
C VAL A 61 -14.19 -9.72 -1.73
N ARG A 62 -15.34 -10.36 -1.53
CA ARG A 62 -16.60 -9.65 -1.37
C ARG A 62 -16.84 -9.29 0.09
N GLY A 63 -17.45 -8.14 0.31
CA GLY A 63 -17.73 -7.70 1.67
C GLY A 63 -17.65 -6.19 1.83
N LEU A 64 -17.79 -5.72 3.05
CA LEU A 64 -17.72 -4.28 3.33
C LEU A 64 -16.50 -3.95 4.18
N HIS A 65 -16.16 -4.83 5.11
CA HIS A 65 -15.02 -4.63 5.99
C HIS A 65 -14.17 -5.90 6.09
N PRO A 66 -13.82 -6.46 4.92
CA PRO A 66 -13.02 -7.69 4.86
C PRO A 66 -11.57 -7.46 5.31
N GLU A 67 -10.77 -8.52 5.24
CA GLU A 67 -9.37 -8.43 5.65
C GLU A 67 -8.46 -9.10 4.62
N TYR A 68 -8.00 -8.32 3.64
CA TYR A 68 -7.13 -8.84 2.60
C TYR A 68 -6.04 -9.73 3.18
N ASN A 69 -5.19 -9.15 4.02
CA ASN A 69 -4.11 -9.88 4.65
C ASN A 69 -3.14 -10.43 3.60
N PHE A 70 -3.02 -9.72 2.49
CA PHE A 70 -2.14 -10.14 1.41
C PHE A 70 -0.77 -9.47 1.55
N THR A 71 0.28 -10.31 1.54
CA THR A 71 1.64 -9.80 1.67
C THR A 71 2.48 -10.21 0.47
N SER A 72 3.39 -9.33 0.06
CA SER A 72 4.26 -9.59 -1.08
C SER A 72 5.62 -8.90 -0.91
N GLN A 73 6.68 -9.61 -1.24
CA GLN A 73 8.03 -9.06 -1.13
C GLN A 73 8.83 -9.30 -2.40
N TYR A 74 9.84 -8.46 -2.63
CA TYR A 74 10.68 -8.59 -3.81
C TYR A 74 12.06 -7.97 -3.57
N LEU A 75 13.10 -8.69 -3.98
CA LEU A 75 14.46 -8.22 -3.81
C LEU A 75 14.78 -7.10 -4.80
N VAL A 76 14.86 -5.88 -4.29
CA VAL A 76 15.17 -4.73 -5.12
C VAL A 76 16.39 -3.98 -4.61
N HIS A 77 17.40 -3.86 -5.47
CA HIS A 77 18.64 -3.16 -5.11
C HIS A 77 18.56 -1.69 -5.47
N VAL A 78 18.25 -0.85 -4.48
CA VAL A 78 18.13 0.58 -4.69
C VAL A 78 17.93 1.32 -3.38
N ASN A 79 18.81 2.28 -3.09
CA ASN A 79 18.73 3.05 -1.85
C ASN A 79 18.49 4.53 -2.17
N ASP A 80 19.42 5.13 -2.90
CA ASP A 80 19.32 6.54 -3.27
C ASP A 80 18.17 6.76 -4.25
N LEU A 81 18.25 6.11 -5.40
CA LEU A 81 17.22 6.24 -6.43
C LEU A 81 15.84 5.91 -5.85
N PHE A 82 15.83 5.21 -4.72
CA PHE A 82 14.58 4.83 -4.07
C PHE A 82 13.90 6.03 -3.44
N LEU A 83 14.57 6.64 -2.47
CA LEU A 83 14.02 7.81 -1.79
C LEU A 83 13.72 8.93 -2.77
N GLN A 84 14.63 9.13 -3.71
CA GLN A 84 14.46 10.17 -4.73
C GLN A 84 13.11 10.06 -5.42
N TYR A 85 12.71 8.82 -5.70
CA TYR A 85 11.44 8.56 -6.36
C TYR A 85 10.26 8.83 -5.42
N ILE A 86 10.50 8.64 -4.12
CA ILE A 86 9.48 8.86 -3.12
C ILE A 86 9.09 10.34 -3.04
N GLN A 87 9.99 11.20 -3.51
CA GLN A 87 9.74 12.64 -3.50
C GLN A 87 9.44 13.15 -4.90
N LYS A 88 10.09 12.57 -5.90
CA LYS A 88 9.89 12.97 -7.28
C LYS A 88 8.48 12.64 -7.75
N ASN A 89 8.04 11.42 -7.48
CA ASN A 89 6.70 10.98 -7.87
C ASN A 89 6.11 10.05 -6.81
N THR A 90 4.83 10.26 -6.50
CA THR A 90 4.14 9.45 -5.51
C THR A 90 3.45 8.25 -6.16
N ILE A 91 2.97 7.33 -5.34
CA ILE A 91 2.29 6.13 -5.84
C ILE A 91 0.79 6.38 -5.98
N THR A 92 0.15 5.59 -6.82
CA THR A 92 -1.28 5.72 -7.05
C THR A 92 -1.97 4.36 -6.97
N LEU A 93 -2.87 4.22 -6.00
CA LEU A 93 -3.60 2.97 -5.81
C LEU A 93 -5.10 3.22 -5.80
N GLU A 94 -5.77 2.83 -6.88
CA GLU A 94 -7.22 3.02 -6.98
C GLU A 94 -7.94 1.69 -6.81
N VAL A 95 -9.05 1.72 -6.08
CA VAL A 95 -9.85 0.51 -5.84
C VAL A 95 -10.96 0.38 -6.87
N HIS A 96 -10.78 -0.55 -7.81
CA HIS A 96 -11.77 -0.78 -8.85
C HIS A 96 -12.84 -1.76 -8.38
N GLN A 97 -14.09 -1.31 -8.39
CA GLN A 97 -15.21 -2.14 -7.96
C GLN A 97 -15.75 -2.97 -9.12
N ALA A 98 -15.62 -4.29 -9.01
CA ALA A 98 -16.09 -5.20 -10.04
C ALA A 98 -17.54 -5.59 -9.81
N TYR A 99 -18.44 -4.99 -10.56
CA TYR A 99 -19.87 -5.27 -10.44
C TYR A 99 -20.19 -6.67 -10.94
N SER A 100 -21.41 -7.12 -10.67
CA SER A 100 -21.85 -8.45 -11.09
C SER A 100 -21.95 -8.54 -12.61
N THR A 101 -21.71 -7.40 -13.27
CA THR A 101 -21.77 -7.35 -14.72
C THR A 101 -20.52 -6.70 -15.31
N GLU A 102 -20.23 -5.48 -14.87
CA GLU A 102 -19.05 -4.76 -15.33
C GLU A 102 -18.21 -4.26 -14.16
N TYR A 103 -16.94 -3.98 -14.43
CA TYR A 103 -16.02 -3.50 -13.40
C TYR A 103 -15.50 -2.11 -13.74
N GLU A 104 -15.82 -1.15 -12.89
CA GLU A 104 -15.39 0.23 -13.10
C GLU A 104 -14.82 0.82 -11.82
N THR A 105 -13.95 1.81 -11.96
CA THR A 105 -13.33 2.47 -10.82
C THR A 105 -14.33 3.35 -10.08
N ILE A 106 -14.25 3.35 -8.75
CA ILE A 106 -15.15 4.15 -7.93
C ILE A 106 -14.36 5.08 -7.01
N ALA A 107 -13.18 4.65 -6.61
CA ALA A 107 -12.33 5.44 -5.73
C ALA A 107 -10.90 5.52 -6.27
N ALA A 108 -10.13 6.48 -5.77
CA ALA A 108 -8.75 6.66 -6.20
C ALA A 108 -7.97 7.50 -5.19
N CYS A 109 -6.87 6.93 -4.69
CA CYS A 109 -6.03 7.63 -3.72
C CYS A 109 -4.57 7.58 -4.14
N GLN A 110 -3.73 8.34 -3.43
CA GLN A 110 -2.31 8.39 -3.73
C GLN A 110 -1.48 8.04 -2.50
N LEU A 111 -0.68 6.99 -2.60
CA LEU A 111 0.17 6.55 -1.50
C LEU A 111 1.55 7.20 -1.58
N LYS A 112 1.99 7.77 -0.46
CA LYS A 112 3.29 8.43 -0.40
C LYS A 112 3.81 8.47 1.04
N PHE A 113 5.00 7.91 1.24
CA PHE A 113 5.62 7.88 2.56
C PHE A 113 6.73 8.91 2.67
N HIS A 114 6.64 9.78 3.68
CA HIS A 114 7.64 10.81 3.89
C HIS A 114 8.74 10.31 4.80
N GLU A 115 8.36 9.64 5.88
CA GLU A 115 9.33 9.12 6.84
C GLU A 115 10.43 8.34 6.13
N ILE A 116 10.03 7.51 5.16
CA ILE A 116 10.99 6.71 4.41
C ILE A 116 12.16 7.55 3.92
N LEU A 117 11.94 8.86 3.85
CA LEU A 117 12.98 9.79 3.41
C LEU A 117 14.08 9.92 4.46
N GLU A 118 13.68 9.90 5.72
CA GLU A 118 14.63 10.01 6.82
C GLU A 118 14.79 8.67 7.54
N LYS A 119 13.68 8.08 7.95
CA LYS A 119 13.69 6.80 8.64
C LYS A 119 13.64 5.65 7.65
N SER A 120 13.69 4.42 8.17
CA SER A 120 13.65 3.23 7.33
C SER A 120 13.16 2.02 8.13
N GLY A 121 12.01 1.49 7.72
CA GLY A 121 11.45 0.34 8.40
C GLY A 121 9.95 0.44 8.58
N ARG A 122 9.41 -0.36 9.50
CA ARG A 122 7.97 -0.35 9.76
C ARG A 122 7.52 1.02 10.26
N ILE A 123 7.25 1.93 9.32
CA ILE A 123 6.81 3.27 9.67
C ILE A 123 5.31 3.43 9.44
N PHE A 124 4.52 3.14 10.47
CA PHE A 124 3.07 3.26 10.39
C PHE A 124 2.67 4.44 9.50
N CYS A 125 1.65 4.23 8.67
CA CYS A 125 1.17 5.28 7.78
C CYS A 125 -0.21 4.93 7.23
N THR A 126 -0.94 5.96 6.80
CA THR A 126 -2.28 5.77 6.26
C THR A 126 -2.57 6.76 5.14
N ALA A 127 -3.67 6.55 4.44
CA ALA A 127 -4.07 7.43 3.35
C ALA A 127 -5.59 7.55 3.24
N SER A 128 -6.05 8.72 2.83
CA SER A 128 -7.49 8.96 2.70
C SER A 128 -8.00 8.49 1.35
N LEU A 129 -9.30 8.23 1.27
CA LEU A 129 -9.93 7.77 0.03
C LEU A 129 -10.99 8.75 -0.44
N ILE A 130 -10.98 9.05 -1.74
CA ILE A 130 -11.95 9.97 -2.32
C ILE A 130 -12.66 9.34 -3.51
N GLY A 131 -13.96 9.54 -3.59
CA GLY A 131 -14.74 8.98 -4.69
C GLY A 131 -14.38 9.61 -6.02
N THR A 132 -14.63 8.88 -7.10
CA THR A 132 -14.34 9.37 -8.44
C THR A 132 -15.51 10.14 -9.03
N LYS A 133 -16.68 9.51 -9.04
CA LYS A 133 -17.89 10.14 -9.57
C LYS A 133 -18.54 11.01 -8.52
N GLY A 134 -19.12 10.38 -7.50
CA GLY A 134 -19.77 11.12 -6.44
C GLY A 134 -18.90 12.21 -5.86
N ASP A 135 -17.58 12.03 -5.96
CA ASP A 135 -16.64 13.00 -5.45
C ASP A 135 -16.73 13.10 -3.92
N ILE A 136 -16.93 11.96 -3.28
CA ILE A 136 -17.03 11.92 -1.83
C ILE A 136 -15.66 11.95 -1.16
N PRO A 137 -15.41 13.00 -0.38
CA PRO A 137 -14.13 13.19 0.33
C PRO A 137 -13.95 12.17 1.45
N ASN A 138 -15.02 11.92 2.20
CA ASN A 138 -14.97 10.98 3.31
C ASN A 138 -15.24 9.55 2.83
N PHE A 139 -14.72 9.24 1.65
CA PHE A 139 -14.90 7.91 1.07
C PHE A 139 -14.42 6.82 2.03
N GLY A 140 -13.36 7.12 2.76
CA GLY A 140 -12.81 6.16 3.71
C GLY A 140 -11.31 6.29 3.87
N THR A 141 -10.72 5.39 4.65
CA THR A 141 -9.28 5.41 4.88
C THR A 141 -8.68 4.02 4.69
N VAL A 142 -7.42 3.99 4.26
CA VAL A 142 -6.72 2.73 4.04
C VAL A 142 -5.71 2.46 5.15
N GLU A 143 -5.38 1.18 5.34
CA GLU A 143 -4.42 0.78 6.36
C GLU A 143 -3.31 -0.08 5.77
N TYR A 144 -2.09 0.45 5.79
CA TYR A 144 -0.94 -0.27 5.25
C TYR A 144 0.32 0.02 6.06
N TRP A 145 1.37 -0.72 5.79
CA TRP A 145 2.64 -0.54 6.49
C TRP A 145 3.82 -0.90 5.60
N PHE A 146 4.77 0.02 5.47
CA PHE A 146 5.95 -0.21 4.65
C PHE A 146 7.21 -0.33 5.50
N ARG A 147 8.14 -1.16 5.07
CA ARG A 147 9.38 -1.36 5.80
C ARG A 147 10.54 -1.65 4.84
N LEU A 148 11.59 -0.84 4.92
CA LEU A 148 12.76 -0.99 4.06
C LEU A 148 14.01 -1.24 4.89
N ARG A 149 14.48 -2.48 4.89
CA ARG A 149 15.68 -2.85 5.63
C ARG A 149 16.49 -3.90 4.89
N VAL A 150 17.81 -3.73 4.89
CA VAL A 150 18.71 -4.65 4.21
C VAL A 150 18.18 -6.09 4.30
N SER A 151 18.48 -6.89 3.28
CA SER A 151 18.03 -8.27 3.25
C SER A 151 19.21 -9.23 3.44
N GLY A 152 19.10 -10.09 4.45
CA GLY A 152 20.17 -11.03 4.73
C GLY A 152 19.71 -12.16 5.64
N PRO A 153 19.54 -13.36 5.07
CA PRO A 153 19.10 -14.54 5.81
C PRO A 153 20.17 -15.05 6.78
N SER A 154 19.87 -14.99 8.07
CA SER A 154 20.81 -15.43 9.09
C SER A 154 20.75 -16.95 9.27
N SER A 155 19.54 -17.46 9.46
CA SER A 155 19.34 -18.90 9.64
C SER A 155 19.86 -19.68 8.44
N GLY A 156 20.84 -20.53 8.67
CA GLY A 156 21.42 -21.32 7.60
C GLY A 156 22.16 -20.48 6.59
N GLY A 1 15.83 -21.64 19.91
CA GLY A 1 14.70 -20.73 19.80
C GLY A 1 15.12 -19.36 19.30
N SER A 2 15.26 -19.22 17.98
CA SER A 2 15.65 -17.95 17.38
C SER A 2 17.05 -17.53 17.87
N SER A 3 17.95 -18.51 17.93
CA SER A 3 19.32 -18.24 18.38
C SER A 3 20.33 -18.88 17.43
N GLY A 4 21.51 -18.27 17.33
CA GLY A 4 22.55 -18.81 16.48
C GLY A 4 23.24 -20.02 17.06
N SER A 5 24.31 -20.45 16.43
CA SER A 5 25.06 -21.62 16.90
C SER A 5 26.55 -21.48 16.58
N SER A 6 27.38 -21.62 17.59
CA SER A 6 28.83 -21.50 17.42
C SER A 6 29.28 -22.19 16.13
N GLY A 7 30.17 -21.54 15.41
CA GLY A 7 30.67 -22.10 14.16
C GLY A 7 31.17 -21.04 13.20
N ASP A 8 30.33 -20.68 12.24
CA ASP A 8 30.69 -19.66 11.25
C ASP A 8 29.45 -19.08 10.59
N GLU A 9 29.24 -17.78 10.80
CA GLU A 9 28.08 -17.10 10.23
C GLU A 9 28.47 -15.72 9.71
N THR A 10 28.24 -15.49 8.42
CA THR A 10 28.57 -14.21 7.80
C THR A 10 27.87 -13.06 8.51
N ILE A 11 28.63 -12.35 9.35
CA ILE A 11 28.09 -11.22 10.11
C ILE A 11 27.11 -10.42 9.25
N HIS A 12 25.86 -10.34 9.72
CA HIS A 12 24.83 -9.60 9.01
C HIS A 12 25.34 -8.23 8.58
N LEU A 13 25.18 -7.92 7.30
CA LEU A 13 25.63 -6.64 6.76
C LEU A 13 24.46 -5.86 6.18
N GLU A 14 24.19 -4.69 6.75
CA GLU A 14 23.10 -3.84 6.29
C GLU A 14 23.44 -3.20 4.95
N ARG A 15 24.70 -3.30 4.55
CA ARG A 15 25.15 -2.74 3.29
C ARG A 15 24.93 -3.71 2.13
N GLY A 16 23.87 -3.48 1.36
CA GLY A 16 23.57 -4.35 0.24
C GLY A 16 22.20 -4.08 -0.35
N GLU A 17 21.67 -5.06 -1.08
CA GLU A 17 20.36 -4.91 -1.71
C GLU A 17 19.27 -4.73 -0.65
N ASN A 18 18.14 -4.16 -1.06
CA ASN A 18 17.03 -3.92 -0.15
C ASN A 18 15.79 -4.70 -0.59
N LEU A 19 14.77 -4.71 0.25
CA LEU A 19 13.53 -5.41 -0.05
C LEU A 19 12.32 -4.62 0.42
N PHE A 20 11.57 -4.07 -0.53
CA PHE A 20 10.38 -3.28 -0.23
C PHE A 20 9.15 -4.16 -0.19
N GLU A 21 8.67 -4.47 1.01
CA GLU A 21 7.49 -5.31 1.19
C GLU A 21 6.33 -4.50 1.77
N ILE A 22 5.14 -4.69 1.19
CA ILE A 22 3.96 -3.98 1.65
C ILE A 22 2.85 -4.94 2.04
N HIS A 23 2.19 -4.67 3.16
CA HIS A 23 1.11 -5.52 3.64
C HIS A 23 -0.15 -4.70 3.92
N ILE A 24 -1.28 -5.16 3.40
CA ILE A 24 -2.55 -4.47 3.60
C ILE A 24 -3.36 -5.12 4.71
N ASN A 25 -3.97 -4.29 5.56
CA ASN A 25 -4.77 -4.79 6.67
C ASN A 25 -6.24 -4.86 6.27
N LYS A 26 -6.83 -3.71 5.99
CA LYS A 26 -8.24 -3.65 5.59
C LYS A 26 -8.59 -2.28 5.02
N VAL A 27 -9.84 -2.12 4.60
CA VAL A 27 -10.30 -0.86 4.04
C VAL A 27 -11.58 -0.39 4.69
N THR A 28 -11.51 0.72 5.42
CA THR A 28 -12.67 1.28 6.09
C THR A 28 -13.47 2.20 5.17
N PHE A 29 -14.76 1.94 5.05
CA PHE A 29 -15.63 2.74 4.20
C PHE A 29 -16.51 3.67 5.05
N SER A 30 -17.01 4.73 4.42
CA SER A 30 -17.86 5.69 5.11
C SER A 30 -19.33 5.39 4.87
N SER A 31 -20.20 5.98 5.68
CA SER A 31 -21.64 5.76 5.55
C SER A 31 -22.09 5.97 4.12
N GLU A 32 -21.92 7.18 3.61
CA GLU A 32 -22.31 7.50 2.24
C GLU A 32 -21.81 6.45 1.27
N VAL A 33 -20.67 5.85 1.59
CA VAL A 33 -20.07 4.82 0.74
C VAL A 33 -20.77 3.48 0.94
N LEU A 34 -21.26 3.24 2.15
CA LEU A 34 -21.95 2.00 2.47
C LEU A 34 -23.31 1.94 1.78
N GLN A 35 -24.17 2.91 2.09
CA GLN A 35 -25.50 2.97 1.50
C GLN A 35 -25.42 2.97 -0.02
N ALA A 36 -24.45 3.70 -0.56
CA ALA A 36 -24.27 3.78 -2.00
C ALA A 36 -24.37 2.41 -2.64
N SER A 37 -23.84 1.40 -1.97
CA SER A 37 -23.87 0.03 -2.48
C SER A 37 -25.31 -0.51 -2.51
N GLY A 38 -25.97 -0.48 -1.36
CA GLY A 38 -27.34 -0.96 -1.28
C GLY A 38 -27.47 -2.17 -0.37
N ASP A 39 -28.48 -2.99 -0.63
CA ASP A 39 -28.72 -4.19 0.17
C ASP A 39 -27.91 -5.37 -0.37
N LYS A 40 -26.65 -5.11 -0.70
CA LYS A 40 -25.76 -6.14 -1.23
C LYS A 40 -24.34 -5.95 -0.74
N GLU A 41 -23.45 -6.87 -1.11
CA GLU A 41 -22.05 -6.78 -0.70
C GLU A 41 -21.17 -6.36 -1.88
N PRO A 42 -20.81 -5.08 -1.93
CA PRO A 42 -19.98 -4.52 -3.00
C PRO A 42 -18.53 -5.01 -2.90
N VAL A 43 -18.13 -5.84 -3.87
CA VAL A 43 -16.78 -6.38 -3.90
C VAL A 43 -15.84 -5.48 -4.71
N THR A 44 -14.59 -5.40 -4.29
CA THR A 44 -13.60 -4.57 -4.97
C THR A 44 -12.21 -5.15 -4.82
N PHE A 45 -11.28 -4.70 -5.67
CA PHE A 45 -9.90 -5.17 -5.63
C PHE A 45 -8.93 -4.04 -5.92
N CYS A 46 -7.85 -3.97 -5.15
CA CYS A 46 -6.84 -2.94 -5.32
C CYS A 46 -5.77 -3.39 -6.31
N THR A 47 -5.38 -2.48 -7.20
CA THR A 47 -4.35 -2.79 -8.20
C THR A 47 -3.32 -1.66 -8.29
N TYR A 48 -2.06 -2.01 -8.10
CA TYR A 48 -0.98 -1.03 -8.17
C TYR A 48 0.37 -1.73 -8.31
N ALA A 49 1.44 -0.93 -8.38
CA ALA A 49 2.79 -1.46 -8.51
C ALA A 49 3.80 -0.58 -7.79
N PHE A 50 4.92 -1.16 -7.41
CA PHE A 50 5.97 -0.44 -6.71
C PHE A 50 7.29 -0.51 -7.47
N TYR A 51 7.94 0.64 -7.63
CA TYR A 51 9.21 0.70 -8.36
C TYR A 51 9.00 0.46 -9.85
N ASP A 52 7.82 0.82 -10.35
CA ASP A 52 7.50 0.65 -11.76
C ASP A 52 7.61 -0.83 -12.15
N PHE A 53 7.24 -1.71 -11.25
CA PHE A 53 7.29 -3.15 -11.50
C PHE A 53 5.95 -3.66 -12.02
N GLU A 54 5.88 -4.96 -12.28
CA GLU A 54 4.66 -5.58 -12.78
C GLU A 54 3.48 -5.28 -11.85
N LEU A 55 2.32 -5.02 -12.45
CA LEU A 55 1.12 -4.71 -11.68
C LEU A 55 0.65 -5.95 -10.91
N GLN A 56 0.65 -5.85 -9.59
CA GLN A 56 0.21 -6.95 -8.73
C GLN A 56 -1.26 -6.83 -8.41
N THR A 57 -2.02 -7.88 -8.71
CA THR A 57 -3.46 -7.90 -8.43
C THR A 57 -3.75 -8.49 -7.06
N THR A 58 -4.63 -7.83 -6.31
CA THR A 58 -4.99 -8.29 -4.98
C THR A 58 -6.12 -9.31 -5.05
N PRO A 59 -6.22 -10.17 -4.02
CA PRO A 59 -7.25 -11.20 -3.94
C PRO A 59 -8.64 -10.62 -3.71
N VAL A 60 -9.61 -11.09 -4.47
CA VAL A 60 -10.98 -10.61 -4.35
C VAL A 60 -11.61 -11.08 -3.04
N VAL A 61 -12.20 -10.14 -2.31
CA VAL A 61 -12.84 -10.45 -1.03
C VAL A 61 -14.21 -9.79 -0.92
N ARG A 62 -15.19 -10.56 -0.50
CA ARG A 62 -16.55 -10.05 -0.35
C ARG A 62 -16.75 -9.40 1.01
N GLY A 63 -17.40 -8.25 1.03
CA GLY A 63 -17.64 -7.54 2.26
C GLY A 63 -17.23 -6.08 2.20
N LEU A 64 -17.74 -5.28 3.13
CA LEU A 64 -17.41 -3.86 3.17
C LEU A 64 -15.97 -3.63 3.60
N HIS A 65 -15.61 -4.16 4.76
CA HIS A 65 -14.25 -4.02 5.28
C HIS A 65 -13.50 -5.35 5.20
N PRO A 66 -13.11 -5.73 3.98
CA PRO A 66 -12.39 -6.98 3.74
C PRO A 66 -10.96 -6.94 4.28
N GLU A 67 -10.45 -8.09 4.69
CA GLU A 67 -9.10 -8.19 5.22
C GLU A 67 -8.19 -8.99 4.30
N TYR A 68 -7.86 -8.40 3.16
CA TYR A 68 -7.00 -9.06 2.19
C TYR A 68 -5.83 -9.77 2.88
N ASN A 69 -5.10 -9.03 3.70
CA ASN A 69 -3.96 -9.58 4.43
C ASN A 69 -2.94 -10.17 3.46
N PHE A 70 -2.72 -9.48 2.34
CA PHE A 70 -1.77 -9.94 1.33
C PHE A 70 -0.47 -9.15 1.42
N THR A 71 0.65 -9.85 1.25
CA THR A 71 1.97 -9.22 1.32
C THR A 71 2.84 -9.64 0.13
N SER A 72 3.55 -8.68 -0.44
CA SER A 72 4.42 -8.95 -1.58
C SER A 72 5.80 -8.33 -1.37
N GLN A 73 6.84 -9.05 -1.79
CA GLN A 73 8.21 -8.57 -1.64
C GLN A 73 8.76 -8.12 -2.98
N TYR A 74 9.70 -7.17 -2.95
CA TYR A 74 10.31 -6.65 -4.16
C TYR A 74 11.80 -6.39 -3.96
N LEU A 75 12.63 -7.20 -4.61
CA LEU A 75 14.08 -7.06 -4.50
C LEU A 75 14.57 -5.83 -5.25
N VAL A 76 14.84 -4.76 -4.52
CA VAL A 76 15.32 -3.51 -5.12
C VAL A 76 16.55 -3.00 -4.38
N HIS A 77 17.68 -2.95 -5.09
CA HIS A 77 18.94 -2.48 -4.50
C HIS A 77 19.12 -0.99 -4.79
N VAL A 78 19.06 -0.17 -3.75
CA VAL A 78 19.23 1.27 -3.89
C VAL A 78 19.41 1.94 -2.55
N ASN A 79 19.80 3.22 -2.56
CA ASN A 79 20.01 3.97 -1.34
C ASN A 79 19.21 5.27 -1.36
N ASP A 80 19.60 6.19 -2.23
CA ASP A 80 18.92 7.47 -2.35
C ASP A 80 17.67 7.34 -3.21
N LEU A 81 17.85 6.93 -4.46
CA LEU A 81 16.73 6.78 -5.37
C LEU A 81 15.53 6.14 -4.68
N PHE A 82 15.81 5.34 -3.66
CA PHE A 82 14.76 4.67 -2.90
C PHE A 82 13.84 5.68 -2.24
N LEU A 83 14.36 6.37 -1.23
CA LEU A 83 13.59 7.38 -0.50
C LEU A 83 13.14 8.50 -1.44
N GLN A 84 14.06 8.95 -2.30
CA GLN A 84 13.76 10.01 -3.25
C GLN A 84 12.53 9.67 -4.09
N TYR A 85 12.41 8.40 -4.47
CA TYR A 85 11.29 7.95 -5.27
C TYR A 85 10.01 7.91 -4.45
N ILE A 86 10.17 7.93 -3.12
CA ILE A 86 9.02 7.90 -2.22
C ILE A 86 8.53 9.30 -1.91
N GLN A 87 9.45 10.25 -1.86
CA GLN A 87 9.11 11.64 -1.57
C GLN A 87 8.78 12.40 -2.86
N LYS A 88 9.50 12.07 -3.92
CA LYS A 88 9.28 12.72 -5.22
C LYS A 88 8.00 12.20 -5.87
N ASN A 89 8.06 10.97 -6.36
CA ASN A 89 6.90 10.35 -7.02
C ASN A 89 6.09 9.52 -6.03
N THR A 90 4.80 9.38 -6.30
CA THR A 90 3.92 8.61 -5.44
C THR A 90 3.33 7.41 -6.18
N ILE A 91 2.79 6.46 -5.43
CA ILE A 91 2.19 5.26 -6.01
C ILE A 91 0.71 5.47 -6.30
N THR A 92 0.26 4.96 -7.43
CA THR A 92 -1.14 5.09 -7.84
C THR A 92 -1.90 3.80 -7.58
N LEU A 93 -2.75 3.80 -6.56
CA LEU A 93 -3.54 2.64 -6.21
C LEU A 93 -5.03 2.95 -6.26
N GLU A 94 -5.68 2.55 -7.35
CA GLU A 94 -7.11 2.79 -7.52
C GLU A 94 -7.92 1.55 -7.14
N VAL A 95 -8.93 1.74 -6.31
CA VAL A 95 -9.78 0.64 -5.89
C VAL A 95 -11.04 0.54 -6.75
N HIS A 96 -11.02 -0.42 -7.67
CA HIS A 96 -12.17 -0.63 -8.57
C HIS A 96 -13.11 -1.68 -8.00
N GLN A 97 -14.40 -1.36 -8.01
CA GLN A 97 -15.42 -2.28 -7.50
C GLN A 97 -15.97 -3.16 -8.62
N ALA A 98 -15.80 -4.47 -8.47
CA ALA A 98 -16.28 -5.42 -9.46
C ALA A 98 -17.73 -5.80 -9.20
N TYR A 99 -18.56 -5.75 -10.24
CA TYR A 99 -19.98 -6.09 -10.12
C TYR A 99 -20.24 -7.51 -10.61
N SER A 100 -21.43 -8.02 -10.33
CA SER A 100 -21.81 -9.36 -10.73
C SER A 100 -21.76 -9.51 -12.25
N THR A 101 -21.59 -8.38 -12.94
CA THR A 101 -21.53 -8.38 -14.40
C THR A 101 -20.15 -7.98 -14.89
N GLU A 102 -19.82 -6.70 -14.76
CA GLU A 102 -18.53 -6.19 -15.19
C GLU A 102 -17.80 -5.50 -14.04
N TYR A 103 -16.65 -4.92 -14.35
CA TYR A 103 -15.85 -4.23 -13.33
C TYR A 103 -15.24 -2.95 -13.90
N GLU A 104 -15.34 -1.87 -13.14
CA GLU A 104 -14.78 -0.59 -13.56
C GLU A 104 -14.25 0.20 -12.37
N THR A 105 -13.30 1.09 -12.64
CA THR A 105 -12.71 1.91 -11.58
C THR A 105 -13.72 2.91 -11.03
N ILE A 106 -13.82 2.96 -9.71
CA ILE A 106 -14.74 3.88 -9.05
C ILE A 106 -14.01 4.80 -8.08
N ALA A 107 -12.83 4.37 -7.64
CA ALA A 107 -12.03 5.17 -6.72
C ALA A 107 -10.58 5.25 -7.19
N ALA A 108 -9.90 6.33 -6.81
CA ALA A 108 -8.51 6.53 -7.19
C ALA A 108 -7.77 7.36 -6.15
N CYS A 109 -6.63 6.84 -5.69
CA CYS A 109 -5.83 7.53 -4.69
C CYS A 109 -4.34 7.27 -4.90
N GLN A 110 -3.51 8.12 -4.32
CA GLN A 110 -2.06 7.98 -4.45
C GLN A 110 -1.43 7.58 -3.12
N LEU A 111 -0.81 6.41 -3.08
CA LEU A 111 -0.17 5.92 -1.88
C LEU A 111 1.23 6.49 -1.73
N LYS A 112 1.47 7.17 -0.61
CA LYS A 112 2.77 7.78 -0.34
C LYS A 112 3.07 7.77 1.15
N PHE A 113 4.21 7.18 1.52
CA PHE A 113 4.63 7.10 2.91
C PHE A 113 5.67 8.17 3.23
N HIS A 114 5.37 8.99 4.24
CA HIS A 114 6.27 10.05 4.65
C HIS A 114 7.23 9.56 5.73
N GLU A 115 6.70 8.80 6.68
CA GLU A 115 7.52 8.27 7.77
C GLU A 115 8.80 7.64 7.23
N ILE A 116 8.69 6.99 6.08
CA ILE A 116 9.84 6.33 5.46
C ILE A 116 11.04 7.25 5.44
N LEU A 117 10.79 8.56 5.35
CA LEU A 117 11.86 9.55 5.33
C LEU A 117 12.48 9.72 6.71
N GLU A 118 11.64 9.70 7.74
CA GLU A 118 12.11 9.85 9.11
C GLU A 118 12.76 8.56 9.60
N LYS A 119 11.93 7.54 9.84
CA LYS A 119 12.41 6.26 10.31
C LYS A 119 12.62 5.29 9.15
N SER A 120 13.10 4.09 9.46
CA SER A 120 13.35 3.07 8.45
C SER A 120 13.13 1.67 9.02
N GLY A 121 12.01 1.05 8.61
CA GLY A 121 11.71 -0.28 9.10
C GLY A 121 10.23 -0.50 9.30
N ARG A 122 9.86 -1.18 10.38
CA ARG A 122 8.46 -1.45 10.68
C ARG A 122 7.69 -0.15 10.90
N ILE A 123 7.07 0.34 9.84
CA ILE A 123 6.29 1.58 9.92
C ILE A 123 4.95 1.44 9.20
N PHE A 124 3.87 1.74 9.90
CA PHE A 124 2.53 1.65 9.32
C PHE A 124 1.91 3.04 9.17
N CYS A 125 0.99 3.17 8.22
CA CYS A 125 0.31 4.44 7.97
C CYS A 125 -0.98 4.23 7.21
N THR A 126 -1.71 5.32 6.96
CA THR A 126 -2.97 5.25 6.24
C THR A 126 -3.07 6.35 5.19
N ALA A 127 -3.88 6.12 4.17
CA ALA A 127 -4.07 7.09 3.10
C ALA A 127 -5.53 7.50 2.97
N SER A 128 -5.79 8.55 2.19
CA SER A 128 -7.15 9.03 1.98
C SER A 128 -7.66 8.63 0.60
N LEU A 129 -8.88 8.10 0.57
CA LEU A 129 -9.50 7.68 -0.69
C LEU A 129 -10.54 8.70 -1.16
N ILE A 130 -10.71 8.79 -2.47
CA ILE A 130 -11.69 9.71 -3.04
C ILE A 130 -12.48 9.06 -4.17
N GLY A 131 -13.75 9.42 -4.28
CA GLY A 131 -14.60 8.86 -5.32
C GLY A 131 -14.42 9.56 -6.65
N THR A 132 -14.86 8.90 -7.73
CA THR A 132 -14.74 9.48 -9.06
C THR A 132 -16.04 10.12 -9.50
N LYS A 133 -17.12 9.33 -9.50
CA LYS A 133 -18.43 9.83 -9.90
C LYS A 133 -19.10 10.57 -8.75
N GLY A 134 -19.10 9.95 -7.57
CA GLY A 134 -19.71 10.56 -6.41
C GLY A 134 -18.87 11.69 -5.83
N ASP A 135 -17.60 11.73 -6.23
CA ASP A 135 -16.69 12.78 -5.76
C ASP A 135 -16.66 12.81 -4.24
N ILE A 136 -16.69 11.64 -3.62
CA ILE A 136 -16.67 11.54 -2.17
C ILE A 136 -15.24 11.59 -1.63
N PRO A 137 -14.89 12.69 -0.96
CA PRO A 137 -13.56 12.88 -0.39
C PRO A 137 -13.29 11.96 0.80
N ASN A 138 -14.37 11.57 1.48
CA ASN A 138 -14.25 10.68 2.63
C ASN A 138 -14.73 9.28 2.29
N PHE A 139 -14.34 8.79 1.13
CA PHE A 139 -14.73 7.46 0.68
C PHE A 139 -14.33 6.40 1.70
N GLY A 140 -13.18 6.60 2.33
CA GLY A 140 -12.69 5.66 3.32
C GLY A 140 -11.19 5.73 3.51
N THR A 141 -10.69 5.04 4.53
CA THR A 141 -9.26 5.04 4.82
C THR A 141 -8.66 3.66 4.55
N VAL A 142 -7.40 3.65 4.12
CA VAL A 142 -6.70 2.41 3.83
C VAL A 142 -5.57 2.17 4.82
N GLU A 143 -5.47 0.93 5.29
CA GLU A 143 -4.44 0.56 6.26
C GLU A 143 -3.40 -0.36 5.62
N TYR A 144 -2.14 0.04 5.69
CA TYR A 144 -1.05 -0.75 5.12
C TYR A 144 0.20 -0.67 5.99
N TRP A 145 1.25 -1.38 5.59
CA TRP A 145 2.50 -1.39 6.33
C TRP A 145 3.68 -1.62 5.39
N PHE A 146 4.74 -0.83 5.58
CA PHE A 146 5.93 -0.94 4.75
C PHE A 146 7.19 -1.04 5.61
N ARG A 147 8.19 -1.74 5.10
CA ARG A 147 9.44 -1.92 5.83
C ARG A 147 10.64 -1.83 4.88
N LEU A 148 11.81 -1.53 5.43
CA LEU A 148 13.03 -1.43 4.63
C LEU A 148 14.22 -2.02 5.37
N ARG A 149 14.65 -3.21 4.96
CA ARG A 149 15.78 -3.88 5.59
C ARG A 149 16.49 -4.80 4.60
N VAL A 150 17.81 -4.77 4.61
CA VAL A 150 18.61 -5.59 3.72
C VAL A 150 17.98 -6.98 3.55
N SER A 151 18.25 -7.61 2.41
CA SER A 151 17.72 -8.93 2.13
C SER A 151 18.83 -9.98 2.12
N GLY A 152 18.50 -11.19 2.57
CA GLY A 152 19.47 -12.26 2.61
C GLY A 152 19.65 -12.93 1.27
N PRO A 153 20.92 -13.05 0.83
CA PRO A 153 21.25 -13.69 -0.46
C PRO A 153 21.00 -15.19 -0.45
N SER A 154 20.00 -15.62 -1.20
CA SER A 154 19.65 -17.04 -1.28
C SER A 154 20.61 -17.77 -2.22
N SER A 155 20.73 -17.28 -3.44
CA SER A 155 21.60 -17.89 -4.43
C SER A 155 22.78 -16.97 -4.77
N GLY A 156 23.66 -17.45 -5.64
CA GLY A 156 24.80 -16.65 -6.03
C GLY A 156 26.07 -17.47 -6.13
N GLY A 1 24.67 24.85 -13.39
CA GLY A 1 24.91 23.72 -12.51
C GLY A 1 23.78 23.51 -11.51
N SER A 2 23.62 22.28 -11.04
CA SER A 2 22.57 21.95 -10.08
C SER A 2 22.87 20.63 -9.37
N SER A 3 22.56 20.59 -8.08
CA SER A 3 22.80 19.39 -7.29
C SER A 3 21.50 18.65 -7.01
N GLY A 4 20.56 19.34 -6.36
CA GLY A 4 19.27 18.73 -6.05
C GLY A 4 18.76 19.16 -4.68
N SER A 5 18.91 18.28 -3.70
CA SER A 5 18.45 18.57 -2.35
C SER A 5 19.39 17.97 -1.30
N SER A 6 19.43 18.58 -0.12
CA SER A 6 20.29 18.10 0.95
C SER A 6 19.74 18.52 2.31
N GLY A 7 20.42 18.09 3.37
CA GLY A 7 19.99 18.43 4.71
C GLY A 7 20.45 17.41 5.74
N ASP A 8 19.85 16.23 5.70
CA ASP A 8 20.20 15.17 6.63
C ASP A 8 20.27 13.81 5.93
N GLU A 9 21.47 13.28 5.79
CA GLU A 9 21.68 12.00 5.13
C GLU A 9 21.99 10.91 6.15
N THR A 10 21.03 10.03 6.40
CA THR A 10 21.19 8.95 7.36
C THR A 10 22.24 7.95 6.87
N ILE A 11 23.36 7.88 7.57
CA ILE A 11 24.43 6.96 7.20
C ILE A 11 24.56 5.82 8.21
N HIS A 12 23.45 5.14 8.47
CA HIS A 12 23.43 4.03 9.42
C HIS A 12 22.67 2.84 8.84
N LEU A 13 22.97 2.49 7.59
CA LEU A 13 22.32 1.37 6.92
C LEU A 13 23.32 0.57 6.10
N GLU A 14 23.27 -0.75 6.23
CA GLU A 14 24.17 -1.64 5.51
C GLU A 14 23.98 -1.47 4.00
N ARG A 15 24.91 -2.05 3.22
CA ARG A 15 24.85 -1.97 1.78
C ARG A 15 24.68 -3.36 1.17
N GLY A 16 24.34 -3.40 -0.12
CA GLY A 16 24.15 -4.67 -0.80
C GLY A 16 22.75 -4.81 -1.37
N GLU A 17 22.14 -5.98 -1.14
CA GLU A 17 20.80 -6.25 -1.64
C GLU A 17 19.74 -5.78 -0.65
N ASN A 18 18.67 -5.20 -1.15
CA ASN A 18 17.59 -4.70 -0.31
C ASN A 18 16.29 -5.47 -0.58
N LEU A 19 15.32 -5.32 0.31
CA LEU A 19 14.04 -5.99 0.17
C LEU A 19 12.89 -5.08 0.59
N PHE A 20 11.80 -5.13 -0.16
CA PHE A 20 10.63 -4.31 0.15
C PHE A 20 9.34 -5.11 -0.04
N GLU A 21 8.52 -5.14 0.99
CA GLU A 21 7.26 -5.87 0.94
C GLU A 21 6.10 -4.99 1.41
N ILE A 22 4.92 -5.20 0.82
CA ILE A 22 3.74 -4.42 1.18
C ILE A 22 2.60 -5.33 1.63
N HIS A 23 2.03 -5.01 2.78
CA HIS A 23 0.92 -5.81 3.32
C HIS A 23 -0.28 -4.91 3.62
N ILE A 24 -1.39 -5.19 2.95
CA ILE A 24 -2.62 -4.42 3.14
C ILE A 24 -3.44 -4.96 4.30
N ASN A 25 -3.70 -4.12 5.29
CA ASN A 25 -4.47 -4.52 6.46
C ASN A 25 -5.95 -4.67 6.09
N LYS A 26 -6.60 -3.55 5.78
CA LYS A 26 -8.01 -3.56 5.42
C LYS A 26 -8.42 -2.24 4.79
N VAL A 27 -9.69 -2.14 4.41
CA VAL A 27 -10.21 -0.92 3.80
C VAL A 27 -11.46 -0.44 4.52
N THR A 28 -11.34 0.69 5.21
CA THR A 28 -12.45 1.26 5.95
C THR A 28 -13.29 2.18 5.05
N PHE A 29 -14.61 2.18 5.28
CA PHE A 29 -15.51 3.01 4.49
C PHE A 29 -16.39 3.86 5.41
N SER A 30 -17.08 4.83 4.81
CA SER A 30 -17.95 5.72 5.57
C SER A 30 -19.42 5.42 5.25
N SER A 31 -20.27 5.60 6.25
CA SER A 31 -21.70 5.35 6.10
C SER A 31 -22.17 5.74 4.70
N GLU A 32 -21.54 6.77 4.14
CA GLU A 32 -21.89 7.25 2.81
C GLU A 32 -22.01 6.09 1.83
N VAL A 33 -20.88 5.46 1.52
CA VAL A 33 -20.85 4.34 0.59
C VAL A 33 -21.59 3.13 1.18
N LEU A 34 -21.45 2.92 2.48
CA LEU A 34 -22.10 1.80 3.15
C LEU A 34 -23.58 1.75 2.79
N GLN A 35 -24.26 2.89 2.92
CA GLN A 35 -25.68 2.97 2.60
C GLN A 35 -25.90 3.01 1.09
N ALA A 36 -25.13 3.83 0.40
CA ALA A 36 -25.24 3.96 -1.05
C ALA A 36 -25.26 2.58 -1.72
N SER A 37 -24.39 1.69 -1.25
CA SER A 37 -24.29 0.36 -1.81
C SER A 37 -25.59 -0.42 -1.58
N GLY A 38 -26.02 -0.47 -0.31
CA GLY A 38 -27.24 -1.18 0.03
C GLY A 38 -26.98 -2.50 0.72
N ASP A 39 -27.92 -3.42 0.61
CA ASP A 39 -27.79 -4.73 1.23
C ASP A 39 -26.97 -5.67 0.36
N LYS A 40 -25.86 -5.16 -0.17
CA LYS A 40 -24.98 -5.96 -1.03
C LYS A 40 -23.52 -5.62 -0.79
N GLU A 41 -22.66 -6.63 -0.86
CA GLU A 41 -21.23 -6.43 -0.65
C GLU A 41 -20.50 -6.28 -1.98
N PRO A 42 -20.11 -5.04 -2.31
CA PRO A 42 -19.40 -4.73 -3.55
C PRO A 42 -17.98 -5.27 -3.55
N VAL A 43 -17.70 -6.19 -4.47
CA VAL A 43 -16.38 -6.79 -4.57
C VAL A 43 -15.43 -5.87 -5.34
N THR A 44 -14.31 -5.53 -4.69
CA THR A 44 -13.31 -4.66 -5.31
C THR A 44 -11.91 -5.24 -5.13
N PHE A 45 -10.95 -4.70 -5.89
CA PHE A 45 -9.57 -5.14 -5.82
C PHE A 45 -8.61 -3.99 -6.09
N CYS A 46 -7.51 -3.95 -5.35
CA CYS A 46 -6.52 -2.90 -5.50
C CYS A 46 -5.42 -3.34 -6.47
N THR A 47 -5.13 -2.50 -7.46
CA THR A 47 -4.10 -2.80 -8.45
C THR A 47 -3.21 -1.59 -8.71
N TYR A 48 -1.92 -1.75 -8.49
CA TYR A 48 -0.96 -0.67 -8.70
C TYR A 48 0.44 -1.22 -8.96
N ALA A 49 1.30 -0.38 -9.52
CA ALA A 49 2.68 -0.78 -9.81
C ALA A 49 3.67 -0.01 -8.96
N PHE A 50 4.57 -0.75 -8.31
CA PHE A 50 5.58 -0.14 -7.45
C PHE A 50 6.95 -0.16 -8.12
N TYR A 51 7.84 0.72 -7.67
CA TYR A 51 9.19 0.79 -8.23
C TYR A 51 9.15 0.75 -9.76
N ASP A 52 8.02 1.17 -10.32
CA ASP A 52 7.85 1.18 -11.77
C ASP A 52 8.22 -0.17 -12.38
N PHE A 53 7.59 -1.23 -11.87
CA PHE A 53 7.85 -2.57 -12.37
C PHE A 53 6.55 -3.36 -12.53
N GLU A 54 6.68 -4.65 -12.80
CA GLU A 54 5.52 -5.51 -12.98
C GLU A 54 4.36 -5.06 -12.08
N LEU A 55 3.21 -4.79 -12.70
CA LEU A 55 2.04 -4.34 -11.96
C LEU A 55 1.58 -5.43 -10.98
N GLN A 56 1.62 -5.10 -9.70
CA GLN A 56 1.20 -6.04 -8.66
C GLN A 56 -0.32 -6.09 -8.55
N THR A 57 -0.88 -7.29 -8.67
CA THR A 57 -2.32 -7.48 -8.59
C THR A 57 -2.72 -8.11 -7.25
N THR A 58 -3.75 -7.55 -6.63
CA THR A 58 -4.24 -8.06 -5.34
C THR A 58 -5.39 -9.03 -5.54
N PRO A 59 -5.55 -9.97 -4.59
CA PRO A 59 -6.62 -10.97 -4.64
C PRO A 59 -8.00 -10.36 -4.40
N VAL A 60 -9.00 -10.89 -5.08
CA VAL A 60 -10.37 -10.40 -4.95
C VAL A 60 -10.92 -10.72 -3.56
N VAL A 61 -11.41 -9.70 -2.87
CA VAL A 61 -11.98 -9.87 -1.55
C VAL A 61 -13.28 -9.08 -1.39
N ARG A 62 -14.38 -9.80 -1.27
CA ARG A 62 -15.69 -9.16 -1.12
C ARG A 62 -15.97 -8.83 0.34
N GLY A 63 -16.68 -7.72 0.57
CA GLY A 63 -17.00 -7.31 1.92
C GLY A 63 -16.75 -5.84 2.15
N LEU A 64 -17.34 -5.29 3.21
CA LEU A 64 -17.18 -3.89 3.54
C LEU A 64 -15.86 -3.64 4.27
N HIS A 65 -15.64 -4.41 5.34
CA HIS A 65 -14.42 -4.27 6.12
C HIS A 65 -13.72 -5.62 6.29
N PRO A 66 -13.40 -6.26 5.16
CA PRO A 66 -12.73 -7.57 5.15
C PRO A 66 -11.29 -7.48 5.64
N GLU A 67 -10.55 -8.58 5.47
CA GLU A 67 -9.15 -8.63 5.89
C GLU A 67 -8.28 -9.22 4.79
N TYR A 68 -7.99 -8.42 3.78
CA TYR A 68 -7.16 -8.86 2.65
C TYR A 68 -6.02 -9.74 3.14
N ASN A 69 -5.21 -9.21 4.05
CA ASN A 69 -4.08 -9.96 4.59
C ASN A 69 -3.16 -10.45 3.48
N PHE A 70 -2.94 -9.59 2.48
CA PHE A 70 -2.08 -9.95 1.36
C PHE A 70 -0.65 -9.47 1.59
N THR A 71 0.24 -10.39 1.94
CA THR A 71 1.63 -10.06 2.19
C THR A 71 2.55 -10.77 1.20
N SER A 72 3.11 -10.01 0.26
CA SER A 72 4.00 -10.57 -0.73
C SER A 72 5.44 -10.13 -0.49
N GLN A 73 6.39 -10.98 -0.86
CA GLN A 73 7.80 -10.67 -0.67
C GLN A 73 8.53 -10.64 -2.01
N TYR A 74 9.14 -9.51 -2.33
CA TYR A 74 9.86 -9.35 -3.58
C TYR A 74 11.26 -8.77 -3.34
N LEU A 75 12.27 -9.50 -3.78
CA LEU A 75 13.65 -9.05 -3.61
C LEU A 75 13.98 -7.89 -4.54
N VAL A 76 14.00 -6.68 -3.98
CA VAL A 76 14.29 -5.49 -4.76
C VAL A 76 15.58 -4.83 -4.29
N HIS A 77 16.58 -4.80 -5.18
CA HIS A 77 17.87 -4.21 -4.85
C HIS A 77 17.89 -2.74 -5.24
N VAL A 78 17.69 -1.86 -4.26
CA VAL A 78 17.70 -0.43 -4.50
C VAL A 78 18.01 0.34 -3.22
N ASN A 79 18.64 1.50 -3.38
CA ASN A 79 19.01 2.33 -2.24
C ASN A 79 18.65 3.79 -2.49
N ASP A 80 19.29 4.38 -3.50
CA ASP A 80 19.04 5.77 -3.86
C ASP A 80 17.81 5.90 -4.75
N LEU A 81 17.87 5.26 -5.91
CA LEU A 81 16.76 5.29 -6.86
C LEU A 81 15.42 5.17 -6.15
N PHE A 82 15.37 4.28 -5.16
CA PHE A 82 14.14 4.07 -4.39
C PHE A 82 13.57 5.40 -3.90
N LEU A 83 14.25 6.00 -2.94
CA LEU A 83 13.82 7.27 -2.37
C LEU A 83 13.51 8.28 -3.48
N GLN A 84 14.47 8.48 -4.38
CA GLN A 84 14.30 9.41 -5.48
C GLN A 84 12.93 9.22 -6.14
N TYR A 85 12.51 7.97 -6.27
CA TYR A 85 11.23 7.66 -6.88
C TYR A 85 10.07 8.03 -5.96
N ILE A 86 10.18 7.62 -4.70
CA ILE A 86 9.14 7.90 -3.71
C ILE A 86 8.67 9.35 -3.82
N GLN A 87 9.63 10.27 -3.91
CA GLN A 87 9.31 11.69 -4.02
C GLN A 87 9.01 12.08 -5.47
N LYS A 88 9.94 11.76 -6.36
CA LYS A 88 9.77 12.08 -7.77
C LYS A 88 8.39 11.67 -8.27
N ASN A 89 8.08 10.39 -8.13
CA ASN A 89 6.78 9.86 -8.56
C ASN A 89 6.03 9.25 -7.38
N THR A 90 4.71 9.14 -7.53
CA THR A 90 3.88 8.57 -6.49
C THR A 90 3.14 7.34 -6.98
N ILE A 91 2.58 6.57 -6.05
CA ILE A 91 1.84 5.36 -6.39
C ILE A 91 0.37 5.66 -6.62
N THR A 92 -0.25 4.91 -7.53
CA THR A 92 -1.67 5.09 -7.84
C THR A 92 -2.45 3.82 -7.58
N LEU A 93 -3.16 3.77 -6.45
CA LEU A 93 -3.96 2.61 -6.09
C LEU A 93 -5.44 2.92 -6.18
N GLU A 94 -6.06 2.48 -7.27
CA GLU A 94 -7.49 2.71 -7.48
C GLU A 94 -8.31 1.50 -7.04
N VAL A 95 -9.37 1.75 -6.28
CA VAL A 95 -10.22 0.68 -5.79
C VAL A 95 -11.53 0.62 -6.58
N HIS A 96 -11.57 -0.28 -7.57
CA HIS A 96 -12.75 -0.44 -8.40
C HIS A 96 -13.50 -1.72 -8.04
N GLN A 97 -14.78 -1.77 -8.39
CA GLN A 97 -15.60 -2.94 -8.11
C GLN A 97 -15.94 -3.70 -9.39
N ALA A 98 -16.06 -5.01 -9.27
CA ALA A 98 -16.37 -5.86 -10.42
C ALA A 98 -17.86 -6.20 -10.45
N TYR A 99 -18.59 -5.55 -11.34
CA TYR A 99 -20.03 -5.78 -11.48
C TYR A 99 -20.30 -7.07 -12.27
N SER A 100 -21.54 -7.52 -12.22
CA SER A 100 -21.94 -8.73 -12.93
C SER A 100 -21.27 -8.80 -14.30
N THR A 101 -21.57 -7.83 -15.16
CA THR A 101 -21.00 -7.78 -16.49
C THR A 101 -20.53 -6.38 -16.84
N GLU A 102 -20.04 -5.66 -15.83
CA GLU A 102 -19.55 -4.31 -16.03
C GLU A 102 -18.29 -4.05 -15.19
N TYR A 103 -17.54 -3.02 -15.56
CA TYR A 103 -16.33 -2.66 -14.85
C TYR A 103 -16.01 -1.18 -15.01
N GLU A 104 -15.98 -0.47 -13.89
CA GLU A 104 -15.69 0.96 -13.90
C GLU A 104 -14.99 1.39 -12.60
N THR A 105 -14.24 2.48 -12.68
CA THR A 105 -13.52 2.99 -11.52
C THR A 105 -14.41 3.90 -10.68
N ILE A 106 -14.62 3.52 -9.43
CA ILE A 106 -15.45 4.30 -8.52
C ILE A 106 -14.61 5.00 -7.46
N ALA A 107 -13.43 4.45 -7.20
CA ALA A 107 -12.51 5.02 -6.21
C ALA A 107 -11.11 5.17 -6.77
N ALA A 108 -10.36 6.14 -6.26
CA ALA A 108 -8.99 6.38 -6.72
C ALA A 108 -8.24 7.26 -5.73
N CYS A 109 -7.01 6.86 -5.40
CA CYS A 109 -6.19 7.61 -4.47
C CYS A 109 -4.71 7.44 -4.80
N GLN A 110 -3.88 8.35 -4.28
CA GLN A 110 -2.45 8.30 -4.52
C GLN A 110 -1.69 7.97 -3.24
N LEU A 111 -1.10 6.80 -3.18
CA LEU A 111 -0.33 6.37 -2.01
C LEU A 111 1.08 6.93 -2.04
N LYS A 112 1.53 7.44 -0.91
CA LYS A 112 2.87 8.00 -0.80
C LYS A 112 3.37 7.94 0.64
N PHE A 113 4.58 7.41 0.82
CA PHE A 113 5.17 7.30 2.15
C PHE A 113 6.20 8.40 2.38
N HIS A 114 6.02 9.16 3.45
CA HIS A 114 6.92 10.25 3.79
C HIS A 114 8.05 9.75 4.71
N GLU A 115 7.66 9.20 5.85
CA GLU A 115 8.64 8.69 6.82
C GLU A 115 9.75 7.92 6.11
N ILE A 116 9.36 7.06 5.17
CA ILE A 116 10.33 6.27 4.42
C ILE A 116 11.48 7.13 3.92
N LEU A 117 11.16 8.35 3.50
CA LEU A 117 12.17 9.27 3.01
C LEU A 117 13.16 9.66 4.10
N GLU A 118 12.65 9.79 5.32
CA GLU A 118 13.49 10.16 6.46
C GLU A 118 13.93 8.91 7.23
N LYS A 119 12.96 8.22 7.82
CA LYS A 119 13.24 7.00 8.58
C LYS A 119 13.37 5.80 7.66
N SER A 120 13.64 4.64 8.25
CA SER A 120 13.78 3.40 7.48
C SER A 120 13.31 2.21 8.28
N GLY A 121 12.46 1.38 7.67
CA GLY A 121 11.94 0.21 8.34
C GLY A 121 10.44 0.25 8.51
N ARG A 122 9.94 -0.45 9.52
CA ARG A 122 8.51 -0.49 9.79
C ARG A 122 7.98 0.90 10.10
N ILE A 123 7.00 1.35 9.32
CA ILE A 123 6.40 2.66 9.51
C ILE A 123 4.90 2.62 9.27
N PHE A 124 4.13 2.90 10.32
CA PHE A 124 2.67 2.91 10.22
C PHE A 124 2.17 4.17 9.54
N CYS A 125 1.39 3.99 8.48
CA CYS A 125 0.85 5.12 7.73
C CYS A 125 -0.49 4.75 7.09
N THR A 126 -1.27 5.78 6.74
CA THR A 126 -2.57 5.57 6.12
C THR A 126 -2.84 6.61 5.04
N ALA A 127 -3.84 6.34 4.20
CA ALA A 127 -4.20 7.26 3.13
C ALA A 127 -5.71 7.40 3.02
N SER A 128 -6.16 8.55 2.54
CA SER A 128 -7.59 8.82 2.39
C SER A 128 -8.08 8.38 1.01
N LEU A 129 -9.36 8.04 0.94
CA LEU A 129 -9.95 7.59 -0.32
C LEU A 129 -11.08 8.53 -0.75
N ILE A 130 -11.20 8.74 -2.06
CA ILE A 130 -12.24 9.61 -2.60
C ILE A 130 -12.97 8.95 -3.76
N GLY A 131 -14.29 9.12 -3.80
CA GLY A 131 -15.09 8.53 -4.86
C GLY A 131 -15.10 9.39 -6.12
N THR A 132 -14.86 8.75 -7.26
CA THR A 132 -14.84 9.47 -8.54
C THR A 132 -16.25 9.72 -9.04
N LYS A 133 -17.07 8.67 -9.04
CA LYS A 133 -18.45 8.78 -9.50
C LYS A 133 -19.33 9.44 -8.44
N GLY A 134 -19.15 9.03 -7.19
CA GLY A 134 -19.93 9.59 -6.11
C GLY A 134 -19.42 10.94 -5.66
N ASP A 135 -18.16 11.24 -5.99
CA ASP A 135 -17.55 12.51 -5.63
C ASP A 135 -17.61 12.73 -4.11
N ILE A 136 -17.32 11.67 -3.37
CA ILE A 136 -17.34 11.74 -1.90
C ILE A 136 -15.92 11.74 -1.34
N PRO A 137 -15.54 12.84 -0.67
CA PRO A 137 -14.22 12.98 -0.07
C PRO A 137 -14.03 12.07 1.14
N ASN A 138 -15.08 11.93 1.93
CA ASN A 138 -15.04 11.09 3.13
C ASN A 138 -15.33 9.63 2.77
N PHE A 139 -14.80 9.18 1.64
CA PHE A 139 -15.00 7.81 1.19
C PHE A 139 -14.51 6.82 2.23
N GLY A 140 -13.29 7.04 2.73
CA GLY A 140 -12.73 6.16 3.74
C GLY A 140 -11.22 6.18 3.75
N THR A 141 -10.63 5.51 4.73
CA THR A 141 -9.18 5.46 4.86
C THR A 141 -8.65 4.05 4.64
N VAL A 142 -7.40 3.94 4.18
CA VAL A 142 -6.78 2.65 3.94
C VAL A 142 -5.71 2.36 4.97
N GLU A 143 -5.62 1.10 5.39
CA GLU A 143 -4.63 0.69 6.38
C GLU A 143 -3.59 -0.24 5.75
N TYR A 144 -2.38 0.28 5.54
CA TYR A 144 -1.31 -0.51 4.96
C TYR A 144 -0.08 -0.50 5.85
N TRP A 145 0.96 -1.22 5.43
CA TRP A 145 2.19 -1.31 6.20
C TRP A 145 3.37 -1.68 5.29
N PHE A 146 4.44 -0.89 5.38
CA PHE A 146 5.62 -1.15 4.57
C PHE A 146 6.88 -1.17 5.44
N ARG A 147 7.89 -1.90 4.97
CA ARG A 147 9.15 -2.02 5.72
C ARG A 147 10.33 -2.10 4.76
N LEU A 148 11.26 -1.16 4.88
CA LEU A 148 12.45 -1.13 4.03
C LEU A 148 13.72 -1.27 4.86
N ARG A 149 14.41 -2.40 4.69
CA ARG A 149 15.64 -2.65 5.42
C ARG A 149 16.54 -3.63 4.66
N VAL A 150 17.84 -3.52 4.86
CA VAL A 150 18.81 -4.39 4.21
C VAL A 150 18.39 -5.85 4.33
N SER A 151 18.54 -6.60 3.23
CA SER A 151 18.18 -8.01 3.22
C SER A 151 19.42 -8.89 3.34
N GLY A 152 19.33 -9.91 4.17
CA GLY A 152 20.46 -10.82 4.36
C GLY A 152 21.02 -11.32 3.05
N PRO A 153 22.35 -11.51 3.00
CA PRO A 153 23.03 -12.00 1.80
C PRO A 153 22.72 -13.47 1.51
N SER A 154 22.70 -13.81 0.23
CA SER A 154 22.41 -15.18 -0.19
C SER A 154 22.89 -15.43 -1.62
N SER A 155 23.23 -16.68 -1.92
CA SER A 155 23.70 -17.05 -3.24
C SER A 155 23.72 -18.56 -3.41
N GLY A 156 22.76 -19.09 -4.16
CA GLY A 156 22.68 -20.52 -4.38
C GLY A 156 21.28 -21.06 -4.20
N GLY A 1 23.13 3.97 6.90
CA GLY A 1 22.25 4.59 5.93
C GLY A 1 22.68 6.02 5.59
N SER A 2 23.75 6.14 4.81
CA SER A 2 24.26 7.44 4.43
C SER A 2 23.50 7.99 3.23
N SER A 3 23.20 9.30 3.27
CA SER A 3 22.47 9.94 2.20
C SER A 3 23.32 10.04 0.93
N GLY A 4 24.54 10.55 1.10
CA GLY A 4 25.45 10.68 -0.03
C GLY A 4 26.87 10.33 0.32
N SER A 5 27.40 9.28 -0.32
CA SER A 5 28.75 8.83 -0.06
C SER A 5 29.76 9.77 -0.72
N SER A 6 30.82 10.11 0.02
CA SER A 6 31.86 10.99 -0.49
C SER A 6 32.60 10.36 -1.66
N GLY A 7 33.10 9.14 -1.44
CA GLY A 7 33.83 8.44 -2.48
C GLY A 7 35.06 7.74 -1.95
N ASP A 8 34.91 6.47 -1.57
CA ASP A 8 36.02 5.68 -1.05
C ASP A 8 35.71 4.19 -1.14
N GLU A 9 36.77 3.38 -1.12
CA GLU A 9 36.61 1.93 -1.20
C GLU A 9 36.42 1.33 0.19
N THR A 10 35.21 1.42 0.70
CA THR A 10 34.89 0.89 2.02
C THR A 10 33.69 -0.04 1.98
N ILE A 11 33.94 -1.34 2.12
CA ILE A 11 32.86 -2.33 2.08
C ILE A 11 32.60 -2.90 3.48
N HIS A 12 32.13 -2.04 4.38
CA HIS A 12 31.83 -2.45 5.75
C HIS A 12 30.37 -2.17 6.09
N LEU A 13 29.53 -2.05 5.06
CA LEU A 13 28.11 -1.79 5.26
C LEU A 13 27.29 -3.06 5.07
N GLU A 14 25.98 -2.95 5.25
CA GLU A 14 25.09 -4.08 5.10
C GLU A 14 24.89 -4.43 3.62
N ARG A 15 24.57 -5.71 3.36
CA ARG A 15 24.36 -6.17 1.99
C ARG A 15 23.72 -5.09 1.14
N GLY A 16 24.48 -4.56 0.18
CA GLY A 16 23.96 -3.52 -0.69
C GLY A 16 22.51 -3.74 -1.06
N GLU A 17 22.24 -4.85 -1.75
CA GLU A 17 20.89 -5.16 -2.18
C GLU A 17 19.88 -4.84 -1.06
N ASN A 18 18.67 -4.48 -1.46
CA ASN A 18 17.62 -4.15 -0.51
C ASN A 18 16.32 -4.85 -0.86
N LEU A 19 15.37 -4.82 0.07
CA LEU A 19 14.07 -5.45 -0.15
C LEU A 19 12.93 -4.57 0.38
N PHE A 20 11.93 -4.34 -0.46
CA PHE A 20 10.79 -3.51 -0.07
C PHE A 20 9.53 -4.36 0.01
N GLU A 21 8.97 -4.47 1.22
CA GLU A 21 7.76 -5.24 1.43
C GLU A 21 6.55 -4.32 1.60
N ILE A 22 5.38 -4.81 1.19
CA ILE A 22 4.15 -4.04 1.29
C ILE A 22 2.95 -4.95 1.50
N HIS A 23 2.33 -4.84 2.67
CA HIS A 23 1.15 -5.65 3.00
C HIS A 23 -0.05 -4.77 3.29
N ILE A 24 -1.23 -5.22 2.86
CA ILE A 24 -2.45 -4.47 3.08
C ILE A 24 -3.32 -5.12 4.15
N ASN A 25 -3.70 -4.35 5.16
CA ASN A 25 -4.53 -4.86 6.25
C ASN A 25 -5.98 -5.02 5.80
N LYS A 26 -6.63 -3.89 5.53
CA LYS A 26 -8.02 -3.90 5.09
C LYS A 26 -8.45 -2.52 4.63
N VAL A 27 -9.70 -2.40 4.18
CA VAL A 27 -10.24 -1.13 3.71
C VAL A 27 -11.54 -0.79 4.43
N THR A 28 -11.50 0.25 5.25
CA THR A 28 -12.67 0.68 5.99
C THR A 28 -13.51 1.66 5.18
N PHE A 29 -14.84 1.51 5.26
CA PHE A 29 -15.75 2.38 4.53
C PHE A 29 -16.51 3.31 5.49
N SER A 30 -17.01 4.42 4.96
CA SER A 30 -17.75 5.38 5.76
C SER A 30 -19.21 5.43 5.34
N SER A 31 -20.02 6.17 6.10
CA SER A 31 -21.44 6.29 5.81
C SER A 31 -21.67 6.64 4.35
N GLU A 32 -21.07 7.75 3.91
CA GLU A 32 -21.22 8.19 2.53
C GLU A 32 -21.03 7.03 1.56
N VAL A 33 -20.12 6.12 1.91
CA VAL A 33 -19.85 4.96 1.07
C VAL A 33 -20.93 3.90 1.23
N LEU A 34 -21.36 3.68 2.47
CA LEU A 34 -22.39 2.69 2.76
C LEU A 34 -23.70 3.05 2.07
N GLN A 35 -24.09 4.32 2.18
CA GLN A 35 -25.33 4.78 1.56
C GLN A 35 -25.32 4.52 0.06
N ALA A 36 -24.17 4.73 -0.57
CA ALA A 36 -24.04 4.51 -2.00
C ALA A 36 -24.57 3.13 -2.41
N SER A 37 -24.48 2.18 -1.48
CA SER A 37 -24.94 0.82 -1.73
C SER A 37 -25.78 0.30 -0.57
N GLY A 38 -25.98 -1.01 -0.53
CA GLY A 38 -26.76 -1.61 0.54
C GLY A 38 -25.95 -2.58 1.37
N ASP A 39 -26.57 -3.69 1.77
CA ASP A 39 -25.89 -4.70 2.57
C ASP A 39 -25.46 -5.88 1.71
N LYS A 40 -25.08 -5.60 0.47
CA LYS A 40 -24.65 -6.64 -0.46
C LYS A 40 -23.14 -6.70 -0.55
N GLU A 41 -22.54 -7.73 0.03
CA GLU A 41 -21.10 -7.89 0.00
C GLU A 41 -20.51 -7.35 -1.29
N PRO A 42 -20.01 -6.11 -1.24
CA PRO A 42 -19.42 -5.44 -2.40
C PRO A 42 -18.08 -6.05 -2.78
N VAL A 43 -18.03 -6.68 -3.96
CA VAL A 43 -16.80 -7.30 -4.44
C VAL A 43 -15.86 -6.26 -5.05
N THR A 44 -14.70 -6.10 -4.43
CA THR A 44 -13.71 -5.14 -4.90
C THR A 44 -12.29 -5.66 -4.70
N PHE A 45 -11.31 -4.91 -5.19
CA PHE A 45 -9.91 -5.30 -5.06
C PHE A 45 -8.99 -4.14 -5.41
N CYS A 46 -7.80 -4.13 -4.83
CA CYS A 46 -6.82 -3.08 -5.09
C CYS A 46 -5.84 -3.51 -6.17
N THR A 47 -5.30 -2.53 -6.89
CA THR A 47 -4.35 -2.80 -7.96
C THR A 47 -3.36 -1.65 -8.12
N TYR A 48 -2.07 -1.98 -8.13
CA TYR A 48 -1.03 -0.98 -8.28
C TYR A 48 0.33 -1.63 -8.53
N ALA A 49 1.29 -0.83 -8.98
CA ALA A 49 2.64 -1.33 -9.25
C ALA A 49 3.69 -0.46 -8.58
N PHE A 50 4.84 -1.07 -8.29
CA PHE A 50 5.94 -0.35 -7.65
C PHE A 50 7.23 -0.52 -8.44
N TYR A 51 7.95 0.59 -8.62
CA TYR A 51 9.20 0.58 -9.37
C TYR A 51 8.97 0.18 -10.82
N ASP A 52 7.78 0.48 -11.33
CA ASP A 52 7.44 0.15 -12.71
C ASP A 52 7.54 -1.36 -12.95
N PHE A 53 7.21 -2.14 -11.93
CA PHE A 53 7.26 -3.60 -12.02
C PHE A 53 5.91 -4.16 -12.41
N GLU A 54 5.86 -5.48 -12.64
CA GLU A 54 4.62 -6.15 -13.02
C GLU A 54 3.48 -5.75 -12.09
N LEU A 55 2.36 -5.35 -12.68
CA LEU A 55 1.19 -4.94 -11.91
C LEU A 55 0.73 -6.07 -10.99
N GLN A 56 0.91 -5.86 -9.68
CA GLN A 56 0.52 -6.86 -8.69
C GLN A 56 -0.98 -6.79 -8.42
N THR A 57 -1.66 -7.93 -8.58
CA THR A 57 -3.09 -8.01 -8.36
C THR A 57 -3.41 -8.59 -6.99
N THR A 58 -4.27 -7.91 -6.25
CA THR A 58 -4.66 -8.36 -4.91
C THR A 58 -5.87 -9.28 -4.98
N PRO A 59 -5.98 -10.18 -4.00
CA PRO A 59 -7.09 -11.14 -3.91
C PRO A 59 -8.41 -10.47 -3.58
N VAL A 60 -9.35 -10.53 -4.51
CA VAL A 60 -10.66 -9.93 -4.33
C VAL A 60 -11.48 -10.70 -3.30
N VAL A 61 -12.24 -9.98 -2.48
CA VAL A 61 -13.06 -10.60 -1.45
C VAL A 61 -14.43 -9.93 -1.37
N ARG A 62 -15.47 -10.73 -1.17
CA ARG A 62 -16.83 -10.22 -1.08
C ARG A 62 -17.14 -9.77 0.35
N GLY A 63 -17.57 -8.53 0.51
CA GLY A 63 -17.89 -8.00 1.82
C GLY A 63 -17.57 -6.52 1.95
N LEU A 64 -18.21 -5.87 2.91
CA LEU A 64 -18.00 -4.44 3.14
C LEU A 64 -16.56 -4.17 3.57
N HIS A 65 -16.15 -4.78 4.68
CA HIS A 65 -14.81 -4.59 5.20
C HIS A 65 -14.01 -5.90 5.12
N PRO A 66 -13.48 -6.20 3.93
CA PRO A 66 -12.70 -7.42 3.68
C PRO A 66 -11.35 -7.38 4.39
N GLU A 67 -10.73 -8.55 4.54
CA GLU A 67 -9.44 -8.65 5.20
C GLU A 67 -8.43 -9.38 4.31
N TYR A 68 -7.95 -8.68 3.28
CA TYR A 68 -6.99 -9.26 2.36
C TYR A 68 -5.88 -10.00 3.10
N ASN A 69 -5.13 -9.27 3.92
CA ASN A 69 -4.04 -9.86 4.70
C ASN A 69 -2.98 -10.45 3.77
N PHE A 70 -2.76 -9.80 2.64
CA PHE A 70 -1.76 -10.26 1.67
C PHE A 70 -0.43 -9.56 1.89
N THR A 71 0.66 -10.29 1.64
CA THR A 71 2.00 -9.75 1.81
C THR A 71 2.78 -9.80 0.50
N SER A 72 3.62 -8.80 0.27
CA SER A 72 4.43 -8.72 -0.95
C SER A 72 5.91 -8.76 -0.61
N GLN A 73 6.70 -9.32 -1.52
CA GLN A 73 8.14 -9.42 -1.32
C GLN A 73 8.87 -9.46 -2.66
N TYR A 74 9.88 -8.60 -2.82
CA TYR A 74 10.64 -8.53 -4.05
C TYR A 74 12.04 -7.98 -3.78
N LEU A 75 13.04 -8.61 -4.38
CA LEU A 75 14.44 -8.19 -4.21
C LEU A 75 14.74 -6.99 -5.10
N VAL A 76 14.93 -5.83 -4.48
CA VAL A 76 15.24 -4.61 -5.21
C VAL A 76 16.47 -3.92 -4.64
N HIS A 77 17.49 -3.76 -5.48
CA HIS A 77 18.73 -3.12 -5.07
C HIS A 77 18.76 -1.65 -5.50
N VAL A 78 18.42 -0.76 -4.57
CA VAL A 78 18.41 0.66 -4.87
C VAL A 78 18.10 1.48 -3.61
N ASN A 79 18.83 2.58 -3.43
CA ASN A 79 18.64 3.45 -2.28
C ASN A 79 18.55 4.91 -2.70
N ASP A 80 19.68 5.45 -3.15
CA ASP A 80 19.73 6.84 -3.59
C ASP A 80 18.55 7.17 -4.49
N LEU A 81 18.23 6.26 -5.41
CA LEU A 81 17.12 6.45 -6.33
C LEU A 81 15.80 6.02 -5.70
N PHE A 82 15.89 5.28 -4.59
CA PHE A 82 14.71 4.81 -3.89
C PHE A 82 14.07 5.92 -3.07
N LEU A 83 14.90 6.90 -2.68
CA LEU A 83 14.43 8.02 -1.88
C LEU A 83 13.83 9.11 -2.77
N GLN A 84 14.68 9.75 -3.55
CA GLN A 84 14.25 10.82 -4.46
C GLN A 84 12.99 10.40 -5.21
N TYR A 85 12.80 9.10 -5.37
CA TYR A 85 11.63 8.57 -6.07
C TYR A 85 10.36 8.76 -5.24
N ILE A 86 10.48 8.52 -3.94
CA ILE A 86 9.35 8.66 -3.04
C ILE A 86 8.94 10.12 -2.89
N GLN A 87 9.90 11.02 -3.07
CA GLN A 87 9.64 12.45 -2.97
C GLN A 87 9.13 13.01 -4.29
N LYS A 88 9.91 12.78 -5.35
CA LYS A 88 9.53 13.27 -6.68
C LYS A 88 8.17 12.72 -7.09
N ASN A 89 8.12 11.43 -7.37
CA ASN A 89 6.88 10.78 -7.79
C ASN A 89 6.28 9.96 -6.64
N THR A 90 5.05 9.50 -6.84
CA THR A 90 4.37 8.71 -5.83
C THR A 90 3.60 7.55 -6.46
N ILE A 91 3.06 6.67 -5.62
CA ILE A 91 2.30 5.53 -6.09
C ILE A 91 0.82 5.87 -6.23
N THR A 92 0.18 5.34 -7.26
CA THR A 92 -1.24 5.59 -7.50
C THR A 92 -2.04 4.30 -7.39
N LEU A 93 -2.71 4.12 -6.25
CA LEU A 93 -3.53 2.94 -6.02
C LEU A 93 -5.01 3.29 -6.02
N GLU A 94 -5.75 2.73 -6.99
CA GLU A 94 -7.18 2.99 -7.10
C GLU A 94 -7.97 1.73 -6.76
N VAL A 95 -9.25 1.93 -6.40
CA VAL A 95 -10.12 0.82 -6.06
C VAL A 95 -11.35 0.80 -6.95
N HIS A 96 -11.31 -0.04 -7.99
CA HIS A 96 -12.43 -0.16 -8.92
C HIS A 96 -13.37 -1.29 -8.50
N GLN A 97 -14.65 -1.14 -8.82
CA GLN A 97 -15.64 -2.14 -8.47
C GLN A 97 -15.79 -3.17 -9.59
N ALA A 98 -16.32 -4.34 -9.23
CA ALA A 98 -16.53 -5.41 -10.21
C ALA A 98 -17.99 -5.85 -10.27
N TYR A 99 -18.69 -5.40 -11.29
CA TYR A 99 -20.10 -5.74 -11.46
C TYR A 99 -20.28 -6.85 -12.49
N SER A 100 -21.48 -7.40 -12.55
CA SER A 100 -21.77 -8.48 -13.49
C SER A 100 -21.03 -8.27 -14.81
N THR A 101 -19.92 -8.98 -14.97
CA THR A 101 -19.11 -8.87 -16.18
C THR A 101 -18.92 -7.42 -16.59
N GLU A 102 -18.53 -6.59 -15.62
CA GLU A 102 -18.31 -5.17 -15.88
C GLU A 102 -17.07 -4.67 -15.14
N TYR A 103 -16.53 -3.56 -15.60
CA TYR A 103 -15.34 -2.98 -14.98
C TYR A 103 -15.35 -1.45 -15.09
N GLU A 104 -15.39 -0.79 -13.94
CA GLU A 104 -15.41 0.67 -13.90
C GLU A 104 -14.72 1.20 -12.66
N THR A 105 -14.15 2.40 -12.76
CA THR A 105 -13.45 3.01 -11.64
C THR A 105 -14.38 3.90 -10.82
N ILE A 106 -14.24 3.85 -9.51
CA ILE A 106 -15.06 4.65 -8.62
C ILE A 106 -14.21 5.43 -7.62
N ALA A 107 -13.08 4.84 -7.24
CA ALA A 107 -12.17 5.49 -6.29
C ALA A 107 -10.77 5.60 -6.86
N ALA A 108 -10.01 6.56 -6.36
CA ALA A 108 -8.64 6.78 -6.83
C ALA A 108 -7.85 7.61 -5.83
N CYS A 109 -6.71 7.06 -5.40
CA CYS A 109 -5.85 7.75 -4.44
C CYS A 109 -4.38 7.51 -4.76
N GLN A 110 -3.51 8.32 -4.15
CA GLN A 110 -2.08 8.19 -4.36
C GLN A 110 -1.37 7.75 -3.08
N LEU A 111 -0.73 6.59 -3.15
CA LEU A 111 -0.01 6.04 -1.99
C LEU A 111 1.36 6.70 -1.85
N LYS A 112 1.55 7.41 -0.74
CA LYS A 112 2.81 8.08 -0.47
C LYS A 112 3.22 7.93 0.99
N PHE A 113 4.47 7.56 1.23
CA PHE A 113 4.98 7.38 2.57
C PHE A 113 5.92 8.52 2.96
N HIS A 114 5.61 9.17 4.08
CA HIS A 114 6.43 10.28 4.56
C HIS A 114 7.55 9.78 5.46
N GLU A 115 7.19 9.25 6.61
CA GLU A 115 8.16 8.73 7.57
C GLU A 115 9.17 7.82 6.88
N ILE A 116 8.70 7.11 5.84
CA ILE A 116 9.56 6.20 5.09
C ILE A 116 10.88 6.87 4.72
N LEU A 117 10.82 8.15 4.40
CA LEU A 117 12.01 8.91 4.02
C LEU A 117 12.91 9.14 5.23
N GLU A 118 12.33 9.65 6.31
CA GLU A 118 13.10 9.90 7.54
C GLU A 118 13.44 8.59 8.24
N LYS A 119 12.41 7.87 8.68
CA LYS A 119 12.60 6.60 9.37
C LYS A 119 12.25 5.43 8.47
N SER A 120 12.73 4.25 8.83
CA SER A 120 12.48 3.04 8.04
C SER A 120 12.25 1.84 8.96
N GLY A 121 11.47 0.88 8.47
CA GLY A 121 11.18 -0.31 9.26
C GLY A 121 9.72 -0.45 9.60
N ARG A 122 9.38 -0.24 10.87
CA ARG A 122 8.01 -0.34 11.33
C ARG A 122 7.39 1.04 11.54
N ILE A 123 6.76 1.57 10.50
CA ILE A 123 6.13 2.88 10.58
C ILE A 123 4.65 2.81 10.22
N PHE A 124 3.80 3.23 11.15
CA PHE A 124 2.36 3.21 10.93
C PHE A 124 1.93 4.42 10.11
N CYS A 125 1.19 4.16 9.03
CA CYS A 125 0.71 5.23 8.16
C CYS A 125 -0.62 4.85 7.51
N THR A 126 -1.26 5.81 6.86
CA THR A 126 -2.54 5.58 6.20
C THR A 126 -2.71 6.50 5.00
N ALA A 127 -3.70 6.19 4.17
CA ALA A 127 -3.97 6.99 2.98
C ALA A 127 -5.45 7.31 2.87
N SER A 128 -5.77 8.51 2.39
CA SER A 128 -7.14 8.96 2.24
C SER A 128 -7.68 8.61 0.85
N LEU A 129 -8.97 8.34 0.77
CA LEU A 129 -9.61 8.00 -0.51
C LEU A 129 -10.53 9.12 -0.97
N ILE A 130 -10.58 9.33 -2.28
CA ILE A 130 -11.43 10.37 -2.86
C ILE A 130 -12.18 9.84 -4.08
N GLY A 131 -13.51 9.85 -3.99
CA GLY A 131 -14.33 9.38 -5.10
C GLY A 131 -14.05 10.12 -6.38
N THR A 132 -14.14 9.42 -7.50
CA THR A 132 -13.91 10.02 -8.81
C THR A 132 -15.03 10.98 -9.19
N LYS A 133 -16.18 10.41 -9.55
CA LYS A 133 -17.34 11.21 -9.94
C LYS A 133 -18.04 11.78 -8.71
N GLY A 134 -18.27 10.93 -7.72
CA GLY A 134 -18.93 11.36 -6.51
C GLY A 134 -18.17 12.46 -5.80
N ASP A 135 -16.85 12.38 -5.84
CA ASP A 135 -16.00 13.37 -5.18
C ASP A 135 -16.16 13.32 -3.67
N ILE A 136 -16.06 12.13 -3.11
CA ILE A 136 -16.21 11.94 -1.66
C ILE A 136 -14.84 11.84 -0.99
N PRO A 137 -14.46 12.90 -0.26
CA PRO A 137 -13.18 12.95 0.44
C PRO A 137 -13.14 12.00 1.64
N ASN A 138 -14.31 11.72 2.21
CA ASN A 138 -14.41 10.82 3.35
C ASN A 138 -14.87 9.44 2.92
N PHE A 139 -14.61 9.09 1.67
CA PHE A 139 -15.00 7.79 1.13
C PHE A 139 -14.52 6.66 2.03
N GLY A 140 -13.35 6.85 2.63
CA GLY A 140 -12.80 5.83 3.52
C GLY A 140 -11.28 5.90 3.61
N THR A 141 -10.72 5.19 4.57
CA THR A 141 -9.28 5.17 4.77
C THR A 141 -8.72 3.76 4.66
N VAL A 142 -7.50 3.65 4.15
CA VAL A 142 -6.84 2.35 4.00
C VAL A 142 -5.72 2.17 5.01
N GLU A 143 -5.58 0.95 5.51
CA GLU A 143 -4.55 0.64 6.49
C GLU A 143 -3.46 -0.23 5.88
N TYR A 144 -2.20 0.11 6.17
CA TYR A 144 -1.07 -0.65 5.64
C TYR A 144 0.21 -0.31 6.40
N TRP A 145 1.25 -1.10 6.17
CA TRP A 145 2.53 -0.89 6.83
C TRP A 145 3.69 -1.27 5.92
N PHE A 146 4.65 -0.36 5.76
CA PHE A 146 5.81 -0.61 4.92
C PHE A 146 7.07 -0.77 5.76
N ARG A 147 8.07 -1.43 5.18
CA ARG A 147 9.33 -1.66 5.88
C ARG A 147 10.47 -1.89 4.89
N LEU A 148 11.53 -1.08 5.01
CA LEU A 148 12.67 -1.20 4.13
C LEU A 148 13.94 -1.51 4.92
N ARG A 149 14.50 -2.70 4.70
CA ARG A 149 15.71 -3.11 5.39
C ARG A 149 16.60 -3.94 4.47
N VAL A 150 17.85 -4.10 4.85
CA VAL A 150 18.81 -4.87 4.07
C VAL A 150 18.37 -6.32 3.92
N SER A 151 18.64 -6.91 2.76
CA SER A 151 18.27 -8.29 2.50
C SER A 151 19.43 -9.06 1.86
N GLY A 152 19.45 -10.37 2.09
CA GLY A 152 20.51 -11.19 1.54
C GLY A 152 20.32 -12.66 1.83
N PRO A 153 21.08 -13.52 1.13
CA PRO A 153 21.00 -14.97 1.31
C PRO A 153 21.57 -15.42 2.65
N SER A 154 21.43 -16.71 2.94
CA SER A 154 21.92 -17.26 4.20
C SER A 154 21.94 -18.78 4.15
N SER A 155 22.78 -19.39 4.98
CA SER A 155 22.89 -20.85 5.04
C SER A 155 23.15 -21.32 6.46
N GLY A 156 22.68 -22.52 6.77
CA GLY A 156 22.87 -23.08 8.10
C GLY A 156 23.52 -24.44 8.08
#